data_5OYI
#
_entry.id   5OYI
#
_cell.length_a   1
_cell.length_b   1
_cell.length_c   1
_cell.angle_alpha   90
_cell.angle_beta   90
_cell.angle_gamma   90
#
_symmetry.space_group_name_H-M   'P 1'
#
loop_
_entity.id
_entity.type
_entity.pdbx_description
1 polymer 'Genome polyprotein'
2 polymer 'Genome polyprotein'
3 polymer 'Genome polyprotein'
#
loop_
_entity_poly.entity_id
_entity_poly.type
_entity_poly.pdbx_seq_one_letter_code
_entity_poly.pdbx_strand_id
1 'polypeptide(L)'
;RHHTDVGFIMDRFVKINSLSPTHVIDLMQTHKHGIVGALLRAATYYFSDLEIVVRHDGNLTWVPNGAPEAALSNTSNPTA
YNKAPFTRLALPYTAPHRVLATVYDGTNKYSASDSRSGDLGSIAARVATQLPASFNYGAIQAQAIHELLVRMKRAELYCP
RPLLAIKVTSQDRYKQKIIAPA
;
1,A,D,G,J
2 'polypeptide(L)'
;SVGVTYGYSTEEDHVAGPNTSGLETRVVQAERFFKKFLFDWTTDKPFGYLTKLELPTDHHGVFGHLVDSYAYMRNGWDVE
VSAVGNQFNGGCLLVAMVPEWKAFDTREKYQLTLFPHQFISPRTNMTAHITVPYLGVNRYDQYKKHKPWTLVVMVLSPLT
VSNTAAPQIKVYANIAPTYVHV
;
2,B,E,H,K
3 'polypeptide(L)'
;GIFPVACADGYGGLVTTDPKTADPVYGKVYNPPKTNYPGRFTNLLDVAEACPTFLRFDDGKPYVVTRADDTRLLAKFDVS
LAAKHMSNTYLSGIAQYYTQYSGTINLHFMFTGSTDSKARYMVAYIPPGVETPPDTPEEAAHCIHAEWDTGLNSKFTFSI
PYVSAADYAYTASDTAETTNVQGWVCVYQITHGKAENDTLLVSASAGKDFELRLPIDPRTQ
;
3,C,F,I,L
#
# COMPACT_ATOMS: atom_id res chain seq x y z
N ARG A 1 -11.73 -31.71 -17.48
CA ARG A 1 -10.48 -31.38 -18.15
C ARG A 1 -10.07 -29.99 -17.76
N HIS A 2 -9.04 -29.87 -16.94
CA HIS A 2 -8.58 -28.57 -16.48
C HIS A 2 -7.07 -28.49 -16.39
N HIS A 3 -6.37 -29.24 -17.23
CA HIS A 3 -4.95 -29.06 -17.39
C HIS A 3 -4.57 -29.45 -18.80
N THR A 4 -3.27 -29.51 -19.05
CA THR A 4 -2.71 -29.81 -20.36
C THR A 4 -3.22 -28.86 -21.44
N ASP A 5 -3.81 -27.74 -21.05
CA ASP A 5 -3.89 -26.55 -21.89
C ASP A 5 -2.79 -25.63 -21.41
N VAL A 6 -1.74 -25.49 -22.21
CA VAL A 6 -0.43 -25.03 -21.76
C VAL A 6 -0.56 -23.88 -20.79
N GLY A 7 -1.60 -23.08 -20.97
CA GLY A 7 -1.82 -21.86 -20.23
C GLY A 7 -1.59 -22.00 -18.74
N PHE A 8 -1.53 -23.23 -18.26
CA PHE A 8 -1.14 -23.49 -16.89
C PHE A 8 0.18 -24.23 -16.77
N ILE A 9 0.62 -24.91 -17.82
CA ILE A 9 1.76 -25.78 -17.63
C ILE A 9 3.06 -25.02 -17.73
N MET A 10 3.15 -24.09 -18.67
CA MET A 10 4.47 -23.56 -19.02
C MET A 10 4.70 -22.21 -18.36
N ASP A 11 4.22 -22.03 -17.14
CA ASP A 11 4.41 -20.77 -16.44
C ASP A 11 5.21 -21.03 -15.17
N ARG A 12 6.26 -21.82 -15.29
CA ARG A 12 7.16 -22.12 -14.20
C ARG A 12 8.59 -21.82 -14.63
N PHE A 13 9.54 -22.28 -13.87
CA PHE A 13 10.92 -21.97 -14.19
C PHE A 13 11.66 -23.23 -14.59
N VAL A 14 12.93 -23.05 -14.95
CA VAL A 14 13.80 -24.15 -15.25
C VAL A 14 15.24 -23.68 -15.19
N LYS A 15 16.09 -24.50 -14.61
CA LYS A 15 17.50 -24.18 -14.56
C LYS A 15 18.10 -24.23 -15.96
N ILE A 16 19.20 -23.52 -16.14
CA ILE A 16 20.02 -23.60 -17.34
C ILE A 16 21.45 -23.88 -16.93
N ASN A 17 22.12 -24.75 -17.68
CA ASN A 17 23.46 -25.15 -17.29
C ASN A 17 24.42 -23.99 -17.36
N SER A 18 24.67 -23.48 -18.57
CA SER A 18 25.88 -22.74 -18.81
C SER A 18 25.69 -21.25 -18.57
N LEU A 19 26.82 -20.57 -18.41
CA LEU A 19 26.89 -19.12 -18.33
C LEU A 19 28.29 -18.70 -18.74
N SER A 20 28.47 -17.39 -18.84
CA SER A 20 29.73 -16.75 -19.18
C SER A 20 29.53 -15.25 -19.02
N PRO A 21 30.57 -14.43 -19.04
CA PRO A 21 30.35 -12.99 -18.95
C PRO A 21 29.35 -12.45 -19.95
N THR A 22 29.15 -13.15 -21.06
CA THR A 22 27.99 -12.96 -21.90
C THR A 22 27.35 -14.33 -22.11
N HIS A 23 26.09 -14.33 -22.50
CA HIS A 23 25.38 -15.61 -22.54
C HIS A 23 24.14 -15.49 -23.38
N VAL A 24 24.10 -16.24 -24.49
CA VAL A 24 22.93 -16.27 -25.33
C VAL A 24 21.72 -16.72 -24.51
N ILE A 25 20.54 -16.31 -24.96
CA ILE A 25 19.28 -16.64 -24.31
C ILE A 25 18.39 -17.33 -25.32
N ASP A 26 18.03 -18.59 -25.05
CA ASP A 26 17.17 -19.35 -25.93
C ASP A 26 16.47 -20.44 -25.14
N LEU A 27 15.34 -20.90 -25.67
CA LEU A 27 14.65 -22.00 -25.03
C LEU A 27 15.42 -23.30 -25.23
N MET A 28 15.79 -23.61 -26.46
CA MET A 28 16.49 -24.86 -26.72
C MET A 28 17.78 -24.99 -25.91
N GLN A 29 18.23 -23.91 -25.27
CA GLN A 29 19.26 -24.01 -24.26
C GLN A 29 18.82 -24.88 -23.09
N THR A 30 17.52 -25.14 -22.96
CA THR A 30 17.05 -25.91 -21.81
C THR A 30 17.45 -27.36 -21.93
N HIS A 31 17.34 -28.05 -20.81
CA HIS A 31 17.59 -29.48 -20.79
C HIS A 31 16.48 -30.23 -21.50
N LYS A 32 16.84 -31.25 -22.26
CA LYS A 32 15.90 -31.94 -23.12
C LYS A 32 15.13 -33.03 -22.39
N HIS A 33 15.13 -33.01 -21.07
CA HIS A 33 14.14 -33.76 -20.32
C HIS A 33 13.59 -33.00 -19.13
N GLY A 34 14.06 -31.80 -18.86
CA GLY A 34 13.32 -30.93 -17.96
C GLY A 34 11.89 -30.77 -18.45
N ILE A 35 10.95 -30.91 -17.51
CA ILE A 35 9.55 -30.99 -17.90
C ILE A 35 9.12 -29.77 -18.71
N VAL A 36 9.83 -28.65 -18.56
CA VAL A 36 9.50 -27.47 -19.32
C VAL A 36 9.60 -27.75 -20.81
N GLY A 37 10.79 -28.08 -21.27
CA GLY A 37 11.03 -28.17 -22.69
C GLY A 37 10.44 -29.38 -23.35
N ALA A 38 10.22 -30.46 -22.60
CA ALA A 38 9.59 -31.64 -23.17
C ALA A 38 8.36 -31.24 -23.97
N LEU A 39 7.37 -30.68 -23.28
CA LEU A 39 6.22 -30.11 -23.96
C LEU A 39 6.64 -29.19 -25.07
N LEU A 40 7.58 -28.28 -24.77
CA LEU A 40 8.07 -27.39 -25.80
C LEU A 40 8.59 -28.20 -26.97
N ARG A 41 9.64 -28.98 -26.73
CA ARG A 41 10.10 -29.87 -27.78
C ARG A 41 8.99 -30.76 -28.28
N ALA A 42 7.97 -30.98 -27.47
CA ALA A 42 6.90 -31.83 -27.96
C ALA A 42 6.09 -31.16 -29.07
N ALA A 43 6.46 -29.97 -29.48
CA ALA A 43 5.67 -29.26 -30.45
C ALA A 43 6.56 -28.77 -31.58
N THR A 44 5.93 -28.21 -32.60
CA THR A 44 6.64 -27.69 -33.76
C THR A 44 6.83 -26.20 -33.69
N TYR A 45 5.74 -25.47 -33.56
CA TYR A 45 5.77 -24.02 -33.57
C TYR A 45 5.10 -23.48 -32.31
N TYR A 46 5.77 -22.55 -31.64
CA TYR A 46 5.23 -22.00 -30.42
C TYR A 46 5.58 -20.53 -30.33
N PHE A 47 4.73 -19.79 -29.62
CA PHE A 47 4.93 -18.38 -29.33
C PHE A 47 4.51 -18.09 -27.91
N SER A 48 5.14 -17.10 -27.33
CA SER A 48 4.73 -16.63 -26.01
C SER A 48 5.24 -15.23 -25.82
N ASP A 49 4.89 -14.65 -24.69
CA ASP A 49 5.67 -13.59 -24.09
C ASP A 49 6.82 -14.26 -23.37
N LEU A 50 7.50 -13.52 -22.52
CA LEU A 50 8.71 -14.09 -21.92
C LEU A 50 9.00 -13.38 -20.61
N GLU A 51 9.33 -14.15 -19.59
CA GLU A 51 9.72 -13.59 -18.31
C GLU A 51 10.97 -14.31 -17.83
N ILE A 52 11.88 -13.56 -17.23
CA ILE A 52 13.19 -14.10 -16.84
C ILE A 52 13.60 -13.55 -15.49
N VAL A 53 14.41 -14.34 -14.79
CA VAL A 53 14.87 -13.99 -13.44
C VAL A 53 16.32 -14.42 -13.30
N VAL A 54 17.12 -13.54 -12.70
CA VAL A 54 18.56 -13.74 -12.61
C VAL A 54 19.05 -13.31 -11.25
N ARG A 55 19.71 -14.21 -10.55
CA ARG A 55 20.47 -13.88 -9.36
C ARG A 55 21.90 -13.61 -9.77
N HIS A 56 22.39 -12.41 -9.49
CA HIS A 56 23.63 -11.98 -10.11
C HIS A 56 24.23 -10.85 -9.29
N ASP A 57 25.19 -10.15 -9.89
CA ASP A 57 25.92 -9.08 -9.23
C ASP A 57 26.04 -7.94 -10.22
N GLY A 58 26.92 -6.99 -9.90
CA GLY A 58 27.34 -5.97 -10.85
C GLY A 58 26.22 -5.20 -11.50
N ASN A 59 26.07 -5.38 -12.81
CA ASN A 59 25.05 -4.63 -13.56
C ASN A 59 24.48 -5.56 -14.63
N LEU A 60 23.38 -6.21 -14.29
CA LEU A 60 22.65 -6.97 -15.29
C LEU A 60 22.13 -6.05 -16.36
N THR A 61 22.27 -6.47 -17.62
CA THR A 61 21.90 -5.58 -18.72
C THR A 61 21.55 -6.44 -19.93
N TRP A 62 20.58 -5.98 -20.69
CA TRP A 62 19.97 -6.78 -21.74
C TRP A 62 19.66 -5.97 -22.98
N VAL A 63 19.72 -6.65 -24.13
CA VAL A 63 19.43 -6.07 -25.43
C VAL A 63 18.52 -7.01 -26.22
N PRO A 64 17.58 -6.50 -26.99
CA PRO A 64 16.81 -7.35 -27.88
C PRO A 64 17.61 -7.77 -29.10
N ASN A 65 17.00 -8.68 -29.87
CA ASN A 65 17.71 -9.39 -30.93
C ASN A 65 18.07 -8.42 -32.04
N GLY A 66 18.70 -8.98 -33.07
CA GLY A 66 19.11 -8.20 -34.21
C GLY A 66 19.82 -6.94 -33.77
N ALA A 67 20.93 -7.11 -33.09
CA ALA A 67 21.66 -5.96 -32.60
C ALA A 67 23.13 -6.29 -32.61
N PRO A 68 24.00 -5.29 -32.80
CA PRO A 68 25.43 -5.51 -32.69
C PRO A 68 25.82 -5.73 -31.24
N GLU A 69 26.16 -6.97 -30.90
CA GLU A 69 26.57 -7.30 -29.54
C GLU A 69 27.66 -6.37 -29.06
N ALA A 70 28.56 -5.97 -29.97
CA ALA A 70 29.77 -5.26 -29.59
C ALA A 70 29.47 -3.99 -28.81
N ALA A 71 28.20 -3.63 -28.67
CA ALA A 71 27.81 -2.33 -28.15
C ALA A 71 26.85 -2.48 -26.99
N LEU A 72 27.19 -3.31 -26.01
CA LEU A 72 26.27 -3.45 -24.90
C LEU A 72 26.66 -2.58 -23.72
N SER A 73 27.85 -2.80 -23.17
CA SER A 73 28.23 -2.09 -21.94
C SER A 73 28.08 -0.59 -22.10
N ASN A 74 28.50 -0.06 -23.24
CA ASN A 74 28.41 1.36 -23.47
C ASN A 74 26.95 1.79 -23.55
N THR A 75 26.68 2.99 -23.03
CA THR A 75 25.48 3.76 -23.33
C THR A 75 24.22 3.09 -22.80
N SER A 76 24.35 1.86 -22.32
CA SER A 76 23.33 1.24 -21.50
C SER A 76 21.93 1.39 -22.11
N ASN A 77 21.74 0.70 -23.21
CA ASN A 77 20.37 0.42 -23.66
C ASN A 77 19.63 -0.21 -22.48
N PRO A 78 18.29 -0.17 -22.46
CA PRO A 78 17.55 -0.13 -21.19
C PRO A 78 17.96 -1.18 -20.16
N THR A 79 17.80 -0.79 -18.90
CA THR A 79 18.21 -1.55 -17.72
C THR A 79 17.82 -0.77 -16.47
N ALA A 80 17.73 -1.48 -15.34
CA ALA A 80 17.78 -0.93 -13.99
C ALA A 80 18.93 -1.58 -13.22
N TYR A 81 19.37 -0.91 -12.15
CA TYR A 81 20.65 -1.22 -11.53
C TYR A 81 20.58 -2.43 -10.59
N ASN A 82 21.64 -2.56 -9.82
CA ASN A 82 21.80 -3.65 -8.86
C ASN A 82 20.77 -3.60 -7.76
N LYS A 83 20.30 -4.77 -7.35
CA LYS A 83 19.69 -4.94 -6.04
C LYS A 83 19.61 -6.42 -5.71
N ALA A 84 20.22 -6.84 -4.60
CA ALA A 84 20.10 -8.22 -4.17
C ALA A 84 18.75 -8.44 -3.50
N PRO A 85 18.30 -9.69 -3.39
CA PRO A 85 18.80 -10.94 -3.97
C PRO A 85 17.93 -11.49 -5.09
N PHE A 86 16.68 -11.09 -5.16
CA PHE A 86 15.85 -11.51 -6.28
C PHE A 86 15.74 -10.36 -7.27
N THR A 87 15.70 -10.70 -8.55
CA THR A 87 15.47 -9.68 -9.57
C THR A 87 14.75 -10.30 -10.73
N ARG A 88 13.71 -9.63 -11.20
CA ARG A 88 12.69 -10.27 -12.00
C ARG A 88 12.30 -9.35 -13.13
N LEU A 89 12.53 -9.78 -14.37
CA LEU A 89 12.14 -8.98 -15.51
C LEU A 89 11.42 -9.87 -16.51
N ALA A 90 10.94 -9.26 -17.58
CA ALA A 90 10.07 -9.94 -18.53
C ALA A 90 10.33 -9.39 -19.93
N LEU A 91 10.67 -10.21 -20.79
CA LEU A 91 10.85 -9.46 -22.00
C LEU A 91 9.72 -9.74 -22.97
N PRO A 92 9.39 -8.75 -23.77
CA PRO A 92 8.42 -8.96 -24.84
C PRO A 92 9.12 -9.49 -26.07
N TYR A 93 8.35 -10.20 -26.87
CA TYR A 93 8.89 -10.82 -28.06
C TYR A 93 9.53 -9.80 -28.96
N THR A 94 10.55 -10.22 -29.68
CA THR A 94 11.25 -9.32 -30.58
C THR A 94 11.68 -9.95 -31.89
N ALA A 95 11.44 -11.22 -32.08
CA ALA A 95 12.16 -11.86 -33.16
C ALA A 95 11.54 -11.53 -34.50
N PRO A 96 12.29 -11.65 -35.54
CA PRO A 96 11.82 -11.18 -36.84
C PRO A 96 10.80 -12.10 -37.46
N HIS A 97 10.20 -12.98 -36.67
CA HIS A 97 9.33 -13.96 -37.27
C HIS A 97 8.05 -14.07 -36.47
N ARG A 98 6.97 -14.30 -37.16
CA ARG A 98 5.72 -14.37 -36.46
C ARG A 98 5.57 -15.57 -35.67
N VAL A 99 6.58 -16.42 -35.50
CA VAL A 99 6.47 -17.55 -34.59
C VAL A 99 7.84 -18.18 -34.39
N LEU A 100 8.05 -18.83 -33.26
CA LEU A 100 9.25 -19.62 -33.08
C LEU A 100 8.98 -21.06 -33.48
N ALA A 101 9.95 -21.92 -33.20
CA ALA A 101 9.89 -23.35 -33.50
C ALA A 101 11.08 -23.99 -32.80
N THR A 102 11.31 -25.26 -33.10
CA THR A 102 12.32 -26.02 -32.39
C THR A 102 13.48 -26.42 -33.25
N VAL A 103 13.24 -26.71 -34.52
CA VAL A 103 14.26 -27.29 -35.36
C VAL A 103 13.87 -27.06 -36.80
N TYR A 104 14.86 -26.74 -37.63
CA TYR A 104 14.61 -26.16 -38.95
C TYR A 104 15.55 -26.83 -39.92
N ASP A 105 15.10 -27.92 -40.54
CA ASP A 105 15.96 -28.66 -41.44
C ASP A 105 16.34 -27.88 -42.69
N GLY A 106 17.59 -27.45 -42.76
CA GLY A 106 18.10 -26.83 -43.96
C GLY A 106 19.53 -27.23 -44.24
N THR A 107 19.82 -27.65 -45.47
CA THR A 107 21.15 -28.15 -45.79
C THR A 107 22.19 -27.06 -45.65
N THR A 129 22.37 -29.49 -39.15
CA THR A 129 21.30 -29.58 -38.18
C THR A 129 21.50 -28.57 -37.06
N GLN A 130 22.41 -27.64 -37.30
CA GLN A 130 22.64 -26.58 -36.33
C GLN A 130 21.42 -25.67 -36.26
N LEU A 131 21.07 -25.27 -35.04
CA LEU A 131 19.93 -24.39 -34.85
C LEU A 131 20.14 -23.10 -35.66
N PRO A 132 19.09 -22.56 -36.26
CA PRO A 132 19.26 -21.35 -37.08
C PRO A 132 19.70 -20.17 -36.24
N ALA A 133 20.11 -19.11 -36.92
CA ALA A 133 20.54 -17.88 -36.26
C ALA A 133 19.40 -16.90 -36.06
N SER A 134 18.16 -17.37 -36.08
CA SER A 134 17.01 -16.48 -36.00
C SER A 134 16.39 -16.45 -34.61
N PHE A 135 15.93 -17.59 -34.11
CA PHE A 135 15.07 -17.59 -32.94
C PHE A 135 15.88 -17.20 -31.72
N ASN A 136 15.85 -15.93 -31.37
CA ASN A 136 16.86 -15.42 -30.47
C ASN A 136 16.22 -14.41 -29.52
N TYR A 137 15.76 -14.91 -28.38
CA TYR A 137 15.43 -14.01 -27.28
C TYR A 137 16.60 -13.12 -26.93
N GLY A 138 17.83 -13.56 -27.21
CA GLY A 138 18.98 -12.69 -27.18
C GLY A 138 19.99 -13.13 -26.15
N ALA A 139 20.52 -12.15 -25.41
CA ALA A 139 21.58 -12.42 -24.46
C ALA A 139 21.64 -11.29 -23.46
N ILE A 140 22.28 -11.56 -22.33
CA ILE A 140 22.50 -10.57 -21.30
C ILE A 140 23.97 -10.61 -20.92
N GLN A 141 24.40 -9.56 -20.22
CA GLN A 141 25.81 -9.37 -19.95
C GLN A 141 25.96 -8.73 -18.59
N ALA A 142 27.03 -9.11 -17.89
CA ALA A 142 27.32 -8.57 -16.58
C ALA A 142 28.78 -8.85 -16.27
N GLN A 143 29.15 -8.67 -15.00
CA GLN A 143 30.48 -9.00 -14.54
C GLN A 143 30.50 -10.25 -13.68
N ALA A 144 29.35 -10.75 -13.27
CA ALA A 144 29.29 -11.97 -12.46
C ALA A 144 27.88 -12.54 -12.55
N ILE A 145 27.75 -13.79 -12.97
CA ILE A 145 26.45 -14.38 -13.25
C ILE A 145 26.41 -15.78 -12.69
N HIS A 146 25.41 -16.07 -11.87
CA HIS A 146 25.31 -17.39 -11.24
C HIS A 146 24.06 -18.16 -11.64
N GLU A 147 22.88 -17.58 -11.46
CA GLU A 147 21.66 -18.35 -11.47
C GLU A 147 20.69 -17.74 -12.47
N LEU A 148 19.86 -18.60 -13.06
CA LEU A 148 19.00 -18.19 -14.15
C LEU A 148 17.62 -18.79 -13.99
N LEU A 149 16.60 -17.94 -14.10
CA LEU A 149 15.21 -18.40 -14.08
C LEU A 149 14.45 -17.77 -15.23
N VAL A 150 13.69 -18.58 -15.96
CA VAL A 150 13.02 -18.17 -17.19
C VAL A 150 11.57 -18.60 -17.13
N ARG A 151 10.75 -18.01 -18.00
CA ARG A 151 9.32 -18.13 -17.82
C ARG A 151 8.57 -17.80 -19.10
N MET A 152 7.47 -18.53 -19.32
CA MET A 152 6.69 -18.50 -20.55
C MET A 152 5.30 -17.96 -20.23
N LYS A 153 4.80 -17.04 -21.05
CA LYS A 153 3.56 -16.32 -20.78
C LYS A 153 2.54 -16.58 -21.87
N ARG A 154 1.32 -16.90 -21.46
CA ARG A 154 0.18 -16.96 -22.37
C ARG A 154 0.45 -17.84 -23.57
N ALA A 155 1.47 -18.68 -23.48
CA ALA A 155 2.07 -19.30 -24.64
C ALA A 155 1.05 -20.12 -25.43
N GLU A 156 1.39 -20.38 -26.68
CA GLU A 156 0.66 -21.34 -27.47
C GLU A 156 1.64 -22.11 -28.33
N LEU A 157 1.19 -23.26 -28.82
CA LEU A 157 2.02 -24.26 -29.46
C LEU A 157 1.31 -24.72 -30.72
N TYR A 158 2.08 -25.25 -31.68
CA TYR A 158 1.47 -25.61 -32.95
C TYR A 158 2.14 -26.83 -33.56
N CYS A 159 1.31 -27.77 -34.07
CA CYS A 159 1.71 -29.08 -34.57
C CYS A 159 2.56 -29.82 -33.55
N PRO A 160 1.95 -30.40 -32.55
CA PRO A 160 2.71 -31.16 -31.56
C PRO A 160 3.62 -32.17 -32.23
N ARG A 161 4.70 -32.57 -31.58
CA ARG A 161 5.65 -33.46 -32.24
C ARG A 161 5.76 -34.76 -31.46
N PRO A 162 6.53 -35.74 -31.92
CA PRO A 162 6.66 -36.98 -31.16
C PRO A 162 7.09 -36.77 -29.72
N LEU A 163 7.04 -37.80 -28.89
CA LEU A 163 7.45 -37.65 -27.51
C LEU A 163 7.73 -39.01 -26.91
N LEU A 164 8.71 -39.07 -26.03
CA LEU A 164 9.13 -40.32 -25.43
C LEU A 164 8.87 -40.29 -23.93
N ALA A 165 8.91 -41.48 -23.35
CA ALA A 165 8.91 -41.65 -21.91
C ALA A 165 10.21 -42.31 -21.50
N ILE A 166 10.33 -42.67 -20.23
CA ILE A 166 11.48 -43.41 -19.80
C ILE A 166 11.46 -44.78 -20.47
N LYS A 167 12.63 -45.37 -20.64
CA LYS A 167 12.75 -46.63 -21.37
C LYS A 167 12.57 -47.79 -20.40
N VAL A 168 12.10 -48.91 -20.93
CA VAL A 168 11.80 -50.08 -20.13
C VAL A 168 12.96 -51.06 -20.23
N THR A 169 13.47 -51.49 -19.08
CA THR A 169 14.57 -52.45 -19.05
C THR A 169 14.19 -53.76 -18.37
N SER A 170 13.63 -53.70 -17.17
CA SER A 170 13.37 -54.91 -16.40
C SER A 170 12.09 -55.59 -16.85
N GLN A 171 11.61 -56.53 -16.04
CA GLN A 171 10.53 -57.40 -16.48
C GLN A 171 9.15 -56.75 -16.40
N ASP A 172 8.69 -56.43 -15.19
CA ASP A 172 7.26 -56.52 -14.98
C ASP A 172 6.45 -55.41 -15.63
N ARG A 173 6.42 -54.24 -15.01
CA ARG A 173 5.76 -53.11 -15.61
C ARG A 173 6.72 -51.93 -15.60
N TYR A 174 7.15 -51.60 -14.38
CA TYR A 174 8.23 -50.70 -14.03
C TYR A 174 8.26 -50.67 -12.52
N LYS A 175 9.39 -50.29 -11.95
CA LYS A 175 9.48 -50.20 -10.51
C LYS A 175 10.09 -48.86 -10.12
N GLN A 176 9.68 -48.35 -8.97
CA GLN A 176 10.16 -47.05 -8.56
C GLN A 176 9.85 -46.83 -7.09
N LYS A 177 10.75 -46.13 -6.42
CA LYS A 177 10.57 -45.86 -5.00
C LYS A 177 9.49 -44.79 -4.81
N ILE A 178 8.83 -44.82 -3.66
CA ILE A 178 7.76 -43.87 -3.34
C ILE A 178 7.96 -43.37 -1.93
N ILE A 179 7.69 -42.09 -1.71
CA ILE A 179 7.84 -41.55 -0.37
C ILE A 179 6.69 -42.01 0.49
N ALA A 180 6.93 -42.02 1.80
CA ALA A 180 5.95 -42.43 2.78
C ALA A 180 6.45 -42.11 4.18
N PRO A 181 5.57 -41.87 5.11
CA PRO A 181 6.01 -41.57 6.47
C PRO A 181 6.46 -42.81 7.20
N ALA A 182 6.73 -42.69 8.49
CA ALA A 182 7.16 -43.82 9.30
C ALA A 182 6.31 -43.93 10.57
N SER B 1 -14.19 -45.20 -51.85
CA SER B 1 -12.99 -44.80 -51.15
C SER B 1 -13.32 -44.25 -49.77
N VAL B 2 -12.31 -44.16 -48.91
CA VAL B 2 -12.50 -43.48 -47.64
C VAL B 2 -12.73 -41.99 -47.87
N GLY B 3 -12.30 -41.45 -49.01
CA GLY B 3 -12.51 -40.07 -49.32
C GLY B 3 -11.45 -39.18 -48.71
N VAL B 4 -11.49 -37.91 -49.09
CA VAL B 4 -10.51 -36.93 -48.64
C VAL B 4 -10.44 -36.90 -47.12
N THR B 5 -9.23 -36.77 -46.58
CA THR B 5 -9.05 -36.46 -45.18
C THR B 5 -8.09 -35.29 -45.07
N TYR B 6 -8.53 -34.25 -44.40
CA TYR B 6 -7.83 -32.98 -44.43
C TYR B 6 -6.81 -32.89 -43.31
N GLY B 7 -5.80 -32.07 -43.54
CA GLY B 7 -4.85 -31.72 -42.50
C GLY B 7 -5.21 -30.42 -41.81
N TYR B 8 -5.82 -30.53 -40.64
CA TYR B 8 -6.04 -29.49 -39.66
C TYR B 8 -7.21 -28.57 -40.01
N SER B 9 -7.84 -28.70 -41.17
CA SER B 9 -8.86 -27.73 -41.57
C SER B 9 -9.43 -28.17 -42.91
N THR B 10 -10.61 -27.65 -43.24
CA THR B 10 -11.20 -27.89 -44.55
C THR B 10 -12.00 -26.65 -44.95
N GLU B 11 -11.47 -25.90 -45.92
CA GLU B 11 -12.03 -24.58 -46.20
C GLU B 11 -11.39 -24.01 -47.45
N GLU B 12 -12.19 -23.23 -48.19
CA GLU B 12 -11.65 -22.37 -49.24
C GLU B 12 -10.88 -21.22 -48.62
N ASP B 13 -9.78 -20.83 -49.26
CA ASP B 13 -8.79 -19.96 -48.64
C ASP B 13 -8.77 -18.56 -49.25
N HIS B 14 -8.20 -17.64 -48.47
CA HIS B 14 -7.71 -16.38 -48.99
C HIS B 14 -6.85 -16.63 -50.21
N VAL B 15 -7.10 -15.85 -51.28
CA VAL B 15 -6.35 -16.00 -52.51
C VAL B 15 -5.72 -14.71 -53.01
N ALA B 16 -6.23 -13.53 -52.63
CA ALA B 16 -5.73 -12.27 -53.16
C ALA B 16 -5.46 -11.31 -52.01
N GLY B 17 -4.28 -10.70 -51.99
CA GLY B 17 -3.91 -9.86 -50.88
C GLY B 17 -2.98 -8.71 -51.20
N PRO B 18 -2.08 -8.41 -50.26
CA PRO B 18 -1.32 -7.15 -50.29
C PRO B 18 -0.23 -7.10 -51.35
N ASN B 19 0.64 -6.10 -51.22
CA ASN B 19 1.64 -5.74 -52.21
C ASN B 19 2.30 -6.96 -52.86
N THR B 20 2.93 -7.80 -52.06
CA THR B 20 3.54 -8.99 -52.63
C THR B 20 2.49 -9.93 -53.18
N SER B 21 1.40 -10.15 -52.45
CA SER B 21 0.30 -10.94 -52.98
C SER B 21 -0.23 -10.30 -54.26
N GLY B 22 -0.37 -8.98 -54.26
CA GLY B 22 -0.65 -8.28 -55.51
C GLY B 22 0.46 -8.48 -56.52
N LEU B 23 1.70 -8.59 -56.07
CA LEU B 23 2.82 -8.80 -56.96
C LEU B 23 3.05 -10.29 -57.26
N GLU B 24 2.51 -11.17 -56.42
CA GLU B 24 2.76 -12.61 -56.48
C GLU B 24 1.45 -13.38 -56.44
N THR B 25 0.54 -12.99 -57.34
CA THR B 25 -0.83 -13.48 -57.38
C THR B 25 -0.93 -14.97 -57.66
N ARG B 26 -2.16 -15.46 -57.68
CA ARG B 26 -2.44 -16.89 -57.87
C ARG B 26 -2.24 -17.23 -59.34
N VAL B 27 -1.02 -17.62 -59.68
CA VAL B 27 -0.69 -18.05 -61.03
C VAL B 27 -1.17 -19.49 -61.20
N VAL B 28 -2.42 -19.65 -61.64
CA VAL B 28 -3.07 -20.95 -61.54
C VAL B 28 -2.41 -21.96 -62.47
N GLN B 29 -1.99 -21.52 -63.66
CA GLN B 29 -1.41 -22.46 -64.60
C GLN B 29 -0.07 -22.98 -64.14
N ALA B 30 0.40 -22.58 -62.96
CA ALA B 30 1.60 -23.16 -62.40
C ALA B 30 1.37 -24.56 -61.84
N GLU B 31 0.19 -25.11 -62.03
CA GLU B 31 -0.25 -26.31 -61.34
C GLU B 31 -0.32 -27.49 -62.29
N ARG B 32 0.23 -28.63 -61.88
CA ARG B 32 0.10 -29.83 -62.69
C ARG B 32 0.56 -31.03 -61.90
N PHE B 33 -0.22 -32.11 -61.96
CA PHE B 33 0.21 -33.37 -61.37
C PHE B 33 1.47 -33.88 -62.06
N PHE B 34 2.07 -34.91 -61.46
CA PHE B 34 3.04 -35.79 -62.07
C PHE B 34 3.28 -36.94 -61.10
N LYS B 35 4.23 -37.81 -61.42
CA LYS B 35 4.45 -38.99 -60.59
C LYS B 35 5.91 -39.11 -60.19
N LYS B 36 6.10 -39.54 -58.95
CA LYS B 36 7.38 -39.82 -58.36
C LYS B 36 7.48 -41.28 -57.99
N PHE B 37 8.67 -41.84 -58.09
CA PHE B 37 8.93 -43.16 -57.56
C PHE B 37 9.06 -43.09 -56.05
N LEU B 38 8.48 -44.08 -55.37
CA LEU B 38 8.50 -44.06 -53.92
C LEU B 38 9.53 -45.02 -53.33
N PHE B 39 9.37 -46.32 -53.58
CA PHE B 39 10.20 -47.34 -52.97
C PHE B 39 9.70 -48.69 -53.44
N ASP B 40 10.42 -49.74 -53.06
CA ASP B 40 9.98 -51.10 -53.26
C ASP B 40 9.55 -51.71 -51.94
N TRP B 41 8.76 -52.78 -52.04
CA TRP B 41 8.13 -53.34 -50.86
C TRP B 41 7.78 -54.80 -51.13
N THR B 42 8.62 -55.71 -50.66
CA THR B 42 8.36 -57.13 -50.78
C THR B 42 8.35 -57.76 -49.40
N THR B 43 8.30 -59.09 -49.36
CA THR B 43 8.23 -59.81 -48.11
C THR B 43 9.52 -59.62 -47.33
N ASP B 44 10.45 -58.88 -47.91
CA ASP B 44 11.74 -58.69 -47.27
C ASP B 44 11.63 -57.79 -46.03
N LYS B 45 11.20 -56.55 -46.22
CA LYS B 45 11.43 -55.52 -45.23
C LYS B 45 10.72 -55.87 -43.93
N PRO B 46 11.44 -56.07 -42.86
CA PRO B 46 10.79 -56.17 -41.55
C PRO B 46 10.34 -54.81 -41.09
N PHE B 47 9.83 -54.71 -39.87
CA PHE B 47 9.28 -53.45 -39.42
C PHE B 47 10.37 -52.45 -39.14
N GLY B 48 10.01 -51.18 -39.24
CA GLY B 48 10.94 -50.09 -39.02
C GLY B 48 11.67 -49.64 -40.26
N TYR B 49 11.44 -50.29 -41.41
CA TYR B 49 12.17 -49.93 -42.60
C TYR B 49 11.71 -48.58 -43.10
N LEU B 50 12.42 -47.54 -42.69
CA LEU B 50 12.03 -46.21 -43.09
C LEU B 50 12.43 -45.99 -44.54
N THR B 51 11.74 -45.05 -45.17
CA THR B 51 12.15 -44.55 -46.48
C THR B 51 11.59 -43.15 -46.62
N LYS B 52 12.46 -42.17 -46.74
CA LYS B 52 12.04 -40.78 -46.73
C LYS B 52 12.19 -40.18 -48.12
N LEU B 53 11.48 -39.08 -48.31
CA LEU B 53 11.52 -38.34 -49.56
C LEU B 53 11.39 -36.87 -49.23
N GLU B 54 12.49 -36.13 -49.38
CA GLU B 54 12.43 -34.69 -49.20
C GLU B 54 11.60 -34.08 -50.32
N LEU B 55 11.19 -32.84 -50.11
CA LEU B 55 10.35 -32.13 -51.06
C LEU B 55 10.86 -30.71 -51.25
N PRO B 56 10.56 -30.09 -52.40
CA PRO B 56 10.08 -30.84 -53.55
C PRO B 56 11.20 -31.03 -54.53
N THR B 57 11.23 -32.17 -55.20
CA THR B 57 12.26 -32.40 -56.21
C THR B 57 12.13 -31.40 -57.34
N ASP B 58 13.22 -31.26 -58.09
CA ASP B 58 13.12 -30.50 -59.32
C ASP B 58 12.08 -31.11 -60.23
N HIS B 59 11.62 -30.32 -61.19
CA HIS B 59 10.56 -30.80 -62.05
C HIS B 59 10.45 -29.93 -63.29
N HIS B 60 10.38 -30.54 -64.47
CA HIS B 60 10.22 -29.76 -65.69
C HIS B 60 8.77 -29.29 -65.80
N GLY B 61 8.45 -28.33 -64.94
CA GLY B 61 7.15 -27.69 -64.96
C GLY B 61 7.30 -26.19 -64.73
N VAL B 62 6.27 -25.46 -65.16
CA VAL B 62 6.24 -24.02 -64.91
C VAL B 62 6.47 -23.73 -63.44
N PHE B 63 5.82 -24.51 -62.58
CA PHE B 63 6.19 -24.56 -61.17
C PHE B 63 7.70 -24.78 -61.04
N GLY B 64 8.18 -25.87 -61.65
CA GLY B 64 9.60 -26.17 -61.57
C GLY B 64 10.46 -25.05 -62.09
N HIS B 65 9.97 -24.31 -63.08
CA HIS B 65 10.75 -23.17 -63.56
C HIS B 65 10.92 -22.14 -62.44
N LEU B 66 9.83 -21.84 -61.74
CA LEU B 66 9.91 -20.81 -60.71
C LEU B 66 10.61 -21.31 -59.45
N VAL B 67 10.51 -22.59 -59.15
CA VAL B 67 11.17 -23.08 -57.95
C VAL B 67 12.68 -22.98 -58.07
N ASP B 68 13.19 -22.71 -59.26
CA ASP B 68 14.55 -22.26 -59.41
C ASP B 68 14.67 -20.75 -59.40
N SER B 69 13.58 -20.04 -59.68
CA SER B 69 13.63 -18.59 -59.73
C SER B 69 14.13 -17.98 -58.43
N TYR B 70 14.26 -18.78 -57.37
CA TYR B 70 15.09 -18.42 -56.24
C TYR B 70 14.58 -17.13 -55.61
N ALA B 71 13.36 -17.18 -55.09
CA ALA B 71 12.67 -15.97 -54.67
C ALA B 71 11.71 -16.28 -53.53
N TYR B 72 11.36 -15.24 -52.78
CA TYR B 72 10.25 -15.31 -51.85
C TYR B 72 9.04 -15.95 -52.53
N MET B 73 8.49 -16.99 -51.90
CA MET B 73 7.30 -17.65 -52.43
C MET B 73 6.55 -18.35 -51.30
N ARG B 74 5.34 -18.81 -51.64
CA ARG B 74 4.51 -19.67 -50.80
C ARG B 74 3.91 -20.75 -51.70
N ASN B 75 3.17 -21.69 -51.12
CA ASN B 75 2.64 -22.78 -51.93
C ASN B 75 1.59 -23.55 -51.15
N GLY B 76 0.99 -24.52 -51.84
CA GLY B 76 0.19 -25.54 -51.21
C GLY B 76 0.72 -26.92 -51.58
N TRP B 77 0.03 -27.93 -51.08
CA TRP B 77 0.49 -29.30 -51.24
C TRP B 77 -0.70 -30.25 -51.17
N ASP B 78 -0.85 -31.07 -52.19
CA ASP B 78 -1.92 -32.07 -52.24
C ASP B 78 -1.31 -33.42 -52.52
N VAL B 79 -1.60 -34.39 -51.66
CA VAL B 79 -0.98 -35.70 -51.71
C VAL B 79 -2.05 -36.74 -52.00
N GLU B 80 -1.74 -37.64 -52.93
CA GLU B 80 -2.64 -38.75 -53.25
C GLU B 80 -1.79 -39.97 -53.56
N VAL B 81 -1.77 -40.92 -52.62
CA VAL B 81 -0.86 -42.07 -52.65
C VAL B 81 -1.67 -43.32 -52.92
N SER B 82 -1.04 -44.28 -53.58
CA SER B 82 -1.66 -45.59 -53.77
C SER B 82 -0.61 -46.59 -54.19
N ALA B 83 -1.01 -47.86 -54.24
CA ALA B 83 -0.16 -48.92 -54.76
C ALA B 83 -1.08 -50.04 -55.20
N VAL B 84 -1.20 -50.25 -56.51
CA VAL B 84 -2.10 -51.27 -57.01
C VAL B 84 -1.61 -52.64 -56.58
N GLY B 85 -2.55 -53.50 -56.19
CA GLY B 85 -2.24 -54.86 -55.79
C GLY B 85 -3.29 -55.85 -56.24
N ASN B 86 -3.77 -56.67 -55.31
CA ASN B 86 -4.84 -57.63 -55.58
C ASN B 86 -5.28 -58.23 -54.25
N GLN B 87 -6.57 -58.56 -54.16
CA GLN B 87 -7.21 -58.71 -52.85
C GLN B 87 -6.69 -59.89 -52.06
N PHE B 88 -5.69 -60.59 -52.54
CA PHE B 88 -5.13 -61.69 -51.78
C PHE B 88 -3.87 -61.30 -51.02
N ASN B 89 -3.50 -60.04 -51.03
CA ASN B 89 -2.33 -59.61 -50.28
C ASN B 89 -2.69 -59.54 -48.81
N GLY B 90 -1.78 -59.00 -48.00
CA GLY B 90 -2.12 -58.71 -46.62
C GLY B 90 -1.03 -57.96 -45.90
N GLY B 91 -1.42 -56.97 -45.10
CA GLY B 91 -0.46 -56.23 -44.30
C GLY B 91 -1.00 -54.85 -43.95
N CYS B 92 -0.07 -53.95 -43.66
CA CYS B 92 -0.42 -52.58 -43.29
C CYS B 92 0.80 -51.71 -43.44
N LEU B 93 0.74 -50.74 -44.35
CA LEU B 93 1.78 -49.74 -44.51
C LEU B 93 1.27 -48.40 -43.96
N LEU B 94 2.21 -47.51 -43.68
CA LEU B 94 1.88 -46.22 -43.06
C LEU B 94 2.38 -45.08 -43.91
N VAL B 95 1.48 -44.19 -44.29
CA VAL B 95 1.81 -43.00 -45.06
C VAL B 95 1.82 -41.82 -44.10
N ALA B 96 2.65 -40.83 -44.39
CA ALA B 96 2.94 -39.84 -43.36
C ALA B 96 3.21 -38.46 -43.93
N MET B 97 2.62 -37.45 -43.30
CA MET B 97 2.80 -36.05 -43.63
C MET B 97 3.52 -35.38 -42.47
N VAL B 98 4.79 -35.04 -42.68
CA VAL B 98 5.70 -34.68 -41.60
C VAL B 98 6.03 -33.20 -41.69
N PRO B 99 5.80 -32.45 -40.66
CA PRO B 99 6.30 -31.07 -40.61
C PRO B 99 7.66 -31.01 -39.97
N GLU B 100 8.60 -30.34 -40.60
CA GLU B 100 9.97 -30.21 -40.09
C GLU B 100 10.56 -31.58 -39.76
N TRP B 101 10.79 -32.33 -40.82
CA TRP B 101 11.29 -33.69 -40.66
C TRP B 101 12.67 -33.71 -40.02
N LYS B 102 12.88 -34.68 -39.15
CA LYS B 102 14.17 -34.92 -38.56
C LYS B 102 14.44 -36.42 -38.58
N ALA B 103 15.72 -36.77 -38.60
CA ALA B 103 16.11 -38.17 -38.51
C ALA B 103 15.58 -38.78 -37.24
N PHE B 104 14.70 -39.77 -37.37
CA PHE B 104 14.08 -40.38 -36.21
C PHE B 104 15.04 -41.36 -35.53
N ASP B 105 14.52 -42.07 -34.54
CA ASP B 105 15.26 -43.13 -33.87
C ASP B 105 14.28 -44.22 -33.45
N THR B 106 14.82 -45.43 -33.29
CA THR B 106 14.02 -46.63 -33.12
C THR B 106 12.81 -46.43 -32.23
N ARG B 107 13.04 -45.97 -31.00
CA ARG B 107 11.94 -45.93 -30.05
C ARG B 107 10.80 -45.08 -30.56
N GLU B 108 11.09 -43.91 -31.09
CA GLU B 108 10.00 -43.02 -31.46
C GLU B 108 9.22 -43.53 -32.67
N LYS B 109 9.77 -44.48 -33.42
CA LYS B 109 9.04 -45.10 -34.53
C LYS B 109 7.59 -45.32 -34.15
N TYR B 110 7.39 -46.01 -33.04
CA TYR B 110 6.05 -46.37 -32.61
C TYR B 110 5.14 -45.17 -32.54
N GLN B 111 5.69 -43.98 -32.37
CA GLN B 111 4.93 -42.77 -32.63
C GLN B 111 5.16 -42.36 -34.07
N LEU B 112 4.16 -42.47 -34.86
CA LEU B 112 4.13 -41.67 -36.07
C LEU B 112 2.82 -40.94 -36.22
N THR B 113 1.76 -41.54 -35.83
CA THR B 113 0.47 -41.12 -36.29
C THR B 113 0.03 -39.86 -35.66
N LEU B 114 0.87 -39.19 -34.90
CA LEU B 114 0.57 -37.82 -34.51
C LEU B 114 0.14 -37.04 -35.73
N PHE B 115 0.88 -37.18 -36.81
CA PHE B 115 0.65 -36.37 -37.97
C PHE B 115 -0.64 -36.84 -38.66
N PRO B 116 -1.17 -36.03 -39.56
CA PRO B 116 -2.23 -36.52 -40.44
C PRO B 116 -1.71 -37.62 -41.34
N HIS B 117 -2.63 -38.49 -41.75
CA HIS B 117 -2.26 -39.85 -42.14
C HIS B 117 -3.48 -40.60 -42.63
N GLN B 118 -3.23 -41.80 -43.14
CA GLN B 118 -4.28 -42.79 -43.41
C GLN B 118 -3.69 -44.16 -43.11
N PHE B 119 -4.38 -45.20 -43.55
CA PHE B 119 -3.86 -46.56 -43.48
C PHE B 119 -3.68 -47.13 -44.88
N ILE B 120 -2.78 -48.11 -44.98
CA ILE B 120 -2.40 -48.69 -46.27
C ILE B 120 -2.55 -50.19 -46.14
N SER B 121 -3.64 -50.74 -46.66
CA SER B 121 -3.80 -52.18 -46.74
C SER B 121 -4.78 -52.48 -47.86
N PRO B 122 -4.49 -53.46 -48.69
CA PRO B 122 -5.26 -53.64 -49.92
C PRO B 122 -6.76 -53.77 -49.72
N ARG B 123 -7.22 -53.89 -48.48
CA ARG B 123 -8.67 -53.99 -48.27
C ARG B 123 -9.33 -52.61 -48.21
N THR B 124 -8.96 -51.80 -47.22
CA THR B 124 -9.72 -50.59 -46.95
C THR B 124 -9.47 -49.54 -48.02
N ASN B 125 -8.24 -49.11 -48.16
CA ASN B 125 -7.93 -48.09 -49.15
C ASN B 125 -7.47 -48.71 -50.45
N MET B 126 -7.64 -47.95 -51.52
CA MET B 126 -6.83 -48.11 -52.70
C MET B 126 -6.28 -46.78 -53.16
N THR B 127 -6.60 -45.70 -52.46
CA THR B 127 -6.27 -44.35 -52.91
C THR B 127 -6.12 -43.47 -51.67
N ALA B 128 -4.89 -43.28 -51.22
CA ALA B 128 -4.65 -42.26 -50.22
C ALA B 128 -4.88 -40.89 -50.83
N HIS B 129 -5.24 -39.93 -49.98
CA HIS B 129 -5.58 -38.61 -50.50
C HIS B 129 -5.50 -37.63 -49.34
N ILE B 130 -4.52 -36.73 -49.37
CA ILE B 130 -4.22 -35.87 -48.22
C ILE B 130 -3.66 -34.54 -48.70
N THR B 131 -4.05 -33.46 -48.00
CA THR B 131 -3.62 -32.11 -48.34
C THR B 131 -3.19 -31.35 -47.10
N VAL B 132 -2.04 -30.69 -47.18
CA VAL B 132 -1.54 -29.82 -46.13
C VAL B 132 -1.74 -28.38 -46.57
N PRO B 133 -2.39 -27.56 -45.78
CA PRO B 133 -2.37 -26.12 -46.06
C PRO B 133 -1.03 -25.56 -45.67
N TYR B 134 -0.67 -24.46 -46.31
CA TYR B 134 0.66 -23.93 -46.19
C TYR B 134 1.02 -23.62 -44.76
N LEU B 135 2.32 -23.53 -44.50
CA LEU B 135 2.82 -22.87 -43.31
C LEU B 135 4.30 -22.62 -43.53
N GLY B 136 4.93 -22.03 -42.52
CA GLY B 136 6.35 -21.76 -42.56
C GLY B 136 6.71 -20.63 -41.63
N VAL B 137 8.02 -20.38 -41.54
CA VAL B 137 8.48 -19.34 -40.63
C VAL B 137 8.08 -17.97 -41.14
N ASN B 138 8.59 -17.57 -42.30
CA ASN B 138 8.11 -16.33 -42.88
C ASN B 138 6.67 -16.49 -43.36
N ARG B 139 6.07 -15.35 -43.70
CA ARG B 139 4.85 -15.38 -44.47
C ARG B 139 5.05 -16.04 -45.82
N TYR B 140 6.29 -16.22 -46.25
CA TYR B 140 6.59 -16.81 -47.53
C TYR B 140 7.82 -17.68 -47.35
N ASP B 141 8.42 -18.10 -48.44
CA ASP B 141 9.62 -18.92 -48.31
C ASP B 141 10.47 -18.83 -49.56
N GLN B 142 11.72 -19.24 -49.40
CA GLN B 142 12.67 -19.42 -50.49
C GLN B 142 13.30 -20.80 -50.30
N TYR B 143 12.97 -21.73 -51.18
CA TYR B 143 13.24 -23.13 -50.93
C TYR B 143 14.70 -23.47 -50.70
N LYS B 144 15.53 -23.28 -51.71
CA LYS B 144 16.82 -23.97 -51.80
C LYS B 144 17.49 -24.14 -50.44
N LYS B 145 17.45 -23.10 -49.62
CA LYS B 145 18.08 -23.19 -48.32
C LYS B 145 17.31 -24.05 -47.33
N HIS B 146 16.09 -24.45 -47.65
CA HIS B 146 15.24 -25.06 -46.64
C HIS B 146 14.18 -25.94 -47.27
N LYS B 147 13.58 -26.80 -46.44
CA LYS B 147 12.45 -27.62 -46.84
C LYS B 147 11.42 -27.68 -45.73
N PRO B 148 10.28 -27.03 -45.90
CA PRO B 148 9.25 -27.08 -44.86
C PRO B 148 8.49 -28.38 -44.82
N TRP B 149 8.65 -29.26 -45.79
CA TRP B 149 7.84 -30.46 -45.76
C TRP B 149 8.58 -31.66 -46.35
N THR B 150 8.01 -32.83 -46.12
CA THR B 150 8.50 -34.05 -46.74
C THR B 150 7.40 -35.09 -46.67
N LEU B 151 7.53 -36.08 -47.52
CA LEU B 151 6.50 -37.08 -47.74
C LEU B 151 7.14 -38.43 -47.44
N VAL B 152 6.78 -39.04 -46.33
CA VAL B 152 7.48 -40.23 -45.88
C VAL B 152 6.52 -41.38 -45.65
N VAL B 153 7.02 -42.58 -45.90
CA VAL B 153 6.30 -43.82 -45.65
C VAL B 153 7.27 -44.78 -44.99
N MET B 154 6.72 -45.64 -44.13
CA MET B 154 7.53 -46.65 -43.46
C MET B 154 6.63 -47.83 -43.14
N VAL B 155 7.27 -48.97 -42.89
CA VAL B 155 6.55 -50.19 -42.55
C VAL B 155 5.57 -49.93 -41.43
N LEU B 156 4.41 -50.54 -41.52
CA LEU B 156 3.55 -50.66 -40.37
C LEU B 156 3.05 -52.08 -40.17
N SER B 157 3.26 -52.97 -41.13
CA SER B 157 2.99 -54.37 -40.95
C SER B 157 3.81 -55.18 -41.93
N PRO B 158 4.32 -56.33 -41.52
CA PRO B 158 4.97 -57.21 -42.48
C PRO B 158 3.98 -57.59 -43.56
N LEU B 159 4.51 -57.89 -44.73
CA LEU B 159 3.70 -58.12 -45.91
C LEU B 159 3.59 -59.60 -46.21
N THR B 160 2.39 -60.04 -46.55
CA THR B 160 2.08 -61.44 -46.77
C THR B 160 1.87 -61.72 -48.25
N VAL B 161 2.12 -62.97 -48.64
CA VAL B 161 1.91 -63.42 -50.00
C VAL B 161 1.42 -64.87 -49.98
N SER B 162 0.56 -65.18 -50.94
CA SER B 162 0.20 -66.54 -51.30
C SER B 162 0.59 -66.73 -52.76
N ASN B 163 0.18 -67.87 -53.32
CA ASN B 163 0.48 -68.11 -54.73
C ASN B 163 -0.35 -67.22 -55.64
N THR B 164 -1.52 -66.77 -55.19
CA THR B 164 -2.44 -66.07 -56.06
C THR B 164 -2.02 -64.64 -56.36
N ALA B 165 -1.21 -64.03 -55.52
CA ALA B 165 -0.93 -62.61 -55.61
C ALA B 165 0.30 -62.35 -56.47
N ALA B 166 0.79 -61.11 -56.44
CA ALA B 166 2.00 -60.72 -57.14
C ALA B 166 3.12 -60.53 -56.13
N PRO B 167 4.22 -61.26 -56.24
CA PRO B 167 5.24 -61.22 -55.18
C PRO B 167 5.96 -59.91 -55.06
N GLN B 168 5.67 -58.94 -55.92
CA GLN B 168 6.24 -57.62 -55.79
C GLN B 168 5.17 -56.59 -56.10
N ILE B 169 5.26 -55.44 -55.44
CA ILE B 169 4.36 -54.33 -55.69
C ILE B 169 5.17 -53.05 -55.72
N LYS B 170 4.87 -52.20 -56.69
CA LYS B 170 5.41 -50.86 -56.67
C LYS B 170 4.39 -49.93 -56.03
N VAL B 171 4.87 -48.80 -55.53
CA VAL B 171 4.03 -47.86 -54.82
C VAL B 171 4.20 -46.49 -55.45
N TYR B 172 3.12 -45.92 -55.94
CA TYR B 172 3.18 -44.58 -56.49
C TYR B 172 2.53 -43.61 -55.52
N ALA B 173 2.50 -42.35 -55.93
CA ALA B 173 1.83 -41.30 -55.17
C ALA B 173 1.64 -40.12 -56.11
N ASN B 174 0.85 -39.16 -55.66
CA ASN B 174 0.54 -38.00 -56.48
C ASN B 174 0.95 -36.74 -55.75
N ILE B 175 1.77 -35.94 -56.43
CA ILE B 175 2.37 -34.74 -55.87
C ILE B 175 2.15 -33.59 -56.82
N ALA B 176 1.43 -32.58 -56.36
CA ALA B 176 1.35 -31.34 -57.10
C ALA B 176 0.92 -30.23 -56.16
N PRO B 177 1.66 -29.14 -56.12
CA PRO B 177 1.26 -28.02 -55.28
C PRO B 177 -0.06 -27.43 -55.76
N THR B 178 -0.72 -26.72 -54.86
CA THR B 178 -1.92 -25.97 -55.19
C THR B 178 -1.83 -24.60 -54.56
N TYR B 179 -2.82 -23.77 -54.87
CA TYR B 179 -3.00 -22.49 -54.19
C TYR B 179 -1.76 -21.63 -54.28
N VAL B 180 -1.02 -21.76 -55.39
CA VAL B 180 0.30 -21.16 -55.44
C VAL B 180 0.20 -19.64 -55.45
N HIS B 181 1.02 -19.00 -54.63
CA HIS B 181 1.39 -17.61 -54.81
C HIS B 181 2.90 -17.53 -54.79
N VAL B 182 3.45 -16.67 -55.62
CA VAL B 182 4.88 -16.69 -55.82
C VAL B 182 5.58 -15.66 -54.97
N GLY C 1 1.14 13.26 6.26
CA GLY C 1 -0.07 12.59 5.80
C GLY C 1 0.17 11.17 5.32
N ILE C 2 1.06 10.46 6.00
CA ILE C 2 1.41 9.12 5.57
C ILE C 2 0.20 8.21 5.72
N PHE C 3 0.06 7.30 4.80
CA PHE C 3 -0.87 6.21 5.05
C PHE C 3 -0.20 5.18 5.95
N PRO C 4 -0.94 4.60 6.88
CA PRO C 4 -0.33 3.59 7.76
C PRO C 4 0.39 2.51 6.99
N VAL C 5 1.71 2.42 7.20
CA VAL C 5 2.52 1.50 6.43
C VAL C 5 2.40 0.13 7.10
N ALA C 6 1.32 -0.58 6.77
CA ALA C 6 1.05 -1.87 7.39
C ALA C 6 2.01 -2.89 6.81
N CYS C 7 3.27 -2.78 7.25
CA CYS C 7 4.37 -3.51 6.62
C CYS C 7 4.10 -5.00 6.66
N ALA C 8 4.86 -5.73 5.85
CA ALA C 8 4.70 -7.17 5.78
C ALA C 8 5.62 -7.86 6.77
N ASP C 9 5.04 -8.69 7.63
CA ASP C 9 5.79 -9.59 8.52
C ASP C 9 5.93 -10.94 7.81
N GLY C 10 7.01 -11.10 7.07
CA GLY C 10 7.40 -12.43 6.66
C GLY C 10 6.47 -13.14 5.70
N TYR C 11 6.36 -12.64 4.47
CA TYR C 11 5.64 -13.33 3.42
C TYR C 11 6.33 -13.04 2.10
N GLY C 12 5.66 -13.31 0.99
CA GLY C 12 6.15 -12.84 -0.27
C GLY C 12 7.44 -13.53 -0.68
N GLY C 13 7.35 -14.83 -0.93
CA GLY C 13 8.53 -15.59 -1.30
C GLY C 13 8.66 -15.67 -2.80
N LEU C 14 9.86 -15.42 -3.29
CA LEU C 14 10.14 -15.69 -4.69
C LEU C 14 10.12 -17.19 -4.86
N VAL C 15 8.99 -17.72 -5.26
CA VAL C 15 8.86 -19.17 -5.35
C VAL C 15 8.16 -19.56 -6.64
N THR C 16 7.84 -20.84 -6.75
CA THR C 16 7.63 -21.43 -8.06
C THR C 16 6.24 -21.12 -8.64
N THR C 17 5.18 -21.61 -8.00
CA THR C 17 3.86 -21.68 -8.63
C THR C 17 3.26 -20.33 -8.93
N ASP C 18 3.97 -19.28 -8.57
CA ASP C 18 3.33 -18.01 -8.29
C ASP C 18 2.63 -17.45 -9.53
N PRO C 19 1.58 -16.65 -9.33
CA PRO C 19 0.92 -15.97 -10.46
C PRO C 19 1.36 -14.53 -10.66
N LYS C 20 2.33 -14.04 -9.90
CA LYS C 20 2.69 -12.64 -10.01
C LYS C 20 3.41 -12.36 -11.32
N THR C 21 3.36 -11.10 -11.75
CA THR C 21 3.77 -10.67 -13.08
C THR C 21 4.92 -9.66 -12.98
N ALA C 22 5.26 -9.04 -14.11
CA ALA C 22 6.41 -8.14 -14.15
C ALA C 22 6.13 -6.86 -14.93
N ASP C 23 7.19 -6.09 -15.21
CA ASP C 23 7.07 -4.79 -15.85
C ASP C 23 7.71 -4.81 -17.22
N PRO C 24 6.96 -4.55 -18.28
CA PRO C 24 7.57 -4.43 -19.61
C PRO C 24 8.60 -3.32 -19.60
N VAL C 25 9.66 -3.49 -20.38
CA VAL C 25 10.75 -2.53 -20.31
C VAL C 25 11.05 -1.89 -21.66
N TYR C 26 11.55 -2.66 -22.63
CA TYR C 26 11.62 -2.11 -23.98
C TYR C 26 10.29 -2.43 -24.59
N GLY C 27 9.22 -2.06 -23.89
CA GLY C 27 7.92 -2.65 -24.09
C GLY C 27 7.05 -1.92 -25.08
N LYS C 28 5.75 -2.11 -24.94
CA LYS C 28 4.75 -1.48 -25.80
C LYS C 28 5.06 -1.78 -27.26
N VAL C 29 4.95 -3.07 -27.59
CA VAL C 29 5.34 -3.54 -28.91
C VAL C 29 4.27 -4.50 -29.40
N TYR C 30 3.79 -4.28 -30.60
CA TYR C 30 2.75 -5.15 -31.14
C TYR C 30 3.38 -6.37 -31.78
N ASN C 31 2.52 -7.23 -32.34
CA ASN C 31 2.92 -8.30 -33.23
C ASN C 31 1.77 -8.57 -34.18
N PRO C 32 2.03 -9.01 -35.39
CA PRO C 32 0.96 -9.36 -36.29
C PRO C 32 0.15 -10.50 -35.72
N PRO C 33 -1.14 -10.29 -35.48
CA PRO C 33 -1.94 -11.30 -34.76
C PRO C 33 -1.85 -12.65 -35.45
N LYS C 34 -1.60 -13.67 -34.65
CA LYS C 34 -1.29 -15.00 -35.15
C LYS C 34 -2.53 -15.86 -35.35
N THR C 35 -3.70 -15.25 -35.51
CA THR C 35 -4.88 -16.05 -35.79
C THR C 35 -4.80 -16.60 -37.20
N ASN C 36 -5.66 -17.57 -37.48
CA ASN C 36 -5.84 -18.13 -38.81
C ASN C 36 -4.67 -19.00 -39.19
N TYR C 37 -3.66 -19.03 -38.33
CA TYR C 37 -2.59 -19.97 -38.54
C TYR C 37 -3.10 -21.36 -38.20
N PRO C 38 -2.70 -22.34 -38.92
CA PRO C 38 -3.22 -23.68 -38.66
C PRO C 38 -2.58 -24.31 -37.44
N GLY C 39 -2.89 -25.57 -37.18
CA GLY C 39 -2.24 -26.32 -36.13
C GLY C 39 -2.46 -25.81 -34.73
N ARG C 40 -3.53 -25.06 -34.50
CA ARG C 40 -3.79 -24.60 -33.15
C ARG C 40 -4.30 -25.75 -32.31
N PHE C 41 -4.01 -25.68 -31.02
CA PHE C 41 -4.56 -26.63 -30.08
C PHE C 41 -4.38 -26.07 -28.68
N THR C 42 -4.99 -26.74 -27.72
CA THR C 42 -4.72 -26.43 -26.32
C THR C 42 -4.36 -27.67 -25.51
N ASN C 43 -5.06 -28.78 -25.73
CA ASN C 43 -5.11 -29.88 -24.78
C ASN C 43 -4.27 -31.06 -25.23
N LEU C 44 -3.34 -31.47 -24.38
CA LEU C 44 -2.69 -32.76 -24.63
C LEU C 44 -3.74 -33.86 -24.70
N LEU C 45 -4.72 -33.82 -23.80
CA LEU C 45 -5.79 -34.78 -23.89
C LEU C 45 -6.45 -34.75 -25.25
N ASP C 46 -7.06 -33.62 -25.60
CA ASP C 46 -7.95 -33.62 -26.75
C ASP C 46 -7.22 -34.02 -28.01
N VAL C 47 -5.98 -33.57 -28.17
CA VAL C 47 -5.21 -34.00 -29.33
C VAL C 47 -4.88 -35.47 -29.19
N ALA C 48 -4.97 -36.01 -27.98
CA ALA C 48 -4.77 -37.43 -27.82
C ALA C 48 -6.08 -38.20 -27.99
N GLU C 49 -7.11 -37.55 -28.52
CA GLU C 49 -8.31 -38.30 -28.88
C GLU C 49 -8.27 -38.77 -30.31
N ALA C 50 -8.19 -37.85 -31.26
CA ALA C 50 -8.21 -38.24 -32.66
C ALA C 50 -6.97 -39.03 -33.02
N CYS C 51 -5.95 -38.93 -32.23
CA CYS C 51 -4.77 -39.67 -32.62
C CYS C 51 -4.70 -40.99 -31.87
N PRO C 52 -4.71 -42.07 -32.56
CA PRO C 52 -4.46 -43.36 -31.91
C PRO C 52 -2.97 -43.54 -31.68
N THR C 53 -2.59 -44.75 -31.30
CA THR C 53 -1.23 -45.05 -30.86
C THR C 53 -0.86 -46.43 -31.36
N PHE C 54 0.17 -47.02 -30.78
CA PHE C 54 0.51 -48.41 -31.05
C PHE C 54 0.92 -49.07 -29.75
N LEU C 55 1.42 -50.30 -29.84
CA LEU C 55 1.82 -51.07 -28.66
C LEU C 55 3.11 -51.81 -28.98
N ARG C 56 3.43 -52.81 -28.16
CA ARG C 56 4.69 -53.52 -28.34
C ARG C 56 4.60 -54.86 -27.63
N PHE C 57 5.23 -55.86 -28.22
CA PHE C 57 5.39 -57.16 -27.59
C PHE C 57 6.85 -57.54 -27.66
N ASP C 58 7.23 -58.52 -26.84
CA ASP C 58 8.64 -58.86 -26.67
C ASP C 58 9.33 -59.06 -28.01
N ASP C 59 8.58 -59.45 -29.01
CA ASP C 59 9.15 -59.56 -30.34
C ASP C 59 9.54 -58.23 -30.90
N GLY C 60 9.40 -57.15 -30.14
CA GLY C 60 9.81 -55.84 -30.62
C GLY C 60 9.06 -55.41 -31.87
N LYS C 61 8.12 -56.23 -32.32
CA LYS C 61 7.34 -55.94 -33.49
C LYS C 61 5.97 -55.39 -33.09
N PRO C 62 5.68 -54.15 -33.46
CA PRO C 62 4.47 -53.52 -32.93
C PRO C 62 3.22 -54.33 -33.17
N TYR C 63 3.06 -54.85 -34.37
CA TYR C 63 1.87 -55.62 -34.67
C TYR C 63 1.81 -56.85 -33.78
N VAL C 64 0.68 -57.55 -33.84
CA VAL C 64 0.48 -58.76 -33.05
C VAL C 64 0.82 -59.97 -33.90
N VAL C 65 1.68 -60.84 -33.38
CA VAL C 65 1.75 -62.18 -33.94
C VAL C 65 0.40 -62.81 -33.75
N THR C 66 -0.24 -63.18 -34.84
CA THR C 66 -1.61 -63.66 -34.81
C THR C 66 -1.63 -65.06 -35.42
N ARG C 67 -1.29 -66.04 -34.61
CA ARG C 67 -1.34 -67.42 -35.02
C ARG C 67 -2.75 -67.78 -35.43
N ALA C 68 -2.89 -68.61 -36.45
CA ALA C 68 -4.20 -68.95 -36.98
C ALA C 68 -4.32 -70.46 -37.07
N ASP C 69 -4.69 -71.08 -35.95
CA ASP C 69 -4.87 -72.52 -35.85
C ASP C 69 -5.69 -72.83 -34.61
N ASP C 70 -5.72 -74.11 -34.25
CA ASP C 70 -6.61 -74.60 -33.19
C ASP C 70 -6.34 -73.95 -31.84
N THR C 71 -5.31 -73.13 -31.72
CA THR C 71 -5.03 -72.46 -30.45
C THR C 71 -6.25 -71.69 -29.99
N ARG C 72 -6.40 -71.55 -28.69
CA ARG C 72 -7.47 -70.75 -28.12
C ARG C 72 -6.99 -69.45 -27.50
N LEU C 73 -5.86 -69.49 -26.81
CA LEU C 73 -5.30 -68.30 -26.20
C LEU C 73 -4.57 -67.49 -27.26
N LEU C 74 -4.82 -66.19 -27.30
CA LEU C 74 -4.22 -65.36 -28.33
C LEU C 74 -2.88 -64.80 -27.92
N ALA C 75 -2.88 -63.98 -26.88
CA ALA C 75 -1.72 -63.41 -26.23
C ALA C 75 -2.28 -62.54 -25.12
N LYS C 76 -1.46 -62.29 -24.12
CA LYS C 76 -1.93 -61.51 -22.99
C LYS C 76 -0.91 -60.44 -22.65
N PHE C 77 -1.36 -59.19 -22.64
CA PHE C 77 -0.57 -58.06 -22.21
C PHE C 77 -1.22 -57.42 -20.99
N ASP C 78 -0.63 -56.31 -20.56
CA ASP C 78 -1.13 -55.50 -19.47
C ASP C 78 -1.27 -54.06 -19.93
N VAL C 79 -2.07 -53.29 -19.20
CA VAL C 79 -2.22 -51.86 -19.45
C VAL C 79 -2.09 -51.17 -18.11
N SER C 80 -0.88 -50.76 -17.78
CA SER C 80 -0.67 -49.79 -16.72
C SER C 80 -0.71 -48.41 -17.33
N LEU C 81 -0.31 -47.42 -16.57
CA LEU C 81 0.11 -46.20 -17.20
C LEU C 81 1.59 -46.20 -17.45
N ALA C 82 2.30 -47.21 -16.97
CA ALA C 82 3.73 -47.30 -17.19
C ALA C 82 4.10 -48.78 -17.14
N ALA C 83 4.23 -49.39 -18.31
CA ALA C 83 4.55 -50.82 -18.36
C ALA C 83 5.16 -51.15 -19.71
N LYS C 84 5.99 -52.20 -19.70
CA LYS C 84 6.69 -52.60 -20.91
C LYS C 84 5.75 -52.75 -22.07
N HIS C 85 4.51 -53.17 -21.81
CA HIS C 85 3.57 -53.22 -22.90
C HIS C 85 3.28 -51.86 -23.48
N MET C 86 3.47 -50.79 -22.71
CA MET C 86 2.93 -49.50 -23.13
C MET C 86 3.92 -48.39 -22.89
N SER C 87 5.19 -48.63 -23.17
CA SER C 87 6.11 -47.52 -23.02
C SER C 87 5.93 -46.55 -24.14
N ASN C 88 6.24 -47.00 -25.35
CA ASN C 88 6.43 -46.09 -26.46
C ASN C 88 5.06 -45.59 -26.88
N THR C 89 4.46 -44.77 -26.02
CA THR C 89 3.02 -44.61 -26.04
C THR C 89 2.64 -43.18 -25.72
N TYR C 90 2.03 -42.52 -26.69
CA TYR C 90 1.82 -41.08 -26.60
C TYR C 90 1.13 -40.67 -25.30
N LEU C 91 0.49 -41.61 -24.63
CA LEU C 91 -0.09 -41.28 -23.34
C LEU C 91 0.97 -41.24 -22.26
N SER C 92 1.69 -42.33 -22.10
CA SER C 92 2.53 -42.54 -20.92
C SER C 92 3.51 -41.40 -20.71
N GLY C 93 4.28 -41.07 -21.74
CA GLY C 93 5.20 -39.95 -21.59
C GLY C 93 4.48 -38.71 -21.12
N ILE C 94 3.42 -38.33 -21.82
CA ILE C 94 2.56 -37.28 -21.31
C ILE C 94 2.07 -37.65 -19.93
N ALA C 95 1.75 -38.92 -19.71
CA ALA C 95 1.31 -39.32 -18.39
C ALA C 95 2.44 -39.21 -17.37
N GLN C 96 3.60 -39.79 -17.68
CA GLN C 96 4.59 -40.04 -16.65
C GLN C 96 5.03 -38.74 -15.99
N TYR C 97 4.51 -37.61 -16.46
CA TYR C 97 4.83 -36.35 -15.82
C TYR C 97 3.75 -35.95 -14.83
N TYR C 98 3.09 -36.93 -14.23
CA TYR C 98 1.92 -36.67 -13.40
C TYR C 98 1.82 -37.76 -12.33
N THR C 99 0.91 -37.58 -11.39
CA THR C 99 0.74 -38.59 -10.36
C THR C 99 -0.70 -39.03 -10.27
N GLN C 100 -1.62 -38.09 -10.24
CA GLN C 100 -3.03 -38.42 -10.23
C GLN C 100 -3.57 -38.47 -11.65
N TYR C 101 -4.45 -39.45 -11.91
CA TYR C 101 -5.04 -39.62 -13.23
C TYR C 101 -6.38 -40.34 -13.06
N SER C 102 -7.31 -40.05 -13.95
CA SER C 102 -8.61 -40.70 -13.84
C SER C 102 -9.29 -40.76 -15.20
N GLY C 103 -10.23 -41.68 -15.30
CA GLY C 103 -11.08 -41.79 -16.47
C GLY C 103 -10.74 -42.99 -17.33
N THR C 104 -11.68 -43.30 -18.21
CA THR C 104 -11.61 -44.47 -19.06
C THR C 104 -10.37 -44.41 -19.96
N ILE C 105 -10.03 -45.54 -20.56
CA ILE C 105 -8.89 -45.65 -21.45
C ILE C 105 -9.35 -46.29 -22.75
N ASN C 106 -8.69 -45.94 -23.84
CA ASN C 106 -9.12 -46.34 -25.18
C ASN C 106 -8.17 -47.34 -25.80
N LEU C 107 -8.67 -48.02 -26.84
CA LEU C 107 -7.87 -48.97 -27.60
C LEU C 107 -8.31 -48.94 -29.05
N HIS C 108 -7.70 -49.78 -29.87
CA HIS C 108 -8.07 -49.96 -31.26
C HIS C 108 -7.67 -51.34 -31.73
N PHE C 109 -8.24 -51.72 -32.87
CA PHE C 109 -7.92 -52.98 -33.52
C PHE C 109 -8.05 -52.83 -35.02
N MET C 110 -7.09 -53.37 -35.75
CA MET C 110 -7.05 -53.31 -37.20
C MET C 110 -6.73 -54.70 -37.74
N PHE C 111 -7.56 -55.19 -38.65
CA PHE C 111 -7.45 -56.56 -39.09
C PHE C 111 -6.52 -56.67 -40.28
N THR C 112 -6.12 -57.90 -40.60
CA THR C 112 -5.11 -58.04 -41.63
C THR C 112 -5.50 -58.97 -42.77
N GLY C 113 -6.17 -60.07 -42.49
CA GLY C 113 -6.50 -61.00 -43.55
C GLY C 113 -7.47 -60.40 -44.55
N SER C 114 -7.58 -61.06 -45.70
CA SER C 114 -8.50 -60.57 -46.72
C SER C 114 -9.93 -60.61 -46.20
N THR C 115 -10.73 -59.62 -46.63
CA THR C 115 -12.04 -59.41 -46.05
C THR C 115 -12.91 -60.66 -46.12
N ASP C 116 -12.75 -61.45 -47.18
CA ASP C 116 -13.56 -62.65 -47.35
C ASP C 116 -13.50 -63.54 -46.11
N SER C 117 -12.34 -63.58 -45.45
CA SER C 117 -12.13 -64.53 -44.37
C SER C 117 -13.04 -64.20 -43.19
N LYS C 118 -13.89 -65.16 -42.83
CA LYS C 118 -14.65 -65.02 -41.60
C LYS C 118 -13.69 -65.06 -40.41
N ALA C 119 -14.16 -64.55 -39.29
CA ALA C 119 -13.31 -64.45 -38.12
C ALA C 119 -14.16 -64.26 -36.88
N ARG C 120 -13.53 -64.46 -35.73
CA ARG C 120 -14.13 -64.25 -34.43
C ARG C 120 -13.05 -63.80 -33.47
N TYR C 121 -13.39 -62.87 -32.60
CA TYR C 121 -12.48 -62.42 -31.56
C TYR C 121 -13.31 -61.93 -30.39
N MET C 122 -12.66 -61.76 -29.24
CA MET C 122 -13.40 -61.42 -28.04
C MET C 122 -12.50 -60.60 -27.11
N VAL C 123 -12.70 -59.29 -27.10
CA VAL C 123 -12.06 -58.46 -26.09
C VAL C 123 -12.62 -58.82 -24.73
N ALA C 124 -11.82 -58.63 -23.69
CA ALA C 124 -12.26 -59.06 -22.37
C ALA C 124 -11.44 -58.38 -21.30
N TYR C 125 -12.13 -57.75 -20.36
CA TYR C 125 -11.49 -57.15 -19.20
C TYR C 125 -11.29 -58.17 -18.09
N ILE C 126 -10.27 -57.93 -17.27
CA ILE C 126 -10.07 -58.75 -16.09
C ILE C 126 -9.71 -57.83 -14.92
N PRO C 127 -10.40 -57.94 -13.79
CA PRO C 127 -10.13 -57.06 -12.66
C PRO C 127 -8.89 -57.49 -11.90
N PRO C 128 -8.18 -56.55 -11.33
CA PRO C 128 -6.88 -56.85 -10.72
C PRO C 128 -7.00 -57.64 -9.44
N GLY C 129 -7.06 -58.96 -9.54
CA GLY C 129 -7.22 -59.75 -8.34
C GLY C 129 -8.18 -60.92 -8.48
N VAL C 130 -8.60 -61.21 -9.71
CA VAL C 130 -9.36 -62.44 -9.96
C VAL C 130 -8.58 -63.68 -9.56
N GLU C 131 -7.27 -63.53 -9.31
CA GLU C 131 -6.37 -64.56 -8.83
C GLU C 131 -6.15 -65.65 -9.87
N THR C 132 -6.84 -65.59 -11.00
CA THR C 132 -6.64 -66.55 -12.07
C THR C 132 -7.13 -65.97 -13.39
N PRO C 133 -6.29 -65.93 -14.41
CA PRO C 133 -6.73 -65.51 -15.72
C PRO C 133 -7.70 -66.52 -16.31
N PRO C 134 -8.74 -66.07 -16.98
CA PRO C 134 -9.70 -67.01 -17.56
C PRO C 134 -9.06 -67.82 -18.68
N ASP C 135 -9.70 -68.94 -19.00
CA ASP C 135 -9.16 -69.85 -20.00
C ASP C 135 -10.24 -70.41 -20.91
N THR C 136 -11.31 -69.64 -21.12
CA THR C 136 -12.43 -70.01 -21.97
C THR C 136 -13.30 -68.76 -22.17
N PRO C 137 -13.82 -68.53 -23.38
CA PRO C 137 -14.54 -67.26 -23.63
C PRO C 137 -15.67 -66.97 -22.66
N GLU C 138 -16.58 -67.94 -22.44
CA GLU C 138 -17.75 -67.65 -21.65
C GLU C 138 -17.42 -67.40 -20.18
N GLU C 139 -16.43 -68.11 -19.64
CA GLU C 139 -16.05 -67.83 -18.25
C GLU C 139 -15.16 -66.59 -18.14
N ALA C 140 -14.42 -66.29 -19.21
CA ALA C 140 -13.76 -64.98 -19.29
C ALA C 140 -14.79 -63.88 -19.24
N ALA C 141 -15.85 -64.02 -20.04
CA ALA C 141 -16.92 -63.06 -20.18
C ALA C 141 -17.43 -62.54 -18.83
N HIS C 142 -17.38 -63.38 -17.79
CA HIS C 142 -17.96 -63.03 -16.49
C HIS C 142 -17.48 -61.68 -16.00
N CYS C 143 -16.26 -61.28 -16.34
CA CYS C 143 -15.83 -59.97 -15.90
C CYS C 143 -16.35 -58.88 -16.83
N ILE C 144 -15.84 -58.83 -18.06
CA ILE C 144 -16.31 -57.91 -19.10
C ILE C 144 -15.83 -58.48 -20.42
N HIS C 145 -16.62 -58.29 -21.47
CA HIS C 145 -16.31 -58.89 -22.76
C HIS C 145 -17.26 -58.31 -23.79
N ALA C 146 -16.95 -58.56 -25.05
CA ALA C 146 -17.77 -58.15 -26.18
C ALA C 146 -17.24 -58.87 -27.41
N GLU C 147 -17.75 -58.50 -28.58
CA GLU C 147 -17.48 -59.24 -29.80
C GLU C 147 -17.32 -58.29 -30.97
N TRP C 148 -16.78 -58.83 -32.06
CA TRP C 148 -17.13 -58.38 -33.40
C TRP C 148 -16.71 -59.46 -34.38
N ASP C 149 -16.81 -59.15 -35.66
CA ASP C 149 -16.37 -60.04 -36.71
C ASP C 149 -15.67 -59.23 -37.79
N THR C 150 -15.07 -59.95 -38.74
CA THR C 150 -14.67 -59.31 -39.97
C THR C 150 -15.86 -58.67 -40.66
N GLY C 151 -17.02 -59.30 -40.57
CA GLY C 151 -18.22 -58.82 -41.21
C GLY C 151 -18.56 -57.39 -40.87
N LEU C 152 -18.90 -56.61 -41.89
CA LEU C 152 -19.54 -55.30 -41.78
C LEU C 152 -18.65 -54.25 -41.13
N ASN C 153 -17.46 -54.62 -40.66
CA ASN C 153 -16.55 -53.64 -40.10
C ASN C 153 -15.18 -54.26 -39.94
N SER C 154 -14.16 -53.40 -40.03
CA SER C 154 -12.79 -53.79 -39.80
C SER C 154 -12.16 -53.07 -38.63
N LYS C 155 -12.43 -51.80 -38.44
CA LYS C 155 -11.93 -51.07 -37.28
C LYS C 155 -12.78 -51.38 -36.07
N PHE C 156 -12.28 -50.96 -34.90
CA PHE C 156 -13.03 -50.96 -33.65
C PHE C 156 -12.23 -50.21 -32.60
N THR C 157 -12.96 -49.59 -31.67
CA THR C 157 -12.35 -48.97 -30.50
C THR C 157 -13.04 -49.50 -29.26
N PHE C 158 -12.25 -49.76 -28.23
CA PHE C 158 -12.74 -50.42 -27.03
C PHE C 158 -12.32 -49.64 -25.78
N SER C 159 -12.95 -49.95 -24.66
CA SER C 159 -12.66 -49.23 -23.43
C SER C 159 -12.83 -50.13 -22.22
N ILE C 160 -11.97 -49.92 -21.22
CA ILE C 160 -12.12 -50.50 -19.88
C ILE C 160 -12.66 -49.45 -18.94
N PRO C 161 -13.65 -49.77 -18.11
CA PRO C 161 -14.09 -48.81 -17.10
C PRO C 161 -13.00 -48.54 -16.08
N TYR C 162 -12.95 -47.30 -15.60
CA TYR C 162 -11.85 -46.82 -14.79
C TYR C 162 -11.97 -47.33 -13.35
N VAL C 163 -11.94 -48.65 -13.24
CA VAL C 163 -11.98 -49.26 -11.92
C VAL C 163 -10.70 -48.90 -11.19
N SER C 164 -10.78 -48.85 -9.87
CA SER C 164 -9.64 -48.48 -9.05
C SER C 164 -9.96 -48.81 -7.60
N ALA C 165 -9.12 -48.34 -6.69
CA ALA C 165 -9.48 -48.27 -5.29
C ALA C 165 -10.32 -47.02 -5.02
N ALA C 166 -9.76 -45.86 -5.25
CA ALA C 166 -10.44 -44.59 -5.06
C ALA C 166 -10.68 -43.96 -6.42
N ASP C 167 -11.30 -42.79 -6.43
CA ASP C 167 -11.64 -42.24 -7.74
C ASP C 167 -10.44 -41.60 -8.39
N TYR C 168 -9.28 -42.23 -8.27
CA TYR C 168 -7.97 -41.75 -8.70
C TYR C 168 -6.97 -42.86 -8.41
N ALA C 169 -5.72 -42.69 -8.84
CA ALA C 169 -4.70 -43.69 -8.55
C ALA C 169 -3.33 -43.10 -8.86
N TYR C 170 -2.31 -43.85 -8.48
CA TYR C 170 -0.94 -43.44 -8.74
C TYR C 170 -0.51 -43.80 -10.15
N THR C 171 0.18 -42.88 -10.81
CA THR C 171 0.73 -43.20 -12.12
C THR C 171 1.81 -44.25 -12.01
N ALA C 172 2.91 -43.91 -11.36
CA ALA C 172 3.92 -44.94 -11.16
C ALA C 172 3.38 -45.99 -10.22
N SER C 173 4.00 -47.16 -10.26
CA SER C 173 3.62 -48.28 -9.43
C SER C 173 4.61 -48.45 -8.29
N ASP C 174 4.24 -49.30 -7.34
CA ASP C 174 4.93 -49.39 -6.06
C ASP C 174 5.90 -50.56 -6.03
N THR C 175 6.85 -50.47 -5.12
CA THR C 175 7.76 -51.54 -4.79
C THR C 175 7.55 -51.95 -3.34
N ALA C 176 6.29 -52.08 -2.95
CA ALA C 176 5.94 -52.52 -1.61
C ALA C 176 4.85 -53.57 -1.57
N GLU C 177 4.33 -54.00 -2.72
CA GLU C 177 3.31 -55.03 -2.75
C GLU C 177 3.44 -55.80 -4.06
N THR C 178 2.48 -56.69 -4.31
CA THR C 178 2.56 -57.64 -5.40
C THR C 178 1.47 -57.46 -6.45
N THR C 179 0.21 -57.39 -6.02
CA THR C 179 -0.90 -57.52 -6.95
C THR C 179 -0.84 -56.47 -8.04
N ASN C 180 -0.95 -56.93 -9.29
CA ASN C 180 -1.04 -56.03 -10.42
C ASN C 180 -2.20 -55.04 -10.23
N VAL C 181 -1.99 -53.83 -10.73
CA VAL C 181 -2.97 -52.77 -10.48
C VAL C 181 -4.22 -52.97 -11.31
N GLN C 182 -4.11 -53.58 -12.48
CA GLN C 182 -5.25 -53.70 -13.38
C GLN C 182 -5.59 -55.14 -13.74
N GLY C 183 -4.60 -55.96 -14.04
CA GLY C 183 -4.84 -57.32 -14.47
C GLY C 183 -4.01 -57.75 -15.67
N TRP C 184 -4.62 -58.48 -16.59
CA TRP C 184 -3.97 -58.91 -17.83
C TRP C 184 -4.93 -58.82 -18.99
N VAL C 185 -5.73 -57.76 -19.01
CA VAL C 185 -6.89 -57.62 -19.88
C VAL C 185 -6.54 -57.84 -21.35
N CYS C 186 -7.09 -58.89 -21.94
CA CYS C 186 -6.71 -59.30 -23.28
C CYS C 186 -7.86 -60.08 -23.91
N VAL C 187 -7.57 -60.74 -25.03
CA VAL C 187 -8.58 -61.06 -26.02
C VAL C 187 -8.66 -62.56 -26.26
N TYR C 188 -9.88 -63.04 -26.51
CA TYR C 188 -10.14 -64.40 -26.96
C TYR C 188 -10.77 -64.38 -28.34
N GLN C 189 -11.05 -65.58 -28.86
CA GLN C 189 -11.52 -65.75 -30.22
C GLN C 189 -12.23 -67.09 -30.37
N ILE C 190 -13.19 -67.13 -31.29
CA ILE C 190 -13.83 -68.36 -31.69
C ILE C 190 -13.18 -68.79 -33.00
N THR C 191 -13.47 -70.01 -33.43
CA THR C 191 -12.75 -70.71 -34.50
C THR C 191 -12.30 -69.79 -35.62
N HIS C 192 -11.00 -69.78 -35.88
CA HIS C 192 -10.46 -69.06 -37.01
C HIS C 192 -11.01 -69.66 -38.29
N GLY C 193 -11.34 -68.80 -39.24
CA GLY C 193 -11.88 -69.33 -40.49
C GLY C 193 -10.80 -69.93 -41.36
N LYS C 194 -9.91 -69.08 -41.86
CA LYS C 194 -8.80 -69.52 -42.69
C LYS C 194 -7.85 -68.36 -42.94
N ALA C 195 -6.56 -68.61 -42.81
CA ALA C 195 -5.57 -67.58 -43.06
C ALA C 195 -4.18 -68.18 -43.12
N GLU C 196 -3.40 -67.78 -44.11
CA GLU C 196 -2.02 -68.22 -44.13
C GLU C 196 -1.18 -67.42 -43.14
N ASN C 197 -1.48 -66.13 -43.00
CA ASN C 197 -0.76 -65.30 -42.03
C ASN C 197 -1.59 -64.07 -41.74
N ASP C 198 -2.14 -63.99 -40.53
CA ASP C 198 -2.89 -62.82 -40.10
C ASP C 198 -1.93 -61.78 -39.56
N THR C 199 -2.48 -60.74 -38.92
CA THR C 199 -1.74 -59.73 -38.19
C THR C 199 -2.72 -58.81 -37.47
N LEU C 200 -2.37 -58.28 -36.30
CA LEU C 200 -3.26 -57.35 -35.61
C LEU C 200 -2.52 -56.12 -35.13
N LEU C 201 -3.23 -55.00 -35.16
CA LEU C 201 -2.74 -53.74 -34.62
C LEU C 201 -3.61 -53.30 -33.46
N VAL C 202 -3.08 -52.38 -32.68
CA VAL C 202 -3.74 -51.98 -31.46
C VAL C 202 -3.15 -50.68 -30.95
N SER C 203 -3.99 -49.84 -30.35
CA SER C 203 -3.57 -48.52 -29.94
C SER C 203 -4.16 -48.22 -28.57
N ALA C 204 -3.97 -46.98 -28.16
CA ALA C 204 -4.69 -46.39 -27.05
C ALA C 204 -4.83 -44.91 -27.36
N SER C 205 -5.62 -44.22 -26.55
CA SER C 205 -5.85 -42.82 -26.83
C SER C 205 -6.66 -42.19 -25.72
N ALA C 206 -6.68 -40.88 -25.73
CA ALA C 206 -7.62 -40.15 -24.90
C ALA C 206 -9.01 -40.23 -25.50
N GLY C 207 -9.99 -40.10 -24.64
CA GLY C 207 -11.39 -40.07 -25.04
C GLY C 207 -12.17 -39.13 -24.15
N LYS C 208 -13.37 -39.55 -23.76
CA LYS C 208 -14.19 -38.64 -22.98
C LYS C 208 -13.68 -38.43 -21.57
N ASP C 209 -12.70 -39.21 -21.12
CA ASP C 209 -12.50 -39.38 -19.69
C ASP C 209 -11.07 -39.28 -19.19
N PHE C 210 -10.08 -39.36 -20.06
CA PHE C 210 -8.69 -39.47 -19.63
C PHE C 210 -8.22 -38.21 -18.93
N GLU C 211 -8.01 -38.24 -17.61
CA GLU C 211 -7.73 -37.01 -16.88
C GLU C 211 -6.55 -37.20 -15.95
N LEU C 212 -6.14 -36.13 -15.29
CA LEU C 212 -4.87 -36.11 -14.59
C LEU C 212 -4.92 -35.13 -13.42
N ARG C 213 -4.04 -35.35 -12.42
CA ARG C 213 -3.64 -34.30 -11.48
C ARG C 213 -2.17 -34.45 -11.10
N LEU C 214 -1.63 -33.37 -10.53
CA LEU C 214 -0.46 -32.76 -11.16
C LEU C 214 0.46 -31.82 -10.42
N PRO C 215 1.64 -31.57 -11.02
CA PRO C 215 2.56 -32.46 -11.75
C PRO C 215 3.93 -32.40 -11.10
N ILE C 216 4.85 -33.34 -11.34
CA ILE C 216 6.24 -33.15 -10.93
C ILE C 216 7.13 -33.92 -11.88
N ASP C 217 8.33 -33.40 -12.10
CA ASP C 217 9.34 -34.18 -12.79
C ASP C 217 9.72 -35.43 -12.02
N PRO C 218 9.79 -36.56 -12.66
CA PRO C 218 10.51 -37.69 -12.08
C PRO C 218 11.98 -37.73 -12.49
N ARG C 219 12.30 -37.23 -13.67
CA ARG C 219 13.54 -37.63 -14.32
C ARG C 219 14.75 -37.01 -13.61
N THR C 220 15.92 -37.26 -14.18
CA THR C 220 17.20 -36.92 -13.53
C THR C 220 17.81 -35.67 -14.14
N GLN C 221 16.97 -34.67 -14.42
CA GLN C 221 17.39 -33.40 -15.01
C GLN C 221 18.74 -32.88 -14.51
N ARG D 1 1.02 36.55 -10.66
CA ARG D 1 1.43 36.57 -9.26
C ARG D 1 1.15 35.24 -8.65
N HIS D 2 2.18 34.45 -8.39
CA HIS D 2 2.00 33.14 -7.81
C HIS D 2 3.08 32.79 -6.80
N HIS D 3 3.62 33.80 -6.13
CA HIS D 3 4.46 33.57 -4.98
C HIS D 3 4.32 34.74 -4.04
N THR D 4 5.17 34.77 -3.02
CA THR D 4 5.16 35.78 -1.96
C THR D 4 3.80 35.87 -1.28
N ASP D 5 2.95 34.88 -1.46
CA ASP D 5 1.87 34.59 -0.52
C ASP D 5 2.38 33.43 0.33
N VAL D 6 2.69 33.71 1.58
CA VAL D 6 3.58 32.89 2.39
C VAL D 6 3.29 31.42 2.21
N GLY D 7 2.03 31.10 1.93
CA GLY D 7 1.54 29.74 1.83
C GLY D 7 2.44 28.82 1.04
N PHE D 8 3.37 29.40 0.29
CA PHE D 8 4.38 28.61 -0.36
C PHE D 8 5.78 28.89 0.15
N ILE D 9 6.01 30.02 0.80
CA ILE D 9 7.38 30.37 1.11
C ILE D 9 7.85 29.69 2.38
N MET D 10 6.99 29.63 3.39
CA MET D 10 7.50 29.28 4.71
C MET D 10 7.22 27.83 5.04
N ASP D 11 7.31 26.95 4.04
CA ASP D 11 7.08 25.53 4.28
C ASP D 11 8.36 24.76 3.96
N ARG D 12 9.48 25.27 4.42
CA ARG D 12 10.77 24.63 4.25
C ARG D 12 11.43 24.51 5.61
N PHE D 13 12.70 24.19 5.63
CA PHE D 13 13.38 23.99 6.89
C PHE D 13 14.42 25.07 7.12
N VAL D 14 15.06 24.99 8.28
CA VAL D 14 16.16 25.88 8.59
C VAL D 14 16.95 25.28 9.74
N LYS D 15 18.26 25.38 9.64
CA LYS D 15 19.12 24.91 10.70
C LYS D 15 18.95 25.80 11.93
N ILE D 16 19.27 25.24 13.09
CA ILE D 16 19.37 25.98 14.34
C ILE D 16 20.72 25.70 14.95
N ASN D 17 21.34 26.74 15.50
CA ASN D 17 22.70 26.58 16.02
C ASN D 17 22.72 25.64 17.20
N SER D 18 22.09 26.04 18.30
CA SER D 18 22.44 25.48 19.60
C SER D 18 21.61 24.26 19.93
N LEU D 19 22.12 23.49 20.88
CA LEU D 19 21.42 22.37 21.48
C LEU D 19 22.01 22.13 22.87
N SER D 20 21.39 21.21 23.58
CA SER D 20 21.80 20.79 24.92
C SER D 20 20.91 19.62 25.29
N PRO D 21 21.20 18.89 26.37
CA PRO D 21 20.30 17.80 26.75
C PRO D 21 18.84 18.21 26.89
N THR D 22 18.60 19.49 27.14
CA THR D 22 17.29 20.08 26.92
C THR D 22 17.48 21.31 26.05
N HIS D 23 16.41 21.76 25.41
CA HIS D 23 16.59 22.82 24.43
C HIS D 23 15.26 23.47 24.12
N VAL D 24 15.15 24.76 24.45
CA VAL D 24 13.95 25.51 24.15
C VAL D 24 13.69 25.46 22.65
N ILE D 25 12.42 25.62 22.28
CA ILE D 25 12.00 25.63 20.89
C ILE D 25 11.28 26.93 20.60
N ASP D 26 11.83 27.72 19.68
CA ASP D 26 11.23 28.99 19.31
C ASP D 26 11.68 29.36 17.90
N LEU D 27 10.88 30.20 17.26
CA LEU D 27 11.28 30.68 15.94
C LEU D 27 12.43 31.67 16.05
N MET D 28 12.32 32.65 16.92
CA MET D 28 13.39 33.65 17.04
C MET D 28 14.73 33.02 17.38
N GLN D 29 14.75 31.74 17.74
CA GLN D 29 16.00 30.99 17.79
C GLN D 29 16.66 30.90 16.44
N THR D 30 15.94 31.21 15.37
CA THR D 30 16.52 31.07 14.04
C THR D 30 17.54 32.15 13.78
N HIS D 31 18.34 31.92 12.74
CA HIS D 31 19.30 32.92 12.32
C HIS D 31 18.59 34.10 11.68
N LYS D 32 19.08 35.31 11.97
CA LYS D 32 18.39 36.52 11.54
C LYS D 32 18.76 36.95 10.13
N HIS D 33 19.33 36.05 9.35
CA HIS D 33 19.36 36.24 7.91
C HIS D 33 19.08 34.98 7.12
N GLY D 34 18.89 33.83 7.78
CA GLY D 34 18.29 32.71 7.10
C GLY D 34 16.97 33.12 6.47
N ILE D 35 16.77 32.74 5.21
CA ILE D 35 15.65 33.26 4.47
C ILE D 35 14.33 32.96 5.14
N VAL D 36 14.29 31.94 6.00
CA VAL D 36 13.07 31.63 6.73
C VAL D 36 12.64 32.81 7.57
N GLY D 37 13.48 33.19 8.53
CA GLY D 37 13.06 34.17 9.51
C GLY D 37 12.99 35.59 9.00
N ALA D 38 13.76 35.89 7.96
CA ALA D 38 13.69 37.24 7.39
C ALA D 38 12.25 37.65 7.19
N LEU D 39 11.54 36.92 6.33
CA LEU D 39 10.11 37.13 6.17
C LEU D 39 9.42 37.12 7.52
N LEU D 40 9.73 36.12 8.35
CA LEU D 40 9.15 36.09 9.67
C LEU D 40 9.44 37.38 10.40
N ARG D 41 10.72 37.65 10.65
CA ARG D 41 11.07 38.94 11.23
C ARG D 41 10.52 40.07 10.41
N ALA D 42 10.28 39.84 9.12
CA ALA D 42 9.75 40.94 8.34
C ALA D 42 8.33 41.31 8.73
N ALA D 43 7.76 40.66 9.72
CA ALA D 43 6.38 40.90 10.06
C ALA D 43 6.26 41.16 11.55
N THR D 44 5.05 41.52 11.96
CA THR D 44 4.76 41.81 13.35
C THR D 44 4.11 40.65 14.06
N TYR D 45 3.01 40.18 13.52
CA TYR D 45 2.24 39.12 14.16
C TYR D 45 2.03 37.99 13.17
N TYR D 46 2.29 36.76 13.61
CA TYR D 46 2.15 35.61 12.72
C TYR D 46 1.65 34.43 13.52
N PHE D 47 0.95 33.55 12.81
CA PHE D 47 0.47 32.29 13.36
C PHE D 47 0.64 31.20 12.34
N SER D 48 0.80 29.98 12.83
CA SER D 48 0.83 28.84 11.96
C SER D 48 0.53 27.61 12.78
N ASP D 49 0.46 26.47 12.07
CA ASP D 49 0.70 25.19 12.70
C ASP D 49 2.21 25.04 12.77
N LEU D 50 2.68 23.83 13.04
CA LEU D 50 4.11 23.67 13.26
C LEU D 50 4.51 22.24 12.98
N GLU D 51 5.62 22.08 12.27
CA GLU D 51 6.16 20.76 11.99
C GLU D 51 7.66 20.78 12.26
N ILE D 52 8.17 19.71 12.85
CA ILE D 52 9.56 19.66 13.28
C ILE D 52 10.17 18.30 12.97
N VAL D 53 11.48 18.29 12.79
CA VAL D 53 12.21 17.08 12.44
C VAL D 53 13.54 17.09 13.16
N VAL D 54 13.91 15.93 13.71
CA VAL D 54 15.07 15.82 14.57
C VAL D 54 15.80 14.51 14.26
N ARG D 55 17.08 14.62 13.92
CA ARG D 55 17.96 13.47 13.85
C ARG D 55 18.65 13.35 15.20
N HIS D 56 18.49 12.21 15.86
CA HIS D 56 18.86 12.13 17.26
C HIS D 56 19.04 10.68 17.65
N ASP D 57 19.09 10.43 18.95
CA ASP D 57 19.31 9.10 19.49
C ASP D 57 18.35 8.91 20.65
N GLY D 58 18.60 7.88 21.44
CA GLY D 58 17.93 7.69 22.72
C GLY D 58 16.42 7.73 22.67
N ASN D 59 15.83 8.74 23.27
CA ASN D 59 14.37 8.84 23.33
C ASN D 59 13.98 10.31 23.20
N LEU D 60 13.70 10.73 21.97
CA LEU D 60 13.16 12.06 21.77
C LEU D 60 11.80 12.16 22.44
N THR D 61 11.57 13.28 23.11
CA THR D 61 10.35 13.43 23.88
C THR D 61 10.03 14.91 24.02
N TRP D 62 8.74 15.22 24.00
CA TRP D 62 8.28 16.60 23.88
C TRP D 62 7.07 16.87 24.75
N VAL D 63 6.97 18.12 25.20
CA VAL D 63 5.88 18.61 26.03
C VAL D 63 5.40 19.95 25.49
N PRO D 64 4.10 20.22 25.52
CA PRO D 64 3.61 21.55 25.17
C PRO D 64 3.87 22.56 26.28
N ASN D 65 3.60 23.82 25.96
CA ASN D 65 4.01 24.94 26.79
C ASN D 65 3.26 24.93 28.10
N GLY D 66 3.55 25.93 28.92
CA GLY D 66 2.92 26.05 30.21
C GLY D 66 2.93 24.74 30.94
N ALA D 67 4.13 24.25 31.23
CA ALA D 67 4.24 22.98 31.91
C ALA D 67 5.47 23.01 32.78
N PRO D 68 5.46 22.29 33.90
CA PRO D 68 6.65 22.18 34.73
C PRO D 68 7.70 21.32 34.03
N GLU D 69 8.75 21.96 33.54
CA GLU D 69 9.83 21.23 32.88
C GLU D 69 10.32 20.06 33.72
N ALA D 70 10.35 20.25 35.04
CA ALA D 70 10.99 19.30 35.94
C ALA D 70 10.44 17.90 35.79
N ALA D 71 9.39 17.73 34.99
CA ALA D 71 8.64 16.48 34.94
C ALA D 71 8.55 15.96 33.52
N LEU D 72 9.68 15.86 32.83
CA LEU D 72 9.58 15.36 31.47
C LEU D 72 9.91 13.88 31.38
N SER D 73 11.13 13.50 31.79
CA SER D 73 11.55 12.12 31.60
C SER D 73 10.56 11.14 32.21
N ASN D 74 10.08 11.46 33.39
CA ASN D 74 9.14 10.57 34.06
C ASN D 74 7.83 10.52 33.30
N THR D 75 7.22 9.34 33.29
CA THR D 75 5.82 9.14 32.97
C THR D 75 5.51 9.48 31.51
N SER D 76 6.48 10.03 30.80
CA SER D 76 6.45 10.08 29.35
C SER D 76 5.10 10.58 28.82
N ASN D 77 4.83 11.85 29.07
CA ASN D 77 3.82 12.54 28.29
C ASN D 77 4.14 12.32 26.80
N PRO D 78 3.18 12.48 25.90
CA PRO D 78 3.19 11.70 24.65
C PRO D 78 4.51 11.73 23.87
N THR D 79 4.75 10.63 23.15
CA THR D 79 5.96 10.35 22.42
C THR D 79 5.82 8.99 21.73
N ALA D 80 6.65 8.78 20.69
CA ALA D 80 6.97 7.47 20.15
C ALA D 80 8.48 7.26 20.21
N TYR D 81 8.91 6.00 20.14
CA TYR D 81 10.27 5.63 20.51
C TYR D 81 11.29 5.90 19.40
N ASN D 82 12.46 5.32 19.60
CA ASN D 82 13.59 5.46 18.69
C ASN D 82 13.32 4.83 17.35
N LYS D 83 13.80 5.50 16.31
CA LYS D 83 14.04 4.84 15.03
C LYS D 83 14.93 5.71 14.16
N ALA D 84 16.07 5.19 13.73
CA ALA D 84 16.92 5.92 12.82
C ALA D 84 16.37 5.84 11.40
N PRO D 85 16.78 6.75 10.51
CA PRO D 85 17.55 7.97 10.68
C PRO D 85 16.74 9.25 10.55
N PHE D 86 15.59 9.18 9.89
CA PHE D 86 14.74 10.35 9.82
C PHE D 86 13.61 10.18 10.82
N THR D 87 13.18 11.29 11.42
CA THR D 87 12.03 11.25 12.29
C THR D 87 11.33 12.59 12.24
N ARG D 88 10.02 12.56 12.10
CA ARG D 88 9.27 13.71 11.61
C ARG D 88 8.00 13.84 12.40
N LEU D 89 7.85 14.94 13.12
CA LEU D 89 6.63 15.18 13.88
C LEU D 89 6.15 16.59 13.61
N ALA D 90 5.00 16.93 14.19
CA ALA D 90 4.33 18.18 13.87
C ALA D 90 3.61 18.67 15.11
N LEU D 91 3.92 19.80 15.53
CA LEU D 91 3.09 20.03 16.70
C LEU D 91 2.01 21.04 16.39
N PRO D 92 0.88 20.91 17.05
CA PRO D 92 -0.16 21.91 16.94
C PRO D 92 0.08 23.01 17.95
N TYR D 93 -0.43 24.17 17.60
CA TYR D 93 -0.24 25.35 18.43
C TYR D 93 -0.74 25.10 19.83
N THR D 94 -0.09 25.75 20.78
CA THR D 94 -0.49 25.59 22.18
C THR D 94 -0.41 26.86 23.00
N ALA D 95 0.01 27.95 22.43
CA ALA D 95 0.41 29.03 23.30
C ALA D 95 -0.82 29.78 23.82
N PRO D 96 -0.68 30.45 24.91
CA PRO D 96 -1.85 31.03 25.56
C PRO D 96 -2.35 32.26 24.85
N HIS D 97 -1.95 32.47 23.62
CA HIS D 97 -2.30 33.71 22.97
C HIS D 97 -2.80 33.45 21.57
N ARG D 98 -3.76 34.23 21.15
CA ARG D 98 -4.31 33.99 19.85
C ARG D 98 -3.41 34.36 18.76
N VAL D 99 -2.16 34.73 19.01
CA VAL D 99 -1.22 34.96 17.93
C VAL D 99 0.19 35.10 18.48
N LEU D 100 1.19 34.79 17.67
CA LEU D 100 2.56 35.07 18.07
C LEU D 100 2.97 36.44 17.53
N ALA D 101 4.25 36.74 17.66
CA ALA D 101 4.85 37.99 17.22
C ALA D 101 6.35 37.83 17.34
N THR D 102 7.08 38.93 17.16
CA THR D 102 8.52 38.86 17.11
C THR D 102 9.19 39.56 18.26
N VAL D 103 8.62 40.66 18.73
CA VAL D 103 9.28 41.49 19.70
C VAL D 103 8.24 42.35 20.39
N TYR D 104 8.41 42.53 21.69
CA TYR D 104 7.34 43.00 22.55
C TYR D 104 7.95 44.02 23.52
N ASP D 105 7.94 45.28 23.13
CA ASP D 105 8.55 46.31 23.94
C ASP D 105 7.85 46.51 25.28
N GLY D 106 8.48 46.06 26.36
CA GLY D 106 7.98 46.34 27.69
C GLY D 106 9.10 46.62 28.67
N THR D 107 8.98 47.69 29.43
CA THR D 107 10.06 48.09 30.33
C THR D 107 10.27 47.03 31.40
N THR D 129 14.60 44.48 26.62
CA THR D 129 14.32 44.05 25.26
C THR D 129 14.41 42.54 25.16
N GLN D 130 14.44 41.88 26.30
CA GLN D 130 14.45 40.42 26.32
C GLN D 130 13.13 39.89 25.81
N LEU D 131 13.19 38.84 25.00
CA LEU D 131 12.00 38.22 24.48
C LEU D 131 11.08 37.79 25.63
N PRO D 132 9.77 37.94 25.50
CA PRO D 132 8.87 37.58 26.61
C PRO D 132 8.93 36.09 26.88
N ALA D 133 8.35 35.71 28.02
CA ALA D 133 8.28 34.31 28.42
C ALA D 133 7.02 33.62 27.92
N SER D 134 6.38 34.15 26.89
CA SER D 134 5.11 33.61 26.43
C SER D 134 5.26 32.75 25.18
N PHE D 135 5.77 33.32 24.10
CA PHE D 135 5.69 32.66 22.80
C PHE D 135 6.58 31.45 22.79
N ASN D 136 6.03 30.29 23.08
CA ASN D 136 6.88 29.17 23.44
C ASN D 136 6.30 27.90 22.84
N TYR D 137 6.74 27.56 21.63
CA TYR D 137 6.51 26.23 21.13
C TYR D 137 7.01 25.17 22.08
N GLY D 138 8.00 25.52 22.91
CA GLY D 138 8.37 24.69 24.04
C GLY D 138 9.80 24.17 23.93
N ALA D 139 9.96 22.90 24.24
CA ALA D 139 11.28 22.31 24.30
C ALA D 139 11.15 20.80 24.21
N ILE D 140 12.25 20.16 23.84
CA ILE D 140 12.34 18.71 23.78
C ILE D 140 13.58 18.28 24.55
N GLN D 141 13.62 16.98 24.86
CA GLN D 141 14.65 16.47 25.74
C GLN D 141 15.01 15.06 25.29
N ALA D 142 16.28 14.73 25.45
CA ALA D 142 16.79 13.42 25.08
C ALA D 142 18.12 13.20 25.78
N GLN D 143 18.85 12.18 25.35
CA GLN D 143 20.19 11.92 25.84
C GLN D 143 21.26 12.26 24.82
N ALA D 144 20.89 12.52 23.57
CA ALA D 144 21.86 12.89 22.55
C ALA D 144 21.11 13.55 21.40
N ILE D 145 21.52 14.77 21.04
CA ILE D 145 20.78 15.58 20.09
C ILE D 145 21.77 16.25 19.14
N HIS D 146 21.57 16.04 17.85
CA HIS D 146 22.48 16.61 16.86
C HIS D 146 21.84 17.61 15.92
N GLU D 147 20.76 17.24 15.25
CA GLU D 147 20.29 17.99 14.11
C GLU D 147 18.84 18.34 14.28
N LEU D 148 18.45 19.48 13.71
CA LEU D 148 17.12 20.04 13.96
C LEU D 148 16.53 20.56 12.66
N LEU D 149 15.30 20.16 12.37
CA LEU D 149 14.56 20.68 11.23
C LEU D 149 13.16 21.09 11.66
N VAL D 150 12.75 22.29 11.25
CA VAL D 150 11.51 22.89 11.70
C VAL D 150 10.72 23.38 10.49
N ARG D 151 9.43 23.64 10.70
CA ARG D 151 8.54 23.81 9.55
C ARG D 151 7.26 24.53 9.95
N MET D 152 6.78 25.37 9.03
CA MET D 152 5.66 26.27 9.25
C MET D 152 4.52 25.87 8.32
N LYS D 153 3.30 25.83 8.85
CA LYS D 153 2.15 25.28 8.14
C LYS D 153 1.08 26.35 7.99
N ARG D 154 0.56 26.49 6.77
CA ARG D 154 -0.63 27.30 6.51
C ARG D 154 -0.49 28.70 7.07
N ALA D 155 0.73 29.10 7.35
CA ALA D 155 0.98 30.25 8.21
C ALA D 155 0.36 31.51 7.64
N GLU D 156 0.19 32.50 8.53
CA GLU D 156 -0.17 33.84 8.11
C GLU D 156 0.57 34.84 8.98
N LEU D 157 0.65 36.06 8.48
CA LEU D 157 1.50 37.10 9.02
C LEU D 157 0.70 38.38 9.11
N TYR D 158 1.10 39.29 9.99
CA TYR D 158 0.30 40.48 10.19
C TYR D 158 1.17 41.69 10.51
N CYS D 159 0.85 42.84 9.86
CA CYS D 159 1.64 44.08 9.90
C CYS D 159 3.09 43.83 9.55
N PRO D 160 3.41 43.67 8.30
CA PRO D 160 4.81 43.45 7.92
C PRO D 160 5.71 44.51 8.52
N ARG D 161 6.99 44.21 8.71
CA ARG D 161 7.85 45.16 9.38
C ARG D 161 8.98 45.58 8.45
N PRO D 162 9.86 46.50 8.86
CA PRO D 162 10.96 46.88 7.97
C PRO D 162 11.79 45.71 7.49
N LEU D 163 12.67 45.92 6.53
CA LEU D 163 13.51 44.82 6.05
C LEU D 163 14.70 45.39 5.31
N LEU D 164 15.82 44.70 5.43
CA LEU D 164 17.06 45.16 4.83
C LEU D 164 17.54 44.18 3.77
N ALA D 165 18.47 44.65 2.96
CA ALA D 165 19.20 43.83 2.02
C ALA D 165 20.66 43.85 2.41
N ILE D 166 21.49 43.24 1.57
CA ILE D 166 22.92 43.34 1.79
C ILE D 166 23.35 44.79 1.61
N LYS D 167 24.42 45.17 2.29
CA LYS D 167 24.87 46.55 2.27
C LYS D 167 25.80 46.79 1.08
N VAL D 168 25.84 48.03 0.63
CA VAL D 168 26.62 48.40 -0.54
C VAL D 168 27.93 49.01 -0.10
N THR D 169 29.04 48.49 -0.61
CA THR D 169 30.35 49.02 -0.28
C THR D 169 31.09 49.58 -1.49
N SER D 170 31.19 48.81 -2.57
CA SER D 170 32.00 49.23 -3.70
C SER D 170 31.25 50.21 -4.58
N GLN D 171 31.77 50.43 -5.79
CA GLN D 171 31.28 51.51 -6.63
C GLN D 171 29.98 51.17 -7.35
N ASP D 172 30.01 50.19 -8.25
CA ASP D 172 29.13 50.33 -9.40
C ASP D 172 27.66 50.07 -9.11
N ARG D 173 27.29 48.80 -9.02
CA ARG D 173 25.93 48.47 -8.64
C ARG D 173 25.99 47.46 -7.52
N TYR D 174 26.65 46.35 -7.80
CA TYR D 174 27.09 45.29 -6.90
C TYR D 174 27.76 44.27 -7.79
N LYS D 175 28.61 43.45 -7.20
CA LYS D 175 29.27 42.41 -7.96
C LYS D 175 29.15 41.08 -7.23
N GLN D 176 29.10 40.01 -7.99
CA GLN D 176 28.92 38.71 -7.35
C GLN D 176 29.22 37.61 -8.36
N LYS D 177 29.79 36.53 -7.88
CA LYS D 177 30.13 35.41 -8.74
C LYS D 177 28.87 34.65 -9.13
N ILE D 178 28.92 34.00 -10.30
CA ILE D 178 27.79 33.26 -10.83
C ILE D 178 28.28 31.91 -11.34
N ILE D 179 27.49 30.87 -11.12
CA ILE D 179 27.89 29.56 -11.59
C ILE D 179 27.71 29.49 -13.10
N ALA D 180 28.45 28.59 -13.72
CA ALA D 180 28.42 28.38 -15.17
C ALA D 180 29.22 27.14 -15.52
N PRO D 181 28.87 26.47 -16.58
CA PRO D 181 29.63 25.28 -16.98
C PRO D 181 30.95 25.64 -17.62
N ALA D 182 31.64 24.65 -18.16
CA ALA D 182 32.92 24.87 -18.82
C ALA D 182 32.93 24.25 -20.21
N SER E 1 -8.64 69.67 2.73
CA SER E 1 -7.69 68.73 3.31
C SER E 1 -7.61 67.46 2.48
N VAL E 2 -6.57 66.67 2.70
CA VAL E 2 -6.50 65.36 2.08
C VAL E 2 -7.57 64.45 2.67
N GLY E 3 -8.07 64.76 3.86
CA GLY E 3 -9.11 63.97 4.49
C GLY E 3 -8.54 62.76 5.21
N VAL E 4 -9.44 62.09 5.94
CA VAL E 4 -9.07 60.93 6.75
C VAL E 4 -8.37 59.89 5.89
N THR E 5 -7.34 59.26 6.44
CA THR E 5 -6.74 58.08 5.85
C THR E 5 -6.65 57.02 6.92
N TYR E 6 -7.23 55.87 6.65
CA TYR E 6 -7.43 54.86 7.67
C TYR E 6 -6.25 53.90 7.73
N GLY E 7 -6.08 53.31 8.91
CA GLY E 7 -5.14 52.23 9.08
C GLY E 7 -5.78 50.86 8.96
N TYR E 8 -5.65 50.26 7.79
CA TYR E 8 -5.94 48.87 7.48
C TYR E 8 -7.42 48.60 7.25
N SER E 9 -8.31 49.55 7.48
CA SER E 9 -9.74 49.26 7.41
C SER E 9 -10.50 50.56 7.66
N THR E 10 -11.78 50.56 7.26
CA THR E 10 -12.65 51.69 7.55
C THR E 10 -14.07 51.16 7.75
N GLU E 11 -14.53 51.18 9.00
CA GLU E 11 -15.76 50.48 9.32
C GLU E 11 -16.18 50.81 10.75
N GLU E 12 -17.49 50.84 10.97
CA GLU E 12 -18.04 50.84 12.32
C GLU E 12 -17.83 49.47 12.96
N ASP E 13 -17.54 49.46 14.26
CA ASP E 13 -17.03 48.27 14.92
C ASP E 13 -18.05 47.65 15.88
N HIS E 14 -17.79 46.38 16.18
CA HIS E 14 -18.35 45.73 17.34
C HIS E 14 -18.16 46.60 18.58
N VAL E 15 -19.22 46.77 19.35
CA VAL E 15 -19.15 47.60 20.55
C VAL E 15 -19.62 46.89 21.81
N ALA E 16 -20.46 45.85 21.73
CA ALA E 16 -21.02 45.20 22.91
C ALA E 16 -20.83 43.69 22.79
N GLY E 17 -20.31 43.07 23.84
CA GLY E 17 -20.00 41.66 23.77
C GLY E 17 -20.10 40.91 25.08
N PRO E 18 -19.21 39.93 25.25
CA PRO E 18 -19.36 38.92 26.31
C PRO E 18 -19.07 39.43 27.71
N ASN E 19 -18.95 38.48 28.65
CA ASN E 19 -18.86 38.74 30.07
C ASN E 19 -18.02 39.96 30.41
N THR E 20 -16.76 39.96 30.02
CA THR E 20 -15.93 41.13 30.29
C THR E 20 -16.42 42.34 29.51
N SER E 21 -16.75 42.16 28.23
CA SER E 21 -17.35 43.25 27.47
C SER E 21 -18.63 43.71 28.14
N GLY E 22 -19.45 42.76 28.59
CA GLY E 22 -20.58 43.11 29.44
C GLY E 22 -20.14 43.79 30.72
N LEU E 23 -18.98 43.38 31.26
CA LEU E 23 -18.46 43.98 32.48
C LEU E 23 -17.63 45.22 32.19
N GLU E 24 -17.17 45.40 30.96
CA GLU E 24 -16.22 46.44 30.57
C GLU E 24 -16.72 47.18 29.34
N THR E 25 -17.98 47.63 29.41
CA THR E 25 -18.71 48.20 28.30
C THR E 25 -18.11 49.49 27.78
N ARG E 26 -18.73 50.05 26.75
CA ARG E 26 -18.25 51.25 26.09
C ARG E 26 -18.57 52.45 26.96
N VAL E 27 -17.64 52.79 27.84
CA VAL E 27 -17.77 53.96 28.70
C VAL E 27 -17.40 55.20 27.88
N VAL E 28 -18.39 55.78 27.22
CA VAL E 28 -18.12 56.77 26.19
C VAL E 28 -17.51 58.03 26.78
N GLN E 29 -17.97 58.44 27.95
CA GLN E 29 -17.47 59.67 28.53
C GLN E 29 -16.01 59.55 28.96
N ALA E 30 -15.39 58.40 28.74
CA ALA E 30 -13.96 58.28 28.99
C ALA E 30 -13.12 58.97 27.92
N GLU E 31 -13.76 59.67 26.99
CA GLU E 31 -13.12 60.14 25.78
C GLU E 31 -12.94 61.65 25.81
N ARG E 32 -11.75 62.13 25.47
CA ARG E 32 -11.56 63.57 25.37
C ARG E 32 -10.22 63.86 24.73
N PHE E 33 -10.21 64.80 23.78
CA PHE E 33 -8.97 65.27 23.20
C PHE E 33 -8.09 65.93 24.27
N PHE E 34 -6.85 66.19 23.88
CA PHE E 34 -5.94 67.12 24.56
C PHE E 34 -4.73 67.27 23.67
N LYS E 35 -3.71 67.99 24.14
CA LYS E 35 -2.54 68.27 23.32
C LYS E 35 -1.27 67.87 24.02
N LYS E 36 -0.35 67.34 23.21
CA LYS E 36 0.98 66.96 23.64
C LYS E 36 2.00 67.79 22.88
N PHE E 37 3.12 68.08 23.53
CA PHE E 37 4.25 68.66 22.84
C PHE E 37 4.97 67.58 22.04
N LEU E 38 5.40 67.94 20.84
CA LEU E 38 6.04 66.96 19.98
C LEU E 38 7.55 67.12 19.94
N PHE E 39 8.03 68.26 19.45
CA PHE E 39 9.46 68.48 19.23
C PHE E 39 9.62 69.86 18.60
N ASP E 40 10.87 70.27 18.44
CA ASP E 40 11.21 71.46 17.70
C ASP E 40 11.81 71.09 16.36
N TRP E 41 11.78 72.05 15.43
CA TRP E 41 12.16 71.77 14.06
C TRP E 41 12.58 73.07 13.38
N THR E 42 13.88 73.30 13.29
CA THR E 42 14.40 74.47 12.60
C THR E 42 15.35 74.00 11.52
N THR E 43 16.05 74.96 10.91
CA THR E 43 16.96 74.65 9.82
C THR E 43 18.11 73.81 10.30
N ASP E 44 18.13 73.53 11.59
CA ASP E 44 19.23 72.77 12.17
C ASP E 44 19.20 71.32 11.72
N LYS E 45 18.15 70.59 12.07
CA LYS E 45 18.19 69.15 12.04
C LYS E 45 18.45 68.63 10.63
N PRO E 46 19.54 67.97 10.39
CA PRO E 46 19.71 67.26 9.13
C PRO E 46 18.85 66.02 9.10
N PHE E 47 18.98 65.22 8.05
CA PHE E 47 18.11 64.06 7.92
C PHE E 47 18.47 62.99 8.93
N GLY E 48 17.47 62.18 9.26
CA GLY E 48 17.65 61.11 10.21
C GLY E 48 17.37 61.49 11.64
N TYR E 49 17.05 62.76 11.91
CA TYR E 49 16.86 63.20 13.28
C TYR E 49 15.58 62.60 13.83
N LEU E 50 15.70 61.47 14.49
CA LEU E 50 14.53 60.82 15.01
C LEU E 50 14.04 61.57 16.24
N THR E 51 12.76 61.40 16.54
CA THR E 51 12.21 61.84 17.81
C THR E 51 10.99 60.99 18.08
N LYS E 52 11.03 60.22 19.16
CA LYS E 52 9.98 59.27 19.44
C LYS E 52 9.14 59.72 20.62
N LEU E 53 7.96 59.15 20.71
CA LEU E 53 7.03 59.44 21.79
C LEU E 53 6.29 58.15 22.11
N GLU E 54 6.61 57.55 23.25
CA GLU E 54 5.87 56.40 23.71
C GLU E 54 4.45 56.81 24.07
N LEU E 55 3.57 55.82 24.17
CA LEU E 55 2.16 56.05 24.46
C LEU E 55 1.68 55.07 25.51
N PRO E 56 0.63 55.42 26.24
CA PRO E 56 0.17 56.80 26.30
C PRO E 56 0.64 57.44 27.58
N THR E 57 0.98 58.72 27.53
CA THR E 57 1.41 59.41 28.75
C THR E 57 0.27 59.44 29.75
N ASP E 58 0.64 59.69 31.00
CA ASP E 58 -0.38 59.95 32.00
C ASP E 58 -1.21 61.16 31.57
N HIS E 59 -2.38 61.29 32.15
CA HIS E 59 -3.26 62.38 31.76
C HIS E 59 -4.37 62.58 32.78
N HIS E 60 -4.61 63.82 33.19
CA HIS E 60 -5.69 64.08 34.14
C HIS E 60 -7.02 64.01 33.41
N GLY E 61 -7.39 62.77 33.07
CA GLY E 61 -8.67 62.50 32.46
C GLY E 61 -9.28 61.25 33.03
N VAL E 62 -10.60 61.13 32.88
CA VAL E 62 -11.30 59.93 33.31
C VAL E 62 -10.63 58.70 32.71
N PHE E 63 -10.29 58.79 31.42
CA PHE E 63 -9.37 57.83 30.82
C PHE E 63 -8.13 57.70 31.67
N GLY E 64 -7.45 58.83 31.91
CA GLY E 64 -6.25 58.80 32.71
C GLY E 64 -6.47 58.20 34.08
N HIS E 65 -7.65 58.39 34.65
CA HIS E 65 -7.92 57.76 35.94
C HIS E 65 -7.87 56.24 35.81
N LEU E 66 -8.50 55.70 34.77
CA LEU E 66 -8.54 54.25 34.62
C LEU E 66 -7.22 53.68 34.15
N VAL E 67 -6.45 54.44 33.36
CA VAL E 67 -5.20 53.90 32.90
C VAL E 67 -4.23 53.68 34.04
N ASP E 68 -4.53 54.21 35.21
CA ASP E 68 -3.87 53.79 36.42
C ASP E 68 -4.59 52.66 37.12
N SER E 69 -5.89 52.48 36.84
CA SER E 69 -6.65 51.44 37.50
C SER E 69 -6.05 50.06 37.31
N TYR E 70 -5.06 49.92 36.43
CA TYR E 70 -4.16 48.78 36.47
C TYR E 70 -4.95 47.49 36.28
N ALA E 71 -5.57 47.36 35.10
CA ALA E 71 -6.53 46.30 34.88
C ALA E 71 -6.54 45.90 33.41
N TYR E 72 -7.01 44.68 33.16
CA TYR E 72 -7.37 44.28 31.80
C TYR E 72 -8.18 45.36 31.12
N MET E 73 -7.74 45.80 29.93
CA MET E 73 -8.46 46.80 29.16
C MET E 73 -8.12 46.67 27.69
N ARG E 74 -8.89 47.40 26.87
CA ARG E 74 -8.64 47.59 25.44
C ARG E 74 -8.88 49.06 25.14
N ASN E 75 -8.64 49.47 23.89
CA ASN E 75 -8.79 50.89 23.57
C ASN E 75 -8.79 51.08 22.05
N GLY E 76 -9.00 52.32 21.66
CA GLY E 76 -8.73 52.79 20.31
C GLY E 76 -7.77 53.96 20.33
N TRP E 77 -7.49 54.47 19.14
CA TRP E 77 -6.49 55.51 18.98
C TRP E 77 -6.79 56.32 17.74
N ASP E 78 -6.91 57.64 17.90
CA ASP E 78 -7.16 58.54 16.80
C ASP E 78 -6.11 59.64 16.82
N VAL E 79 -5.42 59.81 15.70
CA VAL E 79 -4.28 60.72 15.61
C VAL E 79 -4.62 61.83 14.63
N GLU E 80 -4.32 63.06 15.02
CA GLU E 80 -4.50 64.21 14.15
C GLU E 80 -3.36 65.19 14.41
N VAL E 81 -2.42 65.27 13.48
CA VAL E 81 -1.17 65.98 13.64
C VAL E 81 -1.18 67.20 12.73
N SER E 82 -0.50 68.26 13.15
CA SER E 82 -0.33 69.43 12.31
C SER E 82 0.79 70.29 12.87
N ALA E 83 1.16 71.30 12.10
CA ALA E 83 2.11 72.31 12.56
C ALA E 83 1.88 73.56 11.73
N VAL E 84 1.32 74.60 12.34
CA VAL E 84 1.01 75.81 11.61
C VAL E 84 2.29 76.46 11.12
N GLY E 85 2.26 76.96 9.89
CA GLY E 85 3.39 77.65 9.30
C GLY E 85 2.97 78.83 8.44
N ASN E 86 3.48 78.88 7.22
CA ASN E 86 3.13 79.90 6.26
C ASN E 86 3.73 79.54 4.90
N GLN E 87 3.02 79.89 3.83
CA GLN E 87 3.22 79.23 2.54
C GLN E 87 4.58 79.48 1.94
N PHE E 88 5.47 80.18 2.61
CA PHE E 88 6.81 80.39 2.09
C PHE E 88 7.83 79.42 2.65
N ASN E 89 7.40 78.45 3.44
CA ASN E 89 8.34 77.47 3.97
C ASN E 89 8.70 76.49 2.86
N GLY E 90 9.40 75.43 3.23
CA GLY E 90 9.62 74.34 2.28
C GLY E 90 10.31 73.15 2.91
N GLY E 91 9.85 71.97 2.56
CA GLY E 91 10.49 70.74 3.05
C GLY E 91 9.51 69.58 3.03
N CYS E 92 9.82 68.59 3.87
CA CYS E 92 8.98 67.40 3.97
C CYS E 92 9.32 66.68 5.26
N LEU E 93 8.36 66.58 6.16
CA LEU E 93 8.47 65.81 7.38
C LEU E 93 7.63 64.54 7.26
N LEU E 94 7.94 63.56 8.11
CA LEU E 94 7.29 62.26 8.03
C LEU E 94 6.65 61.91 9.37
N VAL E 95 5.35 61.64 9.33
CA VAL E 95 4.60 61.24 10.52
C VAL E 95 4.39 59.74 10.43
N ALA E 96 4.33 59.07 11.59
CA ALA E 96 4.46 57.63 11.58
C ALA E 96 3.64 56.96 12.67
N MET E 97 2.96 55.89 12.30
CA MET E 97 2.18 55.06 13.20
C MET E 97 2.85 53.70 13.28
N VAL E 98 3.48 53.39 14.42
CA VAL E 98 4.41 52.28 14.54
C VAL E 98 3.81 51.21 15.43
N PRO E 99 3.68 50.01 14.96
CA PRO E 99 3.32 48.90 15.84
C PRO E 99 4.55 48.24 16.42
N GLU E 100 4.57 48.03 17.73
CA GLU E 100 5.71 47.39 18.39
C GLU E 100 7.02 48.09 18.04
N TRP E 101 7.12 49.32 18.52
CA TRP E 101 8.28 50.13 18.21
C TRP E 101 9.55 49.53 18.77
N LYS E 102 10.62 49.62 17.98
CA LYS E 102 11.94 49.23 18.41
C LYS E 102 12.92 50.30 17.99
N ALA E 103 14.03 50.39 18.72
CA ALA E 103 15.11 51.30 18.37
C ALA E 103 15.62 50.97 16.98
N PHE E 104 15.48 51.92 16.06
CA PHE E 104 15.88 51.67 14.68
C PHE E 104 17.39 51.80 14.53
N ASP E 105 17.84 51.74 13.28
CA ASP E 105 19.24 51.96 12.95
C ASP E 105 19.31 52.63 11.58
N THR E 106 20.43 53.31 11.36
CA THR E 106 20.58 54.21 10.21
C THR E 106 20.00 53.64 8.93
N ARG E 107 20.46 52.45 8.53
CA ARG E 107 20.08 51.93 7.23
C ARG E 107 18.58 51.83 7.10
N GLU E 108 17.91 51.27 8.11
CA GLU E 108 16.49 51.03 7.95
C GLU E 108 15.67 52.31 7.93
N LYS E 109 16.25 53.43 8.37
CA LYS E 109 15.56 54.72 8.28
C LYS E 109 14.82 54.84 6.97
N TYR E 110 15.54 54.64 5.87
CA TYR E 110 14.97 54.82 4.55
C TYR E 110 13.70 54.01 4.38
N GLN E 111 13.52 52.96 5.16
CA GLN E 111 12.21 52.35 5.29
C GLN E 111 11.53 52.97 6.47
N LEU E 112 10.51 53.72 6.22
CA LEU E 112 9.52 53.96 7.25
C LEU E 112 8.12 53.69 6.75
N THR E 113 7.87 54.03 5.55
CA THR E 113 6.51 54.22 5.11
C THR E 113 5.79 52.94 4.95
N LEU E 114 6.38 51.81 5.35
CA LEU E 114 5.58 50.60 5.47
C LEU E 114 4.31 50.90 6.23
N PHE E 115 4.44 51.62 7.32
CA PHE E 115 3.32 51.84 8.19
C PHE E 115 2.35 52.81 7.54
N PRO E 116 1.13 52.90 8.05
CA PRO E 116 0.25 53.99 7.64
C PRO E 116 0.82 55.33 8.09
N HIS E 117 0.46 56.36 7.35
CA HIS E 117 1.28 57.56 7.29
C HIS E 117 0.60 58.61 6.42
N GLN E 118 1.20 59.80 6.40
CA GLN E 118 0.86 60.85 5.46
C GLN E 118 2.16 61.58 5.10
N PHE E 119 2.04 62.73 4.46
CA PHE E 119 3.18 63.60 4.21
C PHE E 119 3.00 64.92 4.94
N ILE E 120 4.12 65.58 5.22
CA ILE E 120 4.15 66.81 6.01
C ILE E 120 4.91 67.85 5.21
N SER E 121 4.19 68.74 4.56
CA SER E 121 4.83 69.88 3.90
C SER E 121 3.80 70.99 3.77
N PRO E 122 4.16 72.22 4.07
CA PRO E 122 3.16 73.27 4.21
C PRO E 122 2.26 73.45 3.00
N ARG E 123 2.54 72.78 1.89
CA ARG E 123 1.66 72.92 0.74
C ARG E 123 0.46 71.97 0.83
N THR E 124 0.72 70.67 0.81
CA THR E 124 -0.36 69.70 0.63
C THR E 124 -1.23 69.61 1.88
N ASN E 125 -0.64 69.21 2.99
CA ASN E 125 -1.41 69.08 4.21
C ASN E 125 -1.32 70.34 5.05
N MET E 126 -2.32 70.51 5.89
CA MET E 126 -2.17 71.31 7.09
C MET E 126 -2.72 70.56 8.29
N THR E 127 -3.22 69.34 8.09
CA THR E 127 -3.91 68.60 9.15
C THR E 127 -3.72 67.12 8.86
N ALA E 128 -2.75 66.51 9.52
CA ALA E 128 -2.69 65.06 9.50
C ALA E 128 -3.87 64.50 10.27
N HIS E 129 -4.28 63.27 9.92
CA HIS E 129 -5.46 62.70 10.55
C HIS E 129 -5.42 61.20 10.31
N ILE E 130 -5.22 60.42 11.36
CA ILE E 130 -4.96 58.99 11.23
C ILE E 130 -5.50 58.25 12.45
N THR E 131 -6.04 57.05 12.22
CA THR E 131 -6.62 56.22 13.27
C THR E 131 -6.17 54.77 13.12
N VAL E 132 -5.75 54.19 14.24
CA VAL E 132 -5.39 52.79 14.31
C VAL E 132 -6.52 52.06 15.04
N PRO E 133 -7.08 51.01 14.45
CA PRO E 133 -7.96 50.14 15.22
C PRO E 133 -7.13 49.27 16.13
N TYR E 134 -7.77 48.85 17.22
CA TYR E 134 -7.04 48.20 18.28
C TYR E 134 -6.32 46.96 17.79
N LEU E 135 -5.33 46.53 18.56
CA LEU E 135 -4.80 45.19 18.47
C LEU E 135 -3.98 44.94 19.71
N GLY E 136 -3.40 43.75 19.79
CA GLY E 136 -2.55 43.37 20.89
C GLY E 136 -2.50 41.87 21.05
N VAL E 137 -1.66 41.44 21.98
CA VAL E 137 -1.48 40.01 22.19
C VAL E 137 -2.74 39.40 22.79
N ASN E 138 -3.11 39.81 24.00
CA ASN E 138 -4.38 39.36 24.52
C ASN E 138 -5.52 40.00 23.76
N ARG E 139 -6.72 39.48 24.03
CA ARG E 139 -7.92 40.19 23.65
C ARG E 139 -8.02 41.53 24.32
N TYR E 140 -7.23 41.78 25.35
CA TYR E 140 -7.26 43.02 26.08
C TYR E 140 -5.83 43.36 26.45
N ASP E 141 -5.65 44.31 27.35
CA ASP E 141 -4.30 44.65 27.76
C ASP E 141 -4.29 45.30 29.12
N GLN E 142 -3.11 45.31 29.72
CA GLN E 142 -2.80 46.03 30.95
C GLN E 142 -1.53 46.81 30.69
N TYR E 143 -1.65 48.14 30.61
CA TYR E 143 -0.58 48.96 30.07
C TYR E 143 0.74 48.85 30.78
N LYS E 144 0.80 49.27 32.04
CA LYS E 144 2.05 49.64 32.69
C LYS E 144 3.21 48.78 32.28
N LYS E 145 2.98 47.47 32.17
CA LYS E 145 4.06 46.57 31.79
C LYS E 145 4.41 46.65 30.31
N HIS E 146 3.62 47.34 29.50
CA HIS E 146 3.79 47.23 28.06
C HIS E 146 3.23 48.45 27.35
N LYS E 147 3.63 48.61 26.09
CA LYS E 147 3.10 49.65 25.22
C LYS E 147 2.88 49.09 23.83
N PRO E 148 1.64 48.89 23.41
CA PRO E 148 1.39 48.38 22.06
C PRO E 148 1.57 49.42 20.97
N TRP E 149 1.74 50.69 21.30
CA TRP E 149 1.82 51.67 20.24
C TRP E 149 2.73 52.83 20.62
N THR E 150 3.06 53.61 19.60
CA THR E 150 3.79 54.84 19.80
C THR E 150 3.60 55.72 18.57
N LEU E 151 3.86 57.00 18.77
CA LEU E 151 3.57 58.03 17.79
C LEU E 151 4.89 58.72 17.49
N VAL E 152 5.45 58.48 16.31
CA VAL E 152 6.80 58.94 16.04
C VAL E 152 6.83 59.77 14.77
N VAL E 153 7.73 60.74 14.76
CA VAL E 153 7.99 61.60 13.62
C VAL E 153 9.50 61.72 13.48
N MET E 154 9.96 61.84 12.24
CA MET E 154 11.38 62.04 11.98
C MET E 154 11.52 62.81 10.68
N VAL E 155 12.70 63.39 10.49
CA VAL E 155 13.00 64.15 9.30
C VAL E 155 12.66 63.36 8.06
N LEU E 156 12.11 64.03 7.06
CA LEU E 156 12.07 63.48 5.73
C LEU E 156 12.57 64.45 4.68
N SER E 157 12.77 65.71 5.03
CA SER E 157 13.43 66.67 4.16
C SER E 157 14.02 67.79 4.99
N PRO E 158 15.19 68.28 4.61
CA PRO E 158 15.71 69.48 5.26
C PRO E 158 14.73 70.62 5.09
N LEU E 159 14.75 71.54 6.03
CA LEU E 159 13.77 72.61 6.09
C LEU E 159 14.36 73.90 5.58
N THR E 160 13.58 74.63 4.78
CA THR E 160 14.03 75.85 4.13
C THR E 160 13.37 77.06 4.75
N VAL E 161 14.07 78.20 4.64
CA VAL E 161 13.56 79.47 5.13
C VAL E 161 13.99 80.58 4.19
N SER E 162 13.12 81.57 4.04
CA SER E 162 13.45 82.86 3.46
C SER E 162 13.19 83.93 4.51
N ASN E 163 13.26 85.19 4.11
CA ASN E 163 12.98 86.26 5.05
C ASN E 163 11.50 86.32 5.41
N THR E 164 10.63 85.86 4.51
CA THR E 164 9.20 86.07 4.69
C THR E 164 8.59 85.16 5.75
N ALA E 165 9.23 84.04 6.05
CA ALA E 165 8.61 83.01 6.89
C ALA E 165 8.95 83.23 8.36
N ALA E 166 8.65 82.23 9.19
CA ALA E 166 9.00 82.24 10.59
C ALA E 166 10.14 81.26 10.83
N PRO E 167 11.28 81.71 11.35
CA PRO E 167 12.45 80.84 11.43
C PRO E 167 12.30 79.69 12.40
N GLN E 168 11.20 79.59 13.12
CA GLN E 168 10.94 78.45 13.97
C GLN E 168 9.49 78.06 13.84
N ILE E 169 9.22 76.76 13.99
CA ILE E 169 7.87 76.25 13.97
C ILE E 169 7.74 75.21 15.08
N LYS E 170 6.64 75.27 15.80
CA LYS E 170 6.30 74.21 16.72
C LYS E 170 5.35 73.25 16.03
N VAL E 171 5.31 72.01 16.51
CA VAL E 171 4.51 70.97 15.90
C VAL E 171 3.62 70.37 16.96
N TYR E 172 2.32 70.43 16.74
CA TYR E 172 1.39 69.82 17.67
C TYR E 172 0.82 68.55 17.04
N ALA E 173 -0.06 67.90 17.79
CA ALA E 173 -0.77 66.73 17.32
C ALA E 173 -1.97 66.51 18.22
N ASN E 174 -2.86 65.62 17.81
CA ASN E 174 -4.06 65.36 18.57
C ASN E 174 -4.13 63.89 18.95
N ILE E 175 -4.29 63.64 20.24
CA ILE E 175 -4.24 62.31 20.80
C ILE E 175 -5.45 62.14 21.69
N ALA E 176 -6.30 61.19 21.35
CA ALA E 176 -7.37 60.78 22.25
C ALA E 176 -7.85 59.41 21.84
N PRO E 177 -7.92 58.48 22.78
CA PRO E 177 -8.43 57.16 22.45
C PRO E 177 -9.90 57.23 22.09
N THR E 178 -10.36 56.20 21.39
CA THR E 178 -11.76 56.05 21.08
C THR E 178 -12.17 54.60 21.34
N TYR E 179 -13.46 54.35 21.18
CA TYR E 179 -13.98 52.99 21.18
C TYR E 179 -13.60 52.25 22.45
N VAL E 180 -13.49 52.96 23.56
CA VAL E 180 -12.89 52.37 24.74
C VAL E 180 -13.79 51.29 25.30
N HIS E 181 -13.20 50.15 25.64
CA HIS E 181 -13.76 49.20 26.56
C HIS E 181 -12.72 48.91 27.62
N VAL E 182 -13.16 48.75 28.85
CA VAL E 182 -12.21 48.70 29.94
C VAL E 182 -11.90 47.27 30.34
N GLY F 1 -3.66 -14.04 2.44
CA GLY F 1 -4.35 -13.06 1.62
C GLY F 1 -3.64 -11.73 1.49
N ILE F 2 -2.31 -11.80 1.38
CA ILE F 2 -1.52 -10.58 1.33
C ILE F 2 -1.82 -9.84 0.04
N PHE F 3 -1.84 -8.54 0.12
CA PHE F 3 -1.80 -7.78 -1.12
C PHE F 3 -0.37 -7.72 -1.63
N PRO F 4 -0.16 -7.82 -2.93
CA PRO F 4 1.19 -7.74 -3.45
C PRO F 4 1.96 -6.54 -2.94
N VAL F 5 3.04 -6.80 -2.21
CA VAL F 5 3.79 -5.74 -1.57
C VAL F 5 4.73 -5.16 -2.63
N ALA F 6 4.21 -4.26 -3.46
CA ALA F 6 4.98 -3.70 -4.55
C ALA F 6 5.97 -2.70 -3.96
N CYS F 7 7.00 -3.25 -3.31
CA CYS F 7 7.90 -2.46 -2.49
C CYS F 7 8.54 -1.34 -3.30
N ALA F 8 9.12 -0.39 -2.60
CA ALA F 8 9.74 0.74 -3.26
C ALA F 8 11.23 0.45 -3.51
N ASP F 9 11.63 0.57 -4.77
CA ASP F 9 13.04 0.53 -5.16
C ASP F 9 13.56 1.96 -5.20
N GLY F 10 14.10 2.43 -4.07
CA GLY F 10 14.92 3.62 -4.12
C GLY F 10 14.21 4.91 -4.47
N TYR F 11 13.33 5.38 -3.60
CA TYR F 11 12.71 6.68 -3.74
C TYR F 11 12.47 7.25 -2.35
N GLY F 12 11.65 8.28 -2.27
CA GLY F 12 11.19 8.72 -0.97
C GLY F 12 12.30 9.31 -0.14
N GLY F 13 12.83 10.44 -0.59
CA GLY F 13 13.91 11.08 0.14
C GLY F 13 13.39 12.12 1.09
N LEU F 14 13.90 12.09 2.32
CA LEU F 14 13.62 13.17 3.23
C LEU F 14 14.36 14.38 2.70
N VAL F 15 13.65 15.21 1.95
CA VAL F 15 14.30 16.34 1.31
C VAL F 15 13.44 17.58 1.46
N THR F 16 13.85 18.64 0.78
CA THR F 16 13.44 19.98 1.17
C THR F 16 12.03 20.33 0.70
N THR F 17 11.82 20.41 -0.61
CA THR F 17 10.64 21.08 -1.17
C THR F 17 9.34 20.37 -0.85
N ASP F 18 9.44 19.26 -0.14
CA ASP F 18 8.42 18.24 -0.22
C ASP F 18 7.07 18.75 0.27
N PRO F 19 5.98 18.19 -0.23
CA PRO F 19 4.64 18.53 0.27
C PRO F 19 4.07 17.55 1.29
N LYS F 20 4.84 16.55 1.70
CA LYS F 20 4.29 15.55 2.58
C LYS F 20 4.07 16.11 3.99
N THR F 21 3.17 15.47 4.72
CA THR F 21 2.65 15.99 5.99
C THR F 21 2.96 15.02 7.13
N ALA F 22 2.37 15.27 8.30
CA ALA F 22 2.69 14.49 9.48
C ALA F 22 1.45 14.10 10.29
N ASP F 23 1.66 13.57 11.50
CA ASP F 23 0.58 13.06 12.34
C ASP F 23 0.45 13.90 13.60
N PRO F 24 -0.70 14.52 13.83
CA PRO F 24 -0.91 15.22 15.09
C PRO F 24 -0.78 14.26 16.25
N VAL F 25 -0.27 14.75 17.37
CA VAL F 25 0.02 13.85 18.47
C VAL F 25 -0.70 14.22 19.76
N TYR F 26 -0.36 15.37 20.36
CA TYR F 26 -1.20 15.86 21.44
C TYR F 26 -2.26 16.69 20.76
N GLY F 27 -2.91 16.11 19.77
CA GLY F 27 -3.62 16.86 18.75
C GLY F 27 -5.06 17.09 19.06
N LYS F 28 -5.83 17.33 18.01
CA LYS F 28 -7.26 17.60 18.10
C LYS F 28 -7.53 18.74 19.06
N VAL F 29 -7.05 19.92 18.66
CA VAL F 29 -7.09 21.08 19.51
C VAL F 29 -7.56 22.26 18.68
N TYR F 30 -8.56 22.98 19.17
CA TYR F 30 -9.06 24.12 18.42
C TYR F 30 -8.24 25.36 18.73
N ASN F 31 -8.64 26.47 18.13
CA ASN F 31 -8.17 27.80 18.49
C ASN F 31 -9.27 28.77 18.17
N PRO F 32 -9.36 29.87 18.88
CA PRO F 32 -10.35 30.89 18.55
C PRO F 32 -10.05 31.46 17.18
N PRO F 33 -10.98 31.33 16.23
CA PRO F 33 -10.69 31.70 14.85
C PRO F 33 -10.20 33.14 14.76
N LYS F 34 -9.12 33.33 14.03
CA LYS F 34 -8.40 34.58 13.99
C LYS F 34 -8.90 35.52 12.91
N THR F 35 -10.13 35.35 12.46
CA THR F 35 -10.68 36.28 11.49
C THR F 35 -10.96 37.61 12.17
N ASN F 36 -11.15 38.64 11.35
CA ASN F 36 -11.58 39.96 11.79
C ASN F 36 -10.42 40.67 12.47
N TYR F 37 -9.32 39.98 12.61
CA TYR F 37 -8.13 40.66 13.09
C TYR F 37 -7.60 41.52 11.96
N PRO F 38 -7.09 42.67 12.27
CA PRO F 38 -6.63 43.55 11.19
C PRO F 38 -5.29 43.11 10.65
N GLY F 39 -4.71 43.90 9.76
CA GLY F 39 -3.38 43.65 9.27
C GLY F 39 -3.19 42.38 8.48
N ARG F 40 -4.26 41.83 7.92
CA ARG F 40 -4.10 40.64 7.13
C ARG F 40 -3.47 40.99 5.79
N PHE F 41 -2.72 40.04 5.25
CA PHE F 41 -2.18 40.19 3.91
C PHE F 41 -1.76 38.82 3.43
N THR F 42 -1.39 38.75 2.15
CA THR F 42 -0.75 37.56 1.63
C THR F 42 0.53 37.88 0.87
N ASN F 43 0.55 38.94 0.07
CA ASN F 43 1.52 39.11 -0.99
C ASN F 43 2.56 40.16 -0.63
N LEU F 44 3.84 39.77 -0.67
CA LEU F 44 4.87 40.78 -0.62
C LEU F 44 4.70 41.78 -1.74
N LEU F 45 4.38 41.30 -2.93
CA LEU F 45 4.09 42.21 -4.02
C LEU F 45 3.00 43.19 -3.63
N ASP F 46 1.80 42.69 -3.37
CA ASP F 46 0.65 43.57 -3.29
C ASP F 46 0.82 44.60 -2.20
N VAL F 47 1.40 44.20 -1.08
CA VAL F 47 1.68 45.17 -0.03
C VAL F 47 2.76 46.12 -0.49
N ALA F 48 3.52 45.71 -1.50
CA ALA F 48 4.52 46.63 -2.05
C ALA F 48 3.92 47.49 -3.16
N GLU F 49 2.60 47.51 -3.27
CA GLU F 49 1.99 48.46 -4.19
C GLU F 49 1.64 49.76 -3.49
N ALA F 50 0.78 49.71 -2.49
CA ALA F 50 0.35 50.93 -1.83
C ALA F 50 1.50 51.58 -1.09
N CYS F 51 2.53 50.82 -0.83
CA CYS F 51 3.60 51.45 -0.09
C CYS F 51 4.69 51.91 -1.02
N PRO F 52 4.97 53.17 -1.07
CA PRO F 52 6.13 53.64 -1.81
C PRO F 52 7.40 53.42 -1.01
N THR F 53 8.50 53.99 -1.49
CA THR F 53 9.82 53.72 -0.95
C THR F 53 10.61 55.02 -0.96
N PHE F 54 11.93 54.92 -0.85
CA PHE F 54 12.81 56.05 -1.03
C PHE F 54 14.04 55.62 -1.79
N LEU F 55 15.02 56.50 -1.91
CA LEU F 55 16.23 56.23 -2.66
C LEU F 55 17.41 56.80 -1.89
N ARG F 56 18.55 56.93 -2.56
CA ARG F 56 19.76 57.40 -1.90
C ARG F 56 20.73 57.92 -2.93
N PHE F 57 21.46 58.95 -2.56
CA PHE F 57 22.56 59.47 -3.37
C PHE F 57 23.79 59.58 -2.48
N ASP F 58 24.95 59.70 -3.12
CA ASP F 58 26.22 59.63 -2.39
C ASP F 58 26.23 60.57 -1.21
N ASP F 59 25.46 61.63 -1.28
CA ASP F 59 25.34 62.50 -0.13
C ASP F 59 24.65 61.86 1.02
N GLY F 60 24.29 60.59 0.91
CA GLY F 60 23.66 59.89 2.02
C GLY F 60 22.35 60.50 2.44
N LYS F 61 21.92 61.55 1.74
CA LYS F 61 20.68 62.23 2.01
C LYS F 61 19.59 61.75 1.07
N PRO F 62 18.54 61.13 1.59
CA PRO F 62 17.57 60.48 0.71
C PRO F 62 17.01 61.42 -0.33
N TYR F 63 16.64 62.63 0.06
CA TYR F 63 16.08 63.55 -0.89
C TYR F 63 17.10 63.87 -1.97
N VAL F 64 16.64 64.58 -3.00
CA VAL F 64 17.51 64.96 -4.11
C VAL F 64 18.03 66.37 -3.87
N VAL F 65 19.35 66.54 -3.95
CA VAL F 65 19.88 67.88 -4.12
C VAL F 65 19.34 68.42 -5.43
N THR F 66 18.59 69.50 -5.35
CA THR F 66 17.89 70.03 -6.51
C THR F 66 18.35 71.46 -6.73
N ARG F 67 19.49 71.59 -7.39
CA ARG F 67 20.03 72.89 -7.75
C ARG F 67 19.02 73.63 -8.62
N ALA F 68 18.93 74.93 -8.43
CA ALA F 68 17.94 75.73 -9.16
C ALA F 68 18.63 76.90 -9.82
N ASP F 69 19.21 76.66 -10.99
CA ASP F 69 19.90 77.68 -11.77
C ASP F 69 20.03 77.19 -13.20
N ASP F 70 20.86 77.91 -13.98
CA ASP F 70 20.96 77.68 -15.41
C ASP F 70 21.39 76.27 -15.78
N THR F 71 21.75 75.44 -14.81
CA THR F 71 22.14 74.07 -15.10
C THR F 71 21.04 73.37 -15.89
N ARG F 72 21.45 72.42 -16.73
CA ARG F 72 20.49 71.61 -17.47
C ARG F 72 20.41 70.17 -16.98
N LEU F 73 21.55 69.58 -16.63
CA LEU F 73 21.58 68.22 -16.12
C LEU F 73 21.18 68.24 -14.65
N LEU F 74 20.28 67.34 -14.26
CA LEU F 74 19.80 67.34 -12.88
C LEU F 74 20.65 66.46 -11.99
N ALA F 75 20.65 65.17 -12.28
CA ALA F 75 21.47 64.15 -11.64
C ALA F 75 21.10 62.85 -12.32
N LYS F 76 21.99 61.89 -12.27
CA LYS F 76 21.72 60.63 -12.94
C LYS F 76 22.02 59.47 -12.00
N PHE F 77 21.03 58.62 -11.81
CA PHE F 77 21.17 57.39 -11.06
C PHE F 77 20.90 56.20 -11.97
N ASP F 78 20.91 55.03 -11.37
CA ASP F 78 20.60 53.78 -12.03
C ASP F 78 19.51 53.04 -11.26
N VAL F 79 18.85 52.12 -11.93
CA VAL F 79 17.85 51.26 -11.29
C VAL F 79 18.17 49.83 -11.71
N SER F 80 18.95 49.14 -10.91
CA SER F 80 19.05 47.70 -11.02
C SER F 80 18.01 47.10 -10.10
N LEU F 81 18.08 45.81 -9.88
CA LEU F 81 17.44 45.27 -8.70
C LEU F 81 18.40 45.23 -7.54
N ALA F 82 19.67 45.55 -7.76
CA ALA F 82 20.65 45.57 -6.68
C ALA F 82 21.72 46.56 -7.08
N ALA F 83 21.64 47.76 -6.53
CA ALA F 83 22.61 48.80 -6.87
C ALA F 83 22.63 49.85 -5.79
N LYS F 84 23.79 50.49 -5.65
CA LYS F 84 23.98 51.48 -4.62
C LYS F 84 22.87 52.50 -4.62
N HIS F 85 22.34 52.82 -5.79
CA HIS F 85 21.20 53.72 -5.81
C HIS F 85 19.99 53.14 -5.10
N MET F 86 19.90 51.83 -4.99
CA MET F 86 18.64 51.24 -4.58
C MET F 86 18.84 50.12 -3.58
N SER F 87 19.76 50.30 -2.64
CA SER F 87 19.88 49.26 -1.64
C SER F 87 18.72 49.32 -0.69
N ASN F 88 18.66 50.41 0.06
CA ASN F 88 17.80 50.46 1.23
C ASN F 88 16.38 50.55 0.75
N THR F 89 15.87 49.48 0.17
CA THR F 89 14.76 49.58 -0.74
C THR F 89 13.86 48.37 -0.61
N TYR F 90 12.63 48.63 -0.17
CA TYR F 90 11.74 47.53 0.23
C TYR F 90 11.60 46.48 -0.85
N LEU F 91 11.95 46.81 -2.08
CA LEU F 91 11.92 45.78 -3.12
C LEU F 91 13.13 44.88 -3.03
N SER F 92 14.32 45.48 -3.08
CA SER F 92 15.54 44.73 -3.30
C SER F 92 15.74 43.61 -2.30
N GLY F 93 15.65 43.94 -1.00
CA GLY F 93 15.75 42.89 -0.01
C GLY F 93 14.78 41.77 -0.27
N ILE F 94 13.51 42.12 -0.41
CA ILE F 94 12.55 41.13 -0.88
C ILE F 94 13.01 40.55 -2.19
N ALA F 95 13.56 41.39 -3.06
CA ALA F 95 14.05 40.86 -4.33
C ALA F 95 15.24 39.94 -4.11
N GLN F 96 16.26 40.40 -3.39
CA GLN F 96 17.56 39.74 -3.43
C GLN F 96 17.46 38.30 -2.98
N TYR F 97 16.27 37.87 -2.59
CA TYR F 97 16.10 36.47 -2.24
C TYR F 97 15.54 35.69 -3.41
N TYR F 98 15.86 36.09 -4.62
CA TYR F 98 15.26 35.51 -5.82
C TYR F 98 16.24 35.61 -6.98
N THR F 99 15.92 34.97 -8.10
CA THR F 99 16.80 35.05 -9.25
C THR F 99 16.05 35.53 -10.47
N GLN F 100 14.89 34.95 -10.73
CA GLN F 100 14.07 35.39 -11.84
C GLN F 100 13.09 36.45 -11.37
N TYR F 101 12.87 37.46 -12.21
CA TYR F 101 11.96 38.54 -11.91
C TYR F 101 11.46 39.15 -13.21
N SER F 102 10.25 39.66 -13.21
CA SER F 102 9.72 40.26 -14.43
C SER F 102 8.67 41.30 -14.09
N GLY F 103 8.44 42.19 -15.05
CA GLY F 103 7.39 43.15 -14.99
C GLY F 103 7.90 44.55 -14.73
N THR F 104 7.01 45.51 -14.98
CA THR F 104 7.31 46.92 -14.90
C THR F 104 7.76 47.29 -13.47
N ILE F 105 8.35 48.48 -13.36
CA ILE F 105 8.83 48.99 -12.08
C ILE F 105 8.28 50.38 -11.89
N ASN F 106 8.08 50.77 -10.63
CA ASN F 106 7.40 52.01 -10.29
C ASN F 106 8.34 53.02 -9.67
N LEU F 107 7.89 54.28 -9.66
CA LEU F 107 8.64 55.36 -9.06
C LEU F 107 7.66 56.37 -8.49
N HIS F 108 8.21 57.45 -7.91
CA HIS F 108 7.41 58.55 -7.41
C HIS F 108 8.24 59.82 -7.42
N PHE F 109 7.53 60.94 -7.29
CA PHE F 109 8.16 62.26 -7.19
C PHE F 109 7.31 63.16 -6.32
N MET F 110 7.99 63.91 -5.45
CA MET F 110 7.33 64.82 -4.52
C MET F 110 8.08 66.15 -4.55
N PHE F 111 7.35 67.23 -4.78
CA PHE F 111 7.97 68.52 -5.01
C PHE F 111 8.18 69.26 -3.69
N THR F 112 8.98 70.31 -3.74
CA THR F 112 9.33 70.95 -2.48
C THR F 112 9.05 72.45 -2.45
N GLY F 113 9.28 73.17 -3.53
CA GLY F 113 9.08 74.60 -3.51
C GLY F 113 7.62 74.96 -3.32
N SER F 114 7.39 76.22 -2.98
CA SER F 114 6.02 76.68 -2.81
C SER F 114 5.25 76.58 -4.10
N THR F 115 3.96 76.25 -3.98
CA THR F 115 3.16 75.90 -5.14
C THR F 115 3.19 76.98 -6.21
N ASP F 116 3.25 78.25 -5.79
CA ASP F 116 3.26 79.35 -6.74
C ASP F 116 4.33 79.17 -7.81
N SER F 117 5.46 78.60 -7.43
CA SER F 117 6.61 78.54 -8.32
C SER F 117 6.30 77.65 -9.51
N LYS F 118 6.37 78.22 -10.71
CA LYS F 118 6.30 77.41 -11.91
C LYS F 118 7.53 76.51 -11.99
N ALA F 119 7.42 75.46 -12.78
CA ALA F 119 8.50 74.49 -12.86
C ALA F 119 8.32 73.64 -14.11
N ARG F 120 9.40 72.93 -14.44
CA ARG F 120 9.42 72.00 -15.55
C ARG F 120 10.38 70.88 -15.20
N TYR F 121 10.02 69.66 -15.57
CA TYR F 121 10.88 68.52 -15.38
C TYR F 121 10.55 67.49 -16.45
N MET F 122 11.43 66.51 -16.63
CA MET F 122 11.24 65.56 -17.72
C MET F 122 11.86 64.22 -17.33
N VAL F 123 11.00 63.28 -16.94
CA VAL F 123 11.46 61.91 -16.75
C VAL F 123 11.86 61.35 -18.11
N ALA F 124 12.78 60.41 -18.10
CA ALA F 124 13.29 59.91 -19.37
C ALA F 124 13.98 58.57 -19.17
N TYR F 125 13.56 57.59 -19.95
CA TYR F 125 14.20 56.29 -19.97
C TYR F 125 15.38 56.26 -20.92
N ILE F 126 16.35 55.40 -20.61
CA ILE F 126 17.46 55.18 -21.53
C ILE F 126 17.74 53.68 -21.61
N PRO F 127 17.81 53.10 -22.80
CA PRO F 127 18.03 51.66 -22.93
C PRO F 127 19.48 51.30 -22.71
N PRO F 128 19.72 50.13 -22.18
CA PRO F 128 21.08 49.77 -21.78
C PRO F 128 22.00 49.50 -22.96
N GLY F 129 22.63 50.54 -23.49
CA GLY F 129 23.47 50.35 -24.64
C GLY F 129 23.36 51.43 -25.69
N VAL F 130 22.67 52.53 -25.37
CA VAL F 130 22.67 53.69 -26.24
C VAL F 130 24.08 54.23 -26.46
N GLU F 131 25.04 53.77 -25.65
CA GLU F 131 26.48 54.07 -25.75
C GLU F 131 26.75 55.53 -25.42
N THR F 132 25.73 56.34 -25.18
CA THR F 132 25.92 57.73 -24.80
C THR F 132 24.67 58.26 -24.11
N PRO F 133 24.81 58.79 -22.90
CA PRO F 133 23.67 59.42 -22.25
C PRO F 133 23.28 60.68 -22.98
N PRO F 134 21.99 60.94 -23.10
CA PRO F 134 21.54 62.16 -23.79
C PRO F 134 21.94 63.40 -23.01
N ASP F 135 21.96 64.53 -23.72
CA ASP F 135 22.40 65.79 -23.13
C ASP F 135 21.52 66.95 -23.56
N THR F 136 20.25 66.69 -23.85
CA THR F 136 19.27 67.68 -24.26
C THR F 136 17.89 67.03 -24.21
N PRO F 137 16.86 67.72 -23.74
CA PRO F 137 15.55 67.07 -23.57
C PRO F 137 15.01 66.37 -24.81
N GLU F 138 14.98 67.07 -25.95
CA GLU F 138 14.34 66.50 -27.12
C GLU F 138 15.08 65.29 -27.66
N GLU F 139 16.42 65.31 -27.61
CA GLU F 139 17.15 64.12 -28.06
C GLU F 139 17.16 63.02 -27.02
N ALA F 140 17.06 63.39 -25.73
CA ALA F 140 16.78 62.41 -24.70
C ALA F 140 15.47 61.71 -24.98
N ALA F 141 14.44 62.51 -25.28
CA ALA F 141 13.09 62.04 -25.53
C ALA F 141 13.04 60.84 -26.48
N HIS F 142 14.00 60.76 -27.41
CA HIS F 142 13.96 59.71 -28.44
C HIS F 142 13.79 58.33 -27.86
N CYS F 143 14.29 58.09 -26.66
CA CYS F 143 14.09 56.76 -26.07
C CYS F 143 12.71 56.67 -25.43
N ILE F 144 12.50 57.37 -24.32
CA ILE F 144 11.21 57.47 -23.64
C ILE F 144 11.28 58.69 -22.76
N HIS F 145 10.15 59.36 -22.58
CA HIS F 145 10.13 60.61 -21.85
C HIS F 145 8.67 61.01 -21.64
N ALA F 146 8.49 61.99 -20.77
CA ALA F 146 7.17 62.57 -20.48
C ALA F 146 7.39 63.83 -19.67
N GLU F 147 6.31 64.41 -19.17
CA GLU F 147 6.37 65.73 -18.55
C GLU F 147 5.44 65.79 -17.35
N TRP F 148 5.65 66.83 -16.55
CA TRP F 148 4.57 67.44 -15.80
C TRP F 148 5.02 68.83 -15.37
N ASP F 149 4.20 69.46 -14.54
CA ASP F 149 4.53 70.76 -13.97
C ASP F 149 4.12 70.78 -12.51
N THR F 150 4.51 71.85 -11.84
CA THR F 150 3.92 72.16 -10.54
C THR F 150 2.41 72.30 -10.68
N GLY F 151 1.97 72.88 -11.80
CA GLY F 151 0.56 73.13 -12.03
C GLY F 151 -0.30 71.90 -11.87
N LEU F 152 -1.43 72.06 -11.18
CA LEU F 152 -2.54 71.12 -11.14
C LEU F 152 -2.19 69.79 -10.50
N ASN F 153 -0.93 69.58 -10.11
CA ASN F 153 -0.56 68.35 -9.42
C ASN F 153 0.83 68.50 -8.83
N SER F 154 1.05 67.79 -7.73
CA SER F 154 2.35 67.73 -7.09
C SER F 154 2.93 66.33 -7.06
N LYS F 155 2.12 65.31 -6.84
CA LYS F 155 2.60 63.94 -6.89
C LYS F 155 2.71 63.48 -8.34
N PHE F 156 3.34 62.32 -8.52
CA PHE F 156 3.35 61.59 -9.78
C PHE F 156 3.99 60.23 -9.56
N THR F 157 3.54 59.26 -10.36
CA THR F 157 4.15 57.95 -10.38
C THR F 157 4.50 57.60 -11.82
N PHE F 158 5.66 56.98 -12.01
CA PHE F 158 6.20 56.74 -13.34
C PHE F 158 6.64 55.29 -13.47
N SER F 159 6.84 54.85 -14.72
CA SER F 159 7.21 53.47 -14.96
C SER F 159 8.11 53.34 -16.17
N ILE F 160 9.05 52.40 -16.10
CA ILE F 160 9.85 51.96 -17.24
C ILE F 160 9.31 50.63 -17.74
N PRO F 161 9.15 50.46 -19.04
CA PRO F 161 8.76 49.14 -19.56
C PRO F 161 9.85 48.12 -19.32
N TYR F 162 9.42 46.89 -19.06
CA TYR F 162 10.31 45.83 -18.60
C TYR F 162 11.13 45.27 -19.76
N VAL F 163 11.92 46.16 -20.35
CA VAL F 163 12.80 45.73 -21.42
C VAL F 163 13.84 44.79 -20.83
N SER F 164 14.34 43.89 -21.66
CA SER F 164 15.32 42.91 -21.21
C SER F 164 15.91 42.24 -22.45
N ALA F 165 16.66 41.16 -22.22
CA ALA F 165 16.97 40.22 -23.28
C ALA F 165 15.83 39.26 -23.51
N ALA F 166 15.50 38.47 -22.50
CA ALA F 166 14.40 37.52 -22.56
C ALA F 166 13.29 38.00 -21.65
N ASP F 167 12.21 37.24 -21.58
CA ASP F 167 11.09 37.75 -20.79
C ASP F 167 11.31 37.55 -19.32
N TYR F 168 12.54 37.77 -18.86
CA TYR F 168 13.02 37.51 -17.50
C TYR F 168 14.46 37.98 -17.45
N ALA F 169 15.08 37.97 -16.27
CA ALA F 169 16.48 38.36 -16.16
C ALA F 169 17.00 37.95 -14.80
N TYR F 170 18.30 38.09 -14.63
CA TYR F 170 18.95 37.77 -13.36
C TYR F 170 18.82 38.92 -12.37
N THR F 171 18.54 38.58 -11.12
CA THR F 171 18.51 39.61 -10.10
C THR F 171 19.90 40.15 -9.86
N ALA F 172 20.80 39.31 -9.35
CA ALA F 172 22.15 39.79 -9.21
C ALA F 172 22.76 40.01 -10.57
N SER F 173 23.82 40.80 -10.60
CA SER F 173 24.52 41.12 -11.84
C SER F 173 25.83 40.35 -11.91
N ASP F 174 26.43 40.39 -13.08
CA ASP F 174 27.54 39.50 -13.42
C ASP F 174 28.89 40.21 -13.26
N THR F 175 29.92 39.39 -13.10
CA THR F 175 31.30 39.83 -13.13
C THR F 175 32.01 39.19 -14.31
N ALA F 176 31.35 39.21 -15.47
CA ALA F 176 31.93 38.68 -16.69
C ALA F 176 31.74 39.59 -17.89
N GLU F 177 31.10 40.74 -17.74
CA GLU F 177 30.91 41.67 -18.85
C GLU F 177 30.84 43.09 -18.28
N THR F 178 30.53 44.04 -19.16
CA THR F 178 30.62 45.45 -18.84
C THR F 178 29.27 46.16 -18.89
N THR F 179 28.53 46.01 -19.97
CA THR F 179 27.39 46.88 -20.23
C THR F 179 26.38 46.83 -19.10
N ASN F 180 26.00 48.01 -18.61
CA ASN F 180 24.95 48.12 -17.62
C ASN F 180 23.69 47.45 -18.12
N VAL F 181 22.94 46.85 -17.19
CA VAL F 181 21.78 46.05 -17.56
C VAL F 181 20.62 46.93 -18.01
N GLN F 182 20.52 48.14 -17.47
CA GLN F 182 19.37 48.98 -17.77
C GLN F 182 19.74 50.33 -18.37
N GLY F 183 20.77 51.00 -17.85
CA GLY F 183 21.15 52.32 -18.32
C GLY F 183 21.44 53.31 -17.21
N TRP F 184 20.99 54.55 -17.37
CA TRP F 184 21.14 55.58 -16.37
C TRP F 184 19.88 56.42 -16.29
N VAL F 185 18.73 55.78 -16.39
CA VAL F 185 17.45 56.43 -16.60
C VAL F 185 17.16 57.51 -15.58
N CYS F 186 17.08 58.76 -16.02
CA CYS F 186 16.98 59.89 -15.13
C CYS F 186 16.31 61.05 -15.86
N VAL F 187 16.37 62.23 -15.26
CA VAL F 187 15.38 63.28 -15.49
C VAL F 187 16.03 64.54 -16.02
N TYR F 188 15.31 65.23 -16.89
CA TYR F 188 15.67 66.57 -17.36
C TYR F 188 14.59 67.57 -16.96
N GLN F 189 14.81 68.83 -17.34
CA GLN F 189 13.96 69.93 -16.91
C GLN F 189 14.11 71.11 -17.86
N ILE F 190 13.04 71.89 -17.98
CA ILE F 190 13.08 73.14 -18.69
C ILE F 190 13.20 74.23 -17.64
N THR F 191 13.46 75.46 -18.07
CA THR F 191 13.88 76.58 -17.23
C THR F 191 13.20 76.59 -15.87
N HIS F 192 14.02 76.56 -14.82
CA HIS F 192 13.51 76.72 -13.47
C HIS F 192 12.87 78.09 -13.33
N GLY F 193 11.76 78.14 -12.63
CA GLY F 193 11.11 79.43 -12.47
C GLY F 193 11.81 80.29 -11.45
N LYS F 194 11.77 79.88 -10.19
CA LYS F 194 12.43 80.61 -9.11
C LYS F 194 12.38 79.79 -7.84
N ALA F 195 13.49 79.69 -7.13
CA ALA F 195 13.53 78.97 -5.88
C ALA F 195 14.82 79.25 -5.14
N GLU F 196 14.73 79.50 -3.84
CA GLU F 196 15.95 79.64 -3.07
C GLU F 196 16.54 78.27 -2.76
N ASN F 197 15.70 77.28 -2.51
CA ASN F 197 16.18 75.93 -2.26
C ASN F 197 15.05 74.94 -2.50
N ASP F 198 15.15 74.17 -3.57
CA ASP F 198 14.19 73.12 -3.86
C ASP F 198 14.54 71.86 -3.09
N THR F 199 13.86 70.76 -3.44
CA THR F 199 14.17 69.42 -2.94
C THR F 199 13.28 68.41 -3.67
N LEU F 200 13.77 67.19 -3.92
CA LEU F 200 12.93 66.18 -4.55
C LEU F 200 13.01 64.85 -3.82
N LEU F 201 11.88 64.15 -3.82
CA LEU F 201 11.79 62.81 -3.30
C LEU F 201 11.44 61.84 -4.41
N VAL F 202 11.67 60.56 -4.13
CA VAL F 202 11.53 59.55 -5.17
C VAL F 202 11.46 58.18 -4.52
N SER F 203 10.68 57.29 -5.12
CA SER F 203 10.44 55.98 -4.53
C SER F 203 10.46 54.94 -5.62
N ALA F 204 10.11 53.72 -5.24
CA ALA F 204 9.76 52.66 -6.15
C ALA F 204 8.72 51.80 -5.45
N SER F 205 8.14 50.87 -6.19
CA SER F 205 7.09 50.07 -5.59
C SER F 205 6.67 48.99 -6.57
N ALA F 206 5.93 48.02 -6.03
CA ALA F 206 5.24 47.08 -6.86
C ALA F 206 4.03 47.74 -7.50
N GLY F 207 3.62 47.20 -8.64
CA GLY F 207 2.44 47.64 -9.34
C GLY F 207 1.76 46.48 -10.02
N LYS F 208 1.30 46.70 -11.25
CA LYS F 208 0.57 45.63 -11.91
C LYS F 208 1.45 44.47 -12.31
N ASP F 209 2.77 44.61 -12.23
CA ASP F 209 3.63 43.75 -13.03
C ASP F 209 4.82 43.13 -12.31
N PHE F 210 5.20 43.62 -11.14
CA PHE F 210 6.44 43.22 -10.49
C PHE F 210 6.40 41.76 -10.07
N GLU F 211 7.15 40.88 -10.72
CA GLU F 211 7.01 39.45 -10.47
C GLU F 211 8.38 38.80 -10.31
N LEU F 212 8.37 37.52 -9.97
CA LEU F 212 9.58 36.85 -9.51
C LEU F 212 9.53 35.37 -9.85
N ARG F 213 10.72 34.74 -9.93
CA ARG F 213 10.85 33.29 -9.80
C ARG F 213 12.15 32.94 -9.08
N LEU F 214 12.21 31.69 -8.61
CA LEU F 214 12.43 31.50 -7.19
C LEU F 214 12.91 30.19 -6.62
N PRO F 215 13.35 30.23 -5.34
CA PRO F 215 14.16 31.23 -4.64
C PRO F 215 15.41 30.56 -4.06
N ILE F 216 16.46 31.28 -3.68
CA ILE F 216 17.54 30.67 -2.89
C ILE F 216 18.16 31.74 -2.02
N ASP F 217 18.65 31.33 -0.86
CA ASP F 217 19.49 32.22 -0.07
C ASP F 217 20.77 32.57 -0.80
N PRO F 218 21.15 33.81 -0.83
CA PRO F 218 22.54 34.15 -1.15
C PRO F 218 23.43 34.24 0.08
N ARG F 219 22.87 34.61 1.22
CA ARG F 219 23.69 35.16 2.29
C ARG F 219 24.52 34.07 2.95
N THR F 220 25.25 34.45 3.99
CA THR F 220 26.26 33.60 4.62
C THR F 220 25.75 33.00 5.92
N GLN F 221 24.49 32.57 5.92
CA GLN F 221 23.82 31.97 7.09
C GLN F 221 24.73 31.07 7.91
N ARG G 1 -15.84 22.37 26.45
CA ARG G 1 -15.45 21.16 27.17
C ARG G 1 -15.09 20.09 26.19
N HIS G 2 -13.81 19.79 26.08
CA HIS G 2 -13.35 18.78 25.14
C HIS G 2 -12.22 17.93 25.69
N HIS G 3 -12.19 17.76 27.01
CA HIS G 3 -11.31 16.79 27.61
C HIS G 3 -11.95 16.29 28.89
N THR G 4 -11.18 15.53 29.65
CA THR G 4 -11.64 14.89 30.89
C THR G 4 -12.87 14.03 30.68
N ASP G 5 -13.18 13.69 29.44
CA ASP G 5 -13.99 12.52 29.12
C ASP G 5 -13.01 11.45 28.70
N VAL G 6 -12.83 10.45 29.56
CA VAL G 6 -11.65 9.59 29.56
C VAL G 6 -11.23 9.22 28.15
N GLY G 7 -12.22 9.12 27.26
CA GLY G 7 -12.03 8.66 25.91
C GLY G 7 -10.83 9.25 25.21
N PHE G 8 -10.29 10.31 25.77
CA PHE G 8 -9.04 10.84 25.29
C PHE G 8 -7.91 10.74 26.30
N ILE G 9 -8.21 10.56 27.58
CA ILE G 9 -7.14 10.67 28.54
C ILE G 9 -6.40 9.35 28.68
N MET G 10 -7.10 8.23 28.67
CA MET G 10 -6.47 7.00 29.10
C MET G 10 -6.06 6.15 27.91
N ASP G 11 -5.59 6.79 26.84
CA ASP G 11 -5.14 6.05 25.67
C ASP G 11 -3.66 6.33 25.43
N ARG G 12 -2.89 6.29 26.50
CA ARG G 12 -1.45 6.48 26.44
C ARG G 12 -0.78 5.30 27.14
N PHE G 13 0.50 5.43 27.41
CA PHE G 13 1.21 4.33 28.00
C PHE G 13 1.66 4.69 29.40
N VAL G 14 2.28 3.72 30.06
CA VAL G 14 2.86 3.93 31.37
C VAL G 14 3.86 2.83 31.64
N LYS G 15 4.98 3.21 32.22
CA LYS G 15 5.98 2.23 32.61
C LYS G 15 5.46 1.37 33.76
N ILE G 16 6.02 0.17 33.87
CA ILE G 16 5.79 -0.70 35.01
C ILE G 16 7.14 -1.10 35.58
N ASN G 17 7.23 -1.14 36.90
CA ASN G 17 8.52 -1.40 37.53
C ASN G 17 8.99 -2.82 37.22
N SER G 18 8.27 -3.80 37.72
CA SER G 18 8.85 -5.12 37.91
C SER G 18 8.68 -6.01 36.70
N LEU G 19 9.49 -7.05 36.64
CA LEU G 19 9.40 -8.11 35.65
C LEU G 19 10.06 -9.35 36.25
N SER G 20 9.93 -10.45 35.51
CA SER G 20 10.52 -11.74 35.85
C SER G 20 10.26 -12.65 34.67
N PRO G 21 10.87 -13.83 34.60
CA PRO G 21 10.57 -14.73 33.47
C PRO G 21 9.09 -15.00 33.28
N THR G 22 8.30 -14.84 34.33
CA THR G 22 6.85 -14.69 34.19
C THR G 22 6.45 -13.44 34.94
N HIS G 23 5.29 -12.90 34.63
CA HIS G 23 4.94 -11.61 35.19
C HIS G 23 3.45 -11.37 35.06
N VAL G 24 2.77 -11.24 36.20
CA VAL G 24 1.37 -10.94 36.22
C VAL G 24 1.13 -9.63 35.48
N ILE G 25 -0.08 -9.48 34.95
CA ILE G 25 -0.50 -8.28 34.23
C ILE G 25 -1.72 -7.71 34.92
N ASP G 26 -1.61 -6.49 35.42
CA ASP G 26 -2.72 -5.82 36.08
C ASP G 26 -2.53 -4.32 36.02
N LEU G 27 -3.63 -3.59 36.13
CA LEU G 27 -3.53 -2.15 36.18
C LEU G 27 -2.93 -1.69 37.50
N MET G 28 -3.47 -2.18 38.62
CA MET G 28 -2.97 -1.75 39.92
C MET G 28 -1.48 -2.01 40.09
N GLN G 29 -0.87 -2.78 39.18
CA GLN G 29 0.58 -2.84 39.10
C GLN G 29 1.18 -1.49 38.77
N THR G 30 0.38 -0.54 38.30
CA THR G 30 0.93 0.75 37.91
C THR G 30 1.36 1.54 39.13
N HIS G 31 2.14 2.58 38.86
CA HIS G 31 2.54 3.49 39.92
C HIS G 31 1.36 4.34 40.35
N LYS G 32 1.25 4.58 41.65
CA LYS G 32 0.08 5.25 42.21
C LYS G 32 0.19 6.77 42.16
N HIS G 33 1.08 7.29 41.35
CA HIS G 33 0.99 8.69 40.96
C HIS G 33 1.30 8.93 39.50
N GLY G 34 1.66 7.90 38.74
CA GLY G 34 1.63 8.03 37.29
C GLY G 34 0.25 8.49 36.85
N ILE G 35 0.23 9.49 35.96
CA ILE G 35 -1.02 10.14 35.63
C ILE G 35 -2.05 9.16 35.11
N VAL G 36 -1.60 8.02 34.58
CA VAL G 36 -2.54 7.01 34.11
C VAL G 36 -3.43 6.55 35.24
N GLY G 37 -2.85 5.95 36.26
CA GLY G 37 -3.64 5.30 37.28
C GLY G 37 -4.36 6.24 38.22
N ALA G 38 -3.83 7.45 38.39
CA ALA G 38 -4.51 8.41 39.25
C ALA G 38 -5.99 8.46 38.91
N LEU G 39 -6.30 8.87 37.69
CA LEU G 39 -7.68 8.81 37.21
C LEU G 39 -8.26 7.43 37.44
N LEU G 40 -7.52 6.39 37.07
CA LEU G 40 -7.99 5.05 37.32
C LEU G 40 -8.31 4.87 38.79
N ARG G 41 -7.29 4.98 39.64
CA ARG G 41 -7.55 4.94 41.06
C ARG G 41 -8.57 5.99 41.45
N ALA G 42 -8.71 7.05 40.66
CA ALA G 42 -9.69 8.04 41.05
C ALA G 42 -11.11 7.53 40.92
N ALA G 43 -11.30 6.28 40.53
CA ALA G 43 -12.64 5.79 40.29
C ALA G 43 -12.84 4.48 41.04
N THR G 44 -14.07 3.99 41.01
CA THR G 44 -14.43 2.75 41.67
C THR G 44 -14.46 1.58 40.71
N TYR G 45 -15.25 1.70 39.66
CA TYR G 45 -15.44 0.61 38.72
C TYR G 45 -15.14 1.11 37.32
N TYR G 46 -14.33 0.33 36.58
CA TYR G 46 -13.95 0.73 35.24
C TYR G 46 -13.85 -0.51 34.36
N PHE G 47 -14.09 -0.29 33.07
CA PHE G 47 -13.94 -1.31 32.05
C PHE G 47 -13.30 -0.70 30.82
N SER G 48 -12.59 -1.54 30.08
CA SER G 48 -12.06 -1.11 28.81
C SER G 48 -11.76 -2.34 27.98
N ASP G 49 -11.32 -2.10 26.76
CA ASP G 49 -10.52 -3.06 26.04
C ASP G 49 -9.09 -2.89 26.56
N LEU G 50 -8.12 -3.44 25.86
CA LEU G 50 -6.77 -3.43 26.41
C LEU G 50 -5.77 -3.58 25.29
N GLU G 51 -4.72 -2.77 25.33
CA GLU G 51 -3.65 -2.86 24.36
C GLU G 51 -2.33 -2.81 25.11
N ILE G 52 -1.37 -3.61 24.65
CA ILE G 52 -0.10 -3.76 25.35
C ILE G 52 1.04 -3.82 24.37
N VAL G 53 2.22 -3.40 24.82
CA VAL G 53 3.43 -3.34 23.99
C VAL G 53 4.61 -3.76 24.83
N VAL G 54 5.47 -4.58 24.24
CA VAL G 54 6.59 -5.18 24.96
C VAL G 54 7.82 -5.19 24.06
N ARG G 55 8.90 -4.61 24.54
CA ARG G 55 10.21 -4.77 23.93
C ARG G 55 10.91 -5.92 24.64
N HIS G 56 11.29 -6.93 23.89
CA HIS G 56 11.68 -8.18 24.53
C HIS G 56 12.51 -9.00 23.55
N ASP G 57 12.68 -10.27 23.87
CA ASP G 57 13.50 -11.17 23.08
C ASP G 57 12.75 -12.49 22.97
N GLY G 58 13.46 -13.53 22.54
CA GLY G 58 12.98 -14.90 22.61
C GLY G 58 11.62 -15.12 22.00
N ASN G 59 10.63 -15.46 22.83
CA ASN G 59 9.29 -15.75 22.32
C ASN G 59 8.28 -15.21 23.34
N LEU G 60 7.81 -14.00 23.09
CA LEU G 60 6.72 -13.45 23.87
C LEU G 60 5.48 -14.30 23.66
N THR G 61 4.79 -14.59 24.76
CA THR G 61 3.64 -15.48 24.67
C THR G 61 2.69 -15.16 25.81
N TRP G 62 1.39 -15.29 25.52
CA TRP G 62 0.36 -14.81 26.43
C TRP G 62 -0.83 -15.75 26.49
N VAL G 63 -1.48 -15.76 27.65
CA VAL G 63 -2.65 -16.56 27.93
C VAL G 63 -3.70 -15.71 28.63
N PRO G 64 -4.98 -15.90 28.34
CA PRO G 64 -6.03 -15.22 29.09
C PRO G 64 -6.23 -15.85 30.46
N ASN G 65 -7.05 -15.18 31.26
CA ASN G 65 -7.17 -15.48 32.68
C ASN G 65 -7.81 -16.84 32.87
N GLY G 66 -8.00 -17.20 34.14
CA GLY G 66 -8.59 -18.47 34.47
C GLY G 66 -7.96 -19.58 33.68
N ALA G 67 -6.68 -19.79 33.88
CA ALA G 67 -5.98 -20.82 33.15
C ALA G 67 -4.89 -21.37 34.02
N PRO G 68 -4.55 -22.64 33.85
CA PRO G 68 -3.41 -23.22 34.57
C PRO G 68 -2.11 -22.67 34.03
N GLU G 69 -1.47 -21.80 34.80
CA GLU G 69 -0.19 -21.23 34.38
C GLU G 69 0.79 -22.31 33.96
N ALA G 70 0.76 -23.45 34.63
CA ALA G 70 1.77 -24.47 34.46
C ALA G 70 1.92 -24.92 33.02
N ALA G 71 1.04 -24.44 32.14
CA ALA G 71 0.95 -24.96 30.79
C ALA G 71 1.07 -23.85 29.77
N LEU G 72 2.11 -23.04 29.88
CA LEU G 72 2.23 -21.97 28.90
C LEU G 72 3.19 -22.33 27.78
N SER G 73 4.46 -22.59 28.13
CA SER G 73 5.46 -22.79 27.08
C SER G 73 5.03 -23.88 26.11
N ASN G 74 4.48 -24.96 26.63
CA ASN G 74 4.06 -26.06 25.77
C ASN G 74 2.90 -25.61 24.90
N THR G 75 2.89 -26.13 23.67
CA THR G 75 1.72 -26.17 22.80
C THR G 75 1.27 -24.78 22.38
N SER G 76 1.87 -23.74 22.96
CA SER G 76 1.79 -22.39 22.43
C SER G 76 0.35 -22.00 22.07
N ASN G 77 -0.46 -21.85 23.12
CA ASN G 77 -1.69 -21.09 22.96
C ASN G 77 -1.32 -19.74 22.35
N PRO G 78 -2.27 -19.05 21.71
CA PRO G 78 -1.94 -18.15 20.60
C PRO G 78 -0.80 -17.17 20.86
N THR G 79 -0.09 -16.84 19.78
CA THR G 79 1.11 -16.02 19.75
C THR G 79 1.58 -15.87 18.31
N ALA G 80 2.39 -14.83 18.07
CA ALA G 80 3.26 -14.71 16.91
C ALA G 80 4.70 -14.54 17.38
N TYR G 81 5.66 -14.82 16.49
CA TYR G 81 7.04 -15.02 16.89
C TYR G 81 7.81 -13.72 17.11
N ASN G 82 9.13 -13.87 17.20
CA ASN G 82 10.04 -12.78 17.42
C ASN G 82 10.07 -11.80 16.27
N LYS G 83 10.17 -10.52 16.59
CA LYS G 83 10.66 -9.52 15.66
C LYS G 83 11.03 -8.25 16.41
N ALA G 84 12.28 -7.82 16.28
CA ALA G 84 12.69 -6.57 16.89
C ALA G 84 12.20 -5.40 16.03
N PRO G 85 12.13 -4.18 16.60
CA PRO G 85 12.28 -3.79 18.01
C PRO G 85 10.97 -3.38 18.66
N PHE G 86 9.97 -3.02 17.89
CA PHE G 86 8.67 -2.73 18.47
C PHE G 86 7.76 -3.92 18.25
N THR G 87 6.90 -4.18 19.22
CA THR G 87 5.90 -5.23 19.05
C THR G 87 4.67 -4.85 19.86
N ARG G 88 3.51 -4.98 19.22
CA ARG G 88 2.31 -4.28 19.68
C ARG G 88 1.13 -5.23 19.57
N LEU G 89 0.51 -5.54 20.70
CA LEU G 89 -0.66 -6.39 20.68
C LEU G 89 -1.74 -5.75 21.55
N ALA G 90 -2.89 -6.39 21.59
CA ALA G 90 -4.07 -5.81 22.21
C ALA G 90 -4.91 -6.93 22.80
N LEU G 91 -5.14 -6.87 24.02
CA LEU G 91 -5.96 -8.02 24.33
C LEU G 91 -7.39 -7.61 24.60
N PRO G 92 -8.32 -8.48 24.28
CA PRO G 92 -9.71 -8.24 24.63
C PRO G 92 -9.98 -8.74 26.03
N TYR G 93 -10.97 -8.14 26.64
CA TYR G 93 -11.31 -8.45 28.01
C TYR G 93 -11.61 -9.93 28.15
N THR G 94 -11.32 -10.47 29.32
CA THR G 94 -11.57 -11.88 29.56
C THR G 94 -12.06 -12.19 30.96
N ALA G 95 -12.19 -11.22 31.82
CA ALA G 95 -12.31 -11.58 33.20
C ALA G 95 -13.73 -12.04 33.52
N PRO G 96 -13.89 -12.79 34.56
CA PRO G 96 -15.18 -13.42 34.81
C PRO G 96 -16.21 -12.45 35.34
N HIS G 97 -15.97 -11.16 35.19
CA HIS G 97 -16.86 -10.21 35.82
C HIS G 97 -17.22 -9.11 34.85
N ARG G 98 -18.42 -8.64 34.95
CA ARG G 98 -18.83 -7.62 34.01
C ARG G 98 -18.22 -6.33 34.26
N VAL G 99 -17.26 -6.19 35.17
CA VAL G 99 -16.56 -4.93 35.33
C VAL G 99 -15.36 -5.12 36.24
N LEU G 100 -14.33 -4.29 36.08
CA LEU G 100 -13.24 -4.29 37.04
C LEU G 100 -13.50 -3.26 38.12
N ALA G 101 -12.50 -3.03 38.95
CA ALA G 101 -12.54 -2.08 40.05
C ALA G 101 -11.12 -1.96 40.59
N THR G 102 -10.98 -1.29 41.72
CA THR G 102 -9.67 -0.98 42.25
C THR G 102 -9.37 -1.68 43.54
N VAL G 103 -10.36 -1.85 44.39
CA VAL G 103 -10.13 -2.33 45.73
C VAL G 103 -11.43 -2.88 46.27
N TYR G 104 -11.35 -3.98 47.00
CA TYR G 104 -12.50 -4.83 47.28
C TYR G 104 -12.40 -5.25 48.75
N ASP G 105 -12.99 -4.46 49.64
CA ASP G 105 -12.89 -4.75 51.05
C ASP G 105 -13.58 -6.05 51.44
N GLY G 106 -12.79 -7.08 51.75
CA GLY G 106 -13.35 -8.31 52.29
C GLY G 106 -12.46 -8.89 53.36
N THR G 107 -13.02 -9.25 54.50
CA THR G 107 -12.23 -9.73 55.62
C THR G 107 -11.54 -11.05 55.26
N THR G 129 -6.62 -6.68 53.06
CA THR G 129 -6.70 -5.62 52.07
C THR G 129 -5.94 -6.01 50.82
N GLN G 130 -5.58 -7.29 50.73
CA GLN G 130 -4.91 -7.79 49.55
C GLN G 130 -5.85 -7.76 48.36
N LEU G 131 -5.34 -7.36 47.21
CA LEU G 131 -6.14 -7.32 46.00
C LEU G 131 -6.74 -8.70 45.73
N PRO G 132 -7.98 -8.78 45.26
CA PRO G 132 -8.58 -10.09 45.02
C PRO G 132 -7.85 -10.84 43.92
N ALA G 133 -8.18 -12.13 43.81
CA ALA G 133 -7.60 -12.99 42.79
C ALA G 133 -8.41 -13.01 41.51
N SER G 134 -9.25 -12.00 41.28
CA SER G 134 -10.15 -12.00 40.14
C SER G 134 -9.64 -11.11 39.00
N PHE G 135 -9.47 -9.82 39.27
CA PHE G 135 -9.28 -8.87 38.18
C PHE G 135 -7.92 -9.10 37.55
N ASN G 136 -7.88 -9.86 36.47
CA ASN G 136 -6.61 -10.40 36.04
C ASN G 136 -6.56 -10.41 34.52
N TYR G 137 -6.03 -9.32 33.96
CA TYR G 137 -5.65 -9.34 32.56
C TYR G 137 -4.70 -10.49 32.27
N GLY G 138 -3.95 -10.95 33.28
CA GLY G 138 -3.23 -12.20 33.20
C GLY G 138 -1.74 -11.99 33.31
N ALA G 139 -1.00 -12.69 32.45
CA ALA G 139 0.45 -12.67 32.53
C ALA G 139 1.01 -13.13 31.19
N ILE G 140 2.29 -12.80 30.98
CA ILE G 140 3.01 -13.22 29.80
C ILE G 140 4.33 -13.84 30.25
N GLN G 141 4.96 -14.54 29.33
CA GLN G 141 6.13 -15.33 29.66
C GLN G 141 7.08 -15.33 28.49
N ALA G 142 8.37 -15.34 28.79
CA ALA G 142 9.41 -15.34 27.78
C ALA G 142 10.70 -15.81 28.42
N GLN G 143 11.80 -15.61 27.70
CA GLN G 143 13.12 -15.90 28.23
C GLN G 143 13.91 -14.64 28.56
N ALA G 144 13.43 -13.47 28.14
CA ALA G 144 14.11 -12.22 28.43
C ALA G 144 13.12 -11.08 28.24
N ILE G 145 12.92 -10.26 29.27
CA ILE G 145 11.88 -9.25 29.26
C ILE G 145 12.44 -7.97 29.84
N HIS G 146 12.33 -6.87 29.10
CA HIS G 146 12.87 -5.59 29.55
C HIS G 146 11.82 -4.52 29.74
N GLU G 147 11.03 -4.24 28.73
CA GLU G 147 10.24 -3.02 28.72
C GLU G 147 8.78 -3.34 28.48
N LEU G 148 7.91 -2.51 29.03
CA LEU G 148 6.49 -2.79 29.04
C LEU G 148 5.69 -1.54 28.72
N LEU G 149 4.77 -1.64 27.78
CA LEU G 149 3.86 -0.56 27.46
C LEU G 149 2.44 -1.09 27.38
N VAL G 150 1.51 -0.38 28.04
CA VAL G 150 0.13 -0.83 28.21
C VAL G 150 -0.81 0.29 27.81
N ARG G 151 -2.07 -0.05 27.57
CA ARG G 151 -2.96 0.89 26.91
C ARG G 151 -4.42 0.52 27.13
N MET G 152 -5.25 1.55 27.26
CA MET G 152 -6.65 1.45 27.63
C MET G 152 -7.50 1.93 26.46
N LYS G 153 -8.55 1.20 26.13
CA LYS G 153 -9.36 1.46 24.94
C LYS G 153 -10.80 1.75 25.32
N ARG G 154 -11.34 2.81 24.75
CA ARG G 154 -12.77 3.09 24.82
C ARG G 154 -13.28 3.09 26.25
N ALA G 155 -12.37 3.20 27.20
CA ALA G 155 -12.65 2.85 28.57
C ALA G 155 -13.79 3.67 29.14
N GLU G 156 -14.37 3.17 30.22
CA GLU G 156 -15.30 3.93 31.02
C GLU G 156 -15.08 3.62 32.48
N LEU G 157 -15.57 4.50 33.33
CA LEU G 157 -15.27 4.52 34.76
C LEU G 157 -16.57 4.72 35.51
N TYR G 158 -16.61 4.28 36.77
CA TYR G 158 -17.87 4.36 37.50
C TYR G 158 -17.63 4.65 38.98
N CYS G 159 -18.44 5.57 39.55
CA CYS G 159 -18.31 6.10 40.90
C CYS G 159 -16.91 6.61 41.15
N PRO G 160 -16.57 7.78 40.67
CA PRO G 160 -15.23 8.32 40.91
C PRO G 160 -14.90 8.30 42.39
N ARG G 161 -13.64 8.27 42.74
CA ARG G 161 -13.27 8.14 44.15
C ARG G 161 -12.49 9.36 44.59
N PRO G 162 -12.11 9.46 45.88
CA PRO G 162 -11.32 10.63 46.30
C PRO G 162 -10.05 10.82 45.49
N LEU G 163 -9.38 11.95 45.65
CA LEU G 163 -8.15 12.18 44.91
C LEU G 163 -7.35 13.28 45.58
N LEU G 164 -6.03 13.15 45.52
CA LEU G 164 -5.16 14.10 46.17
C LEU G 164 -4.31 14.84 45.15
N ALA G 165 -3.71 15.92 45.60
CA ALA G 165 -2.71 16.65 44.86
C ALA G 165 -1.40 16.58 45.63
N ILE G 166 -0.40 17.32 45.15
CA ILE G 166 0.83 17.42 45.90
C ILE G 166 0.54 18.16 47.20
N LYS G 167 1.35 17.87 48.22
CA LYS G 167 1.12 18.44 49.54
C LYS G 167 1.81 19.79 49.65
N VAL G 168 1.27 20.64 50.51
CA VAL G 168 1.77 21.99 50.68
C VAL G 168 2.68 22.04 51.90
N THR G 169 3.89 22.56 51.73
CA THR G 169 4.82 22.67 52.83
C THR G 169 5.21 24.11 53.13
N SER G 170 5.63 24.87 52.12
CA SER G 170 6.14 26.22 52.35
C SER G 170 5.01 27.22 52.51
N GLN G 171 5.35 28.50 52.43
CA GLN G 171 4.40 29.55 52.80
C GLN G 171 3.38 29.85 51.70
N ASP G 172 3.83 30.36 50.56
CA ASP G 172 2.97 31.30 49.86
C ASP G 172 1.79 30.65 49.16
N ARG G 173 2.03 30.06 47.99
CA ARG G 173 0.98 29.33 47.31
C ARG G 173 1.51 27.97 46.93
N TYR G 174 2.61 27.99 46.18
CA TYR G 174 3.48 26.89 45.85
C TYR G 174 4.54 27.49 44.93
N LYS G 175 5.68 26.82 44.83
CA LYS G 175 6.72 27.30 43.95
C LYS G 175 7.23 26.16 43.10
N GLN G 176 7.65 26.48 41.89
CA GLN G 176 8.10 25.43 40.99
C GLN G 176 8.84 26.05 39.82
N LYS G 177 9.86 25.33 39.35
CA LYS G 177 10.65 25.81 38.23
C LYS G 177 9.86 25.68 36.93
N ILE G 178 10.18 26.54 35.97
CA ILE G 178 9.49 26.56 34.68
C ILE G 178 10.54 26.67 33.57
N ILE G 179 10.31 25.96 32.48
CA ILE G 179 11.26 26.04 31.38
C ILE G 179 11.09 27.36 30.65
N ALA G 180 12.15 27.78 29.98
CA ALA G 180 12.20 29.02 29.24
C ALA G 180 13.46 29.09 28.40
N PRO G 181 13.43 29.77 27.29
CA PRO G 181 14.63 29.89 26.47
C PRO G 181 15.63 30.85 27.06
N ALA G 182 16.69 31.14 26.32
CA ALA G 182 17.72 32.07 26.78
C ALA G 182 17.99 33.14 25.72
N SER H 1 -39.22 19.38 54.97
CA SER H 1 -37.94 18.72 54.80
C SER H 1 -37.31 19.07 53.47
N VAL H 2 -36.01 18.81 53.34
CA VAL H 2 -35.37 18.93 52.05
C VAL H 2 -35.91 17.88 51.08
N GLY H 3 -36.46 16.79 51.60
CA GLY H 3 -37.02 15.74 50.77
C GLY H 3 -35.96 14.78 50.28
N VAL H 4 -36.43 13.71 49.64
CA VAL H 4 -35.56 12.65 49.15
C VAL H 4 -34.48 13.23 48.26
N THR H 5 -33.27 12.70 48.38
CA THR H 5 -32.21 12.95 47.41
C THR H 5 -31.62 11.62 47.00
N TYR H 6 -31.62 11.37 45.70
CA TYR H 6 -31.33 10.06 45.18
C TYR H 6 -29.83 9.90 44.91
N GLY H 7 -29.39 8.65 44.95
CA GLY H 7 -28.06 8.30 44.51
C GLY H 7 -28.02 7.84 43.07
N TYR H 8 -27.64 8.73 42.17
CA TYR H 8 -27.28 8.50 40.78
C TYR H 8 -28.48 8.31 39.87
N SER H 9 -29.71 8.26 40.37
CA SER H 9 -30.85 7.94 39.52
C SER H 9 -32.11 8.01 40.37
N THR H 10 -33.24 8.14 39.69
CA THR H 10 -34.54 8.09 40.37
C THR H 10 -35.55 7.45 39.44
N GLU H 11 -35.95 6.22 39.75
CA GLU H 11 -36.73 5.45 38.79
C GLU H 11 -37.21 4.16 39.45
N GLU H 12 -38.40 3.71 39.02
CA GLU H 12 -38.85 2.37 39.32
C GLU H 12 -38.04 1.35 38.52
N ASP H 13 -37.76 0.20 39.13
CA ASP H 13 -36.75 -0.71 38.63
C ASP H 13 -37.35 -1.99 38.06
N HIS H 14 -36.53 -2.65 37.24
CA HIS H 14 -36.72 -4.05 36.92
C HIS H 14 -36.91 -4.85 38.21
N VAL H 15 -37.92 -5.71 38.21
CA VAL H 15 -38.21 -6.53 39.39
C VAL H 15 -38.30 -8.02 39.10
N ALA H 16 -38.56 -8.45 37.87
CA ALA H 16 -38.74 -9.86 37.56
C ALA H 16 -37.90 -10.24 36.35
N GLY H 17 -37.13 -11.31 36.46
CA GLY H 17 -36.22 -11.67 35.40
C GLY H 17 -35.95 -13.15 35.24
N PRO H 18 -34.70 -13.46 34.87
CA PRO H 18 -34.35 -14.80 34.39
C PRO H 18 -34.30 -15.87 35.47
N ASN H 19 -33.73 -17.03 35.10
CA ASN H 19 -33.75 -18.24 35.91
C ASN H 19 -33.56 -17.97 37.39
N THR H 20 -32.43 -17.36 37.76
CA THR H 20 -32.22 -17.06 39.18
C THR H 20 -33.22 -16.03 39.67
N SER H 21 -33.46 -14.98 38.88
CA SER H 21 -34.51 -14.03 39.25
C SER H 21 -35.85 -14.73 39.35
N GLY H 22 -36.14 -15.63 38.41
CA GLY H 22 -37.28 -16.50 38.57
C GLY H 22 -37.17 -17.38 39.80
N LEU H 23 -35.94 -17.78 40.14
CA LEU H 23 -35.72 -18.60 41.33
C LEU H 23 -35.55 -17.76 42.59
N GLU H 24 -35.25 -16.48 42.44
CA GLU H 24 -34.90 -15.58 43.55
C GLU H 24 -35.70 -14.29 43.46
N THR H 25 -37.01 -14.45 43.34
CA THR H 25 -37.96 -13.38 43.07
C THR H 25 -38.01 -12.34 44.19
N ARG H 26 -38.83 -11.32 43.99
CA ARG H 26 -38.97 -10.21 44.92
C ARG H 26 -39.79 -10.67 46.13
N VAL H 27 -39.09 -11.19 47.13
CA VAL H 27 -39.71 -11.60 48.37
C VAL H 27 -39.97 -10.36 49.23
N VAL H 28 -41.14 -9.75 49.03
CA VAL H 28 -41.35 -8.41 49.56
C VAL H 28 -41.37 -8.41 51.08
N GLN H 29 -41.95 -9.45 51.69
CA GLN H 29 -42.04 -9.47 53.13
C GLN H 29 -40.69 -9.62 53.80
N ALA H 30 -39.61 -9.68 53.03
CA ALA H 30 -38.28 -9.67 53.61
C ALA H 30 -37.87 -8.30 54.11
N GLU H 31 -38.76 -7.32 54.07
CA GLU H 31 -38.44 -5.92 54.24
C GLU H 31 -38.98 -5.42 55.56
N ARG H 32 -38.13 -4.72 56.33
CA ARG H 32 -38.61 -4.10 57.55
C ARG H 32 -37.56 -3.14 58.09
N PHE H 33 -38.00 -1.96 58.50
CA PHE H 33 -37.12 -1.02 59.18
C PHE H 33 -36.62 -1.61 60.49
N PHE H 34 -35.64 -0.93 61.07
CA PHE H 34 -35.24 -1.07 62.47
C PHE H 34 -34.24 0.05 62.75
N LYS H 35 -33.65 0.04 63.95
CA LYS H 35 -32.77 1.13 64.33
C LYS H 35 -31.43 0.59 64.80
N LYS H 36 -30.38 1.32 64.44
CA LYS H 36 -29.02 1.06 64.84
C LYS H 36 -28.50 2.24 65.64
N PHE H 37 -27.63 1.96 66.60
CA PHE H 37 -26.89 3.01 67.27
C PHE H 37 -25.78 3.52 66.37
N LEU H 38 -25.58 4.83 66.37
CA LEU H 38 -24.58 5.40 65.49
C LEU H 38 -23.31 5.79 66.23
N PHE H 39 -23.41 6.72 67.17
CA PHE H 39 -22.24 7.28 67.86
C PHE H 39 -22.74 8.34 68.82
N ASP H 40 -21.81 8.88 69.61
CA ASP H 40 -22.07 10.03 70.45
C ASP H 40 -21.38 11.26 69.87
N TRP H 41 -21.87 12.42 70.28
CA TRP H 41 -21.43 13.68 69.67
C TRP H 41 -21.66 14.81 70.65
N THR H 42 -20.61 15.22 71.35
CA THR H 42 -20.68 16.36 72.25
C THR H 42 -19.64 17.39 71.83
N THR H 43 -19.47 18.40 72.67
CA THR H 43 -18.55 19.48 72.37
C THR H 43 -17.12 18.97 72.35
N ASP H 44 -16.96 17.69 72.62
CA ASP H 44 -15.62 17.11 72.67
C ASP H 44 -15.00 17.03 71.29
N LYS H 45 -15.60 16.27 70.39
CA LYS H 45 -14.91 15.80 69.20
C LYS H 45 -14.47 16.97 68.34
N PRO H 46 -13.20 17.17 68.14
CA PRO H 46 -12.76 18.14 67.15
C PRO H 46 -12.95 17.58 65.75
N PHE H 47 -12.49 18.29 64.74
CA PHE H 47 -12.75 17.85 63.39
C PHE H 47 -11.93 16.63 63.03
N GLY H 48 -12.43 15.86 62.09
CA GLY H 48 -11.78 14.66 61.65
C GLY H 48 -12.18 13.42 62.41
N TYR H 49 -13.03 13.55 63.43
CA TYR H 49 -13.36 12.38 64.23
C TYR H 49 -14.23 11.44 63.43
N LEU H 50 -13.59 10.47 62.81
CA LEU H 50 -14.33 9.54 61.99
C LEU H 50 -15.08 8.56 62.89
N THR H 51 -16.14 7.99 62.34
CA THR H 51 -16.80 6.86 62.97
C THR H 51 -17.49 6.08 61.87
N LYS H 52 -17.09 4.83 61.68
CA LYS H 52 -17.59 4.06 60.57
C LYS H 52 -18.51 2.96 61.06
N LEU H 53 -19.32 2.46 60.13
CA LEU H 53 -20.25 1.38 60.41
C LEU H 53 -20.32 0.51 59.16
N GLU H 54 -19.75 -0.68 59.25
CA GLU H 54 -19.87 -1.64 58.16
C GLU H 54 -21.31 -2.10 58.05
N LEU H 55 -21.65 -2.70 56.92
CA LEU H 55 -23.00 -3.16 56.65
C LEU H 55 -22.96 -4.55 56.05
N PRO H 56 -24.04 -5.31 56.19
CA PRO H 56 -25.07 -4.98 57.16
C PRO H 56 -24.92 -5.86 58.38
N THR H 57 -25.20 -5.31 59.55
CA THR H 57 -25.12 -6.11 60.76
C THR H 57 -26.12 -7.25 60.72
N ASP H 58 -25.88 -8.24 61.57
CA ASP H 58 -26.89 -9.27 61.75
C ASP H 58 -28.18 -8.62 62.25
N HIS H 59 -29.27 -9.34 62.09
CA HIS H 59 -30.56 -8.79 62.46
C HIS H 59 -31.61 -9.87 62.57
N HIS H 60 -32.38 -9.87 63.65
CA HIS H 60 -33.45 -10.86 63.80
C HIS H 60 -34.62 -10.47 62.91
N GLY H 61 -34.39 -10.64 61.61
CA GLY H 61 -35.43 -10.42 60.62
C GLY H 61 -35.38 -11.50 59.55
N VAL H 62 -36.51 -11.65 58.86
CA VAL H 62 -36.57 -12.59 57.74
C VAL H 62 -35.43 -12.32 56.77
N PHE H 63 -35.20 -11.04 56.49
CA PHE H 63 -33.96 -10.63 55.84
C PHE H 63 -32.77 -11.21 56.58
N GLY H 64 -32.69 -10.93 57.87
CA GLY H 64 -31.58 -11.45 58.66
C GLY H 64 -31.47 -12.96 58.61
N HIS H 65 -32.60 -13.64 58.50
CA HIS H 65 -32.52 -15.09 58.37
C HIS H 65 -31.80 -15.48 57.09
N LEU H 66 -32.14 -14.83 55.98
CA LEU H 66 -31.52 -15.19 54.71
C LEU H 66 -30.09 -14.68 54.60
N VAL H 67 -29.77 -13.56 55.23
CA VAL H 67 -28.40 -13.07 55.12
C VAL H 67 -27.42 -14.01 55.79
N ASP H 68 -27.92 -14.97 56.57
CA ASP H 68 -27.11 -16.11 56.95
C ASP H 68 -27.23 -17.27 55.99
N SER H 69 -28.30 -17.32 55.21
CA SER H 69 -28.50 -18.43 54.28
C SER H 69 -27.34 -18.60 53.33
N TYR H 70 -26.42 -17.65 53.28
CA TYR H 70 -25.10 -17.89 52.73
C TYR H 70 -25.21 -18.31 51.26
N ALA H 71 -25.73 -17.39 50.45
CA ALA H 71 -26.10 -17.73 49.09
C ALA H 71 -25.96 -16.51 48.18
N TYR H 72 -25.83 -16.78 46.89
CA TYR H 72 -25.99 -15.74 45.88
C TYR H 72 -27.23 -14.90 46.17
N MET H 73 -27.05 -13.58 46.25
CA MET H 73 -28.17 -12.67 46.48
C MET H 73 -27.84 -11.29 45.94
N ARG H 74 -28.87 -10.43 45.91
CA ARG H 74 -28.76 -9.01 45.61
C ARG H 74 -29.64 -8.27 46.60
N ASN H 75 -29.65 -6.95 46.55
CA ASN H 75 -30.43 -6.19 47.53
C ASN H 75 -30.53 -4.74 47.11
N GLY H 76 -31.30 -3.98 47.89
CA GLY H 76 -31.30 -2.54 47.85
C GLY H 76 -30.97 -1.98 49.23
N TRP H 77 -30.98 -0.65 49.31
CA TRP H 77 -30.56 0.04 50.51
C TRP H 77 -31.22 1.40 50.57
N ASP H 78 -31.92 1.67 51.66
CA ASP H 78 -32.57 2.94 51.88
C ASP H 78 -32.14 3.50 53.22
N VAL H 79 -31.63 4.72 53.22
CA VAL H 79 -31.03 5.34 54.39
C VAL H 79 -31.85 6.54 54.80
N GLU H 80 -32.13 6.66 56.09
CA GLU H 80 -32.84 7.82 56.62
C GLU H 80 -32.26 8.13 57.99
N VAL H 81 -31.47 9.20 58.08
CA VAL H 81 -30.68 9.53 59.26
C VAL H 81 -31.26 10.78 59.90
N SER H 82 -31.13 10.87 61.22
CA SER H 82 -31.53 12.09 61.91
C SER H 82 -30.91 12.08 63.31
N ALA H 83 -31.06 13.20 64.00
CA ALA H 83 -30.66 13.30 65.40
C ALA H 83 -31.44 14.45 66.01
N VAL H 84 -32.40 14.11 66.88
CA VAL H 84 -33.25 15.14 67.47
C VAL H 84 -32.40 16.06 68.34
N GLY H 85 -32.69 17.35 68.25
CA GLY H 85 -32.00 18.35 69.05
C GLY H 85 -32.92 19.46 69.52
N ASN H 86 -32.51 20.71 69.29
CA ASN H 86 -33.32 21.87 69.62
C ASN H 86 -32.64 23.10 69.04
N GLN H 87 -33.46 24.08 68.62
CA GLN H 87 -33.00 25.08 67.66
C GLN H 87 -31.91 25.98 68.18
N PHE H 88 -31.43 25.76 69.39
CA PHE H 88 -30.34 26.57 69.92
C PHE H 88 -28.99 25.93 69.75
N ASN H 89 -28.91 24.80 69.08
CA ASN H 89 -27.62 24.16 68.87
C ASN H 89 -26.87 24.90 67.77
N GLY H 90 -25.75 24.36 67.33
CA GLY H 90 -25.09 24.90 66.16
C GLY H 90 -23.92 24.06 65.72
N GLY H 91 -23.79 23.88 64.41
CA GLY H 91 -22.67 23.14 63.85
C GLY H 91 -23.01 22.57 62.49
N CYS H 92 -22.27 21.53 62.13
CA CYS H 92 -22.47 20.87 60.83
C CYS H 92 -21.82 19.50 60.88
N LEU H 93 -22.62 18.46 60.76
CA LEU H 93 -22.14 17.09 60.64
C LEU H 93 -22.31 16.61 59.21
N LEU H 94 -21.57 15.56 58.85
CA LEU H 94 -21.58 15.06 57.48
C LEU H 94 -21.96 13.59 57.45
N VAL H 95 -22.99 13.28 56.68
CA VAL H 95 -23.44 11.91 56.50
C VAL H 95 -22.95 11.44 55.15
N ALA H 96 -22.68 10.14 55.03
CA ALA H 96 -21.92 9.68 53.89
C ALA H 96 -22.32 8.29 53.42
N MET H 97 -22.44 8.15 52.10
CA MET H 97 -22.75 6.88 51.46
C MET H 97 -21.52 6.48 50.65
N VAL H 98 -20.81 5.44 51.10
CA VAL H 98 -19.48 5.14 50.61
C VAL H 98 -19.51 3.84 49.82
N PRO H 99 -19.08 3.84 48.60
CA PRO H 99 -18.89 2.58 47.88
C PRO H 99 -17.48 2.06 48.06
N GLU H 100 -17.34 0.79 48.40
CA GLU H 100 -16.02 0.18 48.61
C GLU H 100 -15.18 0.99 49.59
N TRP H 101 -15.63 0.99 50.84
CA TRP H 101 -14.97 1.77 51.86
C TRP H 101 -13.55 1.30 52.10
N LYS H 102 -12.67 2.26 52.31
CA LYS H 102 -11.30 1.99 52.70
C LYS H 102 -10.92 2.93 53.82
N ALA H 103 -9.97 2.49 54.64
CA ALA H 103 -9.43 3.34 55.69
C ALA H 103 -8.84 4.60 55.10
N PHE H 104 -9.42 5.75 55.45
CA PHE H 104 -8.99 7.01 54.89
C PHE H 104 -7.70 7.48 55.55
N ASP H 105 -7.28 8.70 55.20
CA ASP H 105 -6.15 9.35 55.83
C ASP H 105 -6.41 10.84 55.87
N THR H 106 -5.74 11.50 56.81
CA THR H 106 -6.02 12.89 57.17
C THR H 106 -6.31 13.76 55.97
N ARG H 107 -5.37 13.82 55.02
CA ARG H 107 -5.50 14.77 53.93
C ARG H 107 -6.80 14.57 53.17
N GLU H 108 -7.11 13.31 52.83
CA GLU H 108 -8.27 13.10 51.99
C GLU H 108 -9.58 13.40 52.70
N LYS H 109 -9.57 13.50 54.03
CA LYS H 109 -10.76 13.88 54.77
C LYS H 109 -11.51 14.98 54.05
N TYR H 110 -10.79 16.05 53.76
CA TYR H 110 -11.41 17.23 53.15
C TYR H 110 -12.18 16.87 51.91
N GLN H 111 -11.84 15.77 51.26
CA GLN H 111 -12.73 15.18 50.27
C GLN H 111 -13.61 14.17 50.97
N LEU H 112 -14.85 14.46 51.07
CA LEU H 112 -15.82 13.40 51.25
C LEU H 112 -16.96 13.51 50.27
N THR H 113 -17.37 14.68 49.97
CA THR H 113 -18.66 14.88 49.40
C THR H 113 -18.73 14.46 47.98
N LEU H 114 -17.69 13.82 47.45
CA LEU H 114 -17.84 13.14 46.17
C LEU H 114 -19.10 12.30 46.19
N PHE H 115 -19.29 11.56 47.26
CA PHE H 115 -20.37 10.61 47.32
C PHE H 115 -21.69 11.36 47.47
N PRO H 116 -22.80 10.68 47.25
CA PRO H 116 -24.09 11.26 47.63
C PRO H 116 -24.17 11.41 49.13
N HIS H 117 -24.99 12.39 49.55
CA HIS H 117 -24.80 13.00 50.85
C HIS H 117 -25.90 14.02 51.10
N GLN H 118 -25.90 14.56 52.32
CA GLN H 118 -26.70 15.73 52.67
C GLN H 118 -25.88 16.54 53.66
N PHE H 119 -26.52 17.50 54.33
CA PHE H 119 -25.91 18.24 55.42
C PHE H 119 -26.65 17.99 56.72
N ILE H 120 -25.95 18.17 57.82
CA ILE H 120 -26.47 17.86 59.15
C ILE H 120 -26.28 19.09 60.02
N SER H 121 -27.34 19.86 60.20
CA SER H 121 -27.31 20.97 61.14
C SER H 121 -28.72 21.26 61.58
N PRO H 122 -28.95 21.48 62.86
CA PRO H 122 -30.32 21.51 63.37
C PRO H 122 -31.23 22.52 62.67
N ARG H 123 -30.69 23.37 61.81
CA ARG H 123 -31.57 24.30 61.10
C ARG H 123 -32.20 23.68 59.88
N THR H 124 -31.37 23.29 58.90
CA THR H 124 -31.91 22.92 57.59
C THR H 124 -32.61 21.57 57.64
N ASN H 125 -31.88 20.53 57.98
CA ASN H 125 -32.48 19.22 58.03
C ASN H 125 -32.97 18.89 59.43
N MET H 126 -33.91 17.97 59.49
CA MET H 126 -34.13 17.17 60.67
C MET H 126 -34.24 15.71 60.30
N THR H 127 -34.14 15.38 59.02
CA THR H 127 -34.40 14.03 58.54
C THR H 127 -33.57 13.81 57.27
N ALA H 128 -32.41 13.20 57.42
CA ALA H 128 -31.70 12.74 56.25
C ALA H 128 -32.47 11.60 55.60
N HIS H 129 -32.29 11.44 54.30
CA HIS H 129 -33.08 10.45 53.58
C HIS H 129 -32.36 10.16 52.27
N ILE H 130 -31.81 8.96 52.12
CA ILE H 130 -30.93 8.65 50.99
C ILE H 130 -31.05 7.17 50.64
N THR H 131 -30.99 6.88 49.33
CA THR H 131 -31.11 5.52 48.81
C THR H 131 -30.06 5.24 47.76
N VAL H 132 -29.40 4.10 47.88
CA VAL H 132 -28.44 3.63 46.89
C VAL H 132 -29.09 2.50 46.11
N PRO H 133 -29.14 2.57 44.79
CA PRO H 133 -29.51 1.40 44.01
C PRO H 133 -28.36 0.42 44.00
N TYR H 134 -28.71 -0.83 43.80
CA TYR H 134 -27.74 -1.90 43.98
C TYR H 134 -26.55 -1.73 43.07
N LEU H 135 -25.47 -2.39 43.43
CA LEU H 135 -24.39 -2.65 42.49
C LEU H 135 -23.52 -3.73 43.12
N GLY H 136 -22.46 -4.09 42.40
CA GLY H 136 -21.51 -5.08 42.88
C GLY H 136 -20.78 -5.72 41.72
N VAL H 137 -19.81 -6.56 42.07
CA VAL H 137 -19.00 -7.20 41.04
C VAL H 137 -19.83 -8.20 40.26
N ASN H 138 -20.32 -9.24 40.92
CA ASN H 138 -21.24 -10.13 40.23
C ASN H 138 -22.57 -9.44 39.98
N ARG H 139 -23.39 -10.08 39.17
CA ARG H 139 -24.79 -9.73 39.10
C ARG H 139 -25.49 -9.91 40.44
N TYR H 140 -24.86 -10.62 41.36
CA TYR H 140 -25.44 -10.88 42.67
C TYR H 140 -24.31 -10.83 43.68
N ASP H 141 -24.57 -11.30 44.89
CA ASP H 141 -23.50 -11.30 45.87
C ASP H 141 -23.78 -12.34 46.95
N GLN H 142 -22.71 -12.65 47.68
CA GLN H 142 -22.75 -13.48 48.87
C GLN H 142 -21.98 -12.73 49.94
N TYR H 143 -22.67 -12.23 50.96
CA TYR H 143 -22.11 -11.25 51.86
C TYR H 143 -20.86 -11.70 52.58
N LYS H 144 -20.99 -12.70 53.45
CA LYS H 144 -20.03 -12.93 54.52
C LYS H 144 -18.60 -12.61 54.12
N LYS H 145 -18.22 -13.01 52.91
CA LYS H 145 -16.86 -12.76 52.47
C LYS H 145 -16.61 -11.30 52.11
N HIS H 146 -17.65 -10.47 52.03
CA HIS H 146 -17.47 -9.15 51.45
C HIS H 146 -18.54 -8.19 51.95
N LYS H 147 -18.28 -6.90 51.76
CA LYS H 147 -19.24 -5.85 52.05
C LYS H 147 -19.22 -4.79 50.97
N PRO H 148 -20.23 -4.72 50.11
CA PRO H 148 -20.25 -3.69 49.08
C PRO H 148 -20.58 -2.31 49.58
N TRP H 149 -21.00 -2.15 50.82
CA TRP H 149 -21.40 -0.83 51.26
C TRP H 149 -21.10 -0.60 52.73
N THR H 150 -21.19 0.66 53.12
CA THR H 150 -21.08 1.04 54.50
C THR H 150 -21.68 2.42 54.68
N LEU H 151 -22.02 2.74 55.91
CA LEU H 151 -22.76 3.93 56.26
C LEU H 151 -21.91 4.69 57.25
N VAL H 152 -21.33 5.80 56.83
CA VAL H 152 -20.34 6.47 57.66
C VAL H 152 -20.71 7.93 57.87
N VAL H 153 -20.35 8.44 59.03
CA VAL H 153 -20.53 9.83 59.39
C VAL H 153 -19.24 10.28 60.07
N MET H 154 -18.92 11.56 59.88
CA MET H 154 -17.75 12.14 60.51
C MET H 154 -18.00 13.62 60.71
N VAL H 155 -17.21 14.22 61.60
CA VAL H 155 -17.31 15.64 61.88
C VAL H 155 -17.28 16.44 60.61
N LEU H 156 -18.09 17.48 60.56
CA LEU H 156 -17.90 18.52 59.57
C LEU H 156 -17.92 19.92 60.16
N SER H 157 -18.30 20.04 61.42
CA SER H 157 -18.17 21.31 62.13
C SER H 157 -18.14 21.03 63.62
N PRO H 158 -17.33 21.77 64.37
CA PRO H 158 -17.40 21.68 65.82
C PRO H 158 -18.79 22.04 66.29
N LEU H 159 -19.17 21.48 67.42
CA LEU H 159 -20.53 21.60 67.92
C LEU H 159 -20.60 22.63 69.04
N THR H 160 -21.64 23.46 69.00
CA THR H 160 -21.81 24.55 69.93
C THR H 160 -22.94 24.27 70.92
N VAL H 161 -22.84 24.89 72.08
CA VAL H 161 -23.85 24.76 73.12
C VAL H 161 -23.99 26.10 73.84
N SER H 162 -25.22 26.40 74.25
CA SER H 162 -25.52 27.43 75.22
C SER H 162 -26.22 26.77 76.40
N ASN H 163 -26.74 27.58 77.31
CA ASN H 163 -27.45 27.03 78.44
C ASN H 163 -28.79 26.43 78.03
N THR H 164 -29.37 26.93 76.94
CA THR H 164 -30.74 26.56 76.60
C THR H 164 -30.85 25.16 76.01
N ALA H 165 -29.78 24.62 75.45
CA ALA H 165 -29.84 23.40 74.69
C ALA H 165 -29.59 22.18 75.57
N ALA H 166 -29.39 21.02 74.95
CA ALA H 166 -29.06 19.80 75.65
C ALA H 166 -27.61 19.47 75.40
N PRO H 167 -26.78 19.36 76.45
CA PRO H 167 -25.34 19.22 76.24
C PRO H 167 -24.93 17.90 75.61
N GLN H 168 -25.86 16.99 75.35
CA GLN H 168 -25.55 15.78 74.63
C GLN H 168 -26.67 15.49 73.67
N ILE H 169 -26.31 14.85 72.56
CA ILE H 169 -27.29 14.44 71.56
C ILE H 169 -26.91 13.05 71.08
N LYS H 170 -27.91 12.19 70.96
CA LYS H 170 -27.70 10.92 70.31
C LYS H 170 -28.14 11.05 68.85
N VAL H 171 -27.60 10.18 68.01
CA VAL H 171 -27.85 10.23 66.59
C VAL H 171 -28.35 8.88 66.12
N TYR H 172 -29.54 8.85 65.56
CA TYR H 172 -30.06 7.60 65.03
C TYR H 172 -30.01 7.65 63.51
N ALA H 173 -30.48 6.57 62.91
CA ALA H 173 -30.60 6.47 61.46
C ALA H 173 -31.54 5.33 61.15
N ASN H 174 -31.94 5.23 59.89
CA ASN H 174 -32.88 4.22 59.47
C ASN H 174 -32.27 3.36 58.38
N ILE H 175 -32.27 2.06 58.61
CA ILE H 175 -31.61 1.09 57.74
C ILE H 175 -32.59 -0.02 57.45
N ALA H 176 -32.93 -0.18 56.18
CA ALA H 176 -33.68 -1.36 55.77
C ALA H 176 -33.49 -1.54 54.27
N PRO H 177 -33.10 -2.73 53.85
CA PRO H 177 -32.97 -2.98 52.43
C PRO H 177 -34.32 -2.90 51.73
N THR H 178 -34.28 -2.69 50.42
CA THR H 178 -35.47 -2.73 49.59
C THR H 178 -35.17 -3.53 48.35
N TYR H 179 -36.21 -3.73 47.54
CA TYR H 179 -36.04 -4.27 46.20
C TYR H 179 -35.35 -5.63 46.24
N VAL H 180 -35.55 -6.38 47.31
CA VAL H 180 -34.73 -7.56 47.52
C VAL H 180 -35.03 -8.62 46.48
N HIS H 181 -33.97 -9.20 45.92
CA HIS H 181 -34.04 -10.48 45.27
C HIS H 181 -32.94 -11.35 45.87
N VAL H 182 -33.24 -12.63 46.03
CA VAL H 182 -32.35 -13.46 46.81
C VAL H 182 -31.42 -14.25 45.91
N GLY I 1 3.22 -7.73 -12.08
CA GLY I 1 2.14 -6.78 -11.88
C GLY I 1 2.18 -6.07 -10.55
N ILE I 2 3.38 -5.74 -10.08
CA ILE I 2 3.54 -5.13 -8.78
C ILE I 2 2.91 -3.75 -8.79
N PHE I 3 2.29 -3.39 -7.71
CA PHE I 3 1.96 -1.98 -7.54
C PHE I 3 3.20 -1.21 -7.09
N PRO I 4 3.40 -0.01 -7.60
CA PRO I 4 4.57 0.77 -7.18
C PRO I 4 4.72 0.85 -5.68
N VAL I 5 5.81 0.29 -5.17
CA VAL I 5 6.01 0.21 -3.73
C VAL I 5 6.57 1.56 -3.28
N ALA I 6 5.67 2.53 -3.08
CA ALA I 6 6.09 3.87 -2.71
C ALA I 6 6.53 3.86 -1.26
N CYS I 7 7.70 3.28 -1.04
CA CYS I 7 8.16 2.96 0.31
C CYS I 7 8.21 4.21 1.17
N ALA I 8 8.31 3.99 2.47
CA ALA I 8 8.34 5.10 3.39
C ALA I 8 9.78 5.52 3.67
N ASP I 9 10.07 6.80 3.46
CA ASP I 9 11.34 7.42 3.85
C ASP I 9 11.15 8.03 5.23
N GLY I 10 11.43 7.26 6.28
CA GLY I 10 11.62 7.86 7.57
C GLY I 10 10.40 8.49 8.21
N TYR I 11 9.42 7.68 8.58
CA TYR I 11 8.27 8.13 9.34
C TYR I 11 7.83 7.00 10.25
N GLY I 12 6.63 7.11 10.78
CA GLY I 12 6.05 5.98 11.46
C GLY I 12 6.78 5.62 12.72
N GLY I 13 6.73 6.52 13.71
CA GLY I 13 7.42 6.28 14.96
C GLY I 13 6.50 5.64 15.97
N LEU I 14 7.00 4.60 16.63
CA LEU I 14 6.27 4.09 17.78
C LEU I 14 6.36 5.12 18.86
N VAL I 15 5.35 5.95 18.96
CA VAL I 15 5.39 7.05 19.91
C VAL I 15 4.08 7.18 20.64
N THR I 16 3.95 8.23 21.41
CA THR I 16 2.98 8.25 22.50
C THR I 16 1.55 8.53 22.04
N THR I 17 1.30 9.73 21.50
CA THR I 17 -0.05 10.24 21.34
C THR I 17 -0.89 9.45 20.35
N ASP I 18 -0.28 8.44 19.76
CA ASP I 18 -0.72 7.98 18.46
C ASP I 18 -2.15 7.44 18.52
N PRO I 19 -2.88 7.50 17.41
CA PRO I 19 -4.23 6.90 17.35
C PRO I 19 -4.26 5.52 16.69
N LYS I 20 -3.12 4.95 16.35
CA LYS I 20 -3.14 3.68 15.63
C LYS I 20 -3.56 2.54 16.55
N THR I 21 -4.06 1.47 15.95
CA THR I 21 -4.74 0.38 16.65
C THR I 21 -3.99 -0.94 16.42
N ALA I 22 -4.61 -2.04 16.83
CA ALA I 22 -3.94 -3.33 16.78
C ALA I 22 -4.85 -4.45 16.27
N ASP I 23 -4.40 -5.70 16.39
CA ASP I 23 -5.11 -6.85 15.85
C ASP I 23 -5.59 -7.75 16.98
N PRO I 24 -6.90 -7.98 17.10
CA PRO I 24 -7.38 -8.95 18.09
C PRO I 24 -6.80 -10.32 17.80
N VAL I 25 -6.55 -11.08 18.85
CA VAL I 25 -5.85 -12.34 18.66
C VAL I 25 -6.65 -13.54 19.17
N TYR I 26 -6.85 -13.65 20.48
CA TYR I 26 -7.80 -14.64 20.97
C TYR I 26 -9.14 -13.93 20.95
N GLY I 27 -9.47 -13.34 19.81
CA GLY I 27 -10.45 -12.29 19.76
C GLY I 27 -11.85 -12.76 19.47
N LYS I 28 -12.66 -11.86 18.93
CA LYS I 28 -14.05 -12.13 18.59
C LYS I 28 -14.79 -12.68 19.81
N VAL I 29 -14.91 -11.82 20.81
CA VAL I 29 -15.46 -12.22 22.09
C VAL I 29 -16.43 -11.14 22.56
N TYR I 30 -17.62 -11.54 22.92
CA TYR I 30 -18.61 -10.57 23.36
C TYR I 30 -18.43 -10.28 24.84
N ASN I 31 -19.30 -9.42 25.36
CA ASN I 31 -19.48 -9.22 26.78
C ASN I 31 -20.92 -8.79 27.01
N PRO I 32 -21.49 -9.11 28.16
CA PRO I 32 -22.82 -8.64 28.46
C PRO I 32 -22.84 -7.13 28.52
N PRO I 33 -23.64 -6.48 27.67
CA PRO I 33 -23.56 -5.03 27.56
C PRO I 33 -23.79 -4.37 28.90
N LYS I 34 -22.92 -3.43 29.22
CA LYS I 34 -22.86 -2.83 30.54
C LYS I 34 -23.75 -1.60 30.68
N THR I 35 -24.78 -1.48 29.86
CA THR I 35 -25.70 -0.38 30.02
C THR I 35 -26.54 -0.61 31.27
N ASN I 36 -27.21 0.46 31.72
CA ASN I 36 -28.17 0.41 32.79
C ASN I 36 -27.46 0.25 34.12
N TYR I 37 -26.15 0.09 34.08
CA TYR I 37 -25.40 0.12 35.30
C TYR I 37 -25.34 1.55 35.80
N PRO I 38 -25.40 1.76 37.07
CA PRO I 38 -25.40 3.14 37.57
C PRO I 38 -24.02 3.75 37.53
N GLY I 39 -23.89 4.95 38.09
CA GLY I 39 -22.60 5.57 38.24
C GLY I 39 -21.87 5.90 36.96
N ARG I 40 -22.57 6.03 35.85
CA ARG I 40 -21.91 6.38 34.62
C ARG I 40 -21.53 7.85 34.65
N PHE I 41 -20.44 8.17 33.97
CA PHE I 41 -20.06 9.55 33.79
C PHE I 41 -19.07 9.63 32.66
N THR I 42 -18.73 10.84 32.25
CA THR I 42 -17.63 11.05 31.33
C THR I 42 -16.66 12.10 31.82
N ASN I 43 -17.14 13.19 32.39
CA ASN I 43 -16.37 14.42 32.52
C ASN I 43 -15.91 14.64 33.95
N LEU I 44 -14.59 14.80 34.14
CA LEU I 44 -14.13 15.29 35.42
C LEU I 44 -14.76 16.63 35.73
N LEU I 45 -14.85 17.50 34.74
CA LEU I 45 -15.56 18.75 34.95
C LEU I 45 -16.95 18.52 35.46
N ASP I 46 -17.79 17.88 34.65
CA ASP I 46 -19.22 17.88 34.94
C ASP I 46 -19.50 17.26 36.29
N VAL I 47 -18.79 16.20 36.64
CA VAL I 47 -18.97 15.62 37.96
C VAL I 47 -18.43 16.58 39.00
N ALA I 48 -17.58 17.52 38.59
CA ALA I 48 -17.13 18.52 39.53
C ALA I 48 -18.07 19.72 39.57
N GLU I 49 -19.27 19.57 39.00
CA GLU I 49 -20.26 20.63 39.18
C GLU I 49 -21.15 20.36 40.38
N ALA I 50 -21.88 19.25 40.36
CA ALA I 50 -22.79 18.97 41.46
C ALA I 50 -22.04 18.73 42.75
N CYS I 51 -20.78 18.43 42.66
CA CYS I 51 -20.11 18.18 43.90
C CYS I 51 -19.35 19.40 44.36
N PRO I 52 -19.68 19.91 45.50
CA PRO I 52 -18.87 21.00 46.07
C PRO I 52 -17.63 20.42 46.72
N THR I 53 -16.92 21.26 47.46
CA THR I 53 -15.60 20.93 48.00
C THR I 53 -15.49 21.53 49.39
N PHE I 54 -14.27 21.65 49.88
CA PHE I 54 -14.02 22.37 51.13
C PHE I 54 -12.73 23.17 50.96
N LEU I 55 -12.25 23.75 52.05
CA LEU I 55 -11.07 24.59 52.04
C LEU I 55 -10.26 24.30 53.29
N ARG I 56 -9.32 25.18 53.61
CA ARG I 56 -8.44 24.97 54.75
C ARG I 56 -7.84 26.29 55.17
N PHE I 57 -7.64 26.43 56.47
CA PHE I 57 -6.92 27.56 57.03
C PHE I 57 -5.85 27.01 57.98
N ASP I 58 -4.89 27.87 58.31
CA ASP I 58 -3.72 27.43 59.05
C ASP I 58 -4.11 26.65 60.30
N ASP I 59 -5.28 26.92 60.83
CA ASP I 59 -5.76 26.14 61.94
C ASP I 59 -6.06 24.73 61.58
N GLY I 60 -5.80 24.33 60.33
CA GLY I 60 -6.02 22.95 59.93
C GLY I 60 -7.46 22.53 60.07
N LYS I 61 -8.33 23.44 60.46
CA LYS I 61 -9.74 23.17 60.63
C LYS I 61 -10.51 23.67 59.42
N PRO I 62 -11.15 22.78 58.68
CA PRO I 62 -11.74 23.19 57.40
C PRO I 62 -12.68 24.35 57.54
N TYR I 63 -13.55 24.33 58.53
CA TYR I 63 -14.49 25.41 58.70
C TYR I 63 -13.76 26.71 58.95
N VAL I 64 -14.50 27.81 58.96
CA VAL I 64 -13.93 29.13 59.20
C VAL I 64 -14.10 29.48 60.66
N VAL I 65 -13.00 29.87 61.31
CA VAL I 65 -13.13 30.58 62.57
C VAL I 65 -13.90 31.86 62.28
N THR I 66 -15.05 32.01 62.89
CA THR I 66 -15.93 33.13 62.59
C THR I 66 -16.18 33.90 63.88
N ARG I 67 -15.24 34.78 64.19
CA ARG I 67 -15.35 35.65 65.35
C ARG I 67 -16.60 36.50 65.20
N ALA I 68 -17.27 36.76 66.32
CA ALA I 68 -18.52 37.51 66.28
C ALA I 68 -18.45 38.65 67.27
N ASP I 69 -17.86 39.76 66.85
CA ASP I 69 -17.72 40.94 67.68
C ASP I 69 -17.40 42.13 66.78
N ASP I 70 -17.00 43.24 67.40
CA ASP I 70 -16.85 44.51 66.69
C ASP I 70 -15.83 44.45 65.57
N THR I 71 -15.11 43.34 65.41
CA THR I 71 -14.15 43.23 64.32
C THR I 71 -14.81 43.50 62.99
N ARG I 72 -14.05 44.02 62.05
CA ARG I 72 -14.54 44.26 60.70
C ARG I 72 -13.95 43.30 59.68
N LEU I 73 -12.67 43.01 59.79
CA LEU I 73 -12.01 42.08 58.88
C LEU I 73 -12.34 40.66 59.30
N LEU I 74 -12.73 39.81 58.34
CA LEU I 74 -13.14 38.46 58.68
C LEU I 74 -11.96 37.49 58.65
N ALA I 75 -11.38 37.33 57.48
CA ALA I 75 -10.17 36.56 57.23
C ALA I 75 -9.93 36.67 55.74
N LYS I 76 -8.70 36.46 55.33
CA LYS I 76 -8.38 36.60 53.93
C LYS I 76 -7.56 35.42 53.46
N PHE I 77 -8.06 34.75 52.42
CA PHE I 77 -7.36 33.67 51.76
C PHE I 77 -7.08 34.06 50.31
N ASP I 78 -6.51 33.10 49.58
CA ASP I 78 -6.25 33.24 48.16
C ASP I 78 -6.87 32.06 47.42
N VAL I 79 -7.05 32.24 46.12
CA VAL I 79 -7.54 31.16 45.25
C VAL I 79 -6.61 31.14 44.03
N SER I 80 -5.58 30.32 44.10
CA SER I 80 -4.84 29.94 42.91
C SER I 80 -5.49 28.70 42.35
N LEU I 81 -4.82 28.07 41.40
CA LEU I 81 -5.13 26.68 41.16
C LEU I 81 -4.24 25.77 41.97
N ALA I 82 -3.26 26.33 42.66
CA ALA I 82 -2.38 25.53 43.50
C ALA I 82 -1.87 26.44 44.61
N ALA I 83 -2.48 26.34 45.78
CA ALA I 83 -2.10 27.18 46.89
C ALA I 83 -2.54 26.54 48.20
N LYS I 84 -1.79 26.86 49.25
CA LYS I 84 -2.05 26.28 50.55
C LYS I 84 -3.51 26.41 50.93
N HIS I 85 -4.15 27.50 50.52
CA HIS I 85 -5.56 27.60 50.80
C HIS I 85 -6.36 26.52 50.09
N MET I 86 -5.85 25.95 49.01
CA MET I 86 -6.70 25.13 48.17
C MET I 86 -5.99 23.87 47.72
N SER I 87 -5.23 23.24 48.61
CA SER I 87 -4.63 22.00 48.19
C SER I 87 -5.68 20.91 48.14
N ASN I 88 -6.20 20.58 49.30
CA ASN I 88 -6.97 19.36 49.44
C ASN I 88 -8.29 19.55 48.75
N THR I 89 -8.26 19.64 47.43
CA THR I 89 -9.32 20.29 46.69
C THR I 89 -9.58 19.58 45.38
N TYR I 90 -10.77 19.03 45.25
CA TYR I 90 -11.07 18.12 44.14
C TYR I 90 -10.73 18.73 42.79
N LEU I 91 -10.60 20.04 42.73
CA LEU I 91 -10.17 20.64 41.47
C LEU I 91 -8.68 20.49 41.27
N SER I 92 -7.89 20.97 42.23
CA SER I 92 -6.47 21.16 42.03
C SER I 92 -5.78 19.89 41.57
N GLY I 93 -5.98 18.80 42.31
CA GLY I 93 -5.38 17.54 41.89
C GLY I 93 -5.75 17.22 40.46
N ILE I 94 -7.04 17.21 40.16
CA ILE I 94 -7.46 17.13 38.77
C ILE I 94 -6.81 18.23 37.97
N ALA I 95 -6.72 19.42 38.55
CA ALA I 95 -6.06 20.50 37.82
C ALA I 95 -4.58 20.22 37.64
N GLN I 96 -3.87 19.91 38.72
CA GLN I 96 -2.42 19.97 38.70
C GLN I 96 -1.84 19.06 37.64
N TYR I 97 -2.70 18.31 36.94
CA TYR I 97 -2.21 17.49 35.86
C TYR I 97 -2.37 18.19 34.53
N TYR I 98 -2.29 19.51 34.53
CA TYR I 98 -2.59 20.30 33.33
C TYR I 98 -1.78 21.59 33.37
N THR I 99 -1.80 22.34 32.27
CA THR I 99 -1.08 23.60 32.26
C THR I 99 -1.98 24.74 31.86
N GLN I 100 -2.75 24.55 30.81
CA GLN I 100 -3.71 25.57 30.40
C GLN I 100 -5.06 25.31 31.05
N TYR I 101 -5.72 26.39 31.47
CA TYR I 101 -7.03 26.30 32.10
C TYR I 101 -7.76 27.61 31.89
N SER I 102 -9.08 27.54 31.82
CA SER I 102 -9.84 28.77 31.62
C SER I 102 -11.25 28.61 32.17
N GLY I 103 -11.86 29.75 32.43
CA GLY I 103 -13.25 29.81 32.82
C GLY I 103 -13.43 30.15 34.29
N THR I 104 -14.66 30.53 34.60
CA THR I 104 -15.02 30.99 35.93
C THR I 104 -14.77 29.90 36.98
N ILE I 105 -14.77 30.30 38.24
CA ILE I 105 -14.54 29.40 39.36
C ILE I 105 -15.68 29.58 40.36
N ASN I 106 -16.00 28.51 41.08
CA ASN I 106 -17.16 28.48 41.94
C ASN I 106 -16.78 28.44 43.41
N LEU I 107 -17.74 28.78 44.27
CA LEU I 107 -17.55 28.73 45.71
C LEU I 107 -18.88 28.36 46.37
N HIS I 108 -18.87 28.30 47.69
CA HIS I 108 -20.08 28.06 48.47
C HIS I 108 -19.92 28.66 49.85
N PHE I 109 -21.04 28.77 50.54
CA PHE I 109 -21.08 29.26 51.91
C PHE I 109 -22.22 28.59 52.66
N MET I 110 -21.96 28.17 53.89
CA MET I 110 -22.93 27.50 54.74
C MET I 110 -22.87 28.12 56.11
N PHE I 111 -24.02 28.54 56.62
CA PHE I 111 -24.05 29.32 57.85
C PHE I 111 -24.19 28.41 59.06
N THR I 112 -23.94 28.96 60.23
CA THR I 112 -23.90 28.08 61.40
C THR I 112 -24.83 28.50 62.53
N GLY I 113 -24.97 29.78 62.80
CA GLY I 113 -25.80 30.22 63.91
C GLY I 113 -27.25 29.88 63.68
N SER I 114 -28.04 29.95 64.75
CA SER I 114 -29.45 29.68 64.64
C SER I 114 -30.12 30.69 63.72
N THR I 115 -31.12 30.22 62.97
CA THR I 115 -31.70 31.01 61.90
C THR I 115 -32.18 32.37 62.39
N ASP I 116 -32.69 32.42 63.62
CA ASP I 116 -33.21 33.68 64.16
C ASP I 116 -32.19 34.80 64.04
N SER I 117 -30.91 34.48 64.18
CA SER I 117 -29.88 35.51 64.25
C SER I 117 -29.77 36.24 62.94
N LYS I 118 -29.99 37.55 62.97
CA LYS I 118 -29.71 38.37 61.80
C LYS I 118 -28.21 38.37 61.54
N ALA I 119 -27.84 38.73 60.31
CA ALA I 119 -26.45 38.67 59.93
C ALA I 119 -26.24 39.51 58.68
N ARG I 120 -24.97 39.78 58.40
CA ARG I 120 -24.54 40.49 57.22
C ARG I 120 -23.17 39.98 56.82
N TYR I 121 -22.96 39.83 55.52
CA TYR I 121 -21.66 39.44 55.00
C TYR I 121 -21.51 40.01 53.61
N MET I 122 -20.29 40.01 53.09
CA MET I 122 -20.04 40.66 51.82
C MET I 122 -18.88 39.97 51.11
N VAL I 123 -19.20 39.12 50.14
CA VAL I 123 -18.17 38.57 49.27
C VAL I 123 -17.59 39.71 48.45
N ALA I 124 -16.34 39.56 48.04
CA ALA I 124 -15.69 40.66 47.36
C ALA I 124 -14.46 40.15 46.62
N TYR I 125 -14.40 40.47 45.33
CA TYR I 125 -13.24 40.16 44.52
C TYR I 125 -12.19 41.25 44.61
N ILE I 126 -10.93 40.87 44.42
CA ILE I 126 -9.86 41.85 44.34
C ILE I 126 -8.94 41.47 43.18
N PRO I 127 -8.63 42.38 42.27
CA PRO I 127 -7.79 42.06 41.13
C PRO I 127 -6.33 42.01 41.51
N PRO I 128 -5.57 41.18 40.85
CA PRO I 128 -4.18 40.95 41.27
C PRO I 128 -3.27 42.11 40.97
N GLY I 129 -3.20 43.08 41.88
CA GLY I 129 -2.38 44.24 41.62
C GLY I 129 -2.99 45.55 42.05
N VAL I 130 -4.10 45.50 42.79
CA VAL I 130 -4.63 46.68 43.43
C VAL I 130 -3.62 47.34 44.36
N GLU I 131 -2.55 46.63 44.70
CA GLU I 131 -1.42 47.10 45.49
C GLU I 131 -1.81 47.34 46.94
N THR I 132 -3.10 47.20 47.27
CA THR I 132 -3.55 47.36 48.64
C THR I 132 -4.88 46.66 48.83
N PRO I 133 -4.99 45.75 49.80
CA PRO I 133 -6.27 45.14 50.10
C PRO I 133 -7.21 46.17 50.69
N PRO I 134 -8.48 46.11 50.33
CA PRO I 134 -9.43 47.08 50.89
C PRO I 134 -9.63 46.86 52.38
N ASP I 135 -10.14 47.90 53.04
CA ASP I 135 -10.31 47.87 54.48
C ASP I 135 -11.63 48.48 54.92
N THR I 136 -12.65 48.42 54.06
CA THR I 136 -13.98 48.95 54.32
C THR I 136 -14.91 48.41 53.24
N PRO I 137 -16.15 48.01 53.57
CA PRO I 137 -17.00 47.39 52.56
C PRO I 137 -17.19 48.19 51.28
N GLU I 138 -17.56 49.47 51.39
CA GLU I 138 -17.90 50.23 50.20
C GLU I 138 -16.69 50.47 49.30
N GLU I 139 -15.51 50.68 49.88
CA GLU I 139 -14.33 50.84 49.04
C GLU I 139 -13.80 49.50 48.55
N ALA I 140 -14.03 48.43 49.30
CA ALA I 140 -13.81 47.08 48.77
C ALA I 140 -14.67 46.85 47.55
N ALA I 141 -15.95 47.19 47.66
CA ALA I 141 -16.95 47.02 46.62
C ALA I 141 -16.46 47.47 45.25
N HIS I 142 -15.60 48.49 45.22
CA HIS I 142 -15.17 49.07 43.94
C HIS I 142 -14.69 48.04 42.96
N CYS I 143 -14.11 46.95 43.43
CA CYS I 143 -13.67 45.93 42.48
C CYS I 143 -14.85 45.03 42.09
N ILE I 144 -15.33 44.21 43.01
CA ILE I 144 -16.50 43.37 42.83
C ILE I 144 -16.98 42.98 44.21
N HIS I 145 -18.29 42.83 44.36
CA HIS I 145 -18.87 42.57 45.67
C HIS I 145 -20.34 42.23 45.49
N ALA I 146 -20.94 41.73 46.55
CA ALA I 146 -22.37 41.40 46.59
C ALA I 146 -22.72 41.13 48.04
N GLU I 147 -23.95 40.66 48.27
CA GLU I 147 -24.47 40.54 49.62
C GLU I 147 -25.31 39.28 49.76
N TRP I 148 -25.58 38.93 51.01
CA TRP I 148 -26.81 38.25 51.36
C TRP I 148 -27.02 38.40 52.86
N ASP I 149 -28.02 37.70 53.37
CA ASP I 149 -28.31 37.67 54.79
C ASP I 149 -28.66 36.26 55.20
N THR I 150 -28.78 36.08 56.52
CA THR I 150 -29.43 34.88 57.02
C THR I 150 -30.83 34.76 56.47
N GLY I 151 -31.51 35.90 56.33
CA GLY I 151 -32.87 35.92 55.86
C GLY I 151 -33.09 35.20 54.56
N LEU I 152 -34.14 34.40 54.49
CA LEU I 152 -34.71 33.83 53.28
C LEU I 152 -33.78 32.85 52.58
N ASN I 153 -32.55 32.67 53.07
CA ASN I 153 -31.66 31.69 52.48
C ASN I 153 -30.47 31.46 53.40
N SER I 154 -29.94 30.25 53.34
CA SER I 154 -28.74 29.89 54.07
C SER I 154 -27.59 29.50 53.17
N LYS I 155 -27.84 28.79 52.09
CA LYS I 155 -26.80 28.47 51.13
C LYS I 155 -26.52 29.67 50.23
N PHE I 156 -25.43 29.56 49.47
CA PHE I 156 -25.11 30.48 48.38
C PHE I 156 -23.93 29.95 47.60
N THR I 157 -23.90 30.26 46.31
CA THR I 157 -22.75 29.96 45.47
C THR I 157 -22.32 31.23 44.78
N PHE I 158 -21.01 31.42 44.67
CA PHE I 158 -20.45 32.66 44.18
C PHE I 158 -19.40 32.38 43.10
N SER I 159 -19.04 33.42 42.35
CA SER I 159 -18.09 33.24 41.26
C SER I 159 -17.26 34.50 41.05
N ILE I 160 -15.98 34.29 40.70
CA ILE I 160 -15.09 35.34 40.22
C ILE I 160 -14.97 35.26 38.70
N PRO I 161 -15.08 36.37 37.99
CA PRO I 161 -14.83 36.33 36.55
C PRO I 161 -13.39 35.96 36.24
N TYR I 162 -13.21 35.22 35.15
CA TYR I 162 -11.93 34.60 34.82
C TYR I 162 -10.97 35.65 34.26
N VAL I 163 -10.69 36.64 35.07
CA VAL I 163 -9.73 37.65 34.67
C VAL I 163 -8.36 36.99 34.56
N SER I 164 -7.52 37.55 33.70
CA SER I 164 -6.19 37.00 33.46
C SER I 164 -5.39 38.02 32.66
N ALA I 165 -4.22 37.58 32.18
CA ALA I 165 -3.54 38.31 31.13
C ALA I 165 -4.13 37.97 29.77
N ALA I 166 -4.04 36.71 29.38
CA ALA I 166 -4.58 36.23 28.12
C ALA I 166 -5.78 35.35 28.41
N ASP I 167 -6.40 34.81 27.37
CA ASP I 167 -7.60 34.05 27.64
C ASP I 167 -7.29 32.66 28.13
N TYR I 168 -6.28 32.55 29.00
CA TYR I 168 -5.72 31.30 29.52
C TYR I 168 -4.65 31.69 30.51
N ALA I 169 -4.07 30.72 31.22
CA ALA I 169 -3.00 31.02 32.16
C ALA I 169 -2.32 29.73 32.56
N TYR I 170 -1.22 29.87 33.28
CA TYR I 170 -0.47 28.73 33.78
C TYR I 170 -1.09 28.17 35.05
N THR I 171 -1.17 26.85 35.14
CA THR I 171 -1.63 26.25 36.38
C THR I 171 -0.63 26.47 37.49
N ALA I 172 0.55 25.90 37.37
CA ALA I 172 1.55 26.19 38.38
C ALA I 172 1.96 27.64 38.28
N SER I 173 2.55 28.15 39.35
CA SER I 173 3.00 29.52 39.43
C SER I 173 4.52 29.57 39.29
N ASP I 174 5.01 30.79 39.13
CA ASP I 174 6.39 31.02 38.72
C ASP I 174 7.27 31.36 39.92
N THR I 175 8.56 31.15 39.73
CA THR I 175 9.61 31.58 40.65
C THR I 175 10.50 32.60 39.96
N ALA I 176 9.88 33.54 39.25
CA ALA I 176 10.61 34.59 38.58
C ALA I 176 10.01 35.97 38.78
N GLU I 177 8.91 36.09 39.53
CA GLU I 177 8.31 37.39 39.79
C GLU I 177 7.61 37.34 41.14
N THR I 178 6.88 38.41 41.46
CA THR I 178 6.33 38.62 42.79
C THR I 178 4.81 38.64 42.80
N THR I 179 4.19 39.44 41.95
CA THR I 179 2.78 39.76 42.09
C THR I 179 1.92 38.50 42.08
N ASN I 180 1.06 38.38 43.08
CA ASN I 180 0.08 37.31 43.12
C ASN I 180 -0.74 37.29 41.84
N VAL I 181 -1.12 36.08 41.42
CA VAL I 181 -1.79 35.94 40.13
C VAL I 181 -3.23 36.42 40.21
N GLN I 182 -3.87 36.32 41.37
CA GLN I 182 -5.27 36.66 41.48
C GLN I 182 -5.56 37.74 42.50
N GLY I 183 -4.94 37.68 43.68
CA GLY I 183 -5.22 38.64 44.74
C GLY I 183 -5.38 38.01 46.10
N TRP I 184 -6.35 38.49 46.87
CA TRP I 184 -6.67 37.94 48.18
C TRP I 184 -8.16 37.92 48.40
N VAL I 185 -8.90 37.57 47.36
CA VAL I 185 -10.35 37.74 47.28
C VAL I 185 -11.07 37.10 48.44
N CYS I 186 -11.72 37.92 49.27
CA CYS I 186 -12.30 37.45 50.51
C CYS I 186 -13.45 38.39 50.90
N VAL I 187 -13.91 38.25 52.14
CA VAL I 187 -15.27 38.63 52.50
C VAL I 187 -15.27 39.67 53.61
N TYR I 188 -16.26 40.57 53.54
CA TYR I 188 -16.55 41.53 54.60
C TYR I 188 -17.95 41.28 55.14
N GLN I 189 -18.34 42.10 56.12
CA GLN I 189 -19.58 41.92 56.85
C GLN I 189 -20.01 43.22 57.51
N ILE I 190 -21.31 43.39 57.66
CA ILE I 190 -21.87 44.47 58.44
C ILE I 190 -22.24 43.89 59.80
N THR I 191 -22.57 44.76 60.75
CA THR I 191 -22.68 44.45 62.17
C THR I 191 -23.27 43.06 62.43
N HIS I 192 -22.50 42.25 63.15
CA HIS I 192 -23.01 40.96 63.59
C HIS I 192 -24.19 41.17 64.52
N GLY I 193 -25.20 40.32 64.38
CA GLY I 193 -26.36 40.49 65.23
C GLY I 193 -26.11 39.98 66.63
N LYS I 194 -25.93 38.67 66.77
CA LYS I 194 -25.65 38.05 68.05
C LYS I 194 -25.30 36.59 67.84
N ALA I 195 -24.24 36.12 68.51
CA ALA I 195 -23.86 34.74 68.41
C ALA I 195 -22.82 34.40 69.46
N GLU I 196 -23.00 33.27 70.13
CA GLU I 196 -21.95 32.84 71.05
C GLU I 196 -20.80 32.21 70.29
N ASN I 197 -21.10 31.47 69.22
CA ASN I 197 -20.04 30.88 68.40
C ASN I 197 -20.61 30.55 67.03
N ASP I 198 -20.19 31.29 66.02
CA ASP I 198 -20.59 31.02 64.65
C ASP I 198 -19.68 29.96 64.05
N THR I 199 -19.79 29.76 62.73
CA THR I 199 -18.89 28.93 61.94
C THR I 199 -19.24 29.08 60.47
N LEU I 200 -18.26 28.98 59.57
CA LEU I 200 -18.57 29.07 58.15
C LEU I 200 -17.87 27.96 57.36
N LEU I 201 -18.56 27.51 56.32
CA LEU I 201 -18.02 26.55 55.38
C LEU I 201 -17.92 27.18 54.01
N VAL I 202 -17.14 26.53 53.15
CA VAL I 202 -16.81 27.12 51.86
C VAL I 202 -16.24 26.04 50.96
N SER I 203 -16.55 26.13 49.66
CA SER I 203 -16.15 25.11 48.72
C SER I 203 -15.69 25.77 47.44
N ALA I 204 -15.44 24.93 46.45
CA ALA I 204 -15.28 25.35 45.06
C ALA I 204 -15.81 24.21 44.20
N SER I 205 -15.91 24.47 42.91
CA SER I 205 -16.47 23.45 42.05
C SER I 205 -16.38 23.90 40.61
N ALA I 206 -16.58 22.94 39.72
CA ALA I 206 -16.78 23.25 38.33
C ALA I 206 -18.18 23.82 38.13
N GLY I 207 -18.31 24.61 37.08
CA GLY I 207 -19.59 25.18 36.68
C GLY I 207 -19.68 25.28 35.19
N LYS I 208 -20.20 26.39 34.69
CA LYS I 208 -20.39 26.50 33.26
C LYS I 208 -19.08 26.65 32.50
N ASP I 209 -17.96 26.87 33.19
CA ASP I 209 -16.83 27.49 32.53
C ASP I 209 -15.48 26.84 32.79
N PHE I 210 -15.34 26.01 33.80
CA PHE I 210 -14.04 25.52 34.24
C PHE I 210 -13.40 24.62 33.18
N GLU I 211 -12.35 25.07 32.51
CA GLU I 211 -11.82 24.33 31.37
C GLU I 211 -10.30 24.22 31.47
N LEU I 212 -9.72 23.47 30.53
CA LEU I 212 -8.33 23.06 30.66
C LEU I 212 -7.70 22.85 29.30
N ARG I 213 -6.37 22.95 29.23
CA ARG I 213 -5.58 22.36 28.14
C ARG I 213 -4.25 21.82 28.67
N LEU I 214 -3.63 20.99 27.85
CA LEU I 214 -3.31 19.66 28.33
C LEU I 214 -2.27 18.77 27.67
N PRO I 215 -1.88 17.70 28.38
CA PRO I 215 -1.59 17.55 29.81
C PRO I 215 -0.18 17.03 29.99
N ILE I 216 0.44 17.12 31.17
CA ILE I 216 1.70 16.40 31.41
C ILE I 216 1.79 16.08 32.89
N ASP I 217 2.42 14.97 33.22
CA ASP I 217 2.79 14.71 34.60
C ASP I 217 3.76 15.73 35.13
N PRO I 218 3.53 16.25 36.29
CA PRO I 218 4.60 16.94 37.02
C PRO I 218 5.38 16.01 37.94
N ARG I 219 4.73 14.97 38.45
CA ARG I 219 5.23 14.34 39.67
C ARG I 219 6.49 13.51 39.37
N THR I 220 6.98 12.83 40.38
CA THR I 220 8.28 12.16 40.34
C THR I 220 8.12 10.66 40.14
N GLN I 221 7.20 10.26 39.28
CA GLN I 221 6.91 8.86 38.96
C GLN I 221 8.13 7.96 38.92
N ARG J 1 -23.76 -19.82 22.16
CA ARG J 1 -22.86 -20.82 21.62
C ARG J 1 -22.07 -20.22 20.50
N HIS J 2 -20.79 -19.97 20.73
CA HIS J 2 -19.94 -19.37 19.72
C HIS J 2 -18.54 -19.95 19.70
N HIS J 3 -18.41 -21.20 20.09
CA HIS J 3 -17.17 -21.92 19.89
C HIS J 3 -17.48 -23.39 19.71
N THR J 4 -16.43 -24.20 19.69
CA THR J 4 -16.53 -25.64 19.47
C THR J 4 -17.25 -25.98 18.17
N ASP J 5 -17.40 -25.01 17.27
CA ASP J 5 -17.59 -25.27 15.86
C ASP J 5 -16.23 -25.05 15.21
N VAL J 6 -15.61 -26.15 14.80
CA VAL J 6 -14.18 -26.22 14.57
C VAL J 6 -13.66 -24.98 13.89
N GLY J 7 -14.51 -24.37 13.05
CA GLY J 7 -14.17 -23.25 12.21
C GLY J 7 -13.38 -22.18 12.93
N PHE J 8 -13.36 -22.23 14.24
CA PHE J 8 -12.50 -21.36 15.01
C PHE J 8 -11.43 -22.10 15.78
N ILE J 9 -11.59 -23.40 16.00
CA ILE J 9 -10.66 -24.05 16.91
C ILE J 9 -9.41 -24.47 16.19
N MET J 10 -9.53 -24.98 14.97
CA MET J 10 -8.39 -25.67 14.37
C MET J 10 -7.66 -24.78 13.39
N ASP J 11 -7.55 -23.50 13.68
CA ASP J 11 -6.85 -22.58 12.80
C ASP J 11 -5.66 -21.99 13.54
N ARG J 12 -4.93 -22.82 14.25
CA ARG J 12 -3.74 -22.43 14.97
C ARG J 12 -2.59 -23.33 14.54
N PHE J 13 -1.51 -23.29 15.28
CA PHE J 13 -0.36 -24.08 14.90
C PHE J 13 -0.10 -25.17 15.93
N VAL J 14 0.92 -25.97 15.64
CA VAL J 14 1.36 -26.99 16.56
C VAL J 14 2.76 -27.43 16.17
N LYS J 15 3.60 -27.62 17.17
CA LYS J 15 4.93 -28.11 16.92
C LYS J 15 4.89 -29.55 16.44
N ILE J 16 5.93 -29.96 15.74
CA ILE J 16 6.15 -31.34 15.36
C ILE J 16 7.54 -31.75 15.81
N ASN J 17 7.66 -32.96 16.33
CA ASN J 17 8.95 -33.37 16.88
C ASN J 17 10.00 -33.49 15.80
N SER J 18 9.81 -34.42 14.87
CA SER J 18 10.94 -34.93 14.11
C SER J 18 11.16 -34.14 12.83
N LEU J 19 12.36 -34.29 12.28
CA LEU J 19 12.73 -33.76 10.98
C LEU J 19 13.89 -34.59 10.47
N SER J 20 14.26 -34.32 9.22
CA SER J 20 15.37 -34.96 8.53
C SER J 20 15.54 -34.23 7.21
N PRO J 21 16.61 -34.45 6.46
CA PRO J 21 16.73 -33.77 5.16
C PRO J 21 15.53 -33.97 4.25
N THR J 22 14.77 -35.03 4.47
CA THR J 22 13.42 -35.14 3.95
C THR J 22 12.50 -35.49 5.10
N HIS J 23 11.21 -35.23 4.95
CA HIS J 23 10.33 -35.38 6.10
C HIS J 23 8.89 -35.47 5.64
N VAL J 24 8.26 -36.62 5.90
CA VAL J 24 6.86 -36.79 5.57
C VAL J 24 6.05 -35.71 6.28
N ILE J 25 4.88 -35.41 5.70
CA ILE J 25 3.96 -34.42 6.24
C ILE J 25 2.62 -35.09 6.46
N ASP J 26 2.18 -35.12 7.72
CA ASP J 26 0.90 -35.72 8.06
C ASP J 26 0.40 -35.12 9.36
N LEU J 27 -0.92 -35.19 9.55
CA LEU J 27 -1.47 -34.72 10.81
C LEU J 27 -1.14 -35.67 11.95
N MET J 28 -1.37 -36.97 11.76
CA MET J 28 -1.08 -37.91 12.83
C MET J 28 0.37 -37.88 13.28
N GLN J 29 1.23 -37.18 12.54
CA GLN J 29 2.55 -36.85 13.06
C GLN J 29 2.48 -35.97 14.30
N THR J 30 1.33 -35.38 14.57
CA THR J 30 1.23 -34.48 15.69
C THR J 30 1.26 -35.24 17.01
N HIS J 31 1.49 -34.49 18.07
CA HIS J 31 1.45 -35.07 19.40
C HIS J 31 0.02 -35.40 19.79
N LYS J 32 -0.16 -36.55 20.45
CA LYS J 32 -1.49 -37.06 20.73
C LYS J 32 -2.09 -36.48 22.01
N HIS J 33 -1.54 -35.38 22.50
CA HIS J 33 -2.26 -34.57 23.47
C HIS J 33 -2.12 -33.09 23.22
N GLY J 34 -1.35 -32.67 22.21
CA GLY J 34 -1.48 -31.30 21.75
C GLY J 34 -2.92 -30.99 21.38
N ILE J 35 -3.40 -29.85 21.86
CA ILE J 35 -4.82 -29.56 21.75
C ILE J 35 -5.30 -29.61 20.31
N VAL J 36 -4.40 -29.43 19.36
CA VAL J 36 -4.79 -29.52 17.96
C VAL J 36 -5.36 -30.89 17.65
N GLY J 37 -4.54 -31.92 17.80
CA GLY J 37 -4.93 -33.23 17.33
C GLY J 37 -5.97 -33.92 18.18
N ALA J 38 -6.06 -33.56 19.46
CA ALA J 38 -7.07 -34.15 20.32
C ALA J 38 -8.42 -34.12 19.62
N LEU J 39 -8.91 -32.91 19.35
CA LEU J 39 -10.11 -32.76 18.54
C LEU J 39 -10.01 -33.55 17.26
N LEU J 40 -8.88 -33.41 16.56
CA LEU J 40 -8.69 -34.19 15.36
C LEU J 40 -8.87 -35.67 15.65
N ARG J 41 -7.99 -36.21 16.49
CA ARG J 41 -8.17 -37.59 16.91
C ARG J 41 -9.55 -37.79 17.51
N ALA J 42 -10.17 -36.73 18.02
CA ALA J 42 -11.49 -36.95 18.58
C ALA J 42 -12.52 -37.27 17.53
N ALA J 43 -12.14 -37.38 16.27
CA ALA J 43 -13.11 -37.59 15.22
C ALA J 43 -12.68 -38.75 14.36
N THR J 44 -13.56 -39.13 13.43
CA THR J 44 -13.30 -40.22 12.52
C THR J 44 -12.82 -39.75 11.17
N TYR J 45 -13.60 -38.89 10.54
CA TYR J 45 -13.30 -38.43 9.19
C TYR J 45 -13.28 -36.92 9.18
N TYR J 46 -12.22 -36.35 8.58
CA TYR J 46 -12.09 -34.90 8.54
C TYR J 46 -11.46 -34.49 7.22
N PHE J 47 -11.79 -33.28 6.80
CA PHE J 47 -11.23 -32.65 5.62
C PHE J 47 -10.96 -31.20 5.90
N SER J 48 -9.97 -30.66 5.21
CA SER J 48 -9.71 -29.24 5.28
C SER J 48 -8.90 -28.84 4.07
N ASP J 49 -8.65 -27.55 3.97
CA ASP J 49 -7.51 -27.05 3.24
C ASP J 49 -6.31 -27.20 4.16
N LEU J 50 -5.20 -26.56 3.83
CA LEU J 50 -4.00 -26.79 4.60
C LEU J 50 -3.06 -25.61 4.46
N GLU J 51 -2.49 -25.18 5.57
CA GLU J 51 -1.52 -24.11 5.56
C GLU J 51 -0.34 -24.53 6.42
N ILE J 52 0.87 -24.19 5.98
CA ILE J 52 2.09 -24.64 6.66
C ILE J 52 3.12 -23.53 6.69
N VAL J 53 3.98 -23.58 7.70
CA VAL J 53 5.00 -22.57 7.92
C VAL J 53 6.27 -23.24 8.38
N VAL J 54 7.40 -22.81 7.83
CA VAL J 54 8.68 -23.46 8.07
C VAL J 54 9.76 -22.41 8.22
N ARG J 55 10.47 -22.43 9.33
CA ARG J 55 11.70 -21.68 9.50
C ARG J 55 12.85 -22.59 9.12
N HIS J 56 13.64 -22.17 8.14
CA HIS J 56 14.57 -23.10 7.52
C HIS J 56 15.66 -22.32 6.81
N ASP J 57 16.39 -23.00 5.95
CA ASP J 57 17.52 -22.44 5.23
C ASP J 57 17.44 -22.92 3.80
N GLY J 58 18.54 -22.74 3.06
CA GLY J 58 18.72 -23.36 1.76
C GLY J 58 17.60 -23.13 0.79
N ASN J 59 16.89 -24.20 0.43
CA ASN J 59 15.82 -24.11 -0.56
C ASN J 59 14.69 -25.04 -0.14
N LEU J 60 13.72 -24.49 0.58
CA LEU J 60 12.52 -25.24 0.88
C LEU J 60 11.80 -25.58 -0.40
N THR J 61 11.33 -26.82 -0.50
CA THR J 61 10.71 -27.27 -1.74
C THR J 61 9.75 -28.39 -1.42
N TRP J 62 8.64 -28.43 -2.17
CA TRP J 62 7.52 -29.29 -1.85
C TRP J 62 6.89 -29.91 -3.09
N VAL J 63 6.33 -31.10 -2.90
CA VAL J 63 5.66 -31.86 -3.94
C VAL J 63 4.35 -32.41 -3.40
N PRO J 64 3.29 -32.44 -4.18
CA PRO J 64 2.07 -33.12 -3.75
C PRO J 64 2.21 -34.63 -3.83
N ASN J 65 1.18 -35.30 -3.30
CA ASN J 65 1.24 -36.73 -3.05
C ASN J 65 1.29 -37.49 -4.35
N GLY J 66 1.31 -38.81 -4.23
CA GLY J 66 1.36 -39.68 -5.39
C GLY J 66 2.41 -39.21 -6.36
N ALA J 67 3.65 -39.21 -5.92
CA ALA J 67 4.73 -38.75 -6.77
C ALA J 67 5.97 -39.53 -6.44
N PRO J 68 6.84 -39.74 -7.42
CA PRO J 68 8.14 -40.37 -7.14
C PRO J 68 9.03 -39.43 -6.37
N GLU J 69 9.23 -39.73 -5.09
CA GLU J 69 10.10 -38.90 -4.25
C GLU J 69 11.45 -38.69 -4.91
N ALA J 70 11.96 -39.69 -5.60
CA ALA J 70 13.32 -39.69 -6.10
C ALA J 70 13.63 -38.49 -6.97
N ALA J 71 12.61 -37.69 -7.27
CA ALA J 71 12.72 -36.64 -8.27
C ALA J 71 12.31 -35.29 -7.70
N LEU J 72 12.88 -34.92 -6.56
CA LEU J 72 12.47 -33.63 -6.01
C LEU J 72 13.48 -32.53 -6.35
N SER J 73 14.73 -32.70 -5.91
CA SER J 73 15.70 -31.61 -6.08
C SER J 73 15.78 -31.17 -7.53
N ASN J 74 15.79 -32.13 -8.45
CA ASN J 74 15.90 -31.79 -9.85
C ASN J 74 14.65 -31.05 -10.31
N THR J 75 14.85 -30.10 -11.21
CA THR J 75 13.80 -29.55 -12.07
C THR J 75 12.76 -28.78 -11.27
N SER J 76 12.84 -28.84 -9.94
CA SER J 76 12.15 -27.91 -9.07
C SER J 76 10.68 -27.73 -9.47
N ASN J 77 9.91 -28.79 -9.27
CA ASN J 77 8.47 -28.63 -9.22
C ASN J 77 8.16 -27.53 -8.19
N PRO J 78 6.99 -26.90 -8.25
CA PRO J 78 6.86 -25.51 -7.81
C PRO J 78 7.44 -25.20 -6.44
N THR J 79 7.89 -23.94 -6.30
CA THR J 79 8.60 -23.42 -5.15
C THR J 79 8.92 -21.94 -5.38
N ALA J 80 9.17 -21.21 -4.29
CA ALA J 80 9.87 -19.93 -4.29
C ALA J 80 11.08 -20.04 -3.37
N TYR J 81 12.04 -19.12 -3.56
CA TYR J 81 13.38 -19.29 -3.00
C TYR J 81 13.47 -18.90 -1.53
N ASN J 82 14.71 -18.78 -1.09
CA ASN J 82 15.05 -18.43 0.29
C ASN J 82 14.59 -17.03 0.65
N LYS J 83 14.12 -16.88 1.87
CA LYS J 83 14.08 -15.59 2.53
C LYS J 83 13.86 -15.78 4.02
N ALA J 84 14.77 -15.27 4.84
CA ALA J 84 14.57 -15.32 6.28
C ALA J 84 13.60 -14.23 6.71
N PRO J 85 13.00 -14.36 7.90
CA PRO J 85 12.98 -15.48 8.84
C PRO J 85 11.64 -16.21 8.90
N PHE J 86 10.57 -15.56 8.48
CA PHE J 86 9.29 -16.25 8.42
C PHE J 86 9.01 -16.64 6.98
N THR J 87 8.37 -17.79 6.79
CA THR J 87 7.96 -18.17 5.45
C THR J 87 6.71 -19.02 5.56
N ARG J 88 5.72 -18.72 4.74
CA ARG J 88 4.36 -19.13 5.00
C ARG J 88 3.72 -19.58 3.70
N LEU J 89 3.34 -20.84 3.62
CA LEU J 89 2.67 -21.35 2.44
C LEU J 89 1.45 -22.14 2.86
N ALA J 90 0.71 -22.61 1.87
CA ALA J 90 -0.60 -23.22 2.11
C ALA J 90 -0.83 -24.30 1.08
N LEU J 91 -1.03 -25.45 1.50
CA LEU J 91 -1.23 -26.28 0.34
C LEU J 91 -2.69 -26.67 0.20
N PRO J 92 -3.13 -26.85 -1.02
CA PRO J 92 -4.47 -27.35 -1.26
C PRO J 92 -4.45 -28.87 -1.23
N TYR J 93 -5.60 -29.42 -0.91
CA TYR J 93 -5.73 -30.85 -0.78
C TYR J 93 -5.33 -31.55 -2.06
N THR J 94 -4.79 -32.75 -1.92
CA THR J 94 -4.37 -33.50 -3.09
C THR J 94 -4.65 -34.98 -3.00
N ALA J 95 -5.19 -35.46 -1.92
CA ALA J 95 -5.10 -36.89 -1.74
C ALA J 95 -6.14 -37.61 -2.57
N PRO J 96 -5.92 -38.86 -2.85
CA PRO J 96 -6.80 -39.55 -3.79
C PRO J 96 -8.14 -39.90 -3.21
N HIS J 97 -8.50 -39.28 -2.11
CA HIS J 97 -9.71 -39.71 -1.45
C HIS J 97 -10.55 -38.52 -1.06
N ARG J 98 -11.84 -38.68 -1.14
CA ARG J 98 -12.69 -37.55 -0.83
C ARG J 98 -12.72 -37.22 0.59
N VAL J 99 -11.91 -37.83 1.46
CA VAL J 99 -11.86 -37.41 2.85
C VAL J 99 -10.68 -38.09 3.54
N LEU J 100 -10.14 -37.46 4.57
CA LEU J 100 -9.15 -38.12 5.40
C LEU J 100 -9.83 -38.82 6.56
N ALA J 101 -9.02 -39.31 7.48
CA ALA J 101 -9.46 -40.02 8.68
C ALA J 101 -8.24 -40.20 9.57
N THR J 102 -8.40 -40.97 10.63
CA THR J 102 -7.36 -41.10 11.62
C THR J 102 -6.75 -42.47 11.67
N VAL J 103 -7.54 -43.50 11.45
CA VAL J 103 -7.08 -44.86 11.68
C VAL J 103 -7.99 -45.80 10.90
N TYR J 104 -7.39 -46.81 10.31
CA TYR J 104 -8.04 -47.59 9.26
C TYR J 104 -7.72 -49.06 9.52
N ASP J 105 -8.59 -49.72 10.28
CA ASP J 105 -8.34 -51.11 10.62
C ASP J 105 -8.36 -52.05 9.43
N GLY J 106 -7.19 -52.52 9.02
CA GLY J 106 -7.11 -53.55 8.00
C GLY J 106 -6.03 -54.56 8.30
N THR J 107 -6.35 -55.84 8.21
CA THR J 107 -5.39 -56.87 8.57
C THR J 107 -4.20 -56.86 7.64
N THR J 129 -1.83 -52.40 12.40
CA THR J 129 -2.41 -51.14 12.84
C THR J 129 -1.57 -49.98 12.34
N GLN J 130 -0.68 -50.26 11.40
CA GLN J 130 0.12 -49.21 10.81
C GLN J 130 -0.76 -48.30 9.98
N LEU J 131 -0.50 -47.00 10.07
CA LEU J 131 -1.27 -46.03 9.31
C LEU J 131 -1.17 -46.36 7.82
N PRO J 132 -2.25 -46.20 7.06
CA PRO J 132 -2.21 -46.54 5.64
C PRO J 132 -1.24 -45.64 4.89
N ALA J 133 -0.95 -46.03 3.65
CA ALA J 133 -0.06 -45.28 2.79
C ALA J 133 -0.81 -44.26 1.93
N SER J 134 -2.01 -43.87 2.33
CA SER J 134 -2.83 -42.99 1.52
C SER J 134 -2.81 -41.55 2.01
N PHE J 135 -3.24 -41.32 3.25
CA PHE J 135 -3.52 -39.96 3.69
C PHE J 135 -2.22 -39.19 3.81
N ASN J 136 -1.86 -38.45 2.78
CA ASN J 136 -0.49 -38.00 2.68
C ASN J 136 -0.47 -36.58 2.11
N TYR J 137 -0.51 -35.60 3.00
CA TYR J 137 -0.18 -34.25 2.59
C TYR J 137 1.17 -34.18 1.93
N GLY J 138 2.06 -35.13 2.25
CA GLY J 138 3.27 -35.34 1.48
C GLY J 138 4.52 -35.07 2.30
N ALA J 139 5.47 -34.37 1.70
CA ALA J 139 6.76 -34.17 2.34
C ALA J 139 7.45 -32.98 1.67
N ILE J 140 8.42 -32.43 2.38
CA ILE J 140 9.23 -31.34 1.87
C ILE J 140 10.70 -31.71 2.08
N GLN J 141 11.56 -30.98 1.40
CA GLN J 141 12.97 -31.33 1.36
C GLN J 141 13.79 -30.06 1.29
N ALA J 142 14.95 -30.10 1.92
CA ALA J 142 15.85 -28.96 1.95
C ALA J 142 17.23 -29.45 2.36
N GLN J 143 18.10 -28.52 2.68
CA GLN J 143 19.42 -28.85 3.19
C GLN J 143 19.56 -28.57 4.68
N ALA J 144 18.60 -27.88 5.29
CA ALA J 144 18.64 -27.59 6.71
C ALA J 144 17.25 -27.22 7.17
N ILE J 145 16.72 -27.93 8.17
CA ILE J 145 15.33 -27.78 8.57
C ILE J 145 15.25 -27.77 10.09
N HIS J 146 14.64 -26.73 10.65
CA HIS J 146 14.57 -26.62 12.10
C HIS J 146 13.14 -26.63 12.63
N GLU J 147 12.28 -25.76 12.14
CA GLU J 147 11.04 -25.48 12.82
C GLU J 147 9.87 -25.65 11.86
N LEU J 148 8.73 -26.05 12.41
CA LEU J 148 7.59 -26.43 11.59
C LEU J 148 6.31 -25.87 12.18
N LEU J 149 5.51 -25.21 11.34
CA LEU J 149 4.20 -24.72 11.74
C LEU J 149 3.17 -25.11 10.69
N VAL J 150 2.04 -25.66 11.16
CA VAL J 150 1.02 -26.22 10.28
C VAL J 150 -0.33 -25.66 10.67
N ARG J 151 -1.31 -25.80 9.78
CA ARG J 151 -2.54 -25.05 9.92
C ARG J 151 -3.67 -25.65 9.10
N MET J 152 -4.87 -25.59 9.67
CA MET J 152 -6.07 -26.24 9.16
C MET J 152 -7.08 -25.17 8.76
N LYS J 153 -7.69 -25.31 7.58
CA LYS J 153 -8.54 -24.29 7.00
C LYS J 153 -9.94 -24.81 6.80
N ARG J 154 -10.93 -24.03 7.24
CA ARG J 154 -12.33 -24.28 6.90
C ARG J 154 -12.75 -25.69 7.25
N ALA J 155 -11.96 -26.35 8.09
CA ALA J 155 -12.03 -27.79 8.21
C ALA J 155 -13.42 -28.26 8.65
N GLU J 156 -13.67 -29.54 8.42
CA GLU J 156 -14.84 -30.19 8.98
C GLU J 156 -14.45 -31.60 9.38
N LEU J 157 -15.28 -32.18 10.24
CA LEU J 157 -15.00 -33.43 10.93
C LEU J 157 -16.23 -34.30 10.85
N TYR J 158 -16.04 -35.61 10.98
CA TYR J 158 -17.18 -36.51 10.81
C TYR J 158 -17.07 -37.73 11.72
N CYS J 159 -18.20 -38.09 12.36
CA CYS J 159 -18.30 -39.13 13.39
C CYS J 159 -17.27 -38.92 14.48
N PRO J 160 -17.51 -38.02 15.39
CA PRO J 160 -16.56 -37.80 16.49
C PRO J 160 -16.22 -39.09 17.18
N ARG J 161 -15.06 -39.19 17.82
CA ARG J 161 -14.66 -40.46 18.40
C ARG J 161 -14.50 -40.30 19.91
N PRO J 162 -14.19 -41.36 20.65
CA PRO J 162 -13.99 -41.21 22.10
C PRO J 162 -12.97 -40.15 22.45
N LEU J 163 -12.89 -39.79 23.73
CA LEU J 163 -11.91 -38.79 24.13
C LEU J 163 -11.68 -38.88 25.63
N LEU J 164 -10.45 -38.62 26.04
CA LEU J 164 -10.08 -38.71 27.43
C LEU J 164 -9.69 -37.37 27.98
N ALA J 165 -9.64 -37.29 29.30
CA ALA J 165 -9.09 -36.17 30.02
C ALA J 165 -7.87 -36.64 30.81
N ILE J 166 -7.33 -35.76 31.63
CA ILE J 166 -6.25 -36.19 32.51
C ILE J 166 -6.82 -37.19 33.52
N LYS J 167 -5.95 -38.07 34.01
CA LYS J 167 -6.38 -39.13 34.89
C LYS J 167 -6.38 -38.65 36.33
N VAL J 168 -7.23 -39.25 37.15
CA VAL J 168 -7.39 -38.85 38.54
C VAL J 168 -6.57 -39.78 39.42
N THR J 169 -5.74 -39.21 40.28
CA THR J 169 -4.94 -40.01 41.20
C THR J 169 -5.25 -39.72 42.66
N SER J 170 -5.23 -38.45 43.06
CA SER J 170 -5.38 -38.11 44.46
C SER J 170 -6.84 -38.13 44.89
N GLN J 171 -7.12 -37.55 46.05
CA GLN J 171 -8.42 -37.72 46.67
C GLN J 171 -9.49 -36.82 46.08
N ASP J 172 -9.34 -35.50 46.23
CA ASP J 172 -10.56 -34.71 46.37
C ASP J 172 -11.32 -34.50 45.09
N ARG J 173 -10.87 -33.58 44.25
CA ARG J 173 -11.49 -33.40 42.95
C ARG J 173 -10.41 -33.43 41.90
N TYR J 174 -9.46 -32.51 42.08
CA TYR J 174 -8.18 -32.41 41.39
C TYR J 174 -7.53 -31.16 41.96
N LYS J 175 -6.21 -31.07 41.84
CA LYS J 175 -5.52 -29.89 42.32
C LYS J 175 -4.57 -29.40 41.24
N GLN J 176 -4.36 -28.09 41.22
CA GLN J 176 -3.52 -27.54 40.18
C GLN J 176 -3.15 -26.11 40.55
N LYS J 177 -1.94 -25.72 40.19
CA LYS J 177 -1.47 -24.37 40.47
C LYS J 177 -2.14 -23.37 39.54
N ILE J 178 -2.26 -22.13 40.00
CA ILE J 178 -2.91 -21.07 39.23
C ILE J 178 -2.05 -19.82 39.31
N ILE J 179 -1.96 -19.09 38.21
CA ILE J 179 -1.17 -17.87 38.23
C ILE J 179 -1.93 -16.79 38.97
N ALA J 180 -1.18 -15.82 39.49
CA ALA J 180 -1.73 -14.70 40.24
C ALA J 180 -0.65 -13.67 40.49
N PRO J 181 -1.00 -12.43 40.60
CA PRO J 181 0.00 -11.39 40.86
C PRO J 181 0.47 -11.42 42.31
N ALA J 182 1.27 -10.43 42.69
CA ALA J 182 1.76 -10.33 44.06
C ALA J 182 1.50 -8.95 44.64
N SER K 1 -42.66 -51.62 21.26
CA SER K 1 -41.21 -51.46 21.18
C SER K 1 -40.84 -49.98 21.19
N VAL K 2 -39.57 -49.70 21.46
CA VAL K 2 -39.08 -48.34 21.32
C VAL K 2 -39.10 -47.92 19.86
N GLY K 3 -39.09 -48.88 18.94
CA GLY K 3 -39.14 -48.57 17.53
C GLY K 3 -37.76 -48.24 16.97
N VAL K 4 -37.71 -48.11 15.65
CA VAL K 4 -36.46 -47.85 14.93
C VAL K 4 -35.78 -46.63 15.50
N THR K 5 -34.46 -46.68 15.62
CA THR K 5 -33.66 -45.49 15.88
C THR K 5 -32.53 -45.46 14.86
N TYR K 6 -32.45 -44.35 14.16
CA TYR K 6 -31.59 -44.25 12.99
C TYR K 6 -30.20 -43.77 13.36
N GLY K 7 -29.24 -44.14 12.53
CA GLY K 7 -27.91 -43.59 12.62
C GLY K 7 -27.69 -42.42 11.69
N TYR K 8 -27.78 -41.21 12.24
CA TYR K 8 -27.37 -39.95 11.64
C TYR K 8 -28.39 -39.40 10.64
N SER K 9 -29.44 -40.13 10.30
CA SER K 9 -30.33 -39.67 9.24
C SER K 9 -31.47 -40.67 9.11
N THR K 10 -32.56 -40.23 8.47
CA THR K 10 -33.67 -41.12 8.17
C THR K 10 -34.31 -40.67 6.86
N GLU K 11 -34.10 -41.45 5.81
CA GLU K 11 -34.46 -40.98 4.48
C GLU K 11 -34.30 -42.12 3.47
N GLU K 12 -35.16 -42.11 2.46
CA GLU K 12 -34.95 -42.92 1.28
C GLU K 12 -33.78 -42.38 0.46
N ASP K 13 -32.99 -43.27 -0.13
CA ASP K 13 -31.69 -42.92 -0.67
C ASP K 13 -31.66 -42.95 -2.19
N HIS K 14 -30.65 -42.27 -2.73
CA HIS K 14 -30.19 -42.49 -4.09
C HIS K 14 -29.97 -43.97 -4.32
N VAL K 15 -30.48 -44.47 -5.44
CA VAL K 15 -30.35 -45.88 -5.77
C VAL K 15 -29.75 -46.14 -7.14
N ALA K 16 -29.82 -45.21 -8.09
CA ALA K 16 -29.34 -45.44 -9.46
C ALA K 16 -28.46 -44.29 -9.88
N GLY K 17 -27.28 -44.60 -10.41
CA GLY K 17 -26.32 -43.57 -10.75
C GLY K 17 -25.40 -43.88 -11.91
N PRO K 18 -24.16 -43.40 -11.81
CA PRO K 18 -23.25 -43.35 -12.96
C PRO K 18 -22.70 -44.70 -13.39
N ASN K 19 -21.69 -44.64 -14.27
CA ASN K 19 -21.14 -45.80 -14.95
C ASN K 19 -21.05 -47.03 -14.08
N THR K 20 -20.32 -46.95 -12.96
CA THR K 20 -20.24 -48.11 -12.08
C THR K 20 -21.59 -48.40 -11.45
N SER K 21 -22.29 -47.37 -10.99
CA SER K 21 -23.64 -47.58 -10.49
C SER K 21 -24.52 -48.17 -11.58
N GLY K 22 -24.39 -47.67 -12.80
CA GLY K 22 -25.01 -48.33 -13.93
C GLY K 22 -24.49 -49.75 -14.13
N LEU K 23 -23.21 -49.96 -13.82
CA LEU K 23 -22.62 -51.28 -13.94
C LEU K 23 -22.82 -52.13 -12.69
N GLU K 24 -23.13 -51.50 -11.55
CA GLU K 24 -23.20 -52.15 -10.25
C GLU K 24 -24.51 -51.78 -9.55
N THR K 25 -25.60 -51.98 -10.27
CA THR K 25 -26.94 -51.56 -9.87
C THR K 25 -27.43 -52.24 -8.61
N ARG K 26 -28.63 -51.86 -8.17
CA ARG K 26 -29.24 -52.37 -6.95
C ARG K 26 -29.72 -53.79 -7.20
N VAL K 27 -28.85 -54.75 -6.95
CA VAL K 27 -29.20 -56.17 -7.07
C VAL K 27 -29.97 -56.58 -5.82
N VAL K 28 -31.29 -56.43 -5.86
CA VAL K 28 -32.08 -56.49 -4.63
C VAL K 28 -32.07 -57.90 -4.05
N GLN K 29 -32.10 -58.91 -4.90
CA GLN K 29 -32.15 -60.28 -4.39
C GLN K 29 -30.86 -60.68 -3.70
N ALA K 30 -29.88 -59.78 -3.62
CA ALA K 30 -28.69 -60.06 -2.84
C ALA K 30 -28.93 -59.97 -1.35
N GLU K 31 -30.17 -59.78 -0.93
CA GLU K 31 -30.51 -59.40 0.43
C GLU K 31 -31.19 -60.55 1.16
N ARG K 32 -30.74 -60.84 2.37
CA ARG K 32 -31.43 -61.86 3.17
C ARG K 32 -30.91 -61.83 4.59
N PHE K 33 -31.84 -61.89 5.54
CA PHE K 33 -31.45 -62.02 6.94
C PHE K 33 -30.72 -63.34 7.18
N PHE K 34 -30.14 -63.45 8.37
CA PHE K 34 -29.69 -64.71 8.97
C PHE K 34 -29.30 -64.39 10.40
N LYS K 35 -28.75 -65.37 11.10
CA LYS K 35 -28.44 -65.19 12.51
C LYS K 35 -26.99 -65.54 12.80
N LYS K 36 -26.40 -64.76 13.69
CA LYS K 36 -25.06 -64.95 14.19
C LYS K 36 -25.12 -65.19 15.69
N PHE K 37 -24.18 -66.00 16.19
CA PHE K 37 -24.00 -66.12 17.62
C PHE K 37 -23.25 -64.90 18.14
N LEU K 38 -23.67 -64.42 19.30
CA LEU K 38 -23.06 -63.22 19.85
C LEU K 38 -22.09 -63.52 20.97
N PHE K 39 -22.57 -64.10 22.07
CA PHE K 39 -21.77 -64.31 23.27
C PHE K 39 -22.67 -64.93 24.33
N ASP K 40 -22.08 -65.29 25.45
CA ASP K 40 -22.82 -65.72 26.62
C ASP K 40 -22.77 -64.65 27.69
N TRP K 41 -23.72 -64.72 28.62
CA TRP K 41 -23.90 -63.65 29.58
C TRP K 41 -24.62 -64.20 30.82
N THR K 42 -23.84 -64.51 31.85
CA THR K 42 -24.40 -64.97 33.11
C THR K 42 -23.95 -64.03 34.22
N THR K 43 -24.24 -64.43 35.45
CA THR K 43 -23.92 -63.61 36.61
C THR K 43 -22.41 -63.48 36.76
N ASP K 44 -21.68 -64.14 35.88
CA ASP K 44 -20.23 -64.12 35.97
C ASP K 44 -19.66 -62.76 35.62
N LYS K 45 -19.87 -62.30 34.39
CA LYS K 45 -19.06 -61.23 33.83
C LYS K 45 -19.23 -59.95 34.64
N PRO K 46 -18.19 -59.46 35.26
CA PRO K 46 -18.25 -58.12 35.84
C PRO K 46 -18.20 -57.08 34.75
N PHE K 47 -18.15 -55.81 35.13
CA PHE K 47 -18.20 -54.77 34.14
C PHE K 47 -16.91 -54.69 33.33
N GLY K 48 -17.04 -54.19 32.12
CA GLY K 48 -15.92 -54.06 31.23
C GLY K 48 -15.69 -55.26 30.34
N TYR K 49 -16.49 -56.32 30.49
CA TYR K 49 -16.25 -57.52 29.70
C TYR K 49 -16.61 -57.27 28.26
N LEU K 50 -15.61 -56.89 27.48
CA LEU K 50 -15.87 -56.61 26.09
C LEU K 50 -16.07 -57.91 25.33
N THR K 51 -16.77 -57.81 24.21
CA THR K 51 -16.84 -58.90 23.25
C THR K 51 -17.13 -58.28 21.90
N LYS K 52 -16.21 -58.45 20.96
CA LYS K 52 -16.33 -57.79 19.67
C LYS K 52 -16.64 -58.80 18.58
N LEU K 53 -17.14 -58.26 17.48
CA LEU K 53 -17.47 -59.06 16.32
C LEU K 53 -17.18 -58.24 15.08
N GLU K 54 -16.12 -58.60 14.38
CA GLU K 54 -15.82 -57.95 13.11
C GLU K 54 -16.90 -58.29 12.09
N LEU K 55 -16.96 -57.51 11.03
CA LEU K 55 -17.95 -57.68 9.98
C LEU K 55 -17.30 -57.59 8.62
N PRO K 56 -17.92 -58.19 7.61
CA PRO K 56 -18.97 -59.17 7.83
C PRO K 56 -18.40 -60.56 7.65
N THR K 57 -18.88 -61.51 8.44
CA THR K 57 -18.41 -62.89 8.29
C THR K 57 -18.80 -63.42 6.93
N ASP K 58 -18.12 -64.49 6.53
CA ASP K 58 -18.55 -65.20 5.35
C ASP K 58 -19.98 -65.69 5.54
N HIS K 59 -20.63 -66.01 4.43
CA HIS K 59 -22.02 -66.40 4.52
C HIS K 59 -22.47 -67.08 3.24
N HIS K 60 -23.13 -68.22 3.34
CA HIS K 60 -23.63 -68.90 2.14
C HIS K 60 -24.87 -68.17 1.64
N GLY K 61 -24.61 -66.99 1.07
CA GLY K 61 -25.65 -66.21 0.45
C GLY K 61 -25.15 -65.58 -0.84
N VAL K 62 -26.10 -65.22 -1.69
CA VAL K 62 -25.76 -64.52 -2.93
C VAL K 62 -24.89 -63.31 -2.61
N PHE K 63 -25.26 -62.58 -1.58
CA PHE K 63 -24.35 -61.60 -0.99
C PHE K 63 -23.02 -62.25 -0.70
N GLY K 64 -23.03 -63.33 0.08
CA GLY K 64 -21.81 -64.00 0.42
C GLY K 64 -21.03 -64.45 -0.80
N HIS K 65 -21.73 -64.80 -1.87
CA HIS K 65 -21.01 -65.16 -3.09
C HIS K 65 -20.20 -63.97 -3.60
N LEU K 66 -20.83 -62.80 -3.64
CA LEU K 66 -20.14 -61.63 -4.19
C LEU K 66 -19.10 -61.09 -3.23
N VAL K 67 -19.31 -61.22 -1.92
CA VAL K 67 -18.31 -60.70 -1.00
C VAL K 67 -17.00 -61.43 -1.11
N ASP K 68 -16.99 -62.56 -1.81
CA ASP K 68 -15.75 -63.15 -2.26
C ASP K 68 -15.35 -62.68 -3.64
N SER K 69 -16.30 -62.18 -4.42
CA SER K 69 -15.99 -61.76 -5.78
C SER K 69 -14.90 -60.70 -5.83
N TYR K 70 -14.51 -60.16 -4.68
CA TYR K 70 -13.24 -59.48 -4.56
C TYR K 70 -13.17 -58.29 -5.52
N ALA K 71 -14.07 -57.33 -5.28
CA ALA K 71 -14.28 -56.26 -6.25
C ALA K 71 -14.72 -55.00 -5.55
N TYR K 72 -14.51 -53.86 -6.22
CA TYR K 72 -15.14 -52.62 -5.82
C TYR K 72 -16.63 -52.85 -5.52
N MET K 73 -17.06 -52.43 -4.33
CA MET K 73 -18.46 -52.55 -3.95
C MET K 73 -18.81 -51.52 -2.88
N ARG K 74 -20.11 -51.40 -2.61
CA ARG K 74 -20.67 -50.62 -1.52
C ARG K 74 -21.77 -51.46 -0.88
N ASN K 75 -22.37 -50.97 0.20
CA ASN K 75 -23.39 -51.76 0.88
C ASN K 75 -24.15 -50.89 1.87
N GLY K 76 -25.16 -51.51 2.48
CA GLY K 76 -25.81 -50.98 3.66
C GLY K 76 -25.75 -52.00 4.79
N TRP K 77 -26.35 -51.61 5.92
CA TRP K 77 -26.27 -52.42 7.13
C TRP K 77 -27.48 -52.13 8.00
N ASP K 78 -28.19 -53.18 8.36
CA ASP K 78 -29.35 -53.08 9.23
C ASP K 78 -29.19 -54.05 10.39
N VAL K 79 -29.29 -53.52 11.61
CA VAL K 79 -29.01 -54.28 12.81
C VAL K 79 -30.27 -54.40 13.63
N GLU K 80 -30.55 -55.61 14.11
CA GLU K 80 -31.70 -55.83 14.99
C GLU K 80 -31.30 -56.88 16.02
N VAL K 81 -31.08 -56.45 17.25
CA VAL K 81 -30.50 -57.25 18.32
C VAL K 81 -31.57 -57.54 19.36
N SER K 82 -31.47 -58.70 20.00
CA SER K 82 -32.35 -59.01 21.11
C SER K 82 -31.77 -60.18 21.90
N ALA K 83 -32.39 -60.46 23.03
CA ALA K 83 -32.06 -61.63 23.83
C ALA K 83 -33.26 -61.95 24.68
N VAL K 84 -33.94 -63.05 24.36
CA VAL K 84 -35.15 -63.40 25.09
C VAL K 84 -34.80 -63.74 26.53
N GLY K 85 -35.64 -63.28 27.45
CA GLY K 85 -35.46 -63.54 28.86
C GLY K 85 -36.78 -63.78 29.59
N ASN K 86 -36.98 -63.06 30.69
CA ASN K 86 -38.22 -63.11 31.45
C ASN K 86 -38.19 -62.03 32.52
N GLN K 87 -39.37 -61.49 32.82
CA GLN K 87 -39.43 -60.17 33.46
C GLN K 87 -38.86 -60.14 34.86
N PHE K 88 -38.31 -61.23 35.35
CA PHE K 88 -37.70 -61.22 36.66
C PHE K 88 -36.19 -61.03 36.62
N ASN K 89 -35.62 -60.79 35.45
CA ASN K 89 -34.19 -60.55 35.38
C ASN K 89 -33.89 -59.14 35.87
N GLY K 90 -32.65 -58.71 35.71
CA GLY K 90 -32.32 -57.32 35.97
C GLY K 90 -30.91 -56.97 35.58
N GLY K 91 -30.74 -55.80 34.97
CA GLY K 91 -29.43 -55.32 34.62
C GLY K 91 -29.50 -54.32 33.47
N CYS K 92 -28.37 -54.20 32.76
CA CYS K 92 -28.29 -53.28 31.65
C CYS K 92 -27.08 -53.66 30.80
N LEU K 93 -27.32 -54.06 29.56
CA LEU K 93 -26.28 -54.32 28.59
C LEU K 93 -26.24 -53.19 27.56
N LEU K 94 -25.11 -53.08 26.86
CA LEU K 94 -24.92 -51.99 25.92
C LEU K 94 -24.59 -52.53 24.53
N VAL K 95 -25.38 -52.13 23.55
CA VAL K 95 -25.19 -52.51 22.16
C VAL K 95 -24.55 -51.33 21.46
N ALA K 96 -23.74 -51.61 20.44
CA ALA K 96 -22.87 -50.57 19.93
C ALA K 96 -22.60 -50.69 18.45
N MET K 97 -22.68 -49.56 17.75
CA MET K 97 -22.37 -49.44 16.33
C MET K 97 -21.13 -48.59 16.18
N VAL K 98 -20.02 -49.22 15.80
CA VAL K 98 -18.69 -48.62 15.90
C VAL K 98 -18.15 -48.35 14.52
N PRO K 99 -17.80 -47.14 14.21
CA PRO K 99 -17.07 -46.87 12.98
C PRO K 99 -15.57 -46.93 13.20
N GLU K 100 -14.87 -47.66 12.35
CA GLU K 100 -13.42 -47.80 12.45
C GLU K 100 -13.02 -48.27 13.86
N TRP K 101 -13.39 -49.50 14.15
CA TRP K 101 -13.14 -50.04 15.46
C TRP K 101 -11.65 -50.15 15.75
N LYS K 102 -11.29 -49.84 16.99
CA LYS K 102 -9.95 -50.03 17.48
C LYS K 102 -10.01 -50.67 18.85
N ALA K 103 -8.93 -51.38 19.20
CA ALA K 103 -8.81 -51.96 20.53
C ALA K 103 -8.88 -50.87 21.58
N PHE K 104 -9.91 -50.93 22.42
CA PHE K 104 -10.11 -49.89 23.42
C PHE K 104 -9.16 -50.09 24.60
N ASP K 105 -9.35 -49.28 25.63
CA ASP K 105 -8.62 -49.41 26.88
C ASP K 105 -9.53 -49.00 28.03
N THR K 106 -9.21 -49.50 29.21
CA THR K 106 -10.08 -49.42 30.37
C THR K 106 -10.75 -48.07 30.51
N ARG K 107 -9.96 -47.00 30.57
CA ARG K 107 -10.54 -45.70 30.87
C ARG K 107 -11.61 -45.32 29.87
N GLU K 108 -11.34 -45.49 28.59
CA GLU K 108 -12.30 -45.01 27.61
C GLU K 108 -13.58 -45.82 27.59
N LYS K 109 -13.58 -47.02 28.20
CA LYS K 109 -14.81 -47.80 28.32
C LYS K 109 -15.99 -46.91 28.63
N TYR K 110 -15.84 -46.13 29.70
CA TYR K 110 -16.93 -45.31 30.18
C TYR K 110 -17.49 -44.42 29.07
N GLN K 111 -16.69 -44.14 28.05
CA GLN K 111 -17.25 -43.60 26.83
C GLN K 111 -17.54 -44.75 25.90
N LEU K 112 -18.79 -44.98 25.67
CA LEU K 112 -19.17 -45.71 24.47
C LEU K 112 -20.25 -44.99 23.71
N THR K 113 -21.15 -44.38 24.39
CA THR K 113 -22.40 -44.04 23.80
C THR K 113 -22.31 -42.90 22.87
N LEU K 114 -21.11 -42.42 22.57
CA LEU K 114 -20.96 -41.51 21.45
C LEU K 114 -21.69 -42.05 20.25
N PHE K 115 -21.51 -43.32 19.98
CA PHE K 115 -22.04 -43.91 18.77
C PHE K 115 -23.55 -44.05 18.90
N PRO K 116 -24.24 -44.29 17.81
CA PRO K 116 -25.64 -44.69 17.90
C PRO K 116 -25.76 -46.04 18.58
N HIS K 117 -26.91 -46.26 19.21
CA HIS K 117 -27.01 -47.20 20.31
C HIS K 117 -28.44 -47.30 20.79
N GLN K 118 -28.65 -48.25 21.71
CA GLN K 118 -29.88 -48.33 22.49
C GLN K 118 -29.50 -48.81 23.88
N PHE K 119 -30.50 -49.21 24.67
CA PHE K 119 -30.27 -49.84 25.95
C PHE K 119 -30.79 -51.27 25.94
N ILE K 120 -30.22 -52.10 26.81
CA ILE K 120 -30.52 -53.53 26.86
C ILE K 120 -30.88 -53.86 28.30
N SER K 121 -32.17 -53.98 28.57
CA SER K 121 -32.63 -54.46 29.86
C SER K 121 -34.01 -55.04 29.70
N PRO K 122 -34.29 -56.19 30.28
CA PRO K 122 -35.52 -56.92 29.94
C PRO K 122 -36.79 -56.11 30.12
N ARG K 123 -36.72 -54.92 30.71
CA ARG K 123 -37.93 -54.12 30.85
C ARG K 123 -38.24 -53.32 29.59
N THR K 124 -37.35 -52.40 29.23
CA THR K 124 -37.69 -51.42 28.20
C THR K 124 -37.70 -52.06 26.82
N ASN K 125 -36.57 -52.59 26.39
CA ASN K 125 -36.51 -53.20 25.08
C ASN K 125 -36.77 -54.69 25.16
N MET K 126 -37.20 -55.24 24.04
CA MET K 126 -36.99 -56.64 23.76
C MET K 126 -36.45 -56.81 22.36
N THR K 127 -36.24 -55.72 21.62
CA THR K 127 -35.87 -55.80 20.22
C THR K 127 -35.05 -54.55 19.88
N ALA K 128 -33.74 -54.68 19.91
CA ALA K 128 -32.91 -53.61 19.36
C ALA K 128 -33.11 -53.55 17.86
N HIS K 129 -32.89 -52.35 17.29
CA HIS K 129 -33.16 -52.19 15.87
C HIS K 129 -32.42 -50.94 15.42
N ILE K 130 -31.39 -51.10 14.60
CA ILE K 130 -30.49 -50.00 14.26
C ILE K 130 -29.93 -50.20 12.86
N THR K 131 -29.78 -49.09 12.12
CA THR K 131 -29.28 -49.10 10.76
C THR K 131 -28.24 -48.01 10.55
N VAL K 132 -27.12 -48.39 9.92
CA VAL K 132 -26.08 -47.46 9.54
C VAL K 132 -26.16 -47.25 8.04
N PRO K 133 -26.27 -46.01 7.57
CA PRO K 133 -26.09 -45.77 6.14
C PRO K 133 -24.62 -45.86 5.81
N TYR K 134 -24.36 -46.18 4.54
CA TYR K 134 -23.01 -46.52 4.13
C TYR K 134 -22.04 -45.38 4.40
N LEU K 135 -20.77 -45.73 4.45
CA LEU K 135 -19.71 -44.75 4.30
C LEU K 135 -18.44 -45.52 4.02
N GLY K 136 -17.35 -44.78 3.87
CA GLY K 136 -16.04 -45.36 3.64
C GLY K 136 -15.12 -44.38 2.96
N VAL K 137 -13.87 -44.80 2.80
CA VAL K 137 -12.89 -43.92 2.20
C VAL K 137 -13.20 -43.69 0.73
N ASN K 138 -13.13 -44.74 -0.07
CA ASN K 138 -13.57 -44.59 -1.45
C ASN K 138 -15.07 -44.38 -1.52
N ARG K 139 -15.53 -44.02 -2.71
CA ARG K 139 -16.95 -44.11 -3.02
C ARG K 139 -17.44 -45.53 -2.92
N TYR K 140 -16.55 -46.50 -2.89
CA TYR K 140 -16.93 -47.90 -2.84
C TYR K 140 -15.92 -48.60 -1.94
N ASP K 141 -15.91 -49.92 -1.96
CA ASP K 141 -14.94 -50.62 -1.15
C ASP K 141 -14.69 -52.02 -1.68
N GLN K 142 -13.58 -52.59 -1.23
CA GLN K 142 -13.21 -53.98 -1.46
C GLN K 142 -12.84 -54.56 -0.10
N TYR K 143 -13.67 -55.45 0.41
CA TYR K 143 -13.60 -55.85 1.80
C TYR K 143 -12.26 -56.42 2.23
N LYS K 144 -11.91 -57.58 1.68
CA LYS K 144 -10.93 -58.47 2.32
C LYS K 144 -9.81 -57.71 3.00
N LYS K 145 -9.32 -56.66 2.36
CA LYS K 145 -8.22 -55.90 2.96
C LYS K 145 -8.67 -55.02 4.12
N HIS K 146 -9.96 -54.88 4.34
CA HIS K 146 -10.42 -53.85 5.28
C HIS K 146 -11.80 -54.20 5.83
N LYS K 147 -12.15 -53.54 6.92
CA LYS K 147 -13.48 -53.64 7.51
C LYS K 147 -13.96 -52.27 7.97
N PRO K 148 -14.92 -51.67 7.28
CA PRO K 148 -15.42 -50.36 7.72
C PRO K 148 -16.33 -50.42 8.91
N TRP K 149 -16.75 -51.59 9.36
CA TRP K 149 -17.70 -51.62 10.46
C TRP K 149 -17.51 -52.83 11.34
N THR K 150 -18.14 -52.78 12.50
CA THR K 150 -18.19 -53.91 13.39
C THR K 150 -19.34 -53.72 14.36
N LEU K 151 -19.77 -54.81 14.95
CA LEU K 151 -20.96 -54.87 15.77
C LEU K 151 -20.53 -55.37 17.13
N VAL K 152 -20.52 -54.48 18.13
CA VAL K 152 -19.92 -54.84 19.41
C VAL K 152 -20.91 -54.59 20.54
N VAL K 153 -20.80 -55.43 21.56
CA VAL K 153 -21.57 -55.33 22.78
C VAL K 153 -20.62 -55.54 23.94
N MET K 154 -20.92 -54.87 25.05
CA MET K 154 -20.13 -55.02 26.26
C MET K 154 -21.02 -54.75 27.46
N VAL K 155 -20.56 -55.22 28.62
CA VAL K 155 -21.29 -55.02 29.86
C VAL K 155 -21.65 -53.56 30.03
N LEU K 156 -22.84 -53.32 30.54
CA LEU K 156 -23.18 -52.01 31.08
C LEU K 156 -23.81 -52.10 32.45
N SER K 157 -24.19 -53.28 32.90
CA SER K 157 -24.62 -53.49 34.26
C SER K 157 -24.44 -54.95 34.64
N PRO K 158 -24.03 -55.22 35.87
CA PRO K 158 -24.02 -56.61 36.34
C PRO K 158 -25.42 -57.19 36.24
N LEU K 159 -25.48 -58.49 36.07
CA LEU K 159 -26.73 -59.17 35.81
C LEU K 159 -27.24 -59.86 37.06
N THR K 160 -28.53 -59.75 37.30
CA THR K 160 -29.17 -60.27 38.50
C THR K 160 -30.02 -61.48 38.18
N VAL K 161 -30.20 -62.34 39.20
CA VAL K 161 -31.02 -63.52 39.09
C VAL K 161 -31.73 -63.77 40.41
N SER K 162 -32.96 -64.27 40.31
CA SER K 162 -33.68 -64.88 41.42
C SER K 162 -33.97 -66.32 41.05
N ASN K 163 -34.78 -66.99 41.86
CA ASN K 163 -35.15 -68.36 41.55
C ASN K 163 -36.08 -68.44 40.35
N THR K 164 -36.85 -67.37 40.09
CA THR K 164 -37.91 -67.46 39.10
C THR K 164 -37.38 -67.41 37.67
N ALA K 165 -36.19 -66.88 37.45
CA ALA K 165 -35.70 -66.60 36.11
C ALA K 165 -34.91 -67.78 35.56
N ALA K 166 -34.23 -67.55 34.44
CA ALA K 166 -33.36 -68.56 33.84
C ALA K 166 -31.92 -68.15 34.07
N PRO K 167 -31.12 -69.00 34.72
CA PRO K 167 -29.77 -68.57 35.12
C PRO K 167 -28.82 -68.36 33.96
N GLN K 168 -29.25 -68.62 32.73
CA GLN K 168 -28.43 -68.31 31.58
C GLN K 168 -29.32 -67.73 30.49
N ILE K 169 -28.74 -66.85 29.68
CA ILE K 169 -29.44 -66.27 28.55
C ILE K 169 -28.49 -66.23 27.37
N LYS K 170 -28.98 -66.60 26.22
CA LYS K 170 -28.24 -66.39 24.99
C LYS K 170 -28.71 -65.08 24.35
N VAL K 171 -27.86 -64.50 23.52
CA VAL K 171 -28.14 -63.21 22.92
C VAL K 171 -27.98 -63.36 21.41
N TYR K 172 -29.04 -63.07 20.68
CA TYR K 172 -28.96 -63.11 19.23
C TYR K 172 -28.95 -61.69 18.70
N ALA K 173 -28.90 -61.59 17.38
CA ALA K 173 -28.99 -60.31 16.68
C ALA K 173 -29.32 -60.59 15.24
N ASN K 174 -29.65 -59.54 14.50
CA ASN K 174 -30.04 -59.69 13.11
C ASN K 174 -29.13 -58.86 12.23
N ILE K 175 -28.53 -59.51 11.25
CA ILE K 175 -27.53 -58.92 10.38
C ILE K 175 -27.91 -59.21 8.96
N ALA K 176 -28.16 -58.17 8.19
CA ALA K 176 -28.30 -58.33 6.75
C ALA K 176 -28.09 -56.98 6.09
N PRO K 177 -27.21 -56.92 5.10
CA PRO K 177 -27.01 -55.66 4.39
C PRO K 177 -28.26 -55.26 3.64
N THR K 178 -28.35 -53.97 3.32
CA THR K 178 -29.40 -53.46 2.48
C THR K 178 -28.80 -52.52 1.45
N TYR K 179 -29.66 -52.05 0.55
CA TYR K 179 -29.29 -50.98 -0.37
C TYR K 179 -28.05 -51.32 -1.18
N VAL K 180 -27.87 -52.60 -1.47
CA VAL K 180 -26.60 -53.05 -2.02
C VAL K 180 -26.41 -52.51 -3.42
N HIS K 181 -25.22 -51.98 -3.68
CA HIS K 181 -24.70 -51.83 -5.02
C HIS K 181 -23.32 -52.47 -5.06
N VAL K 182 -23.01 -53.11 -6.16
CA VAL K 182 -21.83 -53.93 -6.19
C VAL K 182 -20.66 -53.20 -6.81
N GLY L 1 6.07 9.11 -9.87
CA GLY L 1 4.68 9.04 -9.45
C GLY L 1 4.41 8.06 -8.31
N ILE L 2 5.36 7.98 -7.38
CA ILE L 2 5.23 7.01 -6.31
C ILE L 2 4.04 7.38 -5.43
N PHE L 3 3.36 6.38 -4.96
CA PHE L 3 2.43 6.64 -3.87
C PHE L 3 3.19 6.72 -2.56
N PRO L 4 2.82 7.64 -1.68
CA PRO L 4 3.53 7.75 -0.39
C PRO L 4 3.65 6.42 0.32
N VAL L 5 4.88 5.97 0.51
CA VAL L 5 5.12 4.66 1.08
C VAL L 5 5.03 4.81 2.60
N ALA L 6 3.79 4.79 3.10
CA ALA L 6 3.56 4.98 4.53
C ALA L 6 3.99 3.73 5.26
N CYS L 7 5.31 3.55 5.36
CA CYS L 7 5.88 2.29 5.81
C CYS L 7 5.38 1.93 7.19
N ALA L 8 5.58 0.68 7.57
CA ALA L 8 5.13 0.22 8.86
C ALA L 8 6.24 0.38 9.89
N ASP L 9 5.91 1.07 10.99
CA ASP L 9 6.76 1.16 12.17
C ASP L 9 6.35 0.06 13.14
N GLY L 10 6.98 -1.11 13.02
CA GLY L 10 6.90 -2.06 14.11
C GLY L 10 5.54 -2.67 14.37
N TYR L 11 5.04 -3.47 13.43
CA TYR L 11 3.82 -4.24 13.65
C TYR L 11 3.97 -5.55 12.88
N GLY L 12 2.85 -6.24 12.69
CA GLY L 12 2.86 -7.36 11.78
C GLY L 12 3.70 -8.50 12.29
N GLY L 13 3.28 -9.10 13.39
CA GLY L 13 4.02 -10.21 13.96
C GLY L 13 3.52 -11.53 13.46
N LEU L 14 4.43 -12.39 13.05
CA LEU L 14 4.05 -13.76 12.77
C LEU L 14 3.69 -14.40 14.09
N VAL L 15 2.41 -14.40 14.40
CA VAL L 15 1.98 -14.90 15.70
C VAL L 15 0.75 -15.78 15.54
N THR L 16 0.17 -16.16 16.67
CA THR L 16 -0.67 -17.34 16.70
C THR L 16 -2.09 -17.09 16.17
N THR L 17 -2.86 -16.24 16.85
CA THR L 17 -4.30 -16.19 16.65
C THR L 17 -4.71 -15.71 15.27
N ASP L 18 -3.73 -15.38 14.46
CA ASP L 18 -3.94 -14.43 13.38
C ASP L 18 -4.96 -14.95 12.37
N PRO L 19 -5.67 -14.05 11.70
CA PRO L 19 -6.59 -14.45 10.62
C PRO L 19 -6.01 -14.32 9.22
N LYS L 20 -4.74 -13.98 9.08
CA LYS L 20 -4.19 -13.76 7.76
C LYS L 20 -4.04 -15.07 7.00
N THR L 21 -4.01 -14.97 5.67
CA THR L 21 -4.10 -16.12 4.77
C THR L 21 -2.85 -16.22 3.91
N ALA L 22 -2.89 -17.09 2.91
CA ALA L 22 -1.72 -17.35 2.09
C ALA L 22 -2.03 -17.43 0.59
N ASP L 23 -1.06 -17.88 -0.20
CA ASP L 23 -1.18 -17.92 -1.66
C ASP L 23 -1.17 -19.35 -2.16
N PRO L 24 -2.24 -19.80 -2.83
CA PRO L 24 -2.20 -21.13 -3.43
C PRO L 24 -1.07 -21.21 -4.44
N VAL L 25 -0.49 -22.40 -4.56
CA VAL L 25 0.70 -22.50 -5.39
C VAL L 25 0.54 -23.54 -6.50
N TYR L 26 0.44 -24.82 -6.16
CA TYR L 26 0.05 -25.79 -7.18
C TYR L 26 -1.45 -25.79 -7.15
N GLY L 27 -2.05 -24.61 -7.24
CA GLY L 27 -3.41 -24.39 -6.80
C GLY L 27 -4.44 -24.56 -7.88
N LYS L 28 -5.58 -23.91 -7.67
CA LYS L 28 -6.70 -23.97 -8.60
C LYS L 28 -7.08 -25.42 -8.88
N VAL L 29 -7.56 -26.07 -7.83
CA VAL L 29 -7.85 -27.49 -7.88
C VAL L 29 -9.18 -27.74 -7.22
N TYR L 30 -10.06 -28.44 -7.89
CA TYR L 30 -11.38 -28.70 -7.33
C TYR L 30 -11.32 -29.93 -6.43
N ASN L 31 -12.47 -30.29 -5.88
CA ASN L 31 -12.70 -31.57 -5.22
C ASN L 31 -14.16 -31.91 -5.37
N PRO L 32 -14.50 -33.19 -5.42
CA PRO L 32 -15.91 -33.57 -5.47
C PRO L 32 -16.60 -33.11 -4.21
N PRO L 33 -17.61 -32.26 -4.34
CA PRO L 33 -18.22 -31.65 -3.15
C PRO L 33 -18.69 -32.71 -2.16
N LYS L 34 -18.34 -32.51 -0.91
CA LYS L 34 -18.52 -33.51 0.13
C LYS L 34 -19.86 -33.40 0.83
N THR L 35 -20.85 -32.80 0.18
CA THR L 35 -22.18 -32.75 0.77
C THR L 35 -22.80 -34.15 0.74
N ASN L 36 -23.86 -34.32 1.50
CA ASN L 36 -24.68 -35.52 1.50
C ASN L 36 -23.95 -36.66 2.18
N TYR L 37 -22.70 -36.41 2.56
CA TYR L 37 -22.01 -37.38 3.37
C TYR L 37 -22.60 -37.35 4.78
N PRO L 38 -22.73 -38.45 5.42
CA PRO L 38 -23.34 -38.45 6.74
C PRO L 38 -22.39 -37.94 7.79
N GLY L 39 -22.80 -38.01 9.06
CA GLY L 39 -21.92 -37.70 10.16
C GLY L 39 -21.45 -36.27 10.23
N ARG L 40 -22.16 -35.34 9.61
CA ARG L 40 -21.76 -33.95 9.70
C ARG L 40 -22.08 -33.41 11.07
N PHE L 41 -21.27 -32.46 11.51
CA PHE L 41 -21.56 -31.75 12.75
C PHE L 41 -20.73 -30.49 12.77
N THR L 42 -21.00 -29.64 13.75
CA THR L 42 -20.13 -28.52 14.01
C THR L 42 -19.72 -28.41 15.47
N ASN L 43 -20.64 -28.67 16.40
CA ASN L 43 -20.51 -28.23 17.78
C ASN L 43 -20.17 -29.38 18.71
N LEU L 44 -19.06 -29.24 19.44
CA LEU L 44 -18.85 -30.16 20.54
C LEU L 44 -20.01 -30.12 21.50
N LEU L 45 -20.50 -28.92 21.80
CA LEU L 45 -21.69 -28.83 22.64
C LEU L 45 -22.82 -29.64 22.07
N ASP L 46 -23.29 -29.28 20.87
CA ASP L 46 -24.56 -29.82 20.41
C ASP L 46 -24.51 -31.34 20.30
N VAL L 47 -23.39 -31.87 19.86
CA VAL L 47 -23.25 -33.32 19.82
C VAL L 47 -23.19 -33.86 21.24
N ALA L 48 -22.87 -32.99 22.20
CA ALA L 48 -22.89 -33.44 23.58
C ALA L 48 -24.27 -33.24 24.19
N GLU L 49 -25.29 -33.00 23.37
CA GLU L 49 -26.65 -32.99 23.90
C GLU L 49 -27.29 -34.36 23.78
N ALA L 50 -27.44 -34.86 22.56
CA ALA L 50 -28.11 -36.15 22.38
C ALA L 50 -27.30 -37.27 23.00
N CYS L 51 -26.04 -37.05 23.23
CA CYS L 51 -25.30 -38.15 23.78
C CYS L 51 -25.18 -38.01 25.28
N PRO L 52 -25.68 -38.94 26.02
CA PRO L 52 -25.43 -38.96 27.46
C PRO L 52 -24.05 -39.50 27.74
N THR L 53 -23.78 -39.76 29.02
CA THR L 53 -22.45 -40.11 29.49
C THR L 53 -22.59 -41.17 30.59
N PHE L 54 -21.54 -41.34 31.38
CA PHE L 54 -21.62 -42.19 32.55
C PHE L 54 -20.84 -41.52 33.67
N LEU L 55 -20.67 -42.23 34.77
CA LEU L 55 -19.98 -41.71 35.95
C LEU L 55 -19.10 -42.81 36.54
N ARG L 56 -18.67 -42.61 37.77
CA ARG L 56 -17.76 -43.56 38.39
C ARG L 56 -17.81 -43.38 39.90
N PHE L 57 -17.67 -44.50 40.60
CA PHE L 57 -17.52 -44.49 42.05
C PHE L 57 -16.31 -45.34 42.40
N ASP L 58 -15.83 -45.17 43.64
CA ASP L 58 -14.57 -45.78 44.04
C ASP L 58 -14.54 -47.26 43.73
N ASP L 59 -15.70 -47.88 43.67
CA ASP L 59 -15.75 -49.26 43.27
C ASP L 59 -15.38 -49.46 41.84
N GLY L 60 -14.99 -48.41 41.13
CA GLY L 60 -14.58 -48.55 39.75
C GLY L 60 -15.67 -49.09 38.85
N LYS L 61 -16.85 -49.33 39.41
CA LYS L 61 -17.98 -49.84 38.67
C LYS L 61 -18.92 -48.71 38.30
N PRO L 62 -19.10 -48.45 37.01
CA PRO L 62 -19.84 -47.25 36.61
C PRO L 62 -21.21 -47.16 37.24
N TYR L 63 -21.94 -48.25 37.25
CA TYR L 63 -23.27 -48.22 37.83
C TYR L 63 -23.20 -47.87 39.29
N VAL L 64 -24.36 -47.65 39.90
CA VAL L 64 -24.44 -47.31 41.31
C VAL L 64 -24.72 -48.57 42.11
N VAL L 65 -23.91 -48.82 43.13
CA VAL L 65 -24.32 -49.76 44.15
C VAL L 65 -25.59 -49.21 44.78
N THR L 66 -26.66 -49.96 44.67
CA THR L 66 -27.97 -49.47 45.12
C THR L 66 -28.51 -50.43 46.15
N ARG L 67 -28.06 -50.25 47.39
CA ARG L 67 -28.54 -51.04 48.50
C ARG L 67 -30.03 -50.85 48.65
N ALA L 68 -30.73 -51.91 49.02
CA ALA L 68 -32.19 -51.87 49.10
C ALA L 68 -32.62 -52.39 50.45
N ASP L 69 -32.60 -51.51 51.45
CA ASP L 69 -33.00 -51.83 52.82
C ASP L 69 -33.27 -50.54 53.56
N ASP L 70 -33.41 -50.67 54.89
CA ASP L 70 -33.85 -49.56 55.73
C ASP L 70 -32.94 -48.34 55.65
N THR L 71 -31.81 -48.43 54.97
CA THR L 71 -30.92 -47.29 54.85
C THR L 71 -31.66 -46.10 54.28
N ARG L 72 -31.24 -44.90 54.66
CA ARG L 72 -31.80 -43.68 54.12
C ARG L 72 -30.88 -42.94 53.18
N LEU L 73 -29.59 -42.89 53.50
CA LEU L 73 -28.61 -42.25 52.65
C LEU L 73 -28.24 -43.19 51.51
N LEU L 74 -28.23 -42.67 50.28
CA LEU L 74 -27.97 -43.51 49.12
C LEU L 74 -26.48 -43.59 48.80
N ALA L 75 -25.91 -42.45 48.45
CA ALA L 75 -24.50 -42.25 48.20
C ALA L 75 -24.37 -40.79 47.81
N LYS L 76 -23.18 -40.24 47.99
CA LYS L 76 -22.98 -38.84 47.69
C LYS L 76 -21.73 -38.66 46.86
N PHE L 77 -21.89 -38.02 45.71
CA PHE L 77 -20.80 -37.64 44.85
C PHE L 77 -20.75 -36.13 44.71
N ASP L 78 -19.84 -35.67 43.87
CA ASP L 78 -19.68 -34.27 43.54
C ASP L 78 -19.72 -34.10 42.02
N VAL L 79 -19.99 -32.88 41.59
CA VAL L 79 -19.96 -32.54 40.17
C VAL L 79 -19.15 -31.26 40.05
N SER L 80 -17.85 -31.39 39.82
CA SER L 80 -17.05 -30.28 39.34
C SER L 80 -17.07 -30.31 37.83
N LEU L 81 -16.21 -29.53 37.23
CA LEU L 81 -15.86 -29.82 35.86
C LEU L 81 -14.64 -30.71 35.79
N ALA L 82 -14.01 -30.97 36.93
CA ALA L 82 -12.84 -31.84 36.95
C ALA L 82 -12.78 -32.46 38.35
N ALA L 83 -13.25 -33.68 38.46
CA ALA L 83 -13.26 -34.36 39.76
C ALA L 83 -13.35 -35.86 39.56
N LYS L 84 -12.80 -36.57 40.54
CA LYS L 84 -12.74 -38.02 40.45
C LYS L 84 -14.10 -38.61 40.12
N HIS L 85 -15.16 -37.98 40.59
CA HIS L 85 -16.47 -38.48 40.20
C HIS L 85 -16.70 -38.36 38.70
N MET L 86 -16.02 -37.44 38.03
CA MET L 86 -16.41 -37.11 36.68
C MET L 86 -15.23 -36.99 35.75
N SER L 87 -14.25 -37.88 35.89
CA SER L 87 -13.15 -37.79 34.95
C SER L 87 -13.59 -38.31 33.61
N ASN L 88 -13.89 -39.60 33.57
CA ASN L 88 -14.01 -40.30 32.30
C ASN L 88 -15.29 -39.85 31.65
N THR L 89 -15.33 -38.60 31.21
CA THR L 89 -16.59 -37.91 31.03
C THR L 89 -16.52 -36.99 29.83
N TYR L 90 -17.34 -37.29 28.83
CA TYR L 90 -17.22 -36.63 27.54
C TYR L 90 -17.21 -35.12 27.65
N LEU L 91 -17.69 -34.59 28.76
CA LEU L 91 -17.62 -33.15 28.94
C LEU L 91 -16.22 -32.72 29.34
N SER L 92 -15.72 -33.29 30.43
CA SER L 92 -14.54 -32.76 31.09
C SER L 92 -13.35 -32.65 30.16
N GLY L 93 -13.02 -33.73 29.46
CA GLY L 93 -11.94 -33.65 28.50
C GLY L 93 -12.14 -32.51 27.53
N ILE L 94 -13.30 -32.49 26.88
CA ILE L 94 -13.66 -31.33 26.10
C ILE L 94 -13.60 -30.09 26.96
N ALA L 95 -14.04 -30.19 28.20
CA ALA L 95 -13.97 -29.04 29.08
C ALA L 95 -12.53 -28.68 29.39
N GLN L 96 -11.72 -29.64 29.85
CA GLN L 96 -10.46 -29.32 30.48
C GLN L 96 -9.55 -28.54 29.55
N TYR L 97 -9.99 -28.32 28.32
CA TYR L 97 -9.20 -27.51 27.41
C TYR L 97 -9.70 -26.07 27.41
N TYR L 98 -10.22 -25.61 28.52
CA TYR L 98 -10.86 -24.29 28.59
C TYR L 98 -10.73 -23.74 29.99
N THR L 99 -11.12 -22.48 30.18
CA THR L 99 -11.04 -21.90 31.50
C THR L 99 -12.37 -21.32 31.91
N GLN L 100 -12.99 -20.56 31.04
CA GLN L 100 -14.32 -20.03 31.33
C GLN L 100 -15.38 -20.98 30.82
N TYR L 101 -16.45 -21.12 31.59
CA TYR L 101 -17.56 -21.99 31.23
C TYR L 101 -18.82 -21.49 31.93
N SER L 102 -19.97 -21.71 31.30
CA SER L 102 -21.21 -21.26 31.92
C SER L 102 -22.38 -22.10 31.43
N GLY L 103 -23.44 -22.06 32.22
CA GLY L 103 -24.70 -22.66 31.85
C GLY L 103 -24.98 -23.94 32.64
N THR L 104 -26.23 -24.35 32.57
CA THR L 104 -26.74 -25.47 33.32
C THR L 104 -26.00 -26.76 32.93
N ILE L 105 -26.15 -27.79 33.75
CA ILE L 105 -25.52 -29.08 33.53
C ILE L 105 -26.60 -30.16 33.61
N ASN L 106 -26.39 -31.25 32.88
CA ASN L 106 -27.39 -32.28 32.71
C ASN L 106 -26.99 -33.56 33.41
N LEU L 107 -27.99 -34.43 33.63
CA LEU L 107 -27.77 -35.74 34.24
C LEU L 107 -28.77 -36.72 33.63
N HIS L 108 -28.71 -37.96 34.11
CA HIS L 108 -29.65 -38.99 33.73
C HIS L 108 -29.76 -40.04 34.82
N PHE L 109 -30.80 -40.84 34.72
CA PHE L 109 -31.02 -41.95 35.65
C PHE L 109 -31.73 -43.08 34.92
N MET L 110 -31.27 -44.30 35.16
CA MET L 110 -31.82 -45.50 34.54
C MET L 110 -32.02 -46.55 35.62
N PHE L 111 -33.22 -47.09 35.69
CA PHE L 111 -33.58 -47.96 36.80
C PHE L 111 -33.25 -49.42 36.46
N THR L 112 -33.26 -50.27 37.47
CA THR L 112 -32.81 -51.63 37.22
C THR L 112 -33.80 -52.71 37.62
N GLY L 113 -34.50 -52.54 38.74
CA GLY L 113 -35.42 -53.57 39.18
C GLY L 113 -36.57 -53.76 38.22
N SER L 114 -37.26 -54.87 38.37
CA SER L 114 -38.42 -55.14 37.53
C SER L 114 -39.48 -54.08 37.73
N THR L 115 -40.18 -53.74 36.64
CA THR L 115 -41.08 -52.60 36.64
C THR L 115 -42.11 -52.68 37.75
N ASP L 116 -42.56 -53.89 38.07
CA ASP L 116 -43.58 -54.06 39.09
C ASP L 116 -43.19 -53.37 40.39
N SER L 117 -41.90 -53.37 40.71
CA SER L 117 -41.44 -52.89 42.01
C SER L 117 -41.70 -51.41 42.14
N LYS L 118 -42.50 -51.04 43.15
CA LYS L 118 -42.63 -49.63 43.48
C LYS L 118 -41.31 -49.10 44.00
N ALA L 119 -41.17 -47.78 43.95
CA ALA L 119 -39.91 -47.17 44.33
C ALA L 119 -40.13 -45.70 44.62
N ARG L 120 -39.13 -45.11 45.26
CA ARG L 120 -39.10 -43.69 45.56
C ARG L 120 -37.64 -43.24 45.55
N TYR L 121 -37.41 -42.05 45.00
CA TYR L 121 -36.09 -41.45 45.02
C TYR L 121 -36.25 -39.94 45.00
N MET L 122 -35.17 -39.23 45.29
CA MET L 122 -35.27 -37.78 45.43
C MET L 122 -33.93 -37.15 45.06
N VAL L 123 -33.85 -36.61 43.85
CA VAL L 123 -32.71 -35.79 43.48
C VAL L 123 -32.73 -34.54 44.33
N ALA L 124 -31.55 -33.97 44.58
CA ALA L 124 -31.47 -32.83 45.47
C ALA L 124 -30.18 -32.09 45.27
N TYR L 125 -30.28 -30.78 45.06
CA TYR L 125 -29.13 -29.91 44.96
C TYR L 125 -28.68 -29.43 46.32
N ILE L 126 -27.39 -29.14 46.45
CA ILE L 126 -26.88 -28.52 47.66
C ILE L 126 -25.91 -27.42 47.28
N PRO L 127 -26.08 -26.21 47.80
CA PRO L 127 -25.19 -25.10 47.43
C PRO L 127 -23.87 -25.19 48.15
N PRO L 128 -22.82 -24.71 47.52
CA PRO L 128 -21.48 -24.91 48.05
C PRO L 128 -21.20 -24.06 49.27
N GLY L 129 -21.55 -24.55 50.46
CA GLY L 129 -21.35 -23.76 51.64
C GLY L 129 -22.48 -23.84 52.64
N VAL L 130 -23.43 -24.75 52.44
CA VAL L 130 -24.44 -25.04 53.44
C VAL L 130 -23.82 -25.47 54.76
N GLU L 131 -22.52 -25.81 54.74
CA GLU L 131 -21.72 -26.17 55.90
C GLU L 131 -22.15 -27.50 56.51
N THR L 132 -23.22 -28.10 56.00
CA THR L 132 -23.67 -29.40 56.48
C THR L 132 -24.53 -30.07 55.42
N PRO L 133 -24.20 -31.28 55.01
CA PRO L 133 -25.05 -32.02 54.10
C PRO L 133 -26.35 -32.40 54.80
N PRO L 134 -27.47 -32.33 54.09
CA PRO L 134 -28.74 -32.69 54.72
C PRO L 134 -28.78 -34.18 55.03
N ASP L 135 -29.70 -34.54 55.94
CA ASP L 135 -29.80 -35.91 56.40
C ASP L 135 -31.25 -36.36 56.55
N THR L 136 -32.14 -35.78 55.74
CA THR L 136 -33.57 -36.11 55.72
C THR L 136 -34.17 -35.46 54.48
N PRO L 137 -35.09 -36.14 53.78
CA PRO L 137 -35.58 -35.60 52.50
C PRO L 137 -36.14 -34.18 52.60
N GLU L 138 -37.05 -33.93 53.55
CA GLU L 138 -37.72 -32.63 53.58
C GLU L 138 -36.77 -31.50 53.91
N GLU L 139 -35.80 -31.73 54.80
CA GLU L 139 -34.85 -30.66 55.08
C GLU L 139 -33.77 -30.56 54.00
N ALA L 140 -33.47 -31.68 53.32
CA ALA L 140 -32.68 -31.60 52.10
C ALA L 140 -33.37 -30.72 51.08
N ALA L 141 -34.66 -30.96 50.88
CA ALA L 141 -35.49 -30.25 49.92
C ALA L 141 -35.29 -28.74 49.95
N HIS L 142 -34.99 -28.19 51.14
CA HIS L 142 -34.90 -26.74 51.29
C HIS L 142 -34.02 -26.08 50.25
N CYS L 143 -33.00 -26.79 49.77
CA CYS L 143 -32.16 -26.18 48.74
C CYS L 143 -32.81 -26.34 47.37
N ILE L 144 -32.85 -27.58 46.86
CA ILE L 144 -33.52 -27.91 45.60
C ILE L 144 -33.75 -29.40 45.63
N HIS L 145 -34.85 -29.85 45.03
CA HIS L 145 -35.22 -31.26 45.09
C HIS L 145 -36.37 -31.48 44.14
N ALA L 146 -36.66 -32.75 43.89
CA ALA L 146 -37.78 -33.17 43.05
C ALA L 146 -37.95 -34.67 43.24
N GLU L 147 -38.82 -35.28 42.44
CA GLU L 147 -39.21 -36.66 42.66
C GLU L 147 -39.37 -37.38 41.34
N TRP L 148 -39.44 -38.71 41.43
CA TRP L 148 -40.22 -39.50 40.49
C TRP L 148 -40.44 -40.86 41.11
N ASP L 149 -41.00 -41.77 40.33
CA ASP L 149 -41.22 -43.13 40.75
C ASP L 149 -40.89 -44.07 39.60
N THR L 150 -40.88 -45.36 39.91
CA THR L 150 -40.90 -46.36 38.85
C THR L 150 -42.11 -46.16 37.96
N GLY L 151 -43.24 -45.78 38.57
CA GLY L 151 -44.47 -45.61 37.84
C GLY L 151 -44.37 -44.69 36.65
N LEU L 152 -44.95 -45.11 35.53
CA LEU L 152 -45.22 -44.29 34.36
C LEU L 152 -43.96 -43.81 33.66
N ASN L 153 -42.77 -44.08 34.20
CA ASN L 153 -41.54 -43.70 33.54
C ASN L 153 -40.37 -44.39 34.20
N SER L 154 -39.34 -44.64 33.39
CA SER L 154 -38.10 -45.21 33.86
C SER L 154 -36.91 -44.29 33.67
N LYS L 155 -36.83 -43.57 32.56
CA LYS L 155 -35.78 -42.60 32.35
C LYS L 155 -36.09 -41.31 33.10
N PHE L 156 -35.09 -40.44 33.17
CA PHE L 156 -35.25 -39.06 33.62
C PHE L 156 -33.96 -38.30 33.37
N THR L 157 -34.10 -37.00 33.13
CA THR L 157 -32.96 -36.11 33.02
C THR L 157 -33.16 -34.95 33.98
N PHE L 158 -32.09 -34.53 34.63
CA PHE L 158 -32.15 -33.54 35.69
C PHE L 158 -31.12 -32.45 35.47
N SER L 159 -31.29 -31.33 36.18
CA SER L 159 -30.39 -30.21 35.99
C SER L 159 -30.21 -29.43 37.29
N ILE L 160 -28.99 -28.92 37.50
CA ILE L 160 -28.68 -27.96 38.55
C ILE L 160 -28.58 -26.57 37.92
N PRO L 161 -29.18 -25.56 38.52
CA PRO L 161 -28.98 -24.19 38.03
C PRO L 161 -27.54 -23.76 38.20
N TYR L 162 -27.06 -22.97 37.24
CA TYR L 162 -25.65 -22.62 37.12
C TYR L 162 -25.27 -21.56 38.16
N VAL L 163 -25.45 -21.93 39.42
CA VAL L 163 -25.05 -21.03 40.49
C VAL L 163 -23.55 -20.88 40.46
N SER L 164 -23.07 -19.74 40.93
CA SER L 164 -21.63 -19.45 40.92
C SER L 164 -21.40 -18.22 41.78
N ALA L 165 -20.18 -17.69 41.71
CA ALA L 165 -19.92 -16.35 42.19
C ALA L 165 -20.31 -15.33 41.14
N ALA L 166 -19.68 -15.38 39.98
CA ALA L 166 -19.97 -14.48 38.87
C ALA L 166 -20.62 -15.28 37.76
N ASP L 167 -20.96 -14.62 36.66
CA ASP L 167 -21.69 -15.36 35.64
C ASP L 167 -20.77 -16.23 34.82
N TYR L 168 -19.80 -16.87 35.47
CA TYR L 168 -18.73 -17.65 34.88
C TYR L 168 -17.93 -18.24 36.04
N ALA L 169 -16.95 -19.11 35.75
CA ALA L 169 -16.12 -19.66 36.80
C ALA L 169 -14.91 -20.34 36.16
N TYR L 170 -13.99 -20.74 37.02
CA TYR L 170 -12.79 -21.44 36.57
C TYR L 170 -13.06 -22.92 36.36
N THR L 171 -12.53 -23.47 35.28
CA THR L 171 -12.65 -24.91 35.08
C THR L 171 -11.84 -25.66 36.10
N ALA L 172 -10.53 -25.50 36.07
CA ALA L 172 -9.75 -26.15 37.10
C ALA L 172 -10.05 -25.48 38.44
N SER L 173 -9.72 -26.18 39.51
CA SER L 173 -9.95 -25.70 40.85
C SER L 173 -8.62 -25.26 41.47
N ASP L 174 -8.73 -24.60 42.61
CA ASP L 174 -7.61 -23.88 43.20
C ASP L 174 -6.96 -24.69 44.32
N THR L 175 -5.71 -24.34 44.60
CA THR L 175 -4.96 -24.84 45.74
C THR L 175 -4.64 -23.69 46.68
N ALA L 176 -5.63 -22.84 46.92
CA ALA L 176 -5.47 -21.72 47.82
C ALA L 176 -6.63 -21.55 48.80
N GLU L 177 -7.65 -22.41 48.74
CA GLU L 177 -8.77 -22.32 49.65
C GLU L 177 -9.34 -23.72 49.86
N THR L 178 -10.46 -23.79 50.57
CA THR L 178 -11.02 -25.06 51.02
C THR L 178 -12.39 -25.36 50.43
N THR L 179 -13.32 -24.41 50.50
CA THR L 179 -14.72 -24.71 50.25
C THR L 179 -14.91 -25.30 48.85
N ASN L 180 -15.61 -26.43 48.79
CA ASN L 180 -15.98 -27.02 47.52
C ASN L 180 -16.74 -26.01 46.67
N VAL L 181 -16.54 -26.10 45.36
CA VAL L 181 -17.10 -25.09 44.46
C VAL L 181 -18.60 -25.28 44.30
N GLN L 182 -19.10 -26.51 44.40
CA GLN L 182 -20.51 -26.77 44.15
C GLN L 182 -21.24 -27.40 45.33
N GLY L 183 -20.63 -28.38 45.99
CA GLY L 183 -21.28 -29.09 47.07
C GLY L 183 -21.12 -30.59 47.02
N TRP L 184 -22.18 -31.32 47.33
CA TRP L 184 -22.19 -32.78 47.26
C TRP L 184 -23.51 -33.27 46.70
N VAL L 185 -24.03 -32.57 45.70
CA VAL L 185 -25.39 -32.73 45.22
C VAL L 185 -25.72 -34.16 44.86
N CYS L 186 -26.65 -34.76 45.59
CA CYS L 186 -26.94 -36.17 45.45
C CYS L 186 -28.38 -36.44 45.91
N VAL L 187 -28.71 -37.71 46.09
CA VAL L 187 -30.08 -38.19 45.98
C VAL L 187 -30.53 -38.84 47.27
N TYR L 188 -31.81 -38.67 47.58
CA TYR L 188 -32.49 -39.38 48.66
C TYR L 188 -33.62 -40.23 48.10
N GLN L 189 -34.32 -40.93 49.00
CA GLN L 189 -35.32 -41.90 48.62
C GLN L 189 -36.27 -42.15 49.78
N ILE L 190 -37.51 -42.49 49.45
CA ILE L 190 -38.48 -42.94 50.42
C ILE L 190 -38.52 -44.46 50.31
N THR L 191 -39.19 -45.10 51.26
CA THR L 191 -39.12 -46.54 51.51
C THR L 191 -39.01 -47.37 50.24
N HIS L 192 -37.95 -48.16 50.16
CA HIS L 192 -37.80 -49.10 49.06
C HIS L 192 -38.93 -50.11 49.10
N GLY L 193 -39.46 -50.46 47.95
CA GLY L 193 -40.54 -51.42 47.94
C GLY L 193 -40.06 -52.83 48.18
N LYS L 194 -39.30 -53.36 47.21
CA LYS L 194 -38.73 -54.69 47.32
C LYS L 194 -37.78 -54.94 46.18
N ALA L 195 -36.61 -55.51 46.49
CA ALA L 195 -35.63 -55.81 45.45
C ALA L 195 -34.55 -56.69 46.01
N GLU L 196 -34.17 -57.72 45.28
CA GLU L 196 -33.03 -58.51 45.71
C GLU L 196 -31.73 -57.81 45.36
N ASN L 197 -31.69 -57.12 44.21
CA ASN L 197 -30.49 -56.38 43.84
C ASN L 197 -30.88 -55.34 42.81
N ASP L 198 -30.86 -54.07 43.19
CA ASP L 198 -31.12 -52.98 42.27
C ASP L 198 -29.84 -52.61 41.53
N THR L 199 -29.88 -51.48 40.81
CA THR L 199 -28.71 -50.87 40.18
C THR L 199 -29.13 -49.53 39.59
N LEU L 200 -28.24 -48.54 39.56
CA LEU L 200 -28.56 -47.27 38.95
C LEU L 200 -27.47 -46.79 38.01
N LEU L 201 -27.89 -46.11 36.96
CA LEU L 201 -27.00 -45.46 36.02
C LEU L 201 -27.22 -43.96 36.05
N VAL L 202 -26.25 -43.25 35.50
CA VAL L 202 -26.26 -41.80 35.60
C VAL L 202 -25.28 -41.21 34.60
N SER L 203 -25.62 -40.06 34.05
CA SER L 203 -24.81 -39.46 33.00
C SER L 203 -24.73 -37.96 33.24
N ALA L 204 -24.15 -37.28 32.25
CA ALA L 204 -24.23 -35.84 32.12
C ALA L 204 -24.20 -35.54 30.64
N SER L 205 -24.43 -34.28 30.30
CA SER L 205 -24.48 -33.94 28.89
C SER L 205 -24.65 -32.45 28.74
N ALA L 206 -24.40 -32.00 27.52
CA ALA L 206 -24.75 -30.65 27.15
C ALA L 206 -26.26 -30.54 26.97
N GLY L 207 -26.76 -29.33 27.16
CA GLY L 207 -28.15 -29.03 26.95
C GLY L 207 -28.32 -27.63 26.41
N LYS L 208 -29.30 -26.90 26.92
CA LYS L 208 -29.54 -25.58 26.38
C LYS L 208 -28.46 -24.58 26.74
N ASP L 209 -27.56 -24.91 27.65
CA ASP L 209 -26.83 -23.88 28.37
C ASP L 209 -25.33 -24.08 28.49
N PHE L 210 -24.81 -25.27 28.25
CA PHE L 210 -23.42 -25.58 28.54
C PHE L 210 -22.47 -24.79 27.66
N GLU L 211 -21.74 -23.82 28.21
CA GLU L 211 -20.96 -22.92 27.36
C GLU L 211 -19.56 -22.75 27.93
N LEU L 212 -18.72 -22.03 27.20
CA LEU L 212 -17.29 -22.03 27.46
C LEU L 212 -16.67 -20.71 27.02
N ARG L 213 -15.52 -20.35 27.62
CA ARG L 213 -14.57 -19.41 27.03
C ARG L 213 -13.14 -19.81 27.34
N LEU L 214 -12.22 -19.22 26.59
CA LEU L 214 -11.33 -20.05 25.80
C LEU L 214 -10.01 -19.55 25.25
N PRO L 215 -9.16 -20.49 24.80
CA PRO L 215 -8.81 -21.80 25.35
C PRO L 215 -7.31 -21.87 25.58
N ILE L 216 -6.77 -22.80 26.36
CA ILE L 216 -5.32 -23.02 26.38
C ILE L 216 -5.07 -24.48 26.73
N ASP L 217 -3.99 -25.03 26.19
CA ASP L 217 -3.52 -26.32 26.68
C ASP L 217 -3.11 -26.27 28.12
N PRO L 218 -3.52 -27.22 28.93
CA PRO L 218 -2.86 -27.45 30.20
C PRO L 218 -1.73 -28.46 30.11
N ARG L 219 -1.82 -29.41 29.20
CA ARG L 219 -1.07 -30.64 29.35
C ARG L 219 0.41 -30.39 29.06
N THR L 220 1.19 -31.48 29.10
CA THR L 220 2.65 -31.41 29.06
C THR L 220 3.19 -31.76 27.68
N GLN L 221 2.51 -31.28 26.64
CA GLN L 221 2.89 -31.52 25.25
C GLN L 221 4.40 -31.55 24.99
N ARG M 1 3.56 3.11 -37.79
CA ARG M 1 4.51 4.08 -37.26
C ARG M 1 4.25 4.27 -35.80
N HIS M 2 5.13 3.75 -34.96
CA HIS M 2 4.96 3.86 -33.52
C HIS M 2 6.27 4.10 -32.79
N HIS M 3 7.21 4.75 -33.45
CA HIS M 3 8.40 5.23 -32.78
C HIS M 3 8.88 6.46 -33.49
N THR M 4 10.06 6.93 -33.10
CA THR M 4 10.67 8.14 -33.62
C THR M 4 9.77 9.36 -33.47
N ASP M 5 8.74 9.26 -32.64
CA ASP M 5 8.12 10.43 -32.02
C ASP M 5 8.68 10.50 -30.62
N VAL M 6 9.54 11.49 -30.38
CA VAL M 6 10.50 11.49 -29.30
C VAL M 6 9.90 10.95 -28.02
N GLY M 7 8.59 11.19 -27.85
CA GLY M 7 7.86 10.88 -26.65
C GLY M 7 8.15 9.51 -26.10
N PHE M 8 8.78 8.66 -26.91
CA PHE M 8 9.27 7.39 -26.42
C PHE M 8 10.78 7.28 -26.44
N ILE M 9 11.47 8.10 -27.23
CA ILE M 9 12.88 7.84 -27.41
C ILE M 9 13.69 8.45 -26.29
N MET M 10 13.33 9.65 -25.85
CA MET M 10 14.27 10.40 -25.01
C MET M 10 13.87 10.30 -23.54
N ASP M 11 13.37 9.14 -23.12
CA ASP M 11 13.00 8.95 -21.72
C ASP M 11 13.85 7.86 -21.11
N ARG M 12 15.14 7.89 -21.38
CA ARG M 12 16.10 6.95 -20.83
C ARG M 12 17.22 7.75 -20.17
N PHE M 13 18.30 7.07 -19.86
CA PHE M 13 19.38 7.74 -19.17
C PHE M 13 20.60 7.82 -20.05
N VAL M 14 21.64 8.46 -19.52
CA VAL M 14 22.92 8.52 -20.20
C VAL M 14 23.98 8.91 -19.18
N LYS M 15 25.13 8.26 -19.29
CA LYS M 15 26.25 8.60 -18.42
C LYS M 15 26.77 9.99 -18.77
N ILE M 16 27.42 10.61 -17.80
CA ILE M 16 28.16 11.84 -18.00
C ILE M 16 29.57 11.65 -17.47
N ASN M 17 30.55 12.17 -18.20
CA ASN M 17 31.93 11.93 -17.83
C ASN M 17 32.27 12.57 -16.50
N SER M 18 32.23 13.90 -16.46
CA SER M 18 32.97 14.62 -15.44
C SER M 18 32.13 14.86 -14.20
N LEU M 19 32.83 15.16 -13.12
CA LEU M 19 32.24 15.58 -11.85
C LEU M 19 33.28 16.37 -11.09
N SER M 20 32.85 16.94 -9.98
CA SER M 20 33.68 17.72 -9.07
C SER M 20 32.83 18.03 -7.85
N PRO M 21 33.38 18.53 -6.76
CA PRO M 21 32.53 18.89 -5.61
C PRO M 21 31.37 19.80 -5.97
N THR M 22 31.49 20.56 -7.06
CA THR M 22 30.36 21.17 -7.71
C THR M 22 30.40 20.78 -9.19
N HIS M 23 29.27 20.89 -9.86
CA HIS M 23 29.23 20.35 -11.22
C HIS M 23 28.04 20.94 -11.96
N VAL M 24 28.33 21.69 -13.03
CA VAL M 24 27.28 22.23 -13.86
C VAL M 24 26.42 21.09 -14.40
N ILE M 25 25.17 21.42 -14.72
CA ILE M 25 24.22 20.47 -15.27
C ILE M 25 23.72 21.00 -16.59
N ASP M 26 23.98 20.26 -17.67
CA ASP M 26 23.53 20.64 -19.00
C ASP M 26 23.42 19.41 -19.87
N LEU M 27 22.60 19.52 -20.91
CA LEU M 27 22.51 18.43 -21.86
C LEU M 27 23.77 18.31 -22.70
N MET M 28 24.22 19.43 -23.28
CA MET M 28 25.41 19.37 -24.12
C MET M 28 26.63 18.84 -23.38
N GLN M 29 26.55 18.69 -22.07
CA GLN M 29 27.55 17.92 -21.34
C GLN M 29 27.56 16.47 -21.78
N THR M 30 26.53 16.01 -22.47
CA THR M 30 26.47 14.61 -22.85
C THR M 30 27.50 14.30 -23.93
N HIS M 31 27.72 13.01 -24.11
CA HIS M 31 28.60 12.56 -25.18
C HIS M 31 27.93 12.75 -26.53
N LYS M 32 28.71 13.18 -27.52
CA LYS M 32 28.16 13.54 -28.81
C LYS M 32 27.99 12.36 -29.75
N HIS M 33 28.01 11.15 -29.21
CA HIS M 33 27.48 10.02 -29.95
C HIS M 33 26.67 9.07 -29.09
N GLY M 34 26.55 9.32 -27.79
CA GLY M 34 25.52 8.65 -27.03
C GLY M 34 24.16 8.87 -27.67
N ILE M 35 23.39 7.78 -27.82
CA ILE M 35 22.18 7.84 -28.61
C ILE M 35 21.23 8.91 -28.09
N VAL M 36 21.35 9.28 -26.82
CA VAL M 36 20.50 10.33 -26.27
C VAL M 36 20.70 11.62 -27.05
N GLY M 37 21.90 12.16 -27.01
CA GLY M 37 22.12 13.49 -27.53
C GLY M 37 22.12 13.59 -29.03
N ALA M 38 22.43 12.48 -29.72
CA ALA M 38 22.41 12.49 -31.17
C ALA M 38 21.11 13.12 -31.66
N LEU M 39 19.99 12.48 -31.33
CA LEU M 39 18.69 13.07 -31.61
C LEU M 39 18.63 14.50 -31.09
N LEU M 40 19.05 14.69 -29.85
CA LEU M 40 19.07 16.05 -29.31
C LEU M 40 19.88 16.96 -30.21
N ARG M 41 21.17 16.67 -30.34
CA ARG M 41 21.97 17.43 -31.29
C ARG M 41 21.35 17.38 -32.67
N ALA M 42 20.57 16.35 -32.97
CA ALA M 42 19.98 16.32 -34.30
C ALA M 42 18.95 17.40 -34.51
N ALA M 43 18.73 18.26 -33.53
CA ALA M 43 17.69 19.25 -33.65
C ALA M 43 18.24 20.62 -33.31
N THR M 44 17.39 21.63 -33.51
CA THR M 44 17.78 23.00 -33.24
C THR M 44 17.26 23.48 -31.91
N TYR M 45 15.96 23.40 -31.70
CA TYR M 45 15.34 23.90 -30.50
C TYR M 45 14.52 22.80 -29.84
N TYR M 46 14.71 22.62 -28.54
CA TYR M 46 14.00 21.57 -27.82
C TYR M 46 13.65 22.05 -26.42
N PHE M 47 12.57 21.49 -25.90
CA PHE M 47 12.12 21.74 -24.54
C PHE M 47 11.65 20.44 -23.93
N SER M 48 11.76 20.37 -22.62
CA SER M 48 11.21 19.24 -21.90
C SER M 48 11.03 19.64 -20.46
N ASP M 49 10.47 18.71 -19.68
CA ASP M 49 10.70 18.68 -18.25
C ASP M 49 12.04 18.00 -18.06
N LEU M 50 12.35 17.60 -16.83
CA LEU M 50 13.68 17.09 -16.58
C LEU M 50 13.65 16.18 -15.36
N GLU M 51 14.31 15.04 -15.46
CA GLU M 51 14.43 14.12 -14.35
C GLU M 51 15.88 13.69 -14.24
N ILE M 52 16.37 13.57 -13.00
CA ILE M 52 17.78 13.27 -12.77
C ILE M 52 17.93 12.29 -11.62
N VAL M 53 19.02 11.53 -11.66
CA VAL M 53 19.30 10.50 -10.66
C VAL M 53 20.78 10.50 -10.37
N VAL M 54 21.11 10.41 -9.08
CA VAL M 54 22.49 10.53 -8.62
C VAL M 54 22.76 9.52 -7.53
N ARG M 55 23.77 8.69 -7.74
CA ARG M 55 24.32 7.85 -6.69
C ARG M 55 25.47 8.60 -6.04
N HIS M 56 25.37 8.84 -4.74
CA HIS M 56 26.27 9.80 -4.12
C HIS M 56 26.30 9.55 -2.62
N ASP M 57 26.83 10.51 -1.88
CA ASP M 57 27.01 10.40 -0.45
C ASP M 57 26.58 11.73 0.16
N GLY M 58 26.94 11.93 1.43
CA GLY M 58 26.83 13.22 2.08
C GLY M 58 25.47 13.86 2.00
N ASN M 59 25.39 14.99 1.29
CA ASN M 59 24.13 15.73 1.19
C ASN M 59 24.01 16.29 -0.23
N LEU M 60 23.34 15.55 -1.09
CA LEU M 60 23.01 16.07 -2.40
C LEU M 60 22.11 17.28 -2.27
N THR M 61 22.40 18.32 -3.04
CA THR M 61 21.65 19.55 -2.90
C THR M 61 21.70 20.31 -4.21
N TRP M 62 20.61 20.99 -4.53
CA TRP M 62 20.41 21.56 -5.85
C TRP M 62 19.74 22.92 -5.78
N VAL M 63 20.07 23.76 -6.77
CA VAL M 63 19.54 25.11 -6.92
C VAL M 63 19.13 25.33 -8.37
N PRO M 64 18.05 26.03 -8.64
CA PRO M 64 17.73 26.42 -10.00
C PRO M 64 18.61 27.56 -10.49
N ASN M 65 18.46 27.83 -11.79
CA ASN M 65 19.39 28.71 -12.49
C ASN M 65 19.27 30.14 -11.98
N GLY M 66 20.05 31.02 -12.59
CA GLY M 66 20.04 32.41 -12.22
C GLY M 66 20.10 32.56 -10.72
N ALA M 67 21.19 32.09 -10.13
CA ALA M 67 21.33 32.18 -8.69
C ALA M 67 22.78 32.35 -8.36
N PRO M 68 23.09 33.03 -7.27
CA PRO M 68 24.48 33.13 -6.81
C PRO M 68 24.95 31.79 -6.27
N GLU M 69 25.83 31.13 -7.03
CA GLU M 69 26.37 29.85 -6.59
C GLU M 69 26.93 29.94 -5.19
N ALA M 70 27.53 31.06 -4.85
CA ALA M 70 28.29 31.19 -3.61
C ALA M 70 27.47 30.84 -2.38
N ALA M 71 26.18 30.61 -2.56
CA ALA M 71 25.25 30.48 -1.45
C ALA M 71 24.49 29.18 -1.53
N LEU M 72 25.19 28.07 -1.68
CA LEU M 72 24.45 26.82 -1.73
C LEU M 72 24.43 26.08 -0.41
N SER M 73 25.59 25.74 0.12
CA SER M 73 25.64 24.92 1.33
C SER M 73 24.83 25.55 2.44
N ASN M 74 24.94 26.85 2.61
CA ASN M 74 24.21 27.53 3.66
C ASN M 74 22.72 27.47 3.39
N THR M 75 21.94 27.34 4.46
CA THR M 75 20.52 27.65 4.49
C THR M 75 19.70 26.70 3.62
N SER M 76 20.38 25.85 2.85
CA SER M 76 19.77 24.69 2.24
C SER M 76 18.45 25.03 1.55
N ASN M 77 18.56 25.79 0.47
CA ASN M 77 17.47 25.84 -0.49
C ASN M 77 17.11 24.40 -0.86
N PRO M 78 15.91 24.14 -1.36
CA PRO M 78 15.25 22.84 -1.15
C PRO M 78 16.10 21.61 -1.45
N THR M 79 15.82 20.54 -0.71
CA THR M 79 16.55 19.29 -0.70
C THR M 79 15.87 18.33 0.28
N ALA M 80 16.14 17.02 0.08
CA ALA M 80 15.95 15.98 1.09
C ALA M 80 17.29 15.27 1.32
N TYR M 81 17.40 14.60 2.47
CA TYR M 81 18.69 14.16 2.98
C TYR M 81 19.20 12.89 2.31
N ASN M 82 20.22 12.32 2.94
CA ASN M 82 20.88 11.11 2.48
C ASN M 82 19.96 9.91 2.54
N LYS M 83 20.09 9.05 1.54
CA LYS M 83 19.65 7.67 1.65
C LYS M 83 20.25 6.84 0.53
N ALA M 84 21.00 5.81 0.86
CA ALA M 84 21.53 4.92 -0.16
C ALA M 84 20.43 3.96 -0.64
N PRO M 85 20.60 3.35 -1.82
CA PRO M 85 21.61 3.56 -2.86
C PRO M 85 21.07 4.24 -4.11
N PHE M 86 19.76 4.20 -4.32
CA PHE M 86 19.19 4.92 -5.44
C PHE M 86 18.56 6.20 -4.92
N THR M 87 18.64 7.26 -5.72
CA THR M 87 17.96 8.50 -5.36
C THR M 87 17.58 9.22 -6.63
N ARG M 88 16.34 9.68 -6.68
CA ARG M 88 15.70 10.01 -7.94
C ARG M 88 14.91 11.29 -7.78
N LEU M 89 15.29 12.33 -8.51
CA LEU M 89 14.55 13.58 -8.47
C LEU M 89 14.29 14.05 -9.88
N ALA M 90 13.57 15.16 -9.99
CA ALA M 90 13.08 15.63 -11.27
C ALA M 90 13.04 17.15 -11.26
N LEU M 91 13.70 17.73 -12.14
CA LEU M 91 13.49 19.15 -11.91
C LEU M 91 12.59 19.73 -12.97
N PRO M 92 11.83 20.73 -12.62
CA PRO M 92 11.04 21.45 -13.60
C PRO M 92 11.89 22.54 -14.23
N TYR M 93 11.50 22.89 -15.43
CA TYR M 93 12.25 23.88 -16.20
C TYR M 93 12.33 25.19 -15.43
N THR M 94 13.42 25.90 -15.64
CA THR M 94 13.62 27.17 -14.96
C THR M 94 14.26 28.24 -15.81
N ALA M 95 14.61 27.96 -17.04
CA ALA M 95 15.52 28.86 -17.68
C ALA M 95 14.80 30.09 -18.19
N PRO M 96 15.50 31.16 -18.38
CA PRO M 96 14.84 32.42 -18.69
C PRO M 96 14.33 32.48 -20.11
N HIS M 97 14.21 31.34 -20.77
CA HIS M 97 13.87 31.40 -22.17
C HIS M 97 12.80 30.38 -22.49
N ARG M 98 11.93 30.73 -23.39
CA ARG M 98 10.85 29.82 -23.67
C ARG M 98 11.29 28.65 -24.43
N VAL M 99 12.57 28.40 -24.65
CA VAL M 99 13.00 27.17 -25.27
C VAL M 99 14.51 27.03 -25.15
N LEU M 100 15.02 25.80 -25.15
CA LEU M 100 16.45 25.61 -25.25
C LEU M 100 16.86 25.44 -26.70
N ALA M 101 18.11 25.07 -26.91
CA ALA M 101 18.71 24.85 -28.22
C ALA M 101 20.07 24.23 -28.00
N THR M 102 20.85 24.12 -29.06
CA THR M 102 22.10 23.41 -29.00
C THR M 102 23.30 24.29 -29.18
N VAL M 103 23.19 25.30 -30.02
CA VAL M 103 24.35 26.08 -30.39
C VAL M 103 23.87 27.42 -30.94
N TYR M 104 24.58 28.48 -30.59
CA TYR M 104 24.08 29.83 -30.72
C TYR M 104 25.20 30.69 -31.27
N ASP M 105 25.28 30.80 -32.59
CA ASP M 105 26.36 31.55 -33.20
C ASP M 105 26.32 33.04 -32.88
N GLY M 106 27.24 33.49 -32.04
CA GLY M 106 27.39 34.91 -31.78
C GLY M 106 28.84 35.30 -31.64
N THR M 107 29.26 36.34 -32.34
CA THR M 107 30.66 36.73 -32.33
C THR M 107 31.09 37.16 -30.94
N THR M 129 32.50 30.39 -30.35
CA THR M 129 31.60 29.26 -30.50
C THR M 129 31.35 28.61 -29.14
N GLN M 130 31.73 29.33 -28.09
CA GLN M 130 31.47 28.83 -26.74
C GLN M 130 29.97 28.84 -26.46
N LEU M 131 29.51 27.79 -25.81
CA LEU M 131 28.10 27.69 -25.47
C LEU M 131 27.68 28.90 -24.65
N PRO M 132 26.48 29.45 -24.86
CA PRO M 132 26.07 30.64 -24.11
C PRO M 132 25.95 30.34 -22.63
N ALA M 133 25.82 31.41 -21.85
CA ALA M 133 25.66 31.30 -20.41
C ALA M 133 24.20 31.22 -19.99
N SER M 134 23.31 30.85 -20.89
CA SER M 134 21.89 30.86 -20.61
C SER M 134 21.34 29.46 -20.29
N PHE M 135 21.46 28.53 -21.23
CA PHE M 135 20.72 27.28 -21.12
C PHE M 135 21.29 26.46 -20.00
N ASN M 136 20.69 26.55 -18.82
CA ASN M 136 21.38 26.08 -17.64
C ASN M 136 20.37 25.43 -16.70
N TYR M 137 20.21 24.11 -16.85
CA TYR M 137 19.53 23.34 -15.83
C TYR M 137 20.18 23.56 -14.48
N GLY M 138 21.47 23.90 -14.45
CA GLY M 138 22.10 24.40 -13.25
C GLY M 138 23.22 23.48 -12.79
N ALA M 139 23.26 23.24 -11.48
CA ALA M 139 24.34 22.47 -10.90
C ALA M 139 23.91 21.94 -9.55
N ILE M 140 24.62 20.93 -9.08
CA ILE M 140 24.40 20.36 -7.76
C ILE M 140 25.73 20.28 -7.04
N GLN M 141 25.65 20.08 -5.73
CA GLN M 141 26.82 20.17 -4.89
C GLN M 141 26.70 19.16 -3.77
N ALA M 142 27.83 18.60 -3.37
CA ALA M 142 27.88 17.62 -2.30
C ALA M 142 29.31 17.52 -1.81
N GLN M 143 29.58 16.49 -1.01
CA GLN M 143 30.93 16.21 -0.56
C GLN M 143 31.53 14.99 -1.25
N ALA M 144 30.74 14.22 -1.99
CA ALA M 144 31.25 13.05 -2.69
C ALA M 144 30.25 12.68 -3.77
N ILE M 145 30.69 12.61 -5.02
CA ILE M 145 29.80 12.43 -6.15
C ILE M 145 30.41 11.42 -7.12
N HIS M 146 29.67 10.38 -7.44
CA HIS M 146 30.19 9.34 -8.32
C HIS M 146 29.41 9.20 -9.63
N GLU M 147 28.11 9.00 -9.56
CA GLU M 147 27.37 8.52 -10.71
C GLU M 147 26.20 9.45 -10.99
N LEU M 148 25.85 9.54 -12.27
CA LEU M 148 24.87 10.53 -12.71
C LEU M 148 23.91 9.91 -13.71
N LEU M 149 22.62 10.10 -13.47
CA LEU M 149 21.59 9.66 -14.42
C LEU M 149 20.60 10.79 -14.65
N VAL M 150 20.29 11.04 -15.92
CA VAL M 150 19.48 12.18 -16.33
C VAL M 150 18.37 11.70 -17.26
N ARG M 151 17.36 12.54 -17.44
CA ARG M 151 16.13 12.07 -18.06
C ARG M 151 15.29 13.21 -18.60
N MET M 152 14.65 12.95 -19.74
CA MET M 152 13.91 13.95 -20.50
C MET M 152 12.44 13.56 -20.51
N LYS M 153 11.56 14.55 -20.28
CA LYS M 153 10.14 14.29 -20.09
C LYS M 153 9.33 15.02 -21.15
N ARG M 154 8.39 14.29 -21.76
CA ARG M 154 7.37 14.89 -22.62
C ARG M 154 7.99 15.77 -23.71
N ALA M 155 9.29 15.58 -23.94
CA ALA M 155 10.07 16.56 -24.65
C ALA M 155 9.53 16.80 -26.05
N GLU M 156 9.92 17.94 -26.61
CA GLU M 156 9.69 18.21 -28.02
C GLU M 156 10.91 18.92 -28.59
N LEU M 157 11.01 18.90 -29.91
CA LEU M 157 12.19 19.31 -30.64
C LEU M 157 11.74 20.18 -31.80
N TYR M 158 12.64 21.03 -32.29
CA TYR M 158 12.23 21.97 -33.34
C TYR M 158 13.38 22.24 -34.30
N CYS M 159 13.05 22.24 -35.62
CA CYS M 159 13.99 22.34 -36.72
C CYS M 159 15.11 21.31 -36.60
N PRO M 160 14.85 20.07 -36.94
CA PRO M 160 15.89 19.05 -36.86
C PRO M 160 17.14 19.50 -37.59
N ARG M 161 18.30 18.98 -37.21
CA ARG M 161 19.53 19.47 -37.81
C ARG M 161 20.24 18.33 -38.54
N PRO M 162 21.36 18.58 -39.21
CA PRO M 162 22.05 17.47 -39.89
C PRO M 162 22.37 16.31 -38.97
N LEU M 163 22.81 15.18 -39.53
CA LEU M 163 23.14 14.04 -38.69
C LEU M 163 24.02 13.09 -39.47
N LEU M 164 24.93 12.44 -38.77
CA LEU M 164 25.88 11.53 -39.40
C LEU M 164 25.67 10.12 -38.90
N ALA M 165 26.26 9.19 -39.63
CA ALA M 165 26.36 7.81 -39.22
C ALA M 165 27.83 7.47 -39.07
N ILE M 166 28.12 6.18 -38.83
CA ILE M 166 29.51 5.76 -38.80
C ILE M 166 30.08 5.92 -40.20
N LYS M 167 31.39 6.11 -40.26
CA LYS M 167 32.05 6.36 -41.54
C LYS M 167 32.43 5.04 -42.19
N VAL M 168 32.51 5.07 -43.52
CA VAL M 168 32.80 3.87 -44.30
C VAL M 168 34.28 3.86 -44.66
N THR M 169 34.95 2.76 -44.37
CA THR M 169 36.36 2.62 -44.70
C THR M 169 36.62 1.48 -45.68
N SER M 170 36.13 0.28 -45.38
CA SER M 170 36.46 -0.89 -46.18
C SER M 170 35.61 -0.95 -47.44
N GLN M 171 35.62 -2.11 -48.10
CA GLN M 171 35.05 -2.21 -49.43
C GLN M 171 33.54 -2.32 -49.44
N ASP M 172 33.00 -3.41 -48.88
CA ASP M 172 31.76 -3.92 -49.47
C ASP M 172 30.54 -3.10 -49.13
N ARG M 173 29.99 -3.29 -47.95
CA ARG M 173 28.87 -2.46 -47.52
C ARG M 173 29.20 -1.91 -46.15
N TYR M 174 29.46 -2.83 -45.23
CA TYR M 174 30.02 -2.64 -43.90
C TYR M 174 30.06 -4.02 -43.29
N LYS M 175 30.90 -4.20 -42.28
CA LYS M 175 30.97 -5.47 -41.61
C LYS M 175 30.91 -5.25 -40.10
N GLN M 176 30.34 -6.23 -39.41
CA GLN M 176 30.19 -6.07 -37.98
C GLN M 176 29.84 -7.41 -37.36
N LYS M 177 30.35 -7.64 -36.15
CA LYS M 177 30.08 -8.87 -35.44
C LYS M 177 28.65 -8.89 -34.92
N ILE M 178 28.09 -10.09 -34.78
CA ILE M 178 26.72 -10.27 -34.32
C ILE M 178 26.69 -11.37 -33.27
N ILE M 179 25.87 -11.17 -32.24
CA ILE M 179 25.80 -12.20 -31.20
C ILE M 179 25.00 -13.38 -31.73
N ALA M 180 25.24 -14.53 -31.13
CA ALA M 180 24.57 -15.78 -31.50
C ALA M 180 24.90 -16.86 -30.48
N PRO M 181 24.03 -17.80 -30.28
CA PRO M 181 24.31 -18.88 -29.33
C PRO M 181 25.29 -19.87 -29.88
N ALA M 182 25.50 -20.97 -29.17
CA ALA M 182 26.41 -22.02 -29.60
C ALA M 182 25.73 -23.38 -29.57
N SER N 1 6.78 29.74 -63.28
CA SER N 1 7.69 29.47 -62.17
C SER N 1 7.17 28.32 -61.33
N VAL N 2 8.05 27.76 -60.49
CA VAL N 2 7.61 26.78 -59.52
C VAL N 2 6.71 27.44 -58.47
N GLY N 3 6.83 28.76 -58.30
CA GLY N 3 6.00 29.48 -57.35
C GLY N 3 6.57 29.41 -55.96
N VAL N 4 5.95 30.18 -55.07
CA VAL N 4 6.38 30.29 -53.68
C VAL N 4 6.46 28.92 -53.04
N THR N 5 7.48 28.69 -52.23
CA THR N 5 7.55 27.54 -51.35
C THR N 5 7.87 28.02 -49.96
N TYR N 6 7.02 27.67 -49.02
CA TYR N 6 7.06 28.25 -47.69
C TYR N 6 7.95 27.45 -46.77
N GLY N 7 8.48 28.14 -45.77
CA GLY N 7 9.19 27.49 -44.68
C GLY N 7 8.29 27.22 -43.48
N TYR N 8 7.82 25.98 -43.38
CA TYR N 8 7.17 25.39 -42.23
C TYR N 8 5.70 25.79 -42.08
N SER N 9 5.18 26.70 -42.90
CA SER N 9 3.83 27.20 -42.68
C SER N 9 3.49 28.18 -43.79
N THR N 10 2.19 28.43 -43.97
CA THR N 10 1.75 29.44 -44.93
C THR N 10 0.47 30.08 -44.38
N GLU N 11 0.58 31.32 -43.92
CA GLU N 11 -0.52 31.92 -43.18
C GLU N 11 -0.24 33.39 -42.94
N GLU N 12 -1.32 34.18 -42.90
CA GLU N 12 -1.25 35.53 -42.39
C GLU N 12 -1.07 35.50 -40.88
N ASP N 13 -0.28 36.44 -40.35
CA ASP N 13 0.22 36.35 -38.99
C ASP N 13 -0.42 37.39 -38.06
N HIS N 14 -0.30 37.10 -36.77
CA HIS N 14 -0.45 38.09 -35.73
C HIS N 14 0.40 39.31 -36.05
N VAL N 15 -0.20 40.50 -35.93
CA VAL N 15 0.52 41.73 -36.23
C VAL N 15 0.48 42.74 -35.09
N ALA N 16 -0.49 42.70 -34.17
CA ALA N 16 -0.63 43.71 -33.13
C ALA N 16 -0.81 43.02 -31.79
N GLY N 17 -0.03 43.43 -30.79
CA GLY N 17 -0.05 42.76 -29.52
C GLY N 17 0.25 43.64 -28.31
N PRO N 18 0.93 43.03 -27.33
CA PRO N 18 1.04 43.64 -26.00
C PRO N 18 1.97 44.83 -25.92
N ASN N 19 2.28 45.22 -24.67
CA ASN N 19 2.99 46.46 -24.36
C ASN N 19 4.11 46.77 -25.35
N THR N 20 5.08 45.87 -25.47
CA THR N 20 6.16 46.12 -26.43
C THR N 20 5.63 46.10 -27.84
N SER N 21 4.78 45.13 -28.18
CA SER N 21 4.14 45.15 -29.49
C SER N 21 3.36 46.44 -29.68
N GLY N 22 2.62 46.87 -28.65
CA GLY N 22 2.04 48.19 -28.67
C GLY N 22 3.09 49.28 -28.78
N LEU N 23 4.26 49.05 -28.18
CA LEU N 23 5.34 50.03 -28.25
C LEU N 23 6.21 49.84 -29.48
N GLU N 24 6.14 48.67 -30.12
CA GLU N 24 7.02 48.28 -31.21
C GLU N 24 6.21 47.74 -32.38
N THR N 25 5.21 48.52 -32.79
CA THR N 25 4.21 48.13 -33.76
C THR N 25 4.78 47.87 -35.14
N ARG N 26 3.91 47.48 -36.06
CA ARG N 26 4.29 47.12 -37.43
C ARG N 26 4.60 48.40 -38.20
N VAL N 27 5.85 48.82 -38.14
CA VAL N 27 6.31 49.97 -38.90
C VAL N 27 6.54 49.55 -40.34
N VAL N 28 5.50 49.66 -41.16
CA VAL N 28 5.51 49.01 -42.47
C VAL N 28 6.54 49.65 -43.38
N GLN N 29 6.69 50.97 -43.31
CA GLN N 29 7.61 51.64 -44.21
C GLN N 29 9.06 51.29 -43.91
N ALA N 30 9.30 50.44 -42.93
CA ALA N 30 10.65 49.95 -42.70
C ALA N 30 11.09 48.93 -43.73
N GLU N 31 10.29 48.68 -44.75
CA GLU N 31 10.45 47.55 -45.64
C GLU N 31 10.90 48.02 -47.01
N ARG N 32 11.92 47.36 -47.57
CA ARG N 32 12.33 47.68 -48.92
C ARG N 32 13.31 46.63 -49.42
N PHE N 33 13.11 46.17 -50.66
CA PHE N 33 14.06 45.28 -51.29
C PHE N 33 15.41 45.99 -51.47
N PHE N 34 16.41 45.20 -51.83
CA PHE N 34 17.67 45.66 -52.40
C PHE N 34 18.42 44.43 -52.88
N LYS N 35 19.65 44.60 -53.32
CA LYS N 35 20.40 43.49 -53.88
C LYS N 35 21.76 43.35 -53.22
N LYS N 36 22.15 42.10 -53.02
CA LYS N 36 23.44 41.72 -52.48
C LYS N 36 24.19 40.90 -53.52
N PHE N 37 25.51 41.04 -53.52
CA PHE N 37 26.35 40.14 -54.30
C PHE N 37 26.46 38.81 -53.61
N LEU N 38 26.41 37.73 -54.40
CA LEU N 38 26.44 36.40 -53.81
C LEU N 38 27.80 35.74 -53.95
N PHE N 39 28.25 35.51 -55.18
CA PHE N 39 29.47 34.75 -55.44
C PHE N 39 29.62 34.63 -56.95
N ASP N 40 30.75 34.06 -57.36
CA ASP N 40 30.97 33.71 -58.76
C ASP N 40 30.90 32.21 -58.92
N TRP N 41 30.67 31.77 -60.16
CA TRP N 41 30.39 30.37 -60.43
C TRP N 41 30.73 30.07 -61.88
N THR N 42 31.90 29.49 -62.10
CA THR N 42 32.30 29.07 -63.44
C THR N 42 32.61 27.58 -63.41
N THR N 43 33.16 27.10 -64.52
CA THR N 43 33.46 25.68 -64.65
C THR N 43 34.54 25.27 -63.65
N ASP N 44 35.03 26.24 -62.90
CA ASP N 44 36.10 25.96 -61.96
C ASP N 44 35.62 25.10 -60.78
N LYS N 45 34.68 25.62 -60.01
CA LYS N 45 34.43 25.08 -58.68
C LYS N 45 33.99 23.65 -58.76
N PRO N 46 34.74 22.73 -58.21
CA PRO N 46 34.22 21.37 -58.06
C PRO N 46 33.21 21.31 -56.93
N PHE N 47 32.74 20.12 -56.60
CA PHE N 47 31.69 20.02 -55.60
C PHE N 47 32.22 20.32 -54.21
N GLY N 48 31.32 20.77 -53.36
CA GLY N 48 31.65 21.12 -52.00
C GLY N 48 32.07 22.55 -51.81
N TYR N 49 32.15 23.33 -52.87
CA TYR N 49 32.61 24.70 -52.74
C TYR N 49 31.58 25.54 -52.01
N LEU N 50 31.74 25.64 -50.71
CA LEU N 50 30.79 26.38 -49.92
C LEU N 50 31.01 27.87 -50.15
N THR N 51 29.96 28.64 -49.90
CA THR N 51 30.08 30.09 -49.82
C THR N 51 28.93 30.58 -48.96
N LYS N 52 29.27 31.19 -47.83
CA LYS N 52 28.26 31.57 -46.87
C LYS N 52 28.09 33.09 -46.84
N LEU N 53 26.95 33.49 -46.30
CA LEU N 53 26.63 34.91 -46.15
C LEU N 53 25.85 35.07 -44.87
N GLU N 54 26.50 35.67 -43.87
CA GLU N 54 25.79 35.98 -42.63
C GLU N 54 24.76 37.06 -42.90
N LEU N 55 23.83 37.21 -41.97
CA LEU N 55 22.74 38.17 -42.09
C LEU N 55 22.55 38.92 -40.79
N PRO N 56 21.97 40.11 -40.85
CA PRO N 56 21.86 40.84 -42.10
C PRO N 56 22.94 41.90 -42.19
N THR N 57 23.46 42.14 -43.39
CA THR N 57 24.46 43.17 -43.54
C THR N 57 23.88 44.53 -43.20
N ASP N 58 24.77 45.48 -42.94
CA ASP N 58 24.31 46.86 -42.81
C ASP N 58 23.64 47.28 -44.11
N HIS N 59 22.85 48.34 -44.02
CA HIS N 59 22.11 48.78 -45.19
C HIS N 59 21.59 50.19 -44.99
N HIS N 60 21.78 51.06 -45.98
CA HIS N 60 21.26 52.41 -45.88
C HIS N 60 19.75 52.39 -46.12
N GLY N 61 19.05 51.86 -45.13
CA GLY N 61 17.60 51.85 -45.14
C GLY N 61 17.06 52.17 -43.77
N VAL N 62 15.80 52.61 -43.75
CA VAL N 62 15.12 52.87 -42.47
C VAL N 62 15.23 51.65 -41.57
N PHE N 63 15.02 50.47 -42.15
CA PHE N 63 15.41 49.24 -41.49
C PHE N 63 16.85 49.32 -41.01
N GLY N 64 17.76 49.60 -41.94
CA GLY N 64 19.16 49.70 -41.58
C GLY N 64 19.42 50.74 -40.49
N HIS N 65 18.62 51.81 -40.48
CA HIS N 65 18.79 52.77 -39.40
C HIS N 65 18.49 52.12 -38.05
N LEU N 66 17.40 51.37 -37.97
CA LEU N 66 17.03 50.79 -36.69
C LEU N 66 17.90 49.60 -36.32
N VAL N 67 18.41 48.86 -37.31
CA VAL N 67 19.24 47.73 -36.97
C VAL N 67 20.53 48.15 -36.32
N ASP N 68 20.83 49.45 -36.35
CA ASP N 68 21.85 49.99 -35.48
C ASP N 68 21.27 50.52 -34.18
N SER N 69 19.96 50.80 -34.15
CA SER N 69 19.35 51.35 -32.94
C SER N 69 19.56 50.45 -31.74
N TYR N 70 20.05 49.24 -31.94
CA TYR N 70 20.64 48.47 -30.86
C TYR N 70 19.62 48.23 -29.75
N ALA N 71 18.56 47.50 -30.10
CA ALA N 71 17.41 47.39 -29.22
C ALA N 71 16.72 46.05 -29.43
N TYR N 72 15.95 45.64 -28.41
CA TYR N 72 15.00 44.55 -28.57
C TYR N 72 14.21 44.72 -29.86
N MET N 73 14.20 43.69 -30.71
CA MET N 73 13.43 43.72 -31.95
C MET N 73 13.10 42.31 -32.40
N ARG N 74 12.22 42.23 -33.39
CA ARG N 74 11.90 41.00 -34.12
C ARG N 74 11.84 41.35 -35.60
N ASN N 75 11.62 40.36 -36.46
CA ASN N 75 11.62 40.64 -37.89
C ASN N 75 11.05 39.45 -38.65
N GLY N 76 10.93 39.64 -39.97
CA GLY N 76 10.70 38.57 -40.90
C GLY N 76 11.80 38.55 -41.96
N TRP N 77 11.64 37.61 -42.88
CA TRP N 77 12.67 37.38 -43.89
C TRP N 77 12.04 36.76 -45.12
N ASP N 78 12.26 37.40 -46.26
CA ASP N 78 11.76 36.90 -47.54
C ASP N 78 12.91 36.82 -48.52
N VAL N 79 13.10 35.64 -49.10
CA VAL N 79 14.25 35.36 -49.95
C VAL N 79 13.77 35.08 -51.36
N GLU N 80 14.43 35.69 -52.34
CA GLU N 80 14.12 35.44 -53.75
C GLU N 80 15.43 35.48 -54.52
N VAL N 81 15.90 34.29 -54.93
CA VAL N 81 17.23 34.10 -55.51
C VAL N 81 17.07 33.77 -56.99
N SER N 82 18.05 34.18 -57.78
CA SER N 82 18.08 33.79 -59.18
C SER N 82 19.48 34.04 -59.74
N ALA N 83 19.69 33.59 -60.96
CA ALA N 83 20.92 33.88 -61.70
C ALA N 83 20.60 33.71 -63.18
N VAL N 84 20.56 34.84 -63.90
CA VAL N 84 20.21 34.78 -65.31
C VAL N 84 21.28 34.02 -66.07
N GLY N 85 20.84 33.18 -67.01
CA GLY N 85 21.73 32.42 -67.86
C GLY N 85 21.24 32.29 -69.28
N ASN N 86 21.20 31.06 -69.79
CA ASN N 86 20.68 30.78 -71.12
C ASN N 86 20.59 29.27 -71.30
N GLN N 87 19.58 28.83 -72.05
CA GLN N 87 19.12 27.46 -71.94
C GLN N 87 20.13 26.42 -72.38
N PHE N 88 21.33 26.82 -72.74
CA PHE N 88 22.34 25.86 -73.12
C PHE N 88 23.30 25.52 -71.99
N ASN N 89 23.06 26.04 -70.79
CA ASN N 89 23.92 25.71 -69.67
C ASN N 89 23.59 24.31 -69.19
N GLY N 90 24.18 23.92 -68.06
CA GLY N 90 23.78 22.69 -67.42
C GLY N 90 24.42 22.48 -66.07
N GLY N 91 23.64 22.00 -65.11
CA GLY N 91 24.17 21.70 -63.79
C GLY N 91 23.08 21.74 -62.74
N CYS N 92 23.49 21.97 -61.50
CA CYS N 92 22.57 22.01 -60.38
C CYS N 92 23.26 22.68 -59.20
N LEU N 93 22.75 23.83 -58.79
CA LEU N 93 23.21 24.53 -57.60
C LEU N 93 22.18 24.38 -56.50
N LEU N 94 22.61 24.59 -55.26
CA LEU N 94 21.74 24.40 -54.10
C LEU N 94 21.65 25.67 -53.28
N VAL N 95 20.44 26.14 -53.06
CA VAL N 95 20.18 27.31 -52.24
C VAL N 95 19.68 26.83 -50.89
N ALA N 96 19.96 27.59 -49.84
CA ALA N 96 19.79 27.03 -48.51
C ALA N 96 19.39 28.08 -47.48
N MET N 97 18.43 27.71 -46.65
CA MET N 97 17.94 28.53 -45.55
C MET N 97 18.31 27.84 -44.25
N VAL N 98 19.28 28.39 -43.53
CA VAL N 98 19.94 27.69 -42.43
C VAL N 98 19.57 28.33 -41.11
N PRO N 99 19.04 27.59 -40.19
CA PRO N 99 18.86 28.11 -38.83
C PRO N 99 20.06 27.79 -37.97
N GLU N 100 20.59 28.80 -37.27
CA GLU N 100 21.75 28.63 -36.41
C GLU N 100 22.91 27.98 -37.16
N TRP N 101 23.44 28.75 -38.11
CA TRP N 101 24.50 28.24 -38.95
C TRP N 101 25.74 27.91 -38.15
N LYS N 102 26.39 26.81 -38.53
CA LYS N 102 27.67 26.43 -37.97
C LYS N 102 28.58 26.00 -39.11
N ALA N 103 29.88 26.14 -38.88
CA ALA N 103 30.86 25.66 -39.84
C ALA N 103 30.69 24.17 -40.07
N PHE N 104 30.37 23.81 -41.30
CA PHE N 104 30.12 22.41 -41.61
C PHE N 104 31.41 21.65 -41.75
N ASP N 105 31.30 20.38 -42.17
CA ASP N 105 32.45 19.55 -42.47
C ASP N 105 32.08 18.62 -43.61
N THR N 106 33.11 18.15 -44.32
CA THR N 106 32.96 17.45 -45.58
C THR N 106 31.80 16.45 -45.56
N ARG N 107 31.81 15.52 -44.62
CA ARG N 107 30.85 14.44 -44.66
C ARG N 107 29.42 14.99 -44.63
N GLU N 108 29.14 15.92 -43.74
CA GLU N 108 27.76 16.36 -43.62
C GLU N 108 27.27 17.14 -44.82
N LYS N 109 28.18 17.62 -45.67
CA LYS N 109 27.79 18.29 -46.91
C LYS N 109 26.60 17.60 -47.53
N TYR N 110 26.76 16.29 -47.76
CA TYR N 110 25.75 15.52 -48.45
C TYR N 110 24.38 15.69 -47.80
N GLN N 111 24.35 16.04 -46.53
CA GLN N 111 23.11 16.54 -45.94
C GLN N 111 23.11 18.05 -46.07
N LEU N 112 22.24 18.55 -46.87
CA LEU N 112 21.83 19.93 -46.71
C LEU N 112 20.32 20.06 -46.69
N THR N 113 19.66 19.29 -47.48
CA THR N 113 18.32 19.61 -47.84
C THR N 113 17.35 19.37 -46.73
N LEU N 114 17.83 19.05 -45.53
CA LEU N 114 16.94 19.10 -44.38
C LEU N 114 16.18 20.40 -44.39
N PHE N 115 16.88 21.50 -44.62
CA PHE N 115 16.28 22.80 -44.50
C PHE N 115 15.34 23.03 -45.67
N PRO N 116 14.49 24.03 -45.58
CA PRO N 116 13.73 24.46 -46.76
C PRO N 116 14.68 25.02 -47.81
N HIS N 117 14.25 24.93 -49.06
CA HIS N 117 15.18 24.91 -50.18
C HIS N 117 14.43 24.86 -51.49
N GLN N 118 15.18 24.98 -52.58
CA GLN N 118 14.69 24.70 -53.93
C GLN N 118 15.84 24.06 -54.71
N PHE N 119 15.69 23.98 -56.02
CA PHE N 119 16.78 23.56 -56.90
C PHE N 119 17.17 24.69 -57.83
N ILE N 120 18.40 24.63 -58.31
CA ILE N 120 18.99 25.69 -59.14
C ILE N 120 19.54 25.03 -60.39
N SER N 121 18.80 25.13 -61.49
CA SER N 121 19.31 24.68 -62.77
C SER N 121 18.56 25.42 -63.85
N PRO N 122 19.24 25.91 -64.87
CA PRO N 122 18.61 26.84 -65.81
C PRO N 122 17.33 26.31 -66.46
N ARG N 123 17.01 25.03 -66.27
CA ARG N 123 15.77 24.53 -66.86
C ARG N 123 14.56 24.82 -65.98
N THR N 124 14.53 24.27 -64.77
CA THR N 124 13.31 24.27 -63.97
C THR N 124 13.03 25.66 -63.41
N ASN N 125 13.94 26.17 -62.60
CA ASN N 125 13.73 27.49 -62.02
C ASN N 125 14.39 28.56 -62.86
N MET N 126 13.88 29.77 -62.71
CA MET N 126 14.66 30.96 -62.97
C MET N 126 14.52 31.95 -61.83
N THR N 127 13.76 31.59 -60.80
CA THR N 127 13.43 32.53 -59.72
C THR N 127 13.20 31.71 -58.45
N ALA N 128 14.22 31.60 -57.62
CA ALA N 128 13.99 31.07 -56.30
C ALA N 128 13.15 32.05 -55.49
N HIS N 129 12.41 31.53 -54.52
CA HIS N 129 11.50 32.39 -53.77
C HIS N 129 11.16 31.67 -52.48
N ILE N 130 11.62 32.19 -51.34
CA ILE N 130 11.52 31.47 -50.08
C ILE N 130 11.40 32.46 -48.93
N THR N 131 10.59 32.11 -47.92
CA THR N 131 10.34 32.97 -46.76
C THR N 131 10.40 32.16 -45.48
N VAL N 132 11.13 32.69 -44.50
CA VAL N 132 11.21 32.11 -43.17
C VAL N 132 10.36 32.97 -42.23
N PRO N 133 9.41 32.39 -41.51
CA PRO N 133 8.79 33.12 -40.43
C PRO N 133 9.74 33.22 -39.26
N TYR N 134 9.54 34.25 -38.46
CA TYR N 134 10.49 34.58 -37.42
C TYR N 134 10.70 33.43 -36.46
N LEU N 135 11.82 33.47 -35.76
CA LEU N 135 11.98 32.70 -34.54
C LEU N 135 13.19 33.27 -33.82
N GLY N 136 13.50 32.67 -32.68
CA GLY N 136 14.65 33.07 -31.89
C GLY N 136 14.47 32.67 -30.45
N VAL N 137 15.53 32.90 -29.66
CA VAL N 137 15.49 32.51 -28.26
C VAL N 137 14.50 33.37 -27.50
N ASN N 138 14.74 34.67 -27.41
CA ASN N 138 13.74 35.53 -26.81
C ASN N 138 12.53 35.63 -27.72
N ARG N 139 11.48 36.23 -27.16
CA ARG N 139 10.37 36.69 -27.98
C ARG N 139 10.82 37.75 -28.97
N TYR N 140 12.01 38.31 -28.77
CA TYR N 140 12.52 39.35 -29.64
C TYR N 140 14.01 39.12 -29.78
N ASP N 141 14.72 40.11 -30.30
CA ASP N 141 16.16 39.94 -30.43
C ASP N 141 16.84 41.30 -30.50
N GLN N 142 18.15 41.25 -30.26
CA GLN N 142 19.06 42.38 -30.44
C GLN N 142 20.25 41.85 -31.24
N TYR N 143 20.36 42.28 -32.49
CA TYR N 143 21.24 41.63 -33.44
C TYR N 143 22.70 41.58 -33.02
N LYS N 144 23.34 42.74 -32.93
CA LYS N 144 24.79 42.84 -33.00
C LYS N 144 25.49 41.67 -32.33
N LYS N 145 24.99 41.25 -31.18
CA LYS N 145 25.63 40.14 -30.47
C LYS N 145 25.35 38.80 -31.12
N HIS N 146 24.45 38.71 -32.08
CA HIS N 146 23.98 37.41 -32.54
C HIS N 146 23.43 37.50 -33.95
N LYS N 147 23.30 36.33 -34.57
CA LYS N 147 22.66 36.20 -35.88
C LYS N 147 21.79 34.96 -35.92
N PRO N 148 20.47 35.11 -35.91
CA PRO N 148 19.60 33.93 -35.97
C PRO N 148 19.51 33.31 -37.34
N TRP N 149 20.03 33.94 -38.38
CA TRP N 149 19.86 33.36 -39.71
C TRP N 149 21.05 33.64 -40.60
N THR N 150 21.07 32.93 -41.72
CA THR N 150 22.04 33.17 -42.76
C THR N 150 21.54 32.54 -44.05
N LEU N 151 22.10 33.01 -45.14
CA LEU N 151 21.63 32.69 -46.48
C LEU N 151 22.81 32.08 -47.21
N VAL N 152 22.79 30.78 -47.43
CA VAL N 152 23.97 30.09 -47.94
C VAL N 152 23.63 29.31 -49.20
N VAL N 153 24.61 29.23 -50.08
CA VAL N 153 24.54 28.46 -51.30
C VAL N 153 25.85 27.70 -51.44
N MET N 154 25.77 26.51 -52.03
CA MET N 154 26.96 25.71 -52.28
C MET N 154 26.71 24.85 -53.50
N VAL N 155 27.80 24.36 -54.08
CA VAL N 155 27.72 23.49 -55.25
C VAL N 155 26.75 22.36 -54.99
N LEU N 156 26.00 22.01 -56.02
CA LEU N 156 25.29 20.74 -56.03
C LEU N 156 25.50 19.97 -57.33
N SER N 157 26.06 20.60 -58.34
CA SER N 157 26.47 19.91 -59.54
C SER N 157 27.55 20.71 -60.25
N PRO N 158 28.53 20.03 -60.83
CA PRO N 158 29.49 20.74 -61.67
C PRO N 158 28.77 21.42 -62.80
N LEU N 159 29.35 22.50 -63.28
CA LEU N 159 28.70 23.36 -64.26
C LEU N 159 29.27 23.11 -65.65
N THR N 160 28.39 23.04 -66.63
CA THR N 160 28.75 22.72 -68.00
C THR N 160 28.65 23.94 -68.90
N VAL N 161 29.44 23.92 -69.97
CA VAL N 161 29.44 24.99 -70.97
C VAL N 161 29.65 24.39 -72.35
N SER N 162 29.00 24.99 -73.33
CA SER N 162 29.30 24.80 -74.74
C SER N 162 29.70 26.16 -75.31
N ASN N 163 29.84 26.22 -76.63
CA ASN N 163 30.18 27.48 -77.26
C ASN N 163 29.03 28.47 -77.21
N THR N 164 27.80 27.96 -77.14
CA THR N 164 26.64 28.84 -77.30
C THR N 164 26.35 29.68 -76.06
N ALA N 165 26.82 29.26 -74.90
CA ALA N 165 26.42 29.88 -73.64
C ALA N 165 27.38 31.00 -73.25
N ALA N 166 27.26 31.48 -72.02
CA ALA N 166 28.14 32.49 -71.48
C ALA N 166 29.07 31.84 -70.46
N PRO N 167 30.39 31.91 -70.66
CA PRO N 167 31.31 31.15 -69.80
C PRO N 167 31.35 31.62 -68.36
N GLN N 168 30.63 32.68 -68.02
CA GLN N 168 30.55 33.11 -66.64
C GLN N 168 29.12 33.53 -66.36
N ILE N 169 28.69 33.34 -65.12
CA ILE N 169 27.38 33.77 -64.67
C ILE N 169 27.52 34.39 -63.29
N LYS N 170 26.85 35.50 -63.09
CA LYS N 170 26.73 36.05 -61.75
C LYS N 170 25.40 35.59 -61.15
N VAL N 171 25.34 35.59 -59.83
CA VAL N 171 24.17 35.09 -59.13
C VAL N 171 23.70 36.17 -58.17
N TYR N 172 22.46 36.60 -58.34
CA TYR N 172 21.89 37.57 -57.43
C TYR N 172 20.89 36.89 -56.52
N ALA N 173 20.29 37.68 -55.64
CA ALA N 173 19.23 37.22 -54.76
C ALA N 173 18.50 38.44 -54.23
N ASN N 174 17.37 38.19 -53.59
CA ASN N 174 16.55 39.27 -53.08
C ASN N 174 16.36 39.12 -51.58
N ILE N 175 16.72 40.17 -50.85
CA ILE N 175 16.73 40.17 -49.40
C ILE N 175 15.98 41.39 -48.92
N ALA N 176 14.90 41.17 -48.19
CA ALA N 176 14.25 42.26 -47.49
C ALA N 176 13.38 41.68 -46.39
N PRO N 177 13.54 42.16 -45.17
CA PRO N 177 12.69 41.68 -44.09
C PRO N 177 11.25 42.07 -44.32
N THR N 178 10.35 41.35 -43.66
CA THR N 178 8.93 41.68 -43.66
C THR N 178 8.41 41.59 -42.24
N TYR N 179 7.14 41.96 -42.09
CA TYR N 179 6.41 41.73 -40.85
C TYR N 179 7.14 42.35 -39.67
N VAL N 180 7.83 43.45 -39.89
CA VAL N 180 8.73 43.97 -38.87
C VAL N 180 7.95 44.47 -37.68
N HIS N 181 8.41 44.08 -36.49
CA HIS N 181 8.10 44.79 -35.27
C HIS N 181 9.41 45.09 -34.56
N VAL N 182 9.49 46.25 -33.95
CA VAL N 182 10.77 46.70 -33.46
C VAL N 182 10.94 46.41 -31.98
N GLY O 1 -4.91 -1.09 13.83
CA GLY O 1 -5.68 -1.12 12.59
C GLY O 1 -4.83 -1.11 11.32
N ILE O 2 -3.70 -1.81 11.37
CA ILE O 2 -2.79 -1.80 10.25
C ILE O 2 -3.45 -2.47 9.06
N PHE O 3 -3.19 -1.97 7.89
CA PHE O 3 -3.52 -2.75 6.72
C PHE O 3 -2.43 -3.79 6.48
N PRO O 4 -2.80 -4.99 6.06
CA PRO O 4 -1.79 -6.02 5.82
C PRO O 4 -0.67 -5.54 4.93
N VAL O 5 0.54 -5.51 5.47
CA VAL O 5 1.68 -4.96 4.76
C VAL O 5 2.20 -6.07 3.84
N ALA O 6 1.55 -6.21 2.67
CA ALA O 6 1.91 -7.26 1.74
C ALA O 6 3.22 -6.89 1.07
N CYS O 7 4.30 -7.01 1.84
CA CYS O 7 5.59 -6.47 1.45
C CYS O 7 6.04 -7.05 0.12
N ALA O 8 7.03 -6.41 -0.48
CA ALA O 8 7.53 -6.86 -1.75
C ALA O 8 8.69 -7.83 -1.56
N ASP O 9 8.57 -9.01 -2.15
CA ASP O 9 9.65 -9.99 -2.25
C ASP O 9 10.38 -9.76 -3.57
N GLY O 10 11.40 -8.93 -3.55
CA GLY O 10 12.34 -8.93 -4.65
C GLY O 10 11.82 -8.47 -5.98
N TYR O 11 11.47 -7.19 -6.10
CA TYR O 11 11.11 -6.59 -7.37
C TYR O 11 11.57 -5.14 -7.35
N GLY O 12 11.07 -4.35 -8.28
CA GLY O 12 11.28 -2.92 -8.20
C GLY O 12 12.72 -2.53 -8.39
N GLY O 13 13.23 -2.76 -9.60
CA GLY O 13 14.62 -2.45 -9.89
C GLY O 13 14.74 -1.06 -10.48
N LEU O 14 15.69 -0.29 -9.96
CA LEU O 14 16.03 0.95 -10.62
C LEU O 14 16.70 0.59 -11.92
N VAL O 15 15.92 0.57 -12.99
CA VAL O 15 16.45 0.13 -14.27
C VAL O 15 15.98 1.06 -15.38
N THR O 16 16.27 0.68 -16.61
CA THR O 16 16.32 1.64 -17.69
C THR O 16 14.94 2.01 -18.23
N THR O 17 14.23 1.04 -18.81
CA THR O 17 13.08 1.35 -19.67
C THR O 17 11.91 1.97 -18.92
N ASP O 18 12.08 2.13 -17.62
CA ASP O 18 10.94 2.18 -16.72
C ASP O 18 10.04 3.36 -17.03
N PRO O 19 8.75 3.25 -16.73
CA PRO O 19 7.83 4.40 -16.88
C PRO O 19 7.56 5.15 -15.59
N LYS O 20 8.22 4.81 -14.49
CA LYS O 20 7.90 5.45 -13.23
C LYS O 20 8.39 6.90 -13.21
N THR O 21 7.77 7.70 -12.36
CA THR O 21 7.91 9.16 -12.35
C THR O 21 8.48 9.62 -11.01
N ALA O 22 8.48 10.94 -10.80
CA ALA O 22 9.10 11.51 -9.60
C ALA O 22 8.26 12.60 -8.96
N ASP O 23 8.83 13.32 -7.99
CA ASP O 23 8.13 14.33 -7.21
C ASP O 23 8.69 15.71 -7.51
N PRO O 24 7.87 16.63 -8.02
CA PRO O 24 8.34 18.01 -8.18
C PRO O 24 8.74 18.58 -6.84
N VAL O 25 9.76 19.44 -6.84
CA VAL O 25 10.30 19.91 -5.58
C VAL O 25 10.25 21.43 -5.45
N TYR O 26 11.01 22.16 -6.24
CA TYR O 26 10.81 23.60 -6.30
C TYR O 26 9.74 23.79 -7.35
N GLY O 27 8.65 23.07 -7.21
CA GLY O 27 7.75 22.80 -8.31
C GLY O 27 6.63 23.80 -8.44
N LYS O 28 5.55 23.35 -9.08
CA LYS O 28 4.37 24.16 -9.31
C LYS O 28 4.75 25.47 -10.00
N VAL O 29 5.23 25.31 -11.22
CA VAL O 29 5.77 26.43 -11.97
C VAL O 29 5.23 26.37 -13.40
N TYR O 30 4.68 27.45 -13.88
CA TYR O 30 4.14 27.45 -15.23
C TYR O 30 5.24 27.76 -16.23
N ASN O 31 4.85 27.82 -17.51
CA ASN O 31 5.67 28.35 -18.58
C ASN O 31 4.75 28.91 -19.63
N PRO O 32 5.16 29.93 -20.36
CA PRO O 32 4.35 30.44 -21.44
C PRO O 32 4.16 29.36 -22.50
N PRO O 33 2.91 28.96 -22.76
CA PRO O 33 2.69 27.81 -23.64
C PRO O 33 3.35 28.00 -24.98
N LYS O 34 4.06 26.97 -25.41
CA LYS O 34 4.92 27.05 -26.57
C LYS O 34 4.21 26.69 -27.87
N THR O 35 2.89 26.82 -27.91
CA THR O 35 2.18 26.58 -29.15
C THR O 35 2.47 27.73 -30.13
N ASN O 36 2.15 27.48 -31.39
CA ASN O 36 2.20 28.48 -32.45
C ASN O 36 3.65 28.76 -32.81
N TYR O 37 4.58 28.16 -32.11
CA TYR O 37 5.95 28.24 -32.53
C TYR O 37 6.13 27.36 -33.75
N PRO O 38 6.91 27.77 -34.68
CA PRO O 38 7.06 26.97 -35.89
C PRO O 38 7.95 25.76 -35.67
N GLY O 39 8.24 25.04 -36.75
CA GLY O 39 9.19 23.95 -36.68
C GLY O 39 8.79 22.77 -35.81
N ARG O 40 7.50 22.61 -35.54
CA ARG O 40 7.09 21.49 -34.74
C ARG O 40 7.16 20.22 -35.57
N PHE O 41 7.43 19.10 -34.90
CA PHE O 41 7.39 17.81 -35.54
C PHE O 41 7.32 16.75 -34.46
N THR O 42 7.10 15.52 -34.89
CA THR O 42 7.23 14.39 -33.98
C THR O 42 8.11 13.30 -34.54
N ASN O 43 8.01 12.99 -35.82
CA ASN O 43 8.48 11.73 -36.39
C ASN O 43 9.75 11.91 -37.19
N LEU O 44 10.79 11.17 -36.82
CA LEU O 44 11.94 11.08 -37.71
C LEU O 44 11.50 10.58 -39.07
N LEU O 45 10.63 9.57 -39.10
CA LEU O 45 10.11 9.12 -40.37
C LEU O 45 9.48 10.26 -41.14
N ASP O 46 8.42 10.85 -40.59
CA ASP O 46 7.60 11.74 -41.40
C ASP O 46 8.40 12.91 -41.93
N VAL O 47 9.30 13.44 -41.10
CA VAL O 47 10.16 14.50 -41.60
C VAL O 47 11.13 13.95 -42.63
N ALA O 48 11.31 12.64 -42.63
CA ALA O 48 12.14 12.04 -43.66
C ALA O 48 11.32 11.69 -44.90
N GLU O 49 10.10 12.20 -44.99
CA GLU O 49 9.36 12.04 -46.23
C GLU O 49 9.58 13.21 -47.17
N ALA O 50 9.21 14.42 -46.74
CA ALA O 50 9.34 15.57 -47.63
C ALA O 50 10.80 15.88 -47.90
N CYS O 51 11.69 15.37 -47.09
CA CYS O 51 13.06 15.71 -47.37
C CYS O 51 13.73 14.59 -48.13
N PRO O 52 14.20 14.86 -49.30
CA PRO O 52 15.03 13.87 -50.01
C PRO O 52 16.43 13.89 -49.46
N THR O 53 17.34 13.19 -50.15
CA THR O 53 18.68 12.95 -49.67
C THR O 53 19.64 13.02 -50.86
N PHE O 54 20.84 12.48 -50.69
CA PHE O 54 21.76 12.32 -51.80
C PHE O 54 22.46 10.98 -51.67
N LEU O 55 23.45 10.75 -52.50
CA LEU O 55 24.17 9.48 -52.53
C LEU O 55 25.65 9.77 -52.74
N ARG O 56 26.42 8.75 -53.10
CA ARG O 56 27.86 8.91 -53.23
C ARG O 56 28.39 7.79 -54.11
N PHE O 57 29.40 8.11 -54.90
CA PHE O 57 30.14 7.13 -55.67
C PHE O 57 31.62 7.34 -55.41
N ASP O 58 32.42 6.33 -55.75
CA ASP O 58 33.83 6.33 -55.38
C ASP O 58 34.51 7.63 -55.78
N ASP O 59 34.00 8.27 -56.79
CA ASP O 59 34.53 9.57 -57.15
C ASP O 59 34.26 10.61 -56.13
N GLY O 60 33.66 10.26 -55.00
CA GLY O 60 33.43 11.22 -53.94
C GLY O 60 32.54 12.36 -54.38
N LYS O 61 32.06 12.33 -55.61
CA LYS O 61 31.21 13.36 -56.16
C LYS O 61 29.76 12.91 -56.10
N PRO O 62 28.91 13.60 -55.35
CA PRO O 62 27.56 13.10 -55.11
C PRO O 62 26.82 12.81 -56.39
N TYR O 63 26.88 13.71 -57.36
CA TYR O 63 26.17 13.49 -58.59
C TYR O 63 26.68 12.25 -59.29
N VAL O 64 26.00 11.84 -60.35
CA VAL O 64 26.38 10.67 -61.12
C VAL O 64 27.21 11.10 -62.31
N VAL O 65 28.39 10.50 -62.47
CA VAL O 65 29.05 10.57 -63.76
C VAL O 65 28.13 9.93 -64.77
N THR O 66 27.71 10.69 -65.76
CA THR O 66 26.71 10.23 -66.71
C THR O 66 27.31 10.32 -68.10
N ARG O 67 28.07 9.30 -68.46
CA ARG O 67 28.65 9.21 -69.78
C ARG O 67 27.54 9.19 -70.81
N ALA O 68 27.78 9.83 -71.95
CA ALA O 68 26.75 9.95 -72.98
C ALA O 68 27.33 9.49 -74.31
N ASP O 69 27.30 8.19 -74.53
CA ASP O 69 27.80 7.57 -75.76
C ASP O 69 27.24 6.16 -75.86
N ASP O 70 27.79 5.39 -76.81
CA ASP O 70 27.25 4.09 -77.15
C ASP O 70 27.22 3.11 -75.99
N THR O 71 27.77 3.47 -74.84
CA THR O 71 27.74 2.59 -73.68
C THR O 71 26.30 2.19 -73.36
N ARG O 72 26.13 1.00 -72.80
CA ARG O 72 24.83 0.54 -72.36
C ARG O 72 24.69 0.50 -70.85
N LEU O 73 25.72 0.07 -70.15
CA LEU O 73 25.70 0.02 -68.70
C LEU O 73 25.96 1.41 -68.16
N LEU O 74 25.14 1.84 -67.19
CA LEU O 74 25.28 3.19 -66.67
C LEU O 74 26.23 3.25 -65.49
N ALA O 75 25.87 2.58 -64.41
CA ALA O 75 26.67 2.39 -63.22
C ALA O 75 25.81 1.56 -62.30
N LYS O 76 26.44 0.86 -61.36
CA LYS O 76 25.69 0.01 -60.48
C LYS O 76 26.12 0.25 -59.04
N PHE O 77 25.14 0.57 -58.19
CA PHE O 77 25.34 0.71 -56.76
C PHE O 77 24.50 -0.32 -56.03
N ASP O 78 24.54 -0.23 -54.71
CA ASP O 78 23.74 -1.06 -53.83
C ASP O 78 22.96 -0.17 -52.87
N VAL O 79 21.91 -0.74 -52.29
CA VAL O 79 21.12 -0.05 -51.27
C VAL O 79 20.95 -1.03 -50.11
N SER O 80 21.85 -0.96 -49.15
CA SER O 80 21.62 -1.57 -47.86
C SER O 80 20.94 -0.55 -46.97
N LEU O 81 20.86 -0.83 -45.69
CA LEU O 81 20.67 0.23 -44.75
C LEU O 81 21.99 0.76 -44.25
N ALA O 82 23.10 0.10 -44.60
CA ALA O 82 24.42 0.55 -44.18
C ALA O 82 25.40 0.08 -45.23
N ALA O 83 25.78 0.97 -46.12
CA ALA O 83 26.71 0.60 -47.19
C ALA O 83 27.37 1.85 -47.75
N LYS O 84 28.58 1.65 -48.27
CA LYS O 84 29.37 2.75 -48.77
C LYS O 84 28.57 3.60 -49.73
N HIS O 85 27.67 2.98 -50.49
CA HIS O 85 26.83 3.79 -51.35
C HIS O 85 25.93 4.72 -50.56
N MET O 86 25.64 4.41 -49.31
CA MET O 86 24.58 5.12 -48.63
C MET O 86 24.96 5.47 -47.21
N SER O 87 26.18 5.90 -46.99
CA SER O 87 26.51 6.30 -45.64
C SER O 87 25.88 7.64 -45.35
N ASN O 88 26.34 8.66 -46.06
CA ASN O 88 26.07 10.02 -45.67
C ASN O 88 24.62 10.31 -45.96
N THR O 89 23.73 9.69 -45.22
CA THR O 89 22.38 9.48 -45.68
C THR O 89 21.39 9.59 -44.54
N TYR O 90 20.53 10.60 -44.62
CA TYR O 90 19.69 10.96 -43.48
C TYR O 90 18.92 9.77 -42.92
N LEU O 91 18.79 8.71 -43.70
CA LEU O 91 18.14 7.52 -43.17
C LEU O 91 19.09 6.75 -42.27
N SER O 92 20.25 6.37 -42.82
CA SER O 92 21.10 5.37 -42.19
C SER O 92 21.46 5.75 -40.77
N GLY O 93 21.97 6.95 -40.57
CA GLY O 93 22.29 7.37 -39.23
C GLY O 93 21.10 7.21 -38.31
N ILE O 94 19.97 7.79 -38.70
CA ILE O 94 18.74 7.51 -37.99
C ILE O 94 18.49 6.02 -37.96
N ALA O 95 18.79 5.33 -39.06
CA ALA O 95 18.61 3.90 -39.06
C ALA O 95 19.58 3.22 -38.10
N GLN O 96 20.87 3.51 -38.23
CA GLN O 96 21.88 2.67 -37.62
C GLN O 96 21.70 2.59 -36.11
N TYR O 97 20.72 3.31 -35.59
CA TYR O 97 20.45 3.21 -34.17
C TYR O 97 19.32 2.22 -33.90
N TYR O 98 19.18 1.22 -34.74
CA TYR O 98 18.05 0.30 -34.68
C TYR O 98 18.47 -1.06 -35.21
N THR O 99 17.60 -2.06 -35.06
CA THR O 99 17.92 -3.37 -35.57
C THR O 99 16.84 -3.89 -36.49
N GLN O 100 15.59 -3.77 -36.08
CA GLN O 100 14.49 -4.16 -36.93
C GLN O 100 14.00 -2.97 -37.74
N TYR O 101 13.66 -3.23 -39.00
CA TYR O 101 13.18 -2.20 -39.90
C TYR O 101 12.31 -2.85 -40.97
N SER O 102 11.34 -2.11 -41.47
CA SER O 102 10.48 -2.68 -42.50
C SER O 102 9.88 -1.57 -43.36
N GLY O 103 9.45 -1.97 -44.54
CA GLY O 103 8.71 -1.11 -45.43
C GLY O 103 9.55 -0.65 -46.62
N THR O 104 8.83 -0.13 -47.60
CA THR O 104 9.41 0.28 -48.87
C THR O 104 10.47 1.38 -48.66
N ILE O 105 11.27 1.60 -49.69
CA ILE O 105 12.32 2.60 -49.65
C ILE O 105 12.17 3.50 -50.88
N ASN O 106 12.58 4.76 -50.74
CA ASN O 106 12.35 5.76 -51.76
C ASN O 106 13.64 6.19 -52.44
N LEU O 107 13.49 6.82 -53.60
CA LEU O 107 14.61 7.34 -54.37
C LEU O 107 14.17 8.61 -55.08
N HIS O 108 15.09 9.19 -55.84
CA HIS O 108 14.80 10.35 -56.68
C HIS O 108 15.77 10.39 -57.84
N PHE O 109 15.43 11.20 -58.83
CA PHE O 109 16.27 11.43 -59.99
C PHE O 109 16.05 12.84 -60.50
N MET O 110 17.15 13.52 -60.84
CA MET O 110 17.12 14.89 -61.33
C MET O 110 18.03 14.97 -62.55
N PHE O 111 17.49 15.49 -63.65
CA PHE O 111 18.20 15.44 -64.91
C PHE O 111 19.06 16.70 -65.09
N THR O 112 19.96 16.64 -66.05
CA THR O 112 20.91 17.75 -66.16
C THR O 112 20.96 18.40 -67.52
N GLY O 113 20.86 17.64 -68.60
CA GLY O 113 20.96 18.24 -69.92
C GLY O 113 19.82 19.18 -70.21
N SER O 114 19.99 19.99 -71.24
CA SER O 114 18.93 20.91 -71.62
C SER O 114 17.68 20.16 -72.03
N THR O 115 16.52 20.73 -71.72
CA THR O 115 15.25 20.01 -71.86
C THR O 115 15.06 19.48 -73.27
N ASP O 116 15.53 20.23 -74.27
CA ASP O 116 15.35 19.82 -75.66
C ASP O 116 15.83 18.40 -75.88
N SER O 117 16.89 18.00 -75.19
CA SER O 117 17.54 16.72 -75.46
C SER O 117 16.59 15.57 -75.11
N LYS O 118 16.29 14.75 -76.10
CA LYS O 118 15.58 13.51 -75.82
C LYS O 118 16.47 12.60 -75.00
N ALA O 119 15.83 11.63 -74.34
CA ALA O 119 16.57 10.76 -73.46
C ALA O 119 15.75 9.52 -73.17
N ARG O 120 16.43 8.52 -72.63
CA ARG O 120 15.83 7.27 -72.19
C ARG O 120 16.61 6.74 -71.01
N TYR O 121 15.90 6.20 -70.04
CA TYR O 121 16.52 5.56 -68.89
C TYR O 121 15.59 4.49 -68.37
N MET O 122 16.11 3.62 -67.51
CA MET O 122 15.32 2.48 -67.07
C MET O 122 15.77 2.07 -65.67
N VAL O 123 15.00 2.47 -64.67
CA VAL O 123 15.22 1.95 -63.33
C VAL O 123 14.91 0.46 -63.33
N ALA O 124 15.55 -0.28 -62.44
CA ALA O 124 15.38 -1.73 -62.46
C ALA O 124 15.83 -2.33 -61.14
N TYR O 125 14.95 -3.12 -60.54
CA TYR O 125 15.27 -3.86 -59.34
C TYR O 125 15.93 -5.19 -59.66
N ILE O 126 16.74 -5.66 -58.73
CA ILE O 126 17.32 -6.99 -58.86
C ILE O 126 17.25 -7.68 -57.50
N PRO O 127 16.70 -8.90 -57.44
CA PRO O 127 16.58 -9.59 -56.16
C PRO O 127 17.89 -10.18 -55.72
N PRO O 128 18.10 -10.27 -54.42
CA PRO O 128 19.40 -10.67 -53.91
C PRO O 128 19.69 -12.14 -54.10
N GLY O 129 20.22 -12.52 -55.26
CA GLY O 129 20.47 -13.92 -55.51
C GLY O 129 20.15 -14.37 -56.92
N VAL O 130 19.86 -13.41 -57.82
CA VAL O 130 19.75 -13.74 -59.23
C VAL O 130 21.01 -14.38 -59.77
N GLU O 131 22.12 -14.31 -59.03
CA GLU O 131 23.40 -14.93 -59.31
C GLU O 131 24.07 -14.28 -60.52
N THR O 132 23.40 -13.36 -61.20
CA THR O 132 24.00 -12.66 -62.33
C THR O 132 23.27 -11.35 -62.57
N PRO O 133 23.98 -10.23 -62.58
CA PRO O 133 23.37 -8.96 -62.93
C PRO O 133 22.95 -8.96 -64.39
N PRO O 134 21.80 -8.38 -64.70
CA PRO O 134 21.37 -8.34 -66.10
C PRO O 134 22.28 -7.46 -66.93
N ASP O 135 22.21 -7.67 -68.25
CA ASP O 135 23.09 -6.96 -69.16
C ASP O 135 22.35 -6.52 -70.42
N THR O 136 21.05 -6.28 -70.31
CA THR O 136 20.20 -5.83 -71.41
C THR O 136 18.86 -5.39 -70.81
N PRO O 137 18.27 -4.29 -71.29
CA PRO O 137 17.05 -3.78 -70.65
C PRO O 137 15.92 -4.79 -70.50
N GLU O 138 15.56 -5.49 -71.58
CA GLU O 138 14.40 -6.36 -71.53
C GLU O 138 14.61 -7.55 -70.61
N GLU O 139 15.82 -8.11 -70.58
CA GLU O 139 16.06 -9.22 -69.65
C GLU O 139 16.30 -8.73 -68.23
N ALA O 140 16.80 -7.50 -68.07
CA ALA O 140 16.79 -6.86 -66.76
C ALA O 140 15.37 -6.73 -66.25
N ALA O 141 14.48 -6.24 -67.12
CA ALA O 141 13.09 -6.00 -66.82
C ALA O 141 12.42 -7.16 -66.08
N HIS O 142 12.87 -8.39 -66.35
CA HIS O 142 12.22 -9.58 -65.79
C HIS O 142 12.05 -9.49 -64.29
N CYS O 143 12.93 -8.80 -63.60
CA CYS O 143 12.74 -8.68 -62.16
C CYS O 143 11.76 -7.55 -61.84
N ILE O 144 12.17 -6.31 -62.07
CA ILE O 144 11.31 -5.13 -61.91
C ILE O 144 11.97 -4.02 -62.70
N HIS O 145 11.17 -3.13 -63.26
CA HIS O 145 11.69 -2.10 -64.13
C HIS O 145 10.56 -1.13 -64.45
N ALA O 146 10.92 0.01 -65.03
CA ALA O 146 9.98 1.03 -65.46
C ALA O 146 10.76 2.03 -66.31
N GLU O 147 10.10 3.13 -66.67
CA GLU O 147 10.66 4.05 -67.63
C GLU O 147 10.35 5.48 -67.24
N TRP O 148 11.06 6.40 -67.89
CA TRP O 148 10.51 7.72 -68.18
C TRP O 148 11.36 8.34 -69.27
N ASP O 149 11.10 9.61 -69.56
CA ASP O 149 11.87 10.37 -70.53
C ASP O 149 12.11 11.76 -69.99
N THR O 150 12.94 12.51 -70.71
CA THR O 150 13.00 13.94 -70.50
C THR O 150 11.63 14.56 -70.71
N GLY O 151 10.89 14.04 -71.69
CA GLY O 151 9.59 14.57 -72.02
C GLY O 151 8.64 14.67 -70.85
N LEU O 152 7.95 15.81 -70.75
CA LEU O 152 6.79 16.03 -69.89
C LEU O 152 7.13 15.95 -68.41
N ASN O 153 8.37 15.62 -68.03
CA ASN O 153 8.74 15.61 -66.64
C ASN O 153 10.26 15.52 -66.52
N SER O 154 10.77 16.09 -65.44
CA SER O 154 12.17 16.01 -65.10
C SER O 154 12.44 15.30 -63.79
N LYS O 155 11.61 15.49 -62.78
CA LYS O 155 11.76 14.77 -61.53
C LYS O 155 11.17 13.38 -61.66
N PHE O 156 11.45 12.55 -60.66
CA PHE O 156 10.79 11.26 -60.48
C PHE O 156 11.18 10.69 -59.12
N THR O 157 10.28 9.91 -58.54
CA THR O 157 10.56 9.16 -57.33
C THR O 157 10.21 7.70 -57.57
N PHE O 158 11.06 6.82 -57.06
CA PHE O 158 10.94 5.40 -57.33
C PHE O 158 11.00 4.60 -56.04
N SER O 159 10.59 3.33 -56.11
CA SER O 159 10.54 2.50 -54.93
C SER O 159 10.82 1.04 -55.27
N ILE O 160 11.52 0.35 -54.35
CA ILE O 160 11.68 -1.10 -54.37
C ILE O 160 10.74 -1.72 -53.35
N PRO O 161 10.01 -2.78 -53.71
CA PRO O 161 9.21 -3.48 -52.71
C PRO O 161 10.08 -4.11 -51.64
N TYR O 162 9.57 -4.12 -50.42
CA TYR O 162 10.35 -4.50 -49.24
C TYR O 162 10.50 -6.02 -49.17
N VAL O 163 11.13 -6.57 -50.20
CA VAL O 163 11.40 -7.99 -50.20
C VAL O 163 12.39 -8.30 -49.10
N SER O 164 12.32 -9.51 -48.58
CA SER O 164 13.18 -9.92 -47.48
C SER O 164 13.07 -11.43 -47.32
N ALA O 165 13.63 -11.94 -46.23
CA ALA O 165 13.30 -13.28 -45.77
C ALA O 165 12.00 -13.28 -45.00
N ALA O 166 11.97 -12.56 -43.89
CA ALA O 166 10.79 -12.43 -43.05
C ALA O 166 10.26 -11.02 -43.16
N ASP O 167 9.17 -10.73 -42.46
CA ASP O 167 8.60 -9.40 -42.64
C ASP O 167 9.36 -8.35 -41.88
N TYR O 168 10.69 -8.46 -41.88
CA TYR O 168 11.63 -7.64 -41.11
C TYR O 168 13.03 -8.10 -41.50
N ALA O 169 14.06 -7.40 -41.01
CA ALA O 169 15.42 -7.81 -41.30
C ALA O 169 16.37 -7.06 -40.38
N TYR O 170 17.63 -7.47 -40.43
CA TYR O 170 18.66 -6.83 -39.63
C TYR O 170 19.17 -5.57 -40.30
N THR O 171 19.37 -4.52 -39.50
CA THR O 171 19.97 -3.31 -40.06
C THR O 171 21.41 -3.56 -40.44
N ALA O 172 22.26 -3.83 -39.46
CA ALA O 172 23.62 -4.16 -39.80
C ALA O 172 23.64 -5.49 -40.54
N SER O 173 24.73 -5.73 -41.26
CA SER O 173 24.90 -6.95 -42.01
C SER O 173 25.88 -7.87 -41.31
N ASP O 174 25.96 -9.10 -41.79
CA ASP O 174 26.63 -10.18 -41.08
C ASP O 174 28.03 -10.42 -41.65
N THR O 175 28.86 -11.03 -40.82
CA THR O 175 30.16 -11.53 -41.20
C THR O 175 30.19 -13.04 -41.06
N ALA O 176 29.13 -13.69 -41.53
CA ALA O 176 29.05 -15.14 -41.51
C ALA O 176 28.55 -15.73 -42.83
N GLU O 177 28.26 -14.93 -43.83
CA GLU O 177 27.82 -15.44 -45.12
C GLU O 177 28.26 -14.47 -46.21
N THR O 178 27.80 -14.73 -47.43
CA THR O 178 28.29 -14.02 -48.62
C THR O 178 27.21 -13.21 -49.31
N THR O 179 26.06 -13.82 -49.61
CA THR O 179 25.11 -13.23 -50.53
C THR O 179 24.67 -11.85 -50.06
N ASN O 180 24.75 -10.88 -50.97
CA ASN O 180 24.24 -9.54 -50.70
C ASN O 180 22.78 -9.62 -50.30
N VAL O 181 22.39 -8.71 -49.40
CA VAL O 181 21.06 -8.77 -48.83
C VAL O 181 20.00 -8.31 -49.84
N GLN O 182 20.36 -7.41 -50.75
CA GLN O 182 19.37 -6.86 -51.66
C GLN O 182 19.71 -7.07 -53.13
N GLY O 183 20.98 -6.88 -53.52
CA GLY O 183 21.37 -6.99 -54.91
C GLY O 183 22.28 -5.87 -55.39
N TRP O 184 22.05 -5.39 -56.60
CA TRP O 184 22.79 -4.27 -57.16
C TRP O 184 21.86 -3.35 -57.93
N VAL O 185 20.68 -3.12 -57.40
CA VAL O 185 19.57 -2.50 -58.11
C VAL O 185 19.94 -1.16 -58.71
N CYS O 186 19.92 -1.07 -60.03
CA CYS O 186 20.42 0.10 -60.72
C CYS O 186 19.74 0.20 -62.09
N VAL O 187 20.27 1.06 -62.95
CA VAL O 187 19.50 1.68 -64.02
C VAL O 187 20.10 1.37 -65.38
N TYR O 188 19.23 1.21 -66.37
CA TYR O 188 19.60 1.11 -67.78
C TYR O 188 19.01 2.27 -68.56
N GLN O 189 19.29 2.28 -69.86
CA GLN O 189 18.92 3.39 -70.73
C GLN O 189 18.89 2.94 -72.18
N ILE O 190 18.03 3.58 -72.96
CA ILE O 190 18.01 3.41 -74.40
C ILE O 190 18.76 4.61 -74.98
N THR O 191 19.05 4.54 -76.28
CA THR O 191 19.98 5.42 -76.98
C THR O 191 19.94 6.85 -76.48
N HIS O 192 21.09 7.34 -76.02
CA HIS O 192 21.23 8.74 -75.65
C HIS O 192 20.98 9.60 -76.87
N GLY O 193 20.28 10.71 -76.67
CA GLY O 193 20.02 11.57 -77.80
C GLY O 193 21.23 12.38 -78.20
N LYS O 194 21.63 13.30 -77.32
CA LYS O 194 22.80 14.13 -77.56
C LYS O 194 23.12 14.93 -76.31
N ALA O 195 24.38 14.98 -75.94
CA ALA O 195 24.79 15.75 -74.77
C ALA O 195 26.30 15.87 -74.72
N GLU O 196 26.79 17.06 -74.45
CA GLU O 196 28.23 17.19 -74.26
C GLU O 196 28.63 16.72 -72.86
N ASN O 197 27.78 16.97 -71.87
CA ASN O 197 28.07 16.50 -70.51
C ASN O 197 26.77 16.48 -69.72
N ASP O 198 26.27 15.29 -69.42
CA ASP O 198 25.08 15.14 -68.60
C ASP O 198 25.47 15.19 -67.12
N THR O 199 24.52 14.84 -66.26
CA THR O 199 24.74 14.64 -64.83
C THR O 199 23.46 14.11 -64.19
N LEU O 200 23.56 13.27 -63.16
CA LEU O 200 22.35 12.79 -62.49
C LEU O 200 22.47 12.90 -60.98
N LEU O 201 21.34 13.17 -60.36
CA LEU O 201 21.21 13.19 -58.92
C LEU O 201 20.25 12.11 -58.47
N VAL O 202 20.32 11.80 -57.18
CA VAL O 202 19.59 10.67 -56.64
C VAL O 202 19.53 10.76 -55.13
N SER O 203 18.42 10.34 -54.56
CA SER O 203 18.20 10.48 -53.13
C SER O 203 17.56 9.22 -52.60
N ALA O 204 17.17 9.28 -51.33
CA ALA O 204 16.28 8.33 -50.71
C ALA O 204 15.48 9.09 -49.67
N SER O 205 14.48 8.42 -49.11
CA SER O 205 13.64 9.11 -48.15
C SER O 205 12.65 8.13 -47.55
N ALA O 206 12.04 8.59 -46.47
CA ALA O 206 10.89 7.89 -45.94
C ALA O 206 9.68 8.15 -46.81
N GLY O 207 8.75 7.20 -46.77
CA GLY O 207 7.49 7.32 -47.47
C GLY O 207 6.39 6.67 -46.67
N LYS O 208 5.52 5.93 -47.36
CA LYS O 208 4.39 5.36 -46.65
C LYS O 208 4.78 4.24 -45.72
N ASP O 209 6.02 3.75 -45.79
CA ASP O 209 6.29 2.41 -45.28
C ASP O 209 7.53 2.26 -44.42
N PHE O 210 8.44 3.22 -44.41
CA PHE O 210 9.74 3.05 -43.77
C PHE O 210 9.60 2.93 -42.26
N GLU O 211 9.83 1.75 -41.69
CA GLU O 211 9.53 1.54 -40.28
C GLU O 211 10.69 0.84 -39.59
N LEU O 212 10.58 0.68 -38.27
CA LEU O 212 11.72 0.28 -37.46
C LEU O 212 11.25 -0.47 -36.22
N ARG O 213 12.16 -1.29 -35.66
CA ARG O 213 12.06 -1.74 -34.26
C ARG O 213 13.45 -1.84 -33.64
N LEU O 214 13.45 -1.91 -32.30
CA LEU O 214 14.19 -0.90 -31.57
C LEU O 214 14.61 -1.09 -30.13
N PRO O 215 15.53 -0.22 -29.67
CA PRO O 215 16.74 0.32 -30.30
C PRO O 215 17.95 0.01 -29.44
N ILE O 216 19.18 0.09 -29.92
CA ILE O 216 20.35 0.05 -29.04
C ILE O 216 21.47 0.84 -29.68
N ASP O 217 22.30 1.45 -28.85
CA ASP O 217 23.55 2.01 -29.34
C ASP O 217 24.46 0.95 -29.92
N PRO O 218 25.02 1.17 -31.07
CA PRO O 218 26.19 0.40 -31.48
C PRO O 218 27.51 1.04 -31.07
N ARG O 219 27.54 2.36 -30.98
CA ARG O 219 28.81 3.06 -31.05
C ARG O 219 29.63 2.86 -29.77
N THR O 220 30.78 3.51 -29.72
CA THR O 220 31.76 3.28 -28.66
C THR O 220 31.74 4.38 -27.61
N GLN O 221 30.54 4.82 -27.25
CA GLN O 221 30.31 5.87 -26.25
C GLN O 221 31.28 5.84 -25.08
#